data_8ZMQ
#
_entry.id   8ZMQ
#
_cell.length_a   115.913
_cell.length_b   125.108
_cell.length_c   300.352
_cell.angle_alpha   90.00
_cell.angle_beta   90.04
_cell.angle_gamma   90.00
#
_symmetry.space_group_name_H-M   'C 1 2 1'
#
loop_
_entity.id
_entity.type
_entity.pdbx_description
1 polymer BRD4_HUMAN
2 non-polymer 2-(2-(adamantan-1-yl)-4-ethyl-1H-imidazol-5-yl)-7-(2-(4-fluoro-2,6-dimethylphenoxy)-5-(2-hydroxypropan-2-yl)phenyl)-5-methylfuro[3,2-c]pyridin-4(5H)-one
3 non-polymer 'DIMETHYL SULFOXIDE'
4 non-polymer GLYCEROL
5 water water
#
_entity_poly.entity_id   1
_entity_poly.type   'polypeptide(L)'
_entity_poly.pdbx_seq_one_letter_code
;MKKGHHHHHHENLYFQGGSKDVPDSQQHPAPEKSSKVSEQLKCCSGILKEMFAKKHAAYAWPFYKPVDVEALGLHDYCDI
IKHPMDMSTIKSKLEAREYRDAQEFGADVRLMFSNCYKYNPPDHEVVAMARKLQDVFEMRFAKMPDE
;
_entity_poly.pdbx_strand_id   A,B,C,D,E,F,G,H,I,J,K,L,M,N,O,P,Q,R,S,T
#
loop_
_chem_comp.id
_chem_comp.type
_chem_comp.name
_chem_comp.formula
A1L12 non-polymer 2-(2-(adamantan-1-yl)-4-ethyl-1H-imidazol-5-yl)-7-(2-(4-fluoro-2,6-dimethylphenoxy)-5-(2-hydroxypropan-2-yl)phenyl)-5-methylfuro[3,2-c]pyridin-4(5H)-one 'C40 H44 F N3 O4'
DMS non-polymer 'DIMETHYL SULFOXIDE' 'C2 H6 O S'
GOL non-polymer GLYCEROL 'C3 H8 O3'
#
# COMPACT_ATOMS: atom_id res chain seq x y z
N LYS A 36 15.64 -12.45 1.83
CA LYS A 36 16.65 -13.51 1.67
C LYS A 36 17.97 -13.07 2.34
N VAL A 37 18.96 -13.96 2.34
CA VAL A 37 20.31 -13.76 2.97
C VAL A 37 21.03 -12.60 2.25
N SER A 38 20.86 -12.47 0.93
CA SER A 38 21.56 -11.48 0.07
C SER A 38 20.87 -10.10 0.16
N GLU A 39 19.71 -10.03 0.82
CA GLU A 39 18.97 -8.76 1.09
C GLU A 39 19.57 -8.12 2.34
N GLN A 40 19.85 -8.94 3.37
CA GLN A 40 20.46 -8.50 4.66
C GLN A 40 21.93 -8.12 4.44
N LEU A 41 22.65 -8.78 3.51
CA LEU A 41 24.05 -8.42 3.17
C LEU A 41 24.08 -7.10 2.40
N LYS A 42 23.01 -6.77 1.67
CA LYS A 42 22.85 -5.47 0.97
C LYS A 42 22.67 -4.37 2.02
N CYS A 43 21.92 -4.64 3.09
CA CYS A 43 21.69 -3.73 4.25
C CYS A 43 23.01 -3.47 4.98
N CYS A 44 23.82 -4.53 5.18
CA CYS A 44 25.15 -4.46 5.85
C CYS A 44 26.07 -3.49 5.10
N SER A 45 26.00 -3.48 3.76
CA SER A 45 26.72 -2.53 2.88
C SER A 45 26.25 -1.10 3.16
N GLY A 46 24.93 -0.90 3.21
CA GLY A 46 24.29 0.40 3.53
C GLY A 46 24.70 0.91 4.90
N ILE A 47 24.77 0.01 5.89
CA ILE A 47 25.17 0.31 7.30
C ILE A 47 26.63 0.77 7.31
N LEU A 48 27.51 0.04 6.62
CA LEU A 48 28.97 0.36 6.56
C LEU A 48 29.16 1.67 5.79
N LYS A 49 28.36 1.91 4.74
CA LYS A 49 28.41 3.17 3.97
C LYS A 49 28.04 4.34 4.89
N GLU A 50 26.95 4.18 5.66
CA GLU A 50 26.49 5.19 6.66
C GLU A 50 27.64 5.47 7.63
N MET A 51 28.30 4.44 8.15
CA MET A 51 29.40 4.58 9.15
C MET A 51 30.58 5.36 8.53
N PHE A 52 30.72 5.35 7.20
CA PHE A 52 31.77 6.07 6.44
C PHE A 52 31.34 7.50 6.10
N ALA A 53 30.05 7.81 6.18
CA ALA A 53 29.43 9.08 5.71
C ALA A 53 29.97 10.27 6.52
N LYS A 54 29.82 11.48 5.97
CA LYS A 54 30.46 12.73 6.44
C LYS A 54 29.94 13.09 7.85
N LYS A 55 28.65 12.86 8.12
CA LYS A 55 27.98 13.30 9.37
C LYS A 55 28.60 12.60 10.59
N HIS A 56 29.30 11.48 10.42
CA HIS A 56 29.94 10.69 11.51
C HIS A 56 31.46 10.84 11.50
N ALA A 57 32.02 11.59 10.55
CA ALA A 57 33.47 11.62 10.23
C ALA A 57 34.30 12.05 11.45
N ALA A 58 33.76 12.92 12.31
CA ALA A 58 34.48 13.50 13.47
C ALA A 58 34.85 12.42 14.49
N TYR A 59 34.07 11.34 14.58
CA TYR A 59 34.30 10.23 15.56
C TYR A 59 34.52 8.87 14.86
N ALA A 60 34.23 8.75 13.56
CA ALA A 60 34.34 7.47 12.81
C ALA A 60 35.78 7.23 12.33
N TRP A 61 36.54 8.30 12.07
CA TRP A 61 37.85 8.27 11.36
C TRP A 61 38.83 7.29 12.01
N PRO A 62 38.85 7.09 13.35
CA PRO A 62 39.84 6.19 13.95
C PRO A 62 39.68 4.72 13.52
N PHE A 63 38.55 4.38 12.90
CA PHE A 63 38.15 2.98 12.54
C PHE A 63 38.10 2.79 11.03
N TYR A 64 38.39 3.84 10.24
CA TYR A 64 38.39 3.81 8.75
C TYR A 64 39.43 2.79 8.25
N LYS A 65 40.61 2.78 8.85
CA LYS A 65 41.77 1.97 8.42
C LYS A 65 42.44 1.32 9.63
N PRO A 66 43.26 0.27 9.44
CA PRO A 66 43.95 -0.37 10.56
C PRO A 66 44.68 0.69 11.40
N VAL A 67 44.68 0.51 12.73
CA VAL A 67 45.50 1.34 13.66
C VAL A 67 46.94 1.33 13.13
N ASP A 68 47.50 2.51 12.85
CA ASP A 68 48.90 2.67 12.38
C ASP A 68 49.83 2.53 13.59
N VAL A 69 50.03 1.28 14.04
CA VAL A 69 50.79 0.93 15.28
C VAL A 69 52.27 1.31 15.11
N GLU A 70 52.77 1.32 13.87
CA GLU A 70 54.16 1.74 13.54
C GLU A 70 54.36 3.21 13.91
N ALA A 71 53.56 4.10 13.33
CA ALA A 71 53.65 5.57 13.47
C ALA A 71 53.37 5.99 14.93
N LEU A 72 52.40 5.32 15.59
CA LEU A 72 51.95 5.65 16.97
C LEU A 72 52.89 5.04 18.01
N GLY A 73 53.80 4.16 17.61
CA GLY A 73 54.76 3.50 18.50
C GLY A 73 54.09 2.56 19.49
N LEU A 74 52.96 1.95 19.11
CA LEU A 74 52.22 0.96 19.93
C LEU A 74 52.87 -0.42 19.71
N HIS A 75 53.99 -0.67 20.36
CA HIS A 75 54.86 -1.87 20.16
C HIS A 75 54.15 -3.14 20.66
N ASP A 76 53.21 -3.00 21.59
CA ASP A 76 52.53 -4.13 22.29
C ASP A 76 51.13 -4.38 21.68
N TYR A 77 50.69 -3.58 20.71
CA TYR A 77 49.29 -3.63 20.19
C TYR A 77 48.99 -5.01 19.60
N CYS A 78 49.88 -5.51 18.74
CA CYS A 78 49.69 -6.79 17.99
C CYS A 78 49.81 -7.99 18.95
N ASP A 79 50.51 -7.84 20.09
CA ASP A 79 50.62 -8.87 21.16
C ASP A 79 49.28 -9.01 21.89
N ILE A 80 48.58 -7.89 22.14
CA ILE A 80 47.32 -7.83 22.95
C ILE A 80 46.12 -8.04 22.03
N ILE A 81 46.13 -7.45 20.83
CA ILE A 81 45.05 -7.56 19.82
C ILE A 81 45.47 -8.61 18.77
N LYS A 82 44.92 -9.82 18.88
CA LYS A 82 45.27 -11.00 18.05
C LYS A 82 44.66 -10.86 16.65
N HIS A 83 43.45 -10.32 16.56
CA HIS A 83 42.68 -10.17 15.30
C HIS A 83 42.30 -8.70 15.09
N PRO A 84 43.23 -7.86 14.60
CA PRO A 84 42.91 -6.48 14.25
C PRO A 84 41.75 -6.44 13.24
N MET A 85 40.93 -5.40 13.32
CA MET A 85 39.78 -5.21 12.40
C MET A 85 39.50 -3.71 12.29
N ASP A 86 38.92 -3.31 11.16
CA ASP A 86 38.68 -1.90 10.77
C ASP A 86 37.67 -1.91 9.62
N MET A 87 37.09 -0.74 9.30
CA MET A 87 35.95 -0.61 8.36
C MET A 87 36.40 -0.87 6.91
N SER A 88 37.68 -0.64 6.59
CA SER A 88 38.25 -0.88 5.24
C SER A 88 38.35 -2.39 4.97
N THR A 89 38.92 -3.12 5.94
CA THR A 89 39.01 -4.61 5.91
C THR A 89 37.60 -5.20 5.77
N ILE A 90 36.62 -4.67 6.51
CA ILE A 90 35.21 -5.14 6.49
C ILE A 90 34.61 -4.88 5.09
N LYS A 91 34.94 -3.74 4.49
CA LYS A 91 34.45 -3.32 3.14
C LYS A 91 35.00 -4.29 2.09
N SER A 92 36.30 -4.62 2.16
CA SER A 92 36.97 -5.60 1.27
C SER A 92 36.25 -6.96 1.38
N LYS A 93 36.07 -7.46 2.59
CA LYS A 93 35.44 -8.77 2.88
C LYS A 93 34.00 -8.79 2.35
N LEU A 94 33.31 -7.65 2.42
CA LEU A 94 31.88 -7.51 2.00
C LEU A 94 31.80 -7.52 0.47
N GLU A 95 32.71 -6.84 -0.21
CA GLU A 95 32.77 -6.74 -1.70
C GLU A 95 33.23 -8.10 -2.28
N ALA A 96 34.07 -8.84 -1.57
CA ALA A 96 34.56 -10.19 -1.94
C ALA A 96 33.58 -11.27 -1.46
N ARG A 97 32.43 -10.86 -0.90
CA ARG A 97 31.30 -11.74 -0.46
C ARG A 97 31.84 -12.84 0.46
N GLU A 98 32.70 -12.48 1.42
CA GLU A 98 33.30 -13.40 2.42
C GLU A 98 32.46 -13.46 3.70
N TYR A 99 31.33 -12.74 3.75
CA TYR A 99 30.33 -12.84 4.83
C TYR A 99 29.14 -13.67 4.34
N ARG A 100 28.86 -14.78 5.03
CA ARG A 100 27.77 -15.74 4.69
C ARG A 100 26.42 -15.15 5.06
N ASP A 101 26.37 -14.34 6.12
CA ASP A 101 25.13 -13.70 6.63
C ASP A 101 25.49 -12.41 7.40
N ALA A 102 24.47 -11.62 7.77
CA ALA A 102 24.60 -10.36 8.54
C ALA A 102 25.34 -10.60 9.86
N GLN A 103 25.11 -11.75 10.50
CA GLN A 103 25.68 -12.10 11.83
C GLN A 103 27.20 -12.13 11.75
N GLU A 104 27.77 -12.60 10.64
CA GLU A 104 29.24 -12.72 10.44
C GLU A 104 29.83 -11.31 10.22
N PHE A 105 29.15 -10.46 9.46
CA PHE A 105 29.45 -9.02 9.28
C PHE A 105 29.43 -8.35 10.67
N GLY A 106 28.33 -8.54 11.41
CA GLY A 106 28.14 -8.04 12.78
C GLY A 106 29.30 -8.38 13.69
N ALA A 107 29.77 -9.63 13.66
CA ALA A 107 30.85 -10.15 14.54
C ALA A 107 32.14 -9.36 14.29
N ASP A 108 32.41 -8.97 13.03
CA ASP A 108 33.62 -8.21 12.64
C ASP A 108 33.48 -6.76 13.13
N VAL A 109 32.32 -6.12 12.93
CA VAL A 109 32.05 -4.75 13.45
C VAL A 109 32.30 -4.74 14.96
N ARG A 110 31.77 -5.73 15.68
CA ARG A 110 31.86 -5.82 17.16
C ARG A 110 33.29 -6.17 17.58
N LEU A 111 34.02 -6.95 16.77
CA LEU A 111 35.45 -7.25 17.00
C LEU A 111 36.25 -5.95 16.96
N MET A 112 36.00 -5.12 15.95
CA MET A 112 36.64 -3.78 15.75
C MET A 112 36.50 -2.97 17.05
N PHE A 113 35.29 -2.87 17.58
CA PHE A 113 34.96 -2.10 18.80
C PHE A 113 35.59 -2.77 20.03
N SER A 114 35.45 -4.10 20.17
CA SER A 114 36.01 -4.89 21.30
C SER A 114 37.52 -4.67 21.39
N ASN A 115 38.22 -4.72 20.26
CA ASN A 115 39.69 -4.47 20.17
C ASN A 115 40.00 -3.11 20.81
N CYS A 116 39.23 -2.09 20.45
CA CYS A 116 39.38 -0.70 20.97
C CYS A 116 39.14 -0.68 22.48
N TYR A 117 38.04 -1.27 22.94
CA TYR A 117 37.64 -1.32 24.37
C TYR A 117 38.67 -2.13 25.17
N LYS A 118 39.28 -3.15 24.55
CA LYS A 118 40.25 -4.06 25.22
C LYS A 118 41.58 -3.33 25.46
N TYR A 119 42.10 -2.64 24.45
CA TYR A 119 43.48 -2.07 24.44
C TYR A 119 43.53 -0.79 25.29
N ASN A 120 42.44 -0.01 25.31
CA ASN A 120 42.42 1.39 25.79
C ASN A 120 41.69 1.50 27.14
N PRO A 121 42.07 2.47 28.01
CA PRO A 121 41.33 2.74 29.23
C PRO A 121 40.00 3.42 28.88
N PRO A 122 38.97 3.33 29.77
CA PRO A 122 37.64 3.88 29.47
C PRO A 122 37.58 5.42 29.33
N ASP A 123 38.59 6.14 29.82
CA ASP A 123 38.66 7.63 29.78
C ASP A 123 39.22 8.11 28.43
N HIS A 124 39.88 7.23 27.67
CA HIS A 124 40.58 7.58 26.40
C HIS A 124 39.57 8.08 25.36
N GLU A 125 39.98 9.07 24.56
N GLU A 125 39.98 9.07 24.56
CA GLU A 125 39.10 9.79 23.59
CA GLU A 125 39.11 9.80 23.59
C GLU A 125 38.59 8.80 22.54
C GLU A 125 38.60 8.81 22.54
N VAL A 126 39.41 7.82 22.15
CA VAL A 126 39.07 6.82 21.08
C VAL A 126 37.90 5.95 21.57
N VAL A 127 37.83 5.65 22.86
CA VAL A 127 36.74 4.84 23.48
C VAL A 127 35.42 5.61 23.36
N ALA A 128 35.45 6.92 23.63
CA ALA A 128 34.26 7.81 23.52
C ALA A 128 33.79 7.83 22.06
N MET A 129 34.73 7.84 21.11
CA MET A 129 34.45 7.84 19.65
C MET A 129 33.89 6.48 19.22
N ALA A 130 34.52 5.38 19.65
CA ALA A 130 34.05 4.00 19.43
C ALA A 130 32.56 3.90 19.79
N ARG A 131 32.20 4.33 21.00
CA ARG A 131 30.82 4.23 21.56
C ARG A 131 29.83 4.99 20.68
N LYS A 132 30.19 6.21 20.26
CA LYS A 132 29.32 7.05 19.40
C LYS A 132 29.11 6.34 18.05
N LEU A 133 30.16 5.75 17.47
CA LEU A 133 30.04 5.02 16.17
C LEU A 133 29.29 3.70 16.39
N GLN A 134 29.56 2.97 17.47
CA GLN A 134 28.88 1.69 17.79
C GLN A 134 27.37 1.94 17.91
N ASP A 135 26.96 3.05 18.54
CA ASP A 135 25.54 3.42 18.70
C ASP A 135 24.89 3.55 17.32
N VAL A 136 25.60 4.14 16.34
CA VAL A 136 25.11 4.28 14.94
C VAL A 136 24.90 2.87 14.35
N PHE A 137 25.89 1.99 14.52
CA PHE A 137 25.87 0.59 14.01
C PHE A 137 24.71 -0.18 14.64
N GLU A 138 24.65 -0.21 15.97
CA GLU A 138 23.70 -1.05 16.76
C GLU A 138 22.24 -0.72 16.38
N MET A 139 21.91 0.57 16.23
CA MET A 139 20.54 1.03 15.89
C MET A 139 20.17 0.53 14.49
N ARG A 140 21.04 0.74 13.50
CA ARG A 140 20.79 0.32 12.09
C ARG A 140 20.74 -1.21 12.02
N PHE A 141 21.66 -1.90 12.71
CA PHE A 141 21.77 -3.39 12.71
C PHE A 141 20.51 -4.00 13.32
N ALA A 142 19.99 -3.41 14.39
CA ALA A 142 18.79 -3.88 15.13
C ALA A 142 17.53 -3.68 14.27
N LYS A 143 17.47 -2.60 13.48
CA LYS A 143 16.26 -2.19 12.70
C LYS A 143 16.29 -2.77 11.28
N MET A 144 17.26 -3.65 10.99
CA MET A 144 17.40 -4.38 9.71
C MET A 144 16.18 -5.26 9.49
N PRO A 145 15.53 -5.20 8.30
CA PRO A 145 14.48 -6.16 7.93
C PRO A 145 15.09 -7.53 7.58
N LYS B 36 39.88 -23.93 30.83
CA LYS B 36 40.09 -22.57 30.26
C LYS B 36 38.75 -21.97 29.83
N VAL B 37 37.87 -22.76 29.22
CA VAL B 37 36.46 -22.37 28.84
C VAL B 37 35.66 -22.05 30.11
N SER B 38 35.90 -22.78 31.21
CA SER B 38 35.13 -22.65 32.47
C SER B 38 35.66 -21.47 33.31
N GLU B 39 36.77 -20.87 32.89
CA GLU B 39 37.36 -19.64 33.51
C GLU B 39 36.64 -18.42 32.94
N GLN B 40 36.40 -18.43 31.61
CA GLN B 40 35.70 -17.33 30.89
C GLN B 40 34.21 -17.33 31.26
N LEU B 41 33.61 -18.50 31.53
CA LEU B 41 32.19 -18.59 31.95
C LEU B 41 32.06 -18.08 33.40
N LYS B 42 33.13 -18.19 34.21
CA LYS B 42 33.18 -17.64 35.58
C LYS B 42 33.22 -16.10 35.50
N CYS B 43 33.95 -15.55 34.52
CA CYS B 43 34.04 -14.09 34.25
C CYS B 43 32.68 -13.56 33.80
N CYS B 44 31.97 -14.30 32.94
CA CYS B 44 30.62 -13.95 32.43
C CYS B 44 29.65 -13.78 33.60
N SER B 45 29.76 -14.64 34.63
CA SER B 45 28.98 -14.54 35.90
C SER B 45 29.32 -13.22 36.61
N GLY B 46 30.61 -12.92 36.75
CA GLY B 46 31.12 -11.67 37.36
C GLY B 46 30.62 -10.44 36.62
N ILE B 47 30.59 -10.49 35.29
CA ILE B 47 30.12 -9.39 34.40
C ILE B 47 28.63 -9.17 34.64
N LEU B 48 27.84 -10.25 34.68
CA LEU B 48 26.37 -10.18 34.89
C LEU B 48 26.08 -9.69 36.30
N LYS B 49 26.89 -10.11 37.28
CA LYS B 49 26.75 -9.66 38.69
C LYS B 49 26.99 -8.14 38.75
N GLU B 50 28.06 -7.66 38.08
CA GLU B 50 28.40 -6.22 37.98
C GLU B 50 27.21 -5.47 37.39
N MET B 51 26.61 -5.99 36.31
CA MET B 51 25.47 -5.34 35.60
C MET B 51 24.25 -5.25 36.54
N PHE B 52 24.17 -6.13 37.55
CA PHE B 52 23.07 -6.17 38.57
C PHE B 52 23.39 -5.25 39.76
N ALA B 53 24.65 -4.85 39.93
CA ALA B 53 25.16 -4.14 41.12
C ALA B 53 24.50 -2.76 41.25
N LYS B 54 24.55 -2.18 42.47
CA LYS B 54 23.78 -0.98 42.87
C LYS B 54 24.21 0.25 42.06
N LYS B 55 25.51 0.37 41.75
CA LYS B 55 26.08 1.59 41.10
C LYS B 55 25.49 1.77 39.69
N HIS B 56 24.90 0.73 39.08
CA HIS B 56 24.31 0.79 37.72
C HIS B 56 22.78 0.74 37.77
N ALA B 57 22.19 0.66 38.97
CA ALA B 57 20.75 0.35 39.18
C ALA B 57 19.85 1.37 38.50
N ALA B 58 20.28 2.63 38.42
CA ALA B 58 19.46 3.77 37.89
C ALA B 58 19.16 3.57 36.40
N TYR B 59 20.03 2.87 35.66
CA TYR B 59 19.87 2.64 34.20
C TYR B 59 19.80 1.14 33.84
N ALA B 60 20.15 0.24 34.75
CA ALA B 60 20.17 -1.23 34.51
C ALA B 60 18.77 -1.84 34.67
N TRP B 61 17.93 -1.27 35.54
CA TRP B 61 16.65 -1.87 36.02
C TRP B 61 15.74 -2.28 34.86
N PRO B 62 15.70 -1.58 33.70
CA PRO B 62 14.77 -1.97 32.63
C PRO B 62 15.08 -3.34 32.01
N PHE B 63 16.26 -3.90 32.31
CA PHE B 63 16.80 -5.15 31.70
C PHE B 63 16.92 -6.28 32.74
N TYR B 64 16.55 -6.00 34.00
CA TYR B 64 16.60 -6.98 35.12
C TYR B 64 15.69 -8.18 34.82
N LYS B 65 14.49 -7.91 34.30
CA LYS B 65 13.41 -8.91 34.09
C LYS B 65 12.78 -8.67 32.72
N PRO B 66 12.06 -9.67 32.15
CA PRO B 66 11.38 -9.48 30.88
C PRO B 66 10.55 -8.20 30.89
N VAL B 67 10.50 -7.49 29.76
CA VAL B 67 9.59 -6.33 29.56
C VAL B 67 8.17 -6.81 29.92
N ASP B 68 7.52 -6.15 30.87
CA ASP B 68 6.12 -6.45 31.30
C ASP B 68 5.16 -5.88 30.25
N VAL B 69 5.06 -6.55 29.10
CA VAL B 69 4.29 -6.09 27.91
C VAL B 69 2.80 -6.05 28.23
N GLU B 70 2.34 -6.89 29.17
CA GLU B 70 0.93 -6.92 29.65
C GLU B 70 0.59 -5.58 30.30
N ALA B 71 1.33 -5.20 31.35
CA ALA B 71 1.09 -4.01 32.18
C ALA B 71 1.28 -2.73 31.35
N LEU B 72 2.28 -2.72 30.45
CA LEU B 72 2.65 -1.54 29.62
C LEU B 72 1.73 -1.41 28.40
N GLY B 73 0.92 -2.43 28.11
CA GLY B 73 -0.01 -2.45 26.97
C GLY B 73 0.71 -2.46 25.63
N LEU B 74 1.90 -3.06 25.58
CA LEU B 74 2.70 -3.21 24.32
C LEU B 74 2.20 -4.46 23.58
N HIS B 75 1.08 -4.33 22.88
CA HIS B 75 0.33 -5.46 22.24
C HIS B 75 1.14 -6.03 21.06
N ASP B 76 2.02 -5.23 20.47
CA ASP B 76 2.78 -5.57 19.23
C ASP B 76 4.21 -6.02 19.58
N TYR B 77 4.62 -6.00 20.84
CA TYR B 77 6.04 -6.25 21.26
C TYR B 77 6.48 -7.65 20.82
N CYS B 78 5.66 -8.66 21.12
CA CYS B 78 6.00 -10.10 20.88
C CYS B 78 5.95 -10.39 19.37
N ASP B 79 5.21 -9.61 18.58
CA ASP B 79 5.16 -9.72 17.09
C ASP B 79 6.48 -9.22 16.49
N ILE B 80 7.06 -8.15 17.04
CA ILE B 80 8.28 -7.46 16.49
C ILE B 80 9.53 -8.10 17.10
N ILE B 81 9.50 -8.43 18.40
CA ILE B 81 10.63 -9.08 19.13
C ILE B 81 10.34 -10.58 19.23
N LYS B 82 11.01 -11.38 18.39
CA LYS B 82 10.78 -12.84 18.25
C LYS B 82 11.42 -13.59 19.42
N HIS B 83 12.58 -13.12 19.89
CA HIS B 83 13.38 -13.77 20.97
CA HIS B 83 13.37 -13.77 20.98
C HIS B 83 13.62 -12.75 22.09
N PRO B 84 12.63 -12.52 22.99
CA PRO B 84 12.83 -11.66 24.15
C PRO B 84 14.01 -12.18 24.98
N MET B 85 14.75 -11.27 25.62
CA MET B 85 15.90 -11.61 26.48
C MET B 85 16.06 -10.51 27.54
N ASP B 86 16.64 -10.89 28.68
CA ASP B 86 16.77 -10.05 29.90
C ASP B 86 17.81 -10.70 30.80
N MET B 87 18.28 -9.97 31.81
CA MET B 87 19.44 -10.38 32.65
C MET B 87 19.07 -11.55 33.57
N SER B 88 17.79 -11.71 33.92
CA SER B 88 17.28 -12.81 34.79
C SER B 88 17.32 -14.13 34.01
N THR B 89 16.79 -14.12 32.78
CA THR B 89 16.84 -15.26 31.83
C THR B 89 18.29 -15.68 31.60
N ILE B 90 19.20 -14.72 31.42
CA ILE B 90 20.65 -14.96 31.18
C ILE B 90 21.26 -15.61 32.43
N LYS B 91 20.87 -15.15 33.62
CA LYS B 91 21.35 -15.67 34.93
C LYS B 91 20.92 -17.13 35.08
N SER B 92 19.65 -17.45 34.79
CA SER B 92 19.11 -18.84 34.80
C SER B 92 19.94 -19.73 33.88
N LYS B 93 20.13 -19.30 32.62
CA LYS B 93 20.87 -20.06 31.58
C LYS B 93 22.31 -20.28 32.02
N LEU B 94 22.90 -19.32 32.73
CA LEU B 94 24.32 -19.35 33.18
C LEU B 94 24.46 -20.34 34.35
N GLU B 95 23.50 -20.34 35.28
CA GLU B 95 23.47 -21.24 36.47
C GLU B 95 23.17 -22.67 36.04
N ALA B 96 22.37 -22.85 34.97
CA ALA B 96 22.03 -24.16 34.37
C ALA B 96 23.10 -24.59 33.35
N ARG B 97 24.19 -23.81 33.22
CA ARG B 97 25.36 -24.09 32.36
C ARG B 97 24.91 -24.38 30.92
N GLU B 98 23.99 -23.56 30.40
CA GLU B 98 23.44 -23.68 29.02
C GLU B 98 24.25 -22.82 28.03
N TYR B 99 25.30 -22.15 28.49
CA TYR B 99 26.27 -21.42 27.63
C TYR B 99 27.54 -22.27 27.51
N ARG B 100 27.90 -22.64 26.27
CA ARG B 100 29.09 -23.50 25.97
C ARG B 100 30.37 -22.67 26.11
N ASP B 101 30.31 -21.37 25.81
CA ASP B 101 31.47 -20.43 25.87
C ASP B 101 30.96 -19.01 26.10
N ALA B 102 31.88 -18.07 26.36
CA ALA B 102 31.62 -16.63 26.60
C ALA B 102 30.86 -16.03 25.41
N GLN B 103 31.17 -16.47 24.18
CA GLN B 103 30.59 -15.92 22.92
C GLN B 103 29.07 -16.14 22.92
N GLU B 104 28.59 -17.27 23.44
CA GLU B 104 27.14 -17.62 23.48
C GLU B 104 26.43 -16.74 24.52
N PHE B 105 27.07 -16.53 25.67
CA PHE B 105 26.63 -15.57 26.73
C PHE B 105 26.55 -14.17 26.11
N GLY B 106 27.64 -13.75 25.46
CA GLY B 106 27.74 -12.45 24.74
C GLY B 106 26.57 -12.24 23.79
N ALA B 107 26.23 -13.25 22.98
CA ALA B 107 25.16 -13.17 21.95
C ALA B 107 23.82 -12.85 22.60
N ASP B 108 23.57 -13.39 23.80
CA ASP B 108 22.30 -13.17 24.56
C ASP B 108 22.28 -11.75 25.12
N VAL B 109 23.39 -11.29 25.71
CA VAL B 109 23.52 -9.89 26.22
C VAL B 109 23.23 -8.92 25.07
N ARG B 110 23.81 -9.17 23.90
CA ARG B 110 23.68 -8.29 22.70
C ARG B 110 22.27 -8.41 22.11
N LEU B 111 21.64 -9.59 22.20
CA LEU B 111 20.24 -9.79 21.78
C LEU B 111 19.32 -8.90 22.64
N MET B 112 19.54 -8.90 23.95
CA MET B 112 18.79 -8.08 24.93
C MET B 112 18.80 -6.61 24.48
N PHE B 113 20.00 -6.08 24.18
CA PHE B 113 20.21 -4.68 23.74
C PHE B 113 19.59 -4.47 22.35
N SER B 114 19.85 -5.36 21.40
CA SER B 114 19.33 -5.28 20.01
C SER B 114 17.79 -5.20 20.03
N ASN B 115 17.14 -6.02 20.85
CA ASN B 115 15.67 -6.02 21.04
C ASN B 115 15.22 -4.61 21.42
N CYS B 116 15.91 -3.99 22.38
CA CYS B 116 15.62 -2.62 22.87
C CYS B 116 15.79 -1.61 21.73
N TYR B 117 16.92 -1.66 21.03
CA TYR B 117 17.27 -0.74 19.92
C TYR B 117 16.29 -0.94 18.75
N LYS B 118 15.79 -2.16 18.56
CA LYS B 118 14.89 -2.51 17.43
C LYS B 118 13.49 -1.93 17.67
N TYR B 119 12.95 -2.11 18.88
CA TYR B 119 11.54 -1.80 19.20
C TYR B 119 11.33 -0.28 19.38
N ASN B 120 12.35 0.42 19.90
CA ASN B 120 12.23 1.80 20.42
C ASN B 120 12.90 2.81 19.49
N PRO B 121 12.40 4.06 19.44
CA PRO B 121 13.08 5.14 18.71
C PRO B 121 14.35 5.55 19.45
N PRO B 122 15.35 6.14 18.75
CA PRO B 122 16.62 6.50 19.38
C PRO B 122 16.56 7.57 20.46
N ASP B 123 15.47 8.35 20.53
CA ASP B 123 15.28 9.44 21.52
C ASP B 123 14.72 8.88 22.84
N HIS B 124 14.17 7.67 22.84
CA HIS B 124 13.49 7.05 24.02
C HIS B 124 14.50 6.86 25.15
N GLU B 125 14.03 7.06 26.39
CA GLU B 125 14.86 7.07 27.62
CA GLU B 125 14.86 7.06 27.63
C GLU B 125 15.50 5.68 27.80
N VAL B 126 14.79 4.61 27.45
CA VAL B 126 15.25 3.19 27.62
C VAL B 126 16.47 2.94 26.73
N VAL B 127 16.51 3.56 25.55
CA VAL B 127 17.66 3.43 24.59
C VAL B 127 18.90 4.06 25.22
N ALA B 128 18.77 5.23 25.85
CA ALA B 128 19.86 5.94 26.55
C ALA B 128 20.38 5.05 27.69
N MET B 129 19.48 4.37 28.39
CA MET B 129 19.80 3.46 29.52
C MET B 129 20.49 2.19 29.00
N ALA B 130 19.94 1.59 27.94
CA ALA B 130 20.55 0.44 27.23
C ALA B 130 22.03 0.72 26.94
N ARG B 131 22.31 1.87 26.30
CA ARG B 131 23.67 2.27 25.85
C ARG B 131 24.61 2.37 27.04
N LYS B 132 24.16 3.00 28.14
CA LYS B 132 24.98 3.16 29.38
C LYS B 132 25.31 1.77 29.95
N LEU B 133 24.34 0.85 29.97
CA LEU B 133 24.55 -0.52 30.50
C LEU B 133 25.42 -1.33 29.51
N GLN B 134 25.17 -1.20 28.21
CA GLN B 134 25.96 -1.91 27.16
C GLN B 134 27.43 -1.50 27.27
N ASP B 135 27.71 -0.21 27.52
CA ASP B 135 29.10 0.29 27.68
C ASP B 135 29.77 -0.45 28.84
N VAL B 136 29.06 -0.69 29.94
CA VAL B 136 29.58 -1.44 31.13
C VAL B 136 29.93 -2.87 30.68
N PHE B 137 29.02 -3.52 29.95
CA PHE B 137 29.19 -4.91 29.44
C PHE B 137 30.39 -4.98 28.50
N GLU B 138 30.41 -4.14 27.46
CA GLU B 138 31.40 -4.20 26.35
C GLU B 138 32.82 -4.06 26.90
N MET B 139 33.04 -3.14 27.86
CA MET B 139 34.39 -2.89 28.45
C MET B 139 34.84 -4.14 29.21
N ARG B 140 33.99 -4.69 30.09
CA ARG B 140 34.31 -5.90 30.89
C ARG B 140 34.51 -7.09 29.96
N PHE B 141 33.63 -7.27 28.97
CA PHE B 141 33.66 -8.40 28.00
C PHE B 141 34.96 -8.36 27.18
N ALA B 142 35.38 -7.17 26.76
CA ALA B 142 36.60 -6.95 25.94
C ALA B 142 37.86 -7.23 26.77
N LYS B 143 37.85 -6.92 28.07
CA LYS B 143 39.04 -6.99 28.97
C LYS B 143 39.10 -8.35 29.67
N MET B 144 38.22 -9.29 29.29
CA MET B 144 38.19 -10.70 29.79
C MET B 144 39.51 -11.39 29.47
N PRO B 145 40.17 -12.04 30.46
CA PRO B 145 41.35 -12.87 30.20
C PRO B 145 40.95 -14.21 29.55
N LYS C 36 56.24 -23.76 13.15
CA LYS C 36 56.63 -22.30 13.01
C LYS C 36 55.75 -21.70 11.88
N VAL C 37 54.45 -21.70 12.22
CA VAL C 37 53.31 -21.29 11.33
C VAL C 37 53.46 -19.79 11.01
N SER C 38 53.94 -18.98 11.96
CA SER C 38 54.03 -17.50 11.85
C SER C 38 55.30 -17.10 11.07
N GLU C 39 56.18 -18.07 10.75
CA GLU C 39 57.37 -17.87 9.90
C GLU C 39 56.94 -17.96 8.44
N GLN C 40 56.08 -18.94 8.11
CA GLN C 40 55.53 -19.17 6.75
C GLN C 40 54.55 -18.04 6.38
N LEU C 41 53.82 -17.49 7.35
CA LEU C 41 52.89 -16.34 7.12
C LEU C 41 53.70 -15.07 6.86
N LYS C 42 54.91 -14.98 7.43
CA LYS C 42 55.85 -13.85 7.18
C LYS C 42 56.37 -13.95 5.73
N CYS C 43 56.63 -15.18 5.24
CA CYS C 43 57.06 -15.46 3.84
C CYS C 43 55.94 -15.09 2.86
N CYS C 44 54.69 -15.41 3.20
CA CYS C 44 53.47 -15.10 2.40
C CYS C 44 53.37 -13.59 2.18
N SER C 45 53.71 -12.79 3.20
CA SER C 45 53.77 -11.30 3.12
C SER C 45 54.85 -10.90 2.12
N GLY C 46 56.04 -11.48 2.22
CA GLY C 46 57.18 -11.25 1.31
C GLY C 46 56.83 -11.59 -0.13
N ILE C 47 56.10 -12.70 -0.34
CA ILE C 47 55.64 -13.19 -1.67
C ILE C 47 54.67 -12.17 -2.27
N LEU C 48 53.70 -11.70 -1.46
CA LEU C 48 52.67 -10.73 -1.91
C LEU C 48 53.34 -9.38 -2.18
N LYS C 49 54.34 -9.00 -1.39
CA LYS C 49 55.12 -7.75 -1.58
C LYS C 49 55.83 -7.83 -2.94
N GLU C 50 56.49 -8.97 -3.20
CA GLU C 50 57.20 -9.24 -4.48
C GLU C 50 56.20 -9.08 -5.64
N MET C 51 55.00 -9.66 -5.52
CA MET C 51 53.96 -9.63 -6.57
C MET C 51 53.51 -8.17 -6.84
N PHE C 52 53.66 -7.29 -5.84
CA PHE C 52 53.31 -5.83 -5.93
C PHE C 52 54.48 -5.00 -6.47
N ALA C 53 55.71 -5.56 -6.47
CA ALA C 53 56.96 -4.83 -6.78
C ALA C 53 56.96 -4.35 -8.24
N LYS C 54 57.84 -3.37 -8.53
CA LYS C 54 57.86 -2.60 -9.80
C LYS C 54 58.19 -3.52 -10.98
N LYS C 55 59.08 -4.51 -10.78
CA LYS C 55 59.62 -5.37 -11.88
C LYS C 55 58.48 -6.21 -12.51
N HIS C 56 57.35 -6.40 -11.81
CA HIS C 56 56.20 -7.21 -12.28
C HIS C 56 55.00 -6.32 -12.66
N ALA C 57 55.14 -5.00 -12.53
CA ALA C 57 54.02 -4.03 -12.59
C ALA C 57 53.29 -4.10 -13.94
N ALA C 58 54.02 -4.41 -15.03
CA ALA C 58 53.48 -4.40 -16.41
C ALA C 58 52.41 -5.48 -16.59
N TYR C 59 52.48 -6.58 -15.83
CA TYR C 59 51.51 -7.72 -15.93
C TYR C 59 50.77 -7.98 -14.61
N ALA C 60 51.21 -7.40 -13.48
CA ALA C 60 50.61 -7.63 -12.15
C ALA C 60 49.39 -6.72 -11.93
N TRP C 61 49.37 -5.54 -12.55
CA TRP C 61 48.40 -4.44 -12.25
C TRP C 61 46.95 -4.91 -12.33
N PRO C 62 46.56 -5.85 -13.22
CA PRO C 62 45.14 -6.23 -13.33
C PRO C 62 44.60 -6.92 -12.07
N PHE C 63 45.49 -7.32 -11.15
CA PHE C 63 45.17 -8.13 -9.94
C PHE C 63 45.43 -7.33 -8.65
N TYR C 64 45.89 -6.07 -8.76
CA TYR C 64 46.18 -5.17 -7.62
C TYR C 64 44.89 -4.92 -6.82
N LYS C 65 43.78 -4.68 -7.50
CA LYS C 65 42.47 -4.30 -6.91
C LYS C 65 41.35 -5.09 -7.56
N PRO C 66 40.16 -5.17 -6.93
CA PRO C 66 39.03 -5.87 -7.53
C PRO C 66 38.81 -5.41 -8.98
N VAL C 67 38.43 -6.33 -9.87
CA VAL C 67 38.00 -6.00 -11.25
C VAL C 67 36.90 -4.93 -11.13
N ASP C 68 37.09 -3.77 -11.76
CA ASP C 68 36.12 -2.66 -11.78
C ASP C 68 35.00 -3.01 -12.77
N VAL C 69 34.11 -3.92 -12.38
CA VAL C 69 33.03 -4.50 -13.24
C VAL C 69 32.03 -3.40 -13.63
N GLU C 70 31.87 -2.36 -12.80
CA GLU C 70 31.00 -1.20 -13.07
C GLU C 70 31.51 -0.45 -14.31
N ALA C 71 32.76 0.02 -14.26
CA ALA C 71 33.40 0.85 -15.31
C ALA C 71 33.55 0.05 -16.61
N LEU C 72 33.87 -1.24 -16.51
CA LEU C 72 34.13 -2.13 -17.68
C LEU C 72 32.83 -2.65 -18.27
N GLY C 73 31.69 -2.45 -17.59
CA GLY C 73 30.36 -2.90 -18.04
C GLY C 73 30.23 -4.42 -18.08
N LEU C 74 30.94 -5.12 -17.20
CA LEU C 74 30.88 -6.60 -17.06
C LEU C 74 29.70 -6.96 -16.16
N HIS C 75 28.48 -6.94 -16.72
CA HIS C 75 27.19 -7.07 -15.99
C HIS C 75 27.03 -8.50 -15.46
N ASP C 76 27.71 -9.47 -16.08
CA ASP C 76 27.57 -10.93 -15.78
C ASP C 76 28.72 -11.43 -14.89
N TYR C 77 29.70 -10.58 -14.57
CA TYR C 77 30.94 -11.02 -13.85
C TYR C 77 30.59 -11.62 -12.49
N CYS C 78 29.76 -10.94 -11.70
CA CYS C 78 29.41 -11.32 -10.31
C CYS C 78 28.50 -12.57 -10.33
N ASP C 79 27.78 -12.82 -11.43
CA ASP C 79 26.94 -14.03 -11.62
C ASP C 79 27.84 -15.26 -11.82
N ILE C 80 28.94 -15.11 -12.57
CA ILE C 80 29.85 -16.23 -12.97
C ILE C 80 30.94 -16.41 -11.91
N ILE C 81 31.47 -15.31 -11.36
CA ILE C 81 32.51 -15.31 -10.29
C ILE C 81 31.84 -15.07 -8.94
N LYS C 82 31.66 -16.14 -8.16
CA LYS C 82 30.91 -16.16 -6.87
C LYS C 82 31.77 -15.51 -5.78
N HIS C 83 33.08 -15.75 -5.79
CA HIS C 83 34.05 -15.27 -4.77
C HIS C 83 35.15 -14.47 -5.44
N PRO C 84 34.91 -13.18 -5.78
CA PRO C 84 35.96 -12.31 -6.31
C PRO C 84 37.15 -12.27 -5.34
N MET C 85 38.35 -12.13 -5.87
CA MET C 85 39.60 -12.03 -5.06
C MET C 85 40.64 -11.23 -5.85
N ASP C 86 41.55 -10.59 -5.13
CA ASP C 86 42.56 -9.64 -5.66
C ASP C 86 43.64 -9.46 -4.59
N MET C 87 44.78 -8.87 -4.95
CA MET C 87 45.99 -8.80 -4.09
C MET C 87 45.77 -7.82 -2.93
N SER C 88 44.89 -6.83 -3.07
CA SER C 88 44.57 -5.83 -2.02
C SER C 88 43.76 -6.50 -0.91
N THR C 89 42.71 -7.23 -1.29
CA THR C 89 41.87 -8.05 -0.38
C THR C 89 42.76 -9.04 0.40
N ILE C 90 43.69 -9.70 -0.29
CA ILE C 90 44.63 -10.69 0.30
C ILE C 90 45.54 -9.98 1.31
N LYS C 91 45.99 -8.77 0.98
CA LYS C 91 46.89 -7.93 1.85
C LYS C 91 46.14 -7.57 3.13
N SER C 92 44.89 -7.12 3.03
CA SER C 92 43.99 -6.81 4.17
C SER C 92 43.86 -8.03 5.09
N LYS C 93 43.52 -9.19 4.51
CA LYS C 93 43.29 -10.46 5.24
C LYS C 93 44.59 -10.89 5.94
N LEU C 94 45.74 -10.62 5.31
CA LEU C 94 47.08 -11.02 5.84
C LEU C 94 47.46 -10.13 7.02
N GLU C 95 47.20 -8.82 6.92
CA GLU C 95 47.50 -7.81 7.98
C GLU C 95 46.54 -8.00 9.16
N ALA C 96 45.31 -8.44 8.91
CA ALA C 96 44.28 -8.76 9.94
C ALA C 96 44.44 -10.20 10.45
N ARG C 97 45.50 -10.90 10.01
CA ARG C 97 45.88 -12.27 10.45
C ARG C 97 44.67 -13.21 10.34
N GLU C 98 43.96 -13.15 9.21
CA GLU C 98 42.78 -14.01 8.91
C GLU C 98 43.18 -15.28 8.16
N TYR C 99 44.49 -15.46 7.89
CA TYR C 99 45.05 -16.73 7.33
C TYR C 99 45.71 -17.52 8.45
N ARG C 100 45.23 -18.74 8.69
CA ARG C 100 45.71 -19.65 9.78
C ARG C 100 47.07 -20.24 9.38
N ASP C 101 47.31 -20.45 8.08
CA ASP C 101 48.56 -21.04 7.54
C ASP C 101 48.77 -20.56 6.09
N ALA C 102 49.94 -20.86 5.53
CA ALA C 102 50.34 -20.53 4.14
C ALA C 102 49.32 -21.10 3.14
N GLN C 103 48.79 -22.29 3.41
CA GLN C 103 47.88 -23.04 2.51
C GLN C 103 46.59 -22.21 2.28
N GLU C 104 46.11 -21.50 3.30
CA GLU C 104 44.87 -20.68 3.23
C GLU C 104 45.15 -19.42 2.39
N PHE C 105 46.31 -18.80 2.59
CA PHE C 105 46.84 -17.68 1.75
C PHE C 105 46.93 -18.16 0.29
N GLY C 106 47.58 -19.31 0.08
CA GLY C 106 47.74 -19.95 -1.23
C GLY C 106 46.41 -20.12 -1.95
N ALA C 107 45.37 -20.60 -1.24
CA ALA C 107 44.04 -20.89 -1.81
C ALA C 107 43.42 -19.60 -2.37
N ASP C 108 43.65 -18.46 -1.71
CA ASP C 108 43.12 -17.14 -2.14
C ASP C 108 43.89 -16.66 -3.38
N VAL C 109 45.21 -16.77 -3.39
CA VAL C 109 46.06 -16.41 -4.57
C VAL C 109 45.56 -17.22 -5.78
N ARG C 110 45.32 -18.53 -5.60
CA ARG C 110 44.90 -19.45 -6.68
C ARG C 110 43.45 -19.17 -7.08
N LEU C 111 42.62 -18.76 -6.14
CA LEU C 111 41.21 -18.33 -6.41
C LEU C 111 41.23 -17.12 -7.35
N MET C 112 42.08 -16.13 -7.05
CA MET C 112 42.27 -14.91 -7.85
C MET C 112 42.55 -15.29 -9.31
N PHE C 113 43.50 -16.19 -9.53
CA PHE C 113 43.93 -16.67 -10.87
C PHE C 113 42.80 -17.50 -11.51
N SER C 114 42.21 -18.44 -10.77
CA SER C 114 41.10 -19.32 -11.25
C SER C 114 39.94 -18.47 -11.76
N ASN C 115 39.57 -17.42 -11.01
CA ASN C 115 38.50 -16.46 -11.39
C ASN C 115 38.82 -15.90 -12.78
N CYS C 116 40.06 -15.47 -12.99
CA CYS C 116 40.55 -14.88 -14.27
C CYS C 116 40.44 -15.94 -15.39
N TYR C 117 40.96 -17.14 -15.15
CA TYR C 117 40.97 -18.26 -16.12
C TYR C 117 39.53 -18.70 -16.43
N LYS C 118 38.63 -18.60 -15.46
CA LYS C 118 37.22 -19.05 -15.59
C LYS C 118 36.44 -18.09 -16.48
N TYR C 119 36.57 -16.78 -16.26
CA TYR C 119 35.72 -15.73 -16.88
C TYR C 119 36.16 -15.46 -18.33
N ASN C 120 37.46 -15.58 -18.61
CA ASN C 120 38.11 -15.08 -19.84
C ASN C 120 38.49 -16.22 -20.78
N PRO C 121 38.51 -15.99 -22.12
CA PRO C 121 39.03 -16.98 -23.07
C PRO C 121 40.55 -17.06 -22.96
N PRO C 122 41.18 -18.19 -23.35
CA PRO C 122 42.62 -18.36 -23.20
C PRO C 122 43.51 -17.40 -24.04
N ASP C 123 42.94 -16.76 -25.07
CA ASP C 123 43.67 -15.83 -25.97
C ASP C 123 43.71 -14.42 -25.36
N HIS C 124 42.86 -14.11 -24.37
CA HIS C 124 42.73 -12.77 -23.77
C HIS C 124 44.03 -12.35 -23.10
N GLU C 125 44.37 -11.06 -23.18
CA GLU C 125 45.66 -10.48 -22.73
C GLU C 125 45.80 -10.67 -21.20
N VAL C 126 44.68 -10.59 -20.47
CA VAL C 126 44.66 -10.69 -18.97
C VAL C 126 45.09 -12.11 -18.56
N VAL C 127 44.73 -13.13 -19.34
CA VAL C 127 45.09 -14.55 -19.08
C VAL C 127 46.61 -14.70 -19.20
N ALA C 128 47.21 -14.10 -20.23
CA ALA C 128 48.67 -14.11 -20.45
C ALA C 128 49.38 -13.45 -19.27
N MET C 129 48.80 -12.37 -18.75
CA MET C 129 49.32 -11.59 -17.59
C MET C 129 49.17 -12.41 -16.30
N ALA C 130 48.00 -13.00 -16.08
CA ALA C 130 47.72 -13.92 -14.95
C ALA C 130 48.82 -14.98 -14.87
N ARG C 131 49.11 -15.66 -15.97
CA ARG C 131 50.08 -16.79 -16.06
C ARG C 131 51.47 -16.30 -15.67
N LYS C 132 51.90 -15.14 -16.18
CA LYS C 132 53.24 -14.56 -15.87
C LYS C 132 53.32 -14.25 -14.37
N LEU C 133 52.25 -13.70 -13.76
CA LEU C 133 52.23 -13.39 -12.31
C LEU C 133 52.13 -14.69 -11.50
N GLN C 134 51.30 -15.64 -11.93
CA GLN C 134 51.15 -16.94 -11.23
C GLN C 134 52.50 -17.66 -11.18
N ASP C 135 53.29 -17.60 -12.26
CA ASP C 135 54.63 -18.23 -12.32
C ASP C 135 55.51 -17.64 -11.21
N VAL C 136 55.43 -16.31 -10.99
CA VAL C 136 56.20 -15.62 -9.91
C VAL C 136 55.76 -16.18 -8.55
N PHE C 137 54.44 -16.29 -8.33
CA PHE C 137 53.84 -16.81 -7.08
C PHE C 137 54.27 -18.26 -6.83
N GLU C 138 54.04 -19.14 -7.82
CA GLU C 138 54.23 -20.61 -7.69
C GLU C 138 55.69 -20.92 -7.32
N MET C 139 56.66 -20.24 -7.93
CA MET C 139 58.11 -20.48 -7.68
C MET C 139 58.44 -20.10 -6.24
N ARG C 140 58.03 -18.91 -5.79
CA ARG C 140 58.29 -18.41 -4.42
C ARG C 140 57.56 -19.30 -3.41
N PHE C 141 56.31 -19.65 -3.68
CA PHE C 141 55.45 -20.46 -2.79
C PHE C 141 56.06 -21.85 -2.60
N ALA C 142 56.57 -22.45 -3.69
CA ALA C 142 57.18 -23.80 -3.71
C ALA C 142 58.51 -23.81 -2.93
N LYS C 143 59.28 -22.72 -2.99
CA LYS C 143 60.65 -22.60 -2.41
C LYS C 143 60.61 -22.05 -0.99
N MET C 144 59.41 -21.89 -0.42
CA MET C 144 59.17 -21.45 0.98
C MET C 144 59.82 -22.41 1.97
N PRO C 145 60.66 -21.94 2.91
CA PRO C 145 61.41 -22.79 3.82
C PRO C 145 60.66 -23.94 4.48
N ASP C 146 59.41 -23.81 4.97
CA ASP C 146 58.64 -24.90 5.65
C ASP C 146 59.51 -26.15 5.85
N LYS D 36 0.77 -24.21 14.06
CA LYS D 36 0.57 -25.59 14.62
C LYS D 36 1.62 -25.88 15.69
N VAL D 37 2.88 -25.49 15.44
CA VAL D 37 4.02 -25.62 16.41
C VAL D 37 3.74 -24.74 17.64
N SER D 38 3.13 -23.56 17.43
CA SER D 38 2.88 -22.54 18.48
C SER D 38 1.62 -22.90 19.29
N GLU D 39 0.87 -23.92 18.86
CA GLU D 39 -0.32 -24.46 19.59
C GLU D 39 0.19 -25.46 20.64
N GLN D 40 1.17 -26.30 20.27
CA GLN D 40 1.79 -27.30 21.17
C GLN D 40 2.65 -26.60 22.23
N LEU D 41 3.29 -25.47 21.90
CA LEU D 41 4.10 -24.68 22.86
C LEU D 41 3.15 -23.99 23.85
N LYS D 42 1.93 -23.67 23.44
CA LYS D 42 0.88 -23.10 24.33
C LYS D 42 0.44 -24.17 25.34
N CYS D 43 0.33 -25.43 24.89
CA CYS D 43 -0.01 -26.61 25.73
C CYS D 43 1.09 -26.86 26.77
N CYS D 44 2.36 -26.74 26.34
CA CYS D 44 3.56 -26.92 27.20
C CYS D 44 3.52 -25.93 28.37
N SER D 45 3.07 -24.69 28.12
CA SER D 45 2.84 -23.64 29.15
C SER D 45 1.77 -24.11 30.13
N GLY D 46 0.64 -24.60 29.61
CA GLY D 46 -0.48 -25.15 30.41
C GLY D 46 -0.04 -26.32 31.28
N ILE D 47 0.80 -27.20 30.74
CA ILE D 47 1.37 -28.39 31.43
C ILE D 47 2.25 -27.92 32.59
N LEU D 48 3.13 -26.95 32.34
CA LEU D 48 4.07 -26.41 33.35
C LEU D 48 3.27 -25.66 34.42
N LYS D 49 2.21 -24.95 34.03
CA LYS D 49 1.31 -24.24 34.97
C LYS D 49 0.65 -25.27 35.90
N GLU D 50 0.13 -26.35 35.33
CA GLU D 50 -0.49 -27.48 36.08
C GLU D 50 0.53 -28.01 37.09
N MET D 51 1.77 -28.24 36.67
CA MET D 51 2.85 -28.80 37.53
C MET D 51 3.15 -27.84 38.70
N PHE D 52 2.87 -26.54 38.54
CA PHE D 52 3.07 -25.47 39.57
C PHE D 52 1.84 -25.34 40.48
N ALA D 53 0.68 -25.88 40.07
CA ALA D 53 -0.64 -25.68 40.72
C ALA D 53 -0.64 -26.27 42.13
N LYS D 54 -1.60 -25.84 42.95
CA LYS D 54 -1.64 -26.09 44.42
C LYS D 54 -1.82 -27.59 44.70
N LYS D 55 -2.62 -28.29 43.88
CA LYS D 55 -3.02 -29.71 44.11
C LYS D 55 -1.78 -30.63 44.06
N HIS D 56 -0.66 -30.19 43.45
CA HIS D 56 0.59 -30.99 43.32
C HIS D 56 1.69 -30.46 44.23
N ALA D 57 1.42 -29.39 45.00
CA ALA D 57 2.44 -28.59 45.73
C ALA D 57 3.22 -29.46 46.73
N ALA D 58 2.56 -30.47 47.32
CA ALA D 58 3.14 -31.33 48.38
C ALA D 58 4.34 -32.13 47.85
N TYR D 59 4.36 -32.46 46.56
CA TYR D 59 5.44 -33.27 45.93
C TYR D 59 6.15 -32.51 44.79
N ALA D 60 5.61 -31.40 44.30
CA ALA D 60 6.18 -30.62 43.17
C ALA D 60 7.29 -29.67 43.65
N TRP D 61 7.21 -29.19 44.90
CA TRP D 61 8.04 -28.08 45.44
C TRP D 61 9.53 -28.32 45.25
N PRO D 62 10.07 -29.57 45.32
CA PRO D 62 11.51 -29.77 45.20
C PRO D 62 12.07 -29.40 43.81
N PHE D 63 11.19 -29.19 42.83
CA PHE D 63 11.54 -28.96 41.40
C PHE D 63 11.16 -27.54 40.95
N TYR D 64 10.58 -26.74 41.84
CA TYR D 64 10.16 -25.34 41.57
C TYR D 64 11.37 -24.48 41.17
N LYS D 65 12.48 -24.65 41.89
CA LYS D 65 13.71 -23.82 41.75
C LYS D 65 14.93 -24.73 41.75
N PRO D 66 16.10 -24.24 41.27
CA PRO D 66 17.32 -25.04 41.31
C PRO D 66 17.54 -25.62 42.71
N VAL D 67 18.06 -26.85 42.79
CA VAL D 67 18.53 -27.45 44.07
C VAL D 67 19.49 -26.45 44.70
N ASP D 68 19.22 -26.01 45.93
CA ASP D 68 20.08 -25.06 46.70
C ASP D 68 21.26 -25.85 47.26
N VAL D 69 22.23 -26.18 46.41
CA VAL D 69 23.39 -27.07 46.72
C VAL D 69 24.29 -26.39 47.78
N GLU D 70 24.30 -25.06 47.82
CA GLU D 70 25.06 -24.26 48.82
C GLU D 70 24.52 -24.56 50.22
N ALA D 71 23.22 -24.30 50.44
CA ALA D 71 22.54 -24.43 51.76
C ALA D 71 22.54 -25.90 52.22
N LEU D 72 22.35 -26.84 51.29
CA LEU D 72 22.22 -28.30 51.59
C LEU D 72 23.61 -28.93 51.75
N GLY D 73 24.68 -28.22 51.40
CA GLY D 73 26.06 -28.71 51.50
C GLY D 73 26.35 -29.86 50.55
N LEU D 74 25.68 -29.89 49.39
CA LEU D 74 25.90 -30.91 48.34
C LEU D 74 27.07 -30.47 47.46
N HIS D 75 28.29 -30.68 47.95
CA HIS D 75 29.56 -30.18 47.34
C HIS D 75 29.85 -30.90 46.02
N ASP D 76 29.30 -32.11 45.84
CA ASP D 76 29.57 -32.99 44.67
C ASP D 76 28.45 -32.91 43.63
N TYR D 77 27.37 -32.16 43.89
CA TYR D 77 26.16 -32.15 43.02
C TYR D 77 26.51 -31.69 41.61
N CYS D 78 27.23 -30.56 41.50
CA CYS D 78 27.57 -29.91 40.20
C CYS D 78 28.60 -30.76 39.43
N ASP D 79 29.40 -31.59 40.13
CA ASP D 79 30.36 -32.55 39.51
C ASP D 79 29.61 -33.69 38.83
N ILE D 80 28.52 -34.18 39.45
CA ILE D 80 27.75 -35.37 38.99
C ILE D 80 26.65 -34.93 38.03
N ILE D 81 25.98 -33.81 38.31
CA ILE D 81 24.90 -33.22 37.46
C ILE D 81 25.50 -32.09 36.62
N LYS D 82 25.76 -32.36 35.33
CA LYS D 82 26.45 -31.44 34.39
C LYS D 82 25.48 -30.33 33.95
N HIS D 83 24.21 -30.67 33.75
CA HIS D 83 23.15 -29.74 33.26
C HIS D 83 21.99 -29.70 34.25
N PRO D 84 22.11 -28.93 35.36
CA PRO D 84 21.00 -28.74 36.29
C PRO D 84 19.78 -28.19 35.53
N MET D 85 18.59 -28.56 35.98
CA MET D 85 17.31 -28.09 35.39
C MET D 85 16.22 -28.11 36.47
N ASP D 86 15.21 -27.26 36.31
CA ASP D 86 14.13 -27.00 37.29
C ASP D 86 13.00 -26.28 36.56
N MET D 87 11.82 -26.20 37.18
CA MET D 87 10.58 -25.71 36.52
C MET D 87 10.65 -24.19 36.29
N SER D 88 11.43 -23.45 37.10
CA SER D 88 11.60 -21.98 36.97
C SER D 88 12.44 -21.66 35.73
N THR D 89 13.57 -22.35 35.58
CA THR D 89 14.46 -22.28 34.38
C THR D 89 13.65 -22.61 33.12
N ILE D 90 12.81 -23.64 33.17
CA ILE D 90 11.95 -24.10 32.03
C ILE D 90 10.94 -23.00 31.70
N LYS D 91 10.38 -22.35 32.73
CA LYS D 91 9.38 -21.26 32.58
C LYS D 91 10.03 -20.06 31.88
N SER D 92 11.24 -19.66 32.31
CA SER D 92 12.05 -18.59 31.68
C SER D 92 12.27 -18.89 30.20
N LYS D 93 12.76 -20.10 29.89
CA LYS D 93 13.09 -20.55 28.51
C LYS D 93 11.82 -20.55 27.66
N LEU D 94 10.66 -20.87 28.25
CA LEU D 94 9.36 -20.96 27.54
C LEU D 94 8.84 -19.55 27.23
N GLU D 95 8.98 -18.62 28.17
CA GLU D 95 8.54 -17.20 28.02
C GLU D 95 9.46 -16.46 27.04
N ALA D 96 10.75 -16.84 26.98
CA ALA D 96 11.77 -16.29 26.05
C ALA D 96 11.72 -17.05 24.72
N ARG D 97 10.77 -17.97 24.54
CA ARG D 97 10.53 -18.75 23.30
C ARG D 97 11.82 -19.40 22.81
N GLU D 98 12.57 -20.02 23.73
CA GLU D 98 13.84 -20.74 23.45
C GLU D 98 13.59 -22.23 23.17
N TYR D 99 12.34 -22.67 23.19
CA TYR D 99 11.92 -24.05 22.77
C TYR D 99 11.32 -23.96 21.36
N ARG D 100 11.92 -24.68 20.41
CA ARG D 100 11.49 -24.69 18.98
C ARG D 100 10.20 -25.53 18.84
N ASP D 101 10.04 -26.56 19.66
CA ASP D 101 8.87 -27.47 19.63
C ASP D 101 8.67 -28.10 21.03
N ALA D 102 7.56 -28.81 21.20
CA ALA D 102 7.18 -29.52 22.46
C ALA D 102 8.28 -30.50 22.87
N GLN D 103 8.92 -31.15 21.90
CA GLN D 103 9.95 -32.21 22.14
C GLN D 103 11.14 -31.62 22.90
N GLU D 104 11.51 -30.36 22.62
CA GLU D 104 12.66 -29.67 23.27
C GLU D 104 12.29 -29.31 24.71
N PHE D 105 11.05 -28.83 24.93
CA PHE D 105 10.44 -28.60 26.27
C PHE D 105 10.46 -29.92 27.05
N GLY D 106 9.93 -30.98 26.43
CA GLY D 106 9.90 -32.35 26.98
C GLY D 106 11.27 -32.80 27.47
N ALA D 107 12.31 -32.60 26.66
CA ALA D 107 13.70 -33.04 26.95
C ALA D 107 14.20 -32.39 28.25
N ASP D 108 13.82 -31.13 28.49
CA ASP D 108 14.23 -30.36 29.70
C ASP D 108 13.47 -30.89 30.92
N VAL D 109 12.16 -31.12 30.80
CA VAL D 109 11.33 -31.72 31.89
C VAL D 109 11.96 -33.06 32.30
N ARG D 110 12.32 -33.90 31.32
CA ARG D 110 12.88 -35.26 31.54
C ARG D 110 14.31 -35.16 32.08
N LEU D 111 15.06 -34.13 31.67
CA LEU D 111 16.42 -33.85 32.21
C LEU D 111 16.31 -33.56 33.72
N MET D 112 15.35 -32.72 34.10
CA MET D 112 15.07 -32.35 35.51
C MET D 112 14.89 -33.63 36.34
N PHE D 113 14.04 -34.54 35.88
CA PHE D 113 13.73 -35.83 36.56
C PHE D 113 14.96 -36.74 36.54
N SER D 114 15.62 -36.90 35.39
CA SER D 114 16.82 -37.76 35.23
C SER D 114 17.92 -37.33 36.21
N ASN D 115 18.14 -36.02 36.34
CA ASN D 115 19.12 -35.44 37.30
C ASN D 115 18.80 -35.96 38.71
N CYS D 116 17.53 -35.90 39.10
CA CYS D 116 17.03 -36.35 40.43
C CYS D 116 17.30 -37.85 40.59
N TYR D 117 16.89 -38.66 39.60
CA TYR D 117 17.04 -40.15 39.60
C TYR D 117 18.52 -40.52 39.60
N LYS D 118 19.38 -39.71 38.98
CA LYS D 118 20.84 -39.97 38.83
C LYS D 118 21.53 -39.76 40.17
N TYR D 119 21.26 -38.64 40.85
CA TYR D 119 22.02 -38.18 42.05
C TYR D 119 21.62 -38.97 43.29
N ASN D 120 20.34 -39.38 43.38
CA ASN D 120 19.70 -39.87 44.62
C ASN D 120 19.47 -41.38 44.56
N PRO D 121 19.50 -42.08 45.72
CA PRO D 121 19.13 -43.50 45.77
C PRO D 121 17.62 -43.64 45.58
N PRO D 122 17.14 -44.82 45.12
CA PRO D 122 15.71 -45.02 44.84
C PRO D 122 14.77 -44.94 46.06
N ASP D 123 15.32 -45.08 47.28
CA ASP D 123 14.52 -45.04 48.55
C ASP D 123 14.29 -43.60 48.99
N HIS D 124 15.06 -42.63 48.48
CA HIS D 124 15.03 -41.20 48.91
C HIS D 124 13.64 -40.61 48.61
N GLU D 125 13.17 -39.73 49.50
CA GLU D 125 11.81 -39.15 49.48
C GLU D 125 11.63 -38.32 48.20
N VAL D 126 12.70 -37.64 47.75
CA VAL D 126 12.67 -36.75 46.55
C VAL D 126 12.39 -37.58 45.30
N VAL D 127 12.90 -38.82 45.23
CA VAL D 127 12.68 -39.74 44.09
C VAL D 127 11.19 -40.10 44.02
N ALA D 128 10.56 -40.40 45.16
CA ALA D 128 9.12 -40.71 45.26
C ALA D 128 8.31 -39.50 44.76
N MET D 129 8.75 -38.29 45.11
CA MET D 129 8.09 -37.01 44.72
C MET D 129 8.28 -36.76 43.22
N ALA D 130 9.51 -36.94 42.70
CA ALA D 130 9.84 -36.86 41.27
C ALA D 130 8.84 -37.70 40.47
N ARG D 131 8.68 -38.98 40.84
CA ARG D 131 7.84 -39.97 40.13
C ARG D 131 6.38 -39.50 40.10
N LYS D 132 5.86 -39.01 41.23
CA LYS D 132 4.46 -38.51 41.33
C LYS D 132 4.28 -37.31 40.39
N LEU D 133 5.26 -36.40 40.34
CA LEU D 133 5.18 -35.20 39.46
C LEU D 133 5.38 -35.62 38.00
N GLN D 134 6.33 -36.53 37.73
CA GLN D 134 6.59 -37.03 36.34
C GLN D 134 5.32 -37.67 35.78
N ASP D 135 4.58 -38.42 36.60
CA ASP D 135 3.31 -39.07 36.18
C ASP D 135 2.33 -38.00 35.71
N VAL D 136 2.26 -36.85 36.41
CA VAL D 136 1.38 -35.70 36.03
C VAL D 136 1.82 -35.19 34.65
N PHE D 137 3.13 -34.98 34.47
CA PHE D 137 3.73 -34.47 33.20
C PHE D 137 3.44 -35.44 32.05
N GLU D 138 3.80 -36.72 32.22
CA GLU D 138 3.76 -37.75 31.15
C GLU D 138 2.33 -37.89 30.61
N MET D 139 1.32 -37.90 31.48
CA MET D 139 -0.11 -38.04 31.08
C MET D 139 -0.54 -36.84 30.23
N ARG D 140 -0.26 -35.62 30.70
CA ARG D 140 -0.63 -34.36 29.98
C ARG D 140 0.15 -34.29 28.66
N PHE D 141 1.45 -34.61 28.69
CA PHE D 141 2.36 -34.54 27.52
C PHE D 141 1.88 -35.52 26.44
N ALA D 142 1.47 -36.73 26.84
CA ALA D 142 1.00 -37.81 25.94
C ALA D 142 -0.34 -37.44 25.30
N LYS D 143 -1.22 -36.74 26.03
CA LYS D 143 -2.61 -36.43 25.62
C LYS D 143 -2.68 -35.07 24.90
N MET D 144 -1.53 -34.45 24.63
CA MET D 144 -1.39 -33.17 23.87
C MET D 144 -1.94 -33.35 22.46
N PRO D 145 -2.85 -32.46 21.99
CA PRO D 145 -3.28 -32.45 20.59
C PRO D 145 -2.11 -32.34 19.59
N ASP D 146 -2.31 -32.89 18.38
CA ASP D 146 -1.39 -32.77 17.21
C ASP D 146 -2.11 -32.07 16.06
N LYS E 36 -24.11 -12.62 -3.24
CA LYS E 36 -25.14 -13.69 -3.29
C LYS E 36 -26.50 -13.07 -3.63
N VAL E 37 -27.40 -13.88 -4.20
CA VAL E 37 -28.78 -13.45 -4.61
C VAL E 37 -29.59 -13.10 -3.34
N SER E 38 -29.37 -13.83 -2.24
CA SER E 38 -30.13 -13.71 -0.97
C SER E 38 -29.58 -12.55 -0.13
N GLU E 39 -28.46 -11.95 -0.54
CA GLU E 39 -27.85 -10.75 0.10
C GLU E 39 -28.57 -9.50 -0.47
N GLN E 40 -28.81 -9.49 -1.78
CA GLN E 40 -29.50 -8.39 -2.50
C GLN E 40 -30.99 -8.37 -2.13
N LEU E 41 -31.60 -9.55 -1.87
CA LEU E 41 -33.02 -9.64 -1.44
C LEU E 41 -33.15 -9.14 0.01
N LYS E 42 -32.08 -9.26 0.81
CA LYS E 42 -32.03 -8.72 2.19
C LYS E 42 -31.99 -7.18 2.11
N CYS E 43 -31.25 -6.63 1.14
CA CYS E 43 -31.15 -5.16 0.88
C CYS E 43 -32.52 -4.62 0.44
N CYS E 44 -33.23 -5.36 -0.43
CA CYS E 44 -34.58 -5.01 -0.93
C CYS E 44 -35.55 -4.84 0.24
N SER E 45 -35.45 -5.71 1.26
CA SER E 45 -36.23 -5.62 2.52
C SER E 45 -35.89 -4.31 3.24
N GLY E 46 -34.60 -4.01 3.39
CA GLY E 46 -34.09 -2.77 4.01
C GLY E 46 -34.59 -1.53 3.29
N ILE E 47 -34.61 -1.58 1.95
CA ILE E 47 -35.09 -0.47 1.06
C ILE E 47 -36.58 -0.24 1.30
N LEU E 48 -37.37 -1.33 1.33
CA LEU E 48 -38.84 -1.26 1.54
C LEU E 48 -39.13 -0.78 2.96
N LYS E 49 -38.33 -1.20 3.94
CA LYS E 49 -38.46 -0.76 5.35
C LYS E 49 -38.23 0.75 5.42
N GLU E 50 -37.16 1.23 4.76
CA GLU E 50 -36.82 2.67 4.68
C GLU E 50 -38.02 3.42 4.09
N MET E 51 -38.61 2.91 3.00
CA MET E 51 -39.74 3.56 2.30
C MET E 51 -40.97 3.65 3.23
N PHE E 52 -41.06 2.76 4.23
CA PHE E 52 -42.16 2.71 5.23
C PHE E 52 -41.85 3.61 6.44
N ALA E 53 -40.59 4.03 6.62
CA ALA E 53 -40.08 4.73 7.82
C ALA E 53 -40.75 6.09 7.97
N LYS E 54 -40.69 6.66 9.18
CA LYS E 54 -41.45 7.86 9.61
C LYS E 54 -41.02 9.09 8.80
N LYS E 55 -39.72 9.20 8.48
CA LYS E 55 -39.12 10.40 7.83
C LYS E 55 -39.72 10.62 6.44
N HIS E 56 -40.31 9.59 5.82
CA HIS E 56 -40.91 9.67 4.45
C HIS E 56 -42.44 9.64 4.50
N ALA E 57 -43.03 9.55 5.70
CA ALA E 57 -44.46 9.22 5.92
C ALA E 57 -45.38 10.26 5.24
N ALA E 58 -44.94 11.52 5.16
CA ALA E 58 -45.76 12.65 4.64
C ALA E 58 -46.06 12.46 3.15
N TYR E 59 -45.19 11.77 2.40
CA TYR E 59 -45.35 11.56 0.94
C TYR E 59 -45.42 10.06 0.57
N ALA E 60 -45.07 9.14 1.49
CA ALA E 60 -45.04 7.67 1.23
C ALA E 60 -46.44 7.06 1.38
N TRP E 61 -47.28 7.64 2.25
CA TRP E 61 -48.56 7.03 2.72
C TRP E 61 -49.47 6.61 1.56
N PRO E 62 -49.52 7.34 0.42
CA PRO E 62 -50.45 6.96 -0.66
C PRO E 62 -50.13 5.59 -1.29
N PHE E 63 -48.95 5.03 -1.00
CA PHE E 63 -48.41 3.79 -1.61
C PHE E 63 -48.30 2.65 -0.58
N TYR E 64 -48.66 2.91 0.68
CA TYR E 64 -48.61 1.92 1.80
C TYR E 64 -49.52 0.73 1.48
N LYS E 65 -50.73 1.01 0.96
CA LYS E 65 -51.80 0.00 0.73
C LYS E 65 -52.43 0.24 -0.63
N PRO E 66 -53.14 -0.75 -1.20
CA PRO E 66 -53.82 -0.57 -2.48
C PRO E 66 -54.68 0.71 -2.46
N VAL E 67 -54.72 1.43 -3.58
CA VAL E 67 -55.63 2.60 -3.78
C VAL E 67 -57.04 2.12 -3.44
N ASP E 68 -57.70 2.77 -2.47
CA ASP E 68 -59.09 2.46 -2.06
C ASP E 68 -60.05 3.04 -3.11
N VAL E 69 -60.15 2.38 -4.27
CA VAL E 69 -60.91 2.86 -5.46
C VAL E 69 -62.41 2.91 -5.12
N GLU E 70 -62.88 2.05 -4.20
CA GLU E 70 -64.28 2.03 -3.73
C GLU E 70 -64.62 3.37 -3.06
N ALA E 71 -63.89 3.73 -2.01
CA ALA E 71 -64.12 4.92 -1.17
C ALA E 71 -63.93 6.21 -1.99
N LEU E 72 -62.92 6.22 -2.89
CA LEU E 72 -62.55 7.41 -3.71
C LEU E 72 -63.46 7.55 -4.92
N GLY E 73 -64.27 6.53 -5.22
CA GLY E 73 -65.20 6.53 -6.36
C GLY E 73 -64.48 6.53 -7.70
N LEU E 74 -63.29 5.92 -7.76
CA LEU E 74 -62.50 5.78 -9.02
C LEU E 74 -63.00 4.54 -9.77
N HIS E 75 -64.12 4.67 -10.47
CA HIS E 75 -64.87 3.56 -11.12
C HIS E 75 -64.08 2.99 -12.30
N ASP E 76 -63.17 3.79 -12.89
CA ASP E 76 -62.42 3.45 -14.12
C ASP E 76 -60.99 3.00 -13.78
N TYR E 77 -60.58 3.01 -12.51
CA TYR E 77 -59.17 2.76 -12.10
C TYR E 77 -58.73 1.36 -12.54
N CYS E 78 -59.54 0.34 -12.25
CA CYS E 78 -59.21 -1.09 -12.51
C CYS E 78 -59.24 -1.38 -14.02
N ASP E 79 -60.00 -0.59 -14.81
CA ASP E 79 -60.03 -0.68 -16.29
C ASP E 79 -58.71 -0.18 -16.89
N ILE E 80 -58.14 0.88 -16.32
CA ILE E 80 -56.92 1.57 -16.85
C ILE E 80 -55.67 0.93 -16.26
N ILE E 81 -55.69 0.59 -14.96
CA ILE E 81 -54.57 -0.07 -14.23
C ILE E 81 -54.86 -1.57 -14.13
N LYS E 82 -54.20 -2.36 -14.98
CA LYS E 82 -54.42 -3.82 -15.14
C LYS E 82 -53.78 -4.56 -13.97
N HIS E 83 -52.61 -4.11 -13.50
CA HIS E 83 -51.82 -4.75 -12.42
C HIS E 83 -51.58 -3.75 -11.30
N PRO E 84 -52.57 -3.52 -10.40
CA PRO E 84 -52.36 -2.67 -9.22
C PRO E 84 -51.18 -3.20 -8.41
N MET E 85 -50.46 -2.30 -7.75
CA MET E 85 -49.29 -2.64 -6.89
C MET E 85 -49.15 -1.55 -5.82
N ASP E 86 -48.57 -1.94 -4.68
CA ASP E 86 -48.45 -1.10 -3.46
C ASP E 86 -47.39 -1.76 -2.56
N MET E 87 -46.93 -1.04 -1.54
CA MET E 87 -45.77 -1.46 -0.71
C MET E 87 -46.14 -2.63 0.20
N SER E 88 -47.42 -2.79 0.55
CA SER E 88 -47.92 -3.89 1.41
C SER E 88 -47.88 -5.21 0.62
N THR E 89 -48.41 -5.20 -0.60
CA THR E 89 -48.37 -6.33 -1.56
C THR E 89 -46.91 -6.75 -1.79
N ILE E 90 -46.00 -5.78 -1.97
CA ILE E 90 -44.54 -6.02 -2.21
C ILE E 90 -43.94 -6.67 -0.96
N LYS E 91 -44.34 -6.23 0.23
CA LYS E 91 -43.86 -6.75 1.54
C LYS E 91 -44.28 -8.22 1.68
N SER E 92 -45.54 -8.53 1.39
CA SER E 92 -46.10 -9.92 1.39
C SER E 92 -45.26 -10.81 0.46
N LYS E 93 -45.07 -10.37 -0.79
CA LYS E 93 -44.33 -11.13 -1.84
C LYS E 93 -42.88 -11.34 -1.40
N LEU E 94 -42.30 -10.38 -0.69
CA LEU E 94 -40.88 -10.42 -0.24
C LEU E 94 -40.74 -11.41 0.92
N GLU E 95 -41.70 -11.42 1.86
CA GLU E 95 -41.71 -12.33 3.04
C GLU E 95 -42.02 -13.76 2.60
N ALA E 96 -42.81 -13.93 1.53
CA ALA E 96 -43.16 -15.24 0.93
C ALA E 96 -42.09 -15.66 -0.11
N ARG E 97 -41.01 -14.88 -0.23
CA ARG E 97 -39.82 -15.15 -1.10
C ARG E 97 -40.29 -15.45 -2.52
N GLU E 98 -41.20 -14.62 -3.05
CA GLU E 98 -41.76 -14.72 -4.42
C GLU E 98 -40.95 -13.86 -5.41
N TYR E 99 -39.89 -13.19 -4.94
CA TYR E 99 -38.92 -12.45 -5.79
C TYR E 99 -37.65 -13.29 -5.93
N ARG E 100 -37.29 -13.66 -7.16
CA ARG E 100 -36.10 -14.51 -7.48
C ARG E 100 -34.82 -13.68 -7.32
N ASP E 101 -34.88 -12.38 -7.60
CA ASP E 101 -33.73 -11.45 -7.54
C ASP E 101 -34.24 -10.02 -7.29
N ALA E 102 -33.31 -9.09 -7.03
CA ALA E 102 -33.57 -7.66 -6.79
C ALA E 102 -34.35 -7.05 -7.97
N GLN E 103 -34.03 -7.47 -9.20
CA GLN E 103 -34.60 -6.92 -10.46
C GLN E 103 -36.12 -7.14 -10.47
N GLU E 104 -36.60 -8.27 -9.95
CA GLU E 104 -38.05 -8.62 -9.93
C GLU E 104 -38.76 -7.75 -8.87
N PHE E 105 -38.13 -7.54 -7.72
CA PHE E 105 -38.56 -6.60 -6.65
C PHE E 105 -38.65 -5.19 -7.27
N GLY E 106 -37.56 -4.76 -7.92
CA GLY E 106 -37.46 -3.48 -8.62
C GLY E 106 -38.62 -3.24 -9.57
N ALA E 107 -38.97 -4.25 -10.39
CA ALA E 107 -40.03 -4.15 -11.42
C ALA E 107 -41.38 -3.85 -10.77
N ASP E 108 -41.63 -4.40 -9.57
CA ASP E 108 -42.90 -4.19 -8.82
C ASP E 108 -42.92 -2.76 -8.24
N VAL E 109 -41.80 -2.30 -7.64
CA VAL E 109 -41.68 -0.91 -7.12
C VAL E 109 -41.97 0.07 -8.27
N ARG E 110 -41.39 -0.17 -9.45
CA ARG E 110 -41.52 0.71 -10.64
C ARG E 110 -42.92 0.59 -11.24
N LEU E 111 -43.55 -0.58 -11.15
CA LEU E 111 -44.96 -0.80 -11.57
C LEU E 111 -45.87 0.09 -10.71
N MET E 112 -45.65 0.08 -9.39
CA MET E 112 -46.41 0.90 -8.40
C MET E 112 -46.40 2.37 -8.85
N PHE E 113 -45.21 2.91 -9.15
CA PHE E 113 -44.99 4.31 -9.57
C PHE E 113 -45.60 4.54 -10.96
N SER E 114 -45.35 3.65 -11.92
CA SER E 114 -45.88 3.74 -13.31
C SER E 114 -47.41 3.81 -13.30
N ASN E 115 -48.05 2.99 -12.48
CA ASN E 115 -49.53 2.98 -12.30
C ASN E 115 -49.99 4.39 -11.91
N CYS E 116 -49.30 5.00 -10.95
CA CYS E 116 -49.59 6.37 -10.45
C CYS E 116 -49.41 7.39 -11.57
N TYR E 117 -48.27 7.35 -12.27
CA TYR E 117 -47.93 8.28 -13.38
C TYR E 117 -48.90 8.08 -14.55
N LYS E 118 -49.40 6.86 -14.75
CA LYS E 118 -50.30 6.51 -15.89
C LYS E 118 -51.70 7.11 -15.64
N TYR E 119 -52.24 6.92 -14.44
CA TYR E 119 -53.66 7.23 -14.11
C TYR E 119 -53.86 8.74 -13.92
N ASN E 120 -52.86 9.44 -13.39
CA ASN E 120 -52.97 10.81 -12.86
C ASN E 120 -52.30 11.83 -13.78
N PRO E 121 -52.80 13.09 -13.82
CA PRO E 121 -52.11 14.16 -14.54
C PRO E 121 -50.85 14.57 -13.79
N PRO E 122 -49.85 15.17 -14.48
CA PRO E 122 -48.57 15.51 -13.85
C PRO E 122 -48.65 16.59 -12.75
N ASP E 123 -49.74 17.36 -12.69
CA ASP E 123 -49.94 18.45 -11.69
C ASP E 123 -50.49 17.88 -10.38
N HIS E 124 -51.05 16.66 -10.38
CA HIS E 124 -51.73 16.03 -9.22
C HIS E 124 -50.73 15.83 -8.08
N GLU E 125 -51.19 16.02 -6.83
CA GLU E 125 -50.36 16.02 -5.61
CA GLU E 125 -50.36 16.02 -5.61
C GLU E 125 -49.71 14.63 -5.44
N VAL E 126 -50.44 13.57 -5.81
CA VAL E 126 -49.97 12.15 -5.64
C VAL E 126 -48.74 11.91 -6.54
N VAL E 127 -48.70 12.54 -7.72
CA VAL E 127 -47.55 12.42 -8.67
C VAL E 127 -46.31 13.04 -8.03
N ALA E 128 -46.46 14.21 -7.39
CA ALA E 128 -45.36 14.90 -6.68
C ALA E 128 -44.84 14.01 -5.55
N MET E 129 -45.74 13.33 -4.85
CA MET E 129 -45.42 12.40 -3.72
C MET E 129 -44.72 11.15 -4.27
N ALA E 130 -45.27 10.55 -5.32
CA ALA E 130 -44.66 9.40 -6.05
C ALA E 130 -43.18 9.69 -6.34
N ARG E 131 -42.90 10.84 -6.96
CA ARG E 131 -41.54 11.25 -7.41
C ARG E 131 -40.61 11.34 -6.21
N LYS E 132 -41.05 11.96 -5.11
CA LYS E 132 -40.23 12.11 -3.88
C LYS E 132 -39.91 10.72 -3.31
N LEU E 133 -40.88 9.79 -3.30
CA LEU E 133 -40.65 8.42 -2.78
C LEU E 133 -39.79 7.62 -3.78
N GLN E 134 -40.04 7.76 -5.08
CA GLN E 134 -39.25 7.06 -6.13
C GLN E 134 -37.78 7.47 -6.01
N ASP E 135 -37.50 8.75 -5.75
CA ASP E 135 -36.11 9.26 -5.58
C ASP E 135 -35.43 8.51 -4.43
N VAL E 136 -36.16 8.26 -3.34
CA VAL E 136 -35.63 7.49 -2.16
C VAL E 136 -35.28 6.07 -2.62
N PHE E 137 -36.19 5.42 -3.36
CA PHE E 137 -36.02 4.04 -3.87
C PHE E 137 -34.82 3.98 -4.82
N GLU E 138 -34.80 4.83 -5.84
CA GLU E 138 -33.81 4.79 -6.96
C GLU E 138 -32.39 4.93 -6.40
N MET E 139 -32.17 5.84 -5.44
CA MET E 139 -30.82 6.08 -4.84
C MET E 139 -30.36 4.82 -4.09
N ARG E 140 -31.21 4.27 -3.22
CA ARG E 140 -30.89 3.06 -2.42
C ARG E 140 -30.69 1.86 -3.36
N PHE E 141 -31.57 1.70 -4.35
CA PHE E 141 -31.55 0.58 -5.34
C PHE E 141 -30.24 0.62 -6.15
N ALA E 142 -29.83 1.82 -6.57
CA ALA E 142 -28.60 2.05 -7.39
C ALA E 142 -27.34 1.75 -6.56
N LYS E 143 -27.36 2.06 -5.26
CA LYS E 143 -26.16 1.98 -4.36
C LYS E 143 -26.09 0.62 -3.66
N MET E 144 -26.97 -0.32 -4.05
CA MET E 144 -27.00 -1.73 -3.56
C MET E 144 -25.68 -2.42 -3.91
N PRO E 145 -25.01 -3.08 -2.94
CA PRO E 145 -23.85 -3.93 -3.25
C PRO E 145 -24.27 -5.26 -3.89
N LYS F 36 -49.76 -3.56 -30.77
CA LYS F 36 -48.67 -4.36 -31.42
C LYS F 36 -47.31 -3.93 -30.86
N VAL F 37 -46.32 -4.82 -30.93
CA VAL F 37 -44.95 -4.63 -30.33
C VAL F 37 -44.24 -3.49 -31.05
N SER F 38 -44.44 -3.35 -32.37
CA SER F 38 -43.75 -2.35 -33.24
C SER F 38 -44.43 -0.98 -33.13
N GLU F 39 -45.59 -0.91 -32.44
CA GLU F 39 -46.31 0.37 -32.16
C GLU F 39 -45.69 1.00 -30.90
N GLN F 40 -45.39 0.17 -29.89
CA GLN F 40 -44.77 0.59 -28.61
C GLN F 40 -43.30 0.99 -28.84
N LEU F 41 -42.61 0.33 -29.79
CA LEU F 41 -41.20 0.68 -30.14
C LEU F 41 -41.18 2.01 -30.90
N LYS F 42 -42.26 2.34 -31.62
CA LYS F 42 -42.42 3.64 -32.31
C LYS F 42 -42.59 4.75 -31.25
N CYS F 43 -43.33 4.46 -30.17
CA CYS F 43 -43.54 5.38 -29.02
C CYS F 43 -42.22 5.62 -28.29
N CYS F 44 -41.41 4.57 -28.11
CA CYS F 44 -40.08 4.63 -27.45
C CYS F 44 -39.16 5.61 -28.21
N SER F 45 -39.25 5.62 -29.54
CA SER F 45 -38.52 6.58 -30.42
C SER F 45 -38.99 8.01 -30.12
N GLY F 46 -40.31 8.21 -30.08
CA GLY F 46 -40.95 9.51 -29.75
C GLY F 46 -40.54 10.01 -28.37
N ILE F 47 -40.46 9.11 -27.39
CA ILE F 47 -40.04 9.40 -25.98
C ILE F 47 -38.59 9.85 -25.98
N LEU F 48 -37.71 9.13 -26.68
CA LEU F 48 -36.26 9.45 -26.74
C LEU F 48 -36.07 10.77 -27.49
N LYS F 49 -36.86 11.02 -28.54
CA LYS F 49 -36.82 12.29 -29.31
C LYS F 49 -37.19 13.44 -28.37
N GLU F 50 -38.27 13.28 -27.59
CA GLU F 50 -38.74 14.27 -26.59
C GLU F 50 -37.59 14.56 -25.62
N MET F 51 -36.92 13.52 -25.11
CA MET F 51 -35.82 13.64 -24.12
C MET F 51 -34.65 14.43 -24.72
N PHE F 52 -34.52 14.44 -26.06
CA PHE F 52 -33.45 15.17 -26.82
C PHE F 52 -33.89 16.61 -27.15
N ALA F 53 -35.19 16.91 -27.06
CA ALA F 53 -35.81 18.18 -27.51
C ALA F 53 -35.27 19.37 -26.69
N LYS F 54 -35.43 20.57 -27.23
CA LYS F 54 -34.79 21.83 -26.75
C LYS F 54 -35.29 22.17 -25.34
N LYS F 55 -36.58 21.96 -25.08
CA LYS F 55 -37.25 22.37 -23.81
C LYS F 55 -36.62 21.67 -22.60
N HIS F 56 -35.93 20.54 -22.78
CA HIS F 56 -35.29 19.74 -21.69
C HIS F 56 -33.76 19.89 -21.71
N ALA F 57 -33.21 20.66 -22.65
CA ALA F 57 -31.76 20.69 -22.98
C ALA F 57 -30.93 21.12 -21.76
N ALA F 58 -31.48 21.97 -20.89
CA ALA F 58 -30.75 22.56 -19.73
C ALA F 58 -30.38 21.46 -18.72
N TYR F 59 -31.16 20.38 -18.63
CA TYR F 59 -30.92 19.26 -17.67
C TYR F 59 -30.70 17.91 -18.37
N ALA F 60 -30.99 17.79 -19.67
CA ALA F 60 -30.88 16.53 -20.44
C ALA F 60 -29.44 16.30 -20.91
N TRP F 61 -28.68 17.37 -21.16
CA TRP F 61 -27.38 17.34 -21.88
C TRP F 61 -26.39 16.36 -21.24
N PRO F 62 -26.37 16.14 -19.90
CA PRO F 62 -25.37 15.25 -19.31
C PRO F 62 -25.54 13.78 -19.74
N PHE F 63 -26.67 13.44 -20.37
CA PHE F 63 -27.07 12.06 -20.74
C PHE F 63 -27.12 11.87 -22.26
N TYR F 64 -26.83 12.92 -23.03
CA TYR F 64 -26.82 12.91 -24.52
C TYR F 64 -25.80 11.89 -25.04
N LYS F 65 -24.61 11.87 -24.43
CA LYS F 65 -23.44 11.07 -24.88
C LYS F 65 -22.79 10.42 -23.66
N PRO F 66 -21.97 9.36 -23.87
CA PRO F 66 -21.27 8.73 -22.75
C PRO F 66 -20.55 9.79 -21.89
N VAL F 67 -20.53 9.59 -20.57
CA VAL F 67 -19.71 10.42 -19.64
C VAL F 67 -18.27 10.42 -20.18
N ASP F 68 -17.72 11.60 -20.46
CA ASP F 68 -16.32 11.77 -20.92
C ASP F 68 -15.38 11.61 -19.73
N VAL F 69 -15.17 10.37 -19.28
CA VAL F 69 -14.41 10.00 -18.05
C VAL F 69 -12.94 10.38 -18.23
N GLU F 70 -12.43 10.39 -19.47
CA GLU F 70 -11.04 10.80 -19.80
C GLU F 70 -10.85 12.28 -19.41
N ALA F 71 -11.66 13.17 -20.00
CA ALA F 71 -11.56 14.65 -19.85
C ALA F 71 -11.84 15.04 -18.39
N LEU F 72 -12.80 14.39 -17.73
CA LEU F 72 -13.25 14.72 -16.35
C LEU F 72 -12.30 14.10 -15.30
N GLY F 73 -11.39 13.22 -15.73
CA GLY F 73 -10.43 12.54 -14.83
C GLY F 73 -11.10 11.61 -13.85
N LEU F 74 -12.23 11.00 -14.23
CA LEU F 74 -12.97 10.00 -13.41
C LEU F 74 -12.34 8.62 -13.63
N HIS F 75 -11.20 8.37 -12.99
CA HIS F 75 -10.34 7.17 -13.21
C HIS F 75 -11.04 5.91 -12.72
N ASP F 76 -11.98 6.03 -11.78
CA ASP F 76 -12.66 4.91 -11.08
C ASP F 76 -14.05 4.65 -11.68
N TYR F 77 -14.51 5.46 -12.64
CA TYR F 77 -15.90 5.41 -13.16
C TYR F 77 -16.20 4.03 -13.76
N CYS F 78 -15.31 3.53 -14.62
CA CYS F 78 -15.51 2.26 -15.37
C CYS F 78 -15.39 1.06 -14.42
N ASP F 79 -14.69 1.21 -13.28
CA ASP F 79 -14.58 0.17 -12.23
C ASP F 79 -15.92 0.03 -11.49
N ILE F 80 -16.61 1.15 -11.23
CA ILE F 80 -17.86 1.20 -10.41
C ILE F 80 -19.08 1.00 -11.33
N ILE F 81 -19.06 1.59 -12.52
CA ILE F 81 -20.15 1.48 -13.54
C ILE F 81 -19.74 0.44 -14.59
N LYS F 82 -20.29 -0.78 -14.48
CA LYS F 82 -19.93 -1.95 -15.31
C LYS F 82 -20.54 -1.81 -16.71
N HIS F 83 -21.75 -1.26 -16.80
CA HIS F 83 -22.52 -1.11 -18.08
C HIS F 83 -22.89 0.35 -18.27
N PRO F 84 -21.96 1.20 -18.76
CA PRO F 84 -22.28 2.59 -19.10
C PRO F 84 -23.44 2.63 -20.11
N MET F 85 -24.27 3.66 -20.03
CA MET F 85 -25.43 3.87 -20.93
C MET F 85 -25.71 5.36 -21.04
N ASP F 86 -26.30 5.77 -22.16
CA ASP F 86 -26.54 7.18 -22.55
C ASP F 86 -27.55 7.19 -23.68
N MET F 87 -28.12 8.34 -24.00
CA MET F 87 -29.27 8.48 -24.93
C MET F 87 -28.82 8.23 -26.39
N SER F 88 -27.53 8.46 -26.71
CA SER F 88 -26.97 8.23 -28.06
C SER F 88 -26.86 6.73 -28.34
N THR F 89 -26.29 5.98 -27.39
CA THR F 89 -26.20 4.51 -27.41
C THR F 89 -27.61 3.90 -27.55
N ILE F 90 -28.60 4.43 -26.81
CA ILE F 90 -30.01 3.96 -26.84
C ILE F 90 -30.60 4.23 -28.23
N LYS F 91 -30.28 5.38 -28.82
CA LYS F 91 -30.77 5.80 -30.16
C LYS F 91 -30.21 4.84 -31.23
N SER F 92 -28.92 4.51 -31.17
CA SER F 92 -28.24 3.53 -32.06
C SER F 92 -28.96 2.17 -31.96
N LYS F 93 -29.14 1.67 -30.74
CA LYS F 93 -29.78 0.35 -30.47
C LYS F 93 -31.22 0.34 -30.99
N LEU F 94 -31.91 1.47 -30.92
CA LEU F 94 -33.33 1.61 -31.33
C LEU F 94 -33.42 1.61 -32.87
N GLU F 95 -32.50 2.31 -33.54
CA GLU F 95 -32.44 2.40 -35.03
C GLU F 95 -31.98 1.07 -35.63
N ALA F 96 -31.14 0.31 -34.90
CA ALA F 96 -30.66 -1.04 -35.29
C ALA F 96 -31.65 -2.12 -34.82
N ARG F 97 -32.79 -1.71 -34.26
CA ARG F 97 -33.92 -2.59 -33.82
C ARG F 97 -33.39 -3.71 -32.91
N GLU F 98 -32.53 -3.34 -31.95
CA GLU F 98 -31.93 -4.28 -30.96
C GLU F 98 -32.77 -4.36 -29.68
N TYR F 99 -33.90 -3.64 -29.62
CA TYR F 99 -34.90 -3.73 -28.53
C TYR F 99 -36.09 -4.57 -29.03
N ARG F 100 -36.38 -5.69 -28.36
CA ARG F 100 -37.47 -6.63 -28.71
C ARG F 100 -38.82 -6.03 -28.33
N ASP F 101 -38.86 -5.23 -27.26
CA ASP F 101 -40.11 -4.59 -26.74
C ASP F 101 -39.74 -3.32 -25.97
N ALA F 102 -40.75 -2.54 -25.58
CA ALA F 102 -40.63 -1.28 -24.81
C ALA F 102 -39.87 -1.52 -23.49
N GLN F 103 -40.10 -2.68 -22.85
CA GLN F 103 -39.54 -3.04 -21.53
C GLN F 103 -38.01 -3.07 -21.62
N GLU F 104 -37.44 -3.53 -22.73
CA GLU F 104 -35.98 -3.64 -22.94
C GLU F 104 -35.39 -2.24 -23.14
N PHE F 105 -36.07 -1.39 -23.90
CA PHE F 105 -35.76 0.07 -24.06
C PHE F 105 -35.78 0.73 -22.67
N GLY F 106 -36.88 0.53 -21.94
CA GLY F 106 -37.07 1.02 -20.56
C GLY F 106 -35.90 0.67 -19.65
N ALA F 107 -35.44 -0.58 -19.68
CA ALA F 107 -34.35 -1.10 -18.82
C ALA F 107 -33.06 -0.31 -19.06
N ASP F 108 -32.80 0.07 -20.31
CA ASP F 108 -31.58 0.85 -20.71
C ASP F 108 -31.72 2.30 -20.20
N VAL F 109 -32.88 2.92 -20.39
CA VAL F 109 -33.16 4.30 -19.87
C VAL F 109 -32.92 4.31 -18.36
N ARG F 110 -33.42 3.30 -17.64
CA ARG F 110 -33.34 3.20 -16.16
C ARG F 110 -31.91 2.86 -15.75
N LEU F 111 -31.18 2.09 -16.56
CA LEU F 111 -29.74 1.78 -16.34
C LEU F 111 -28.95 3.09 -16.37
N MET F 112 -29.21 3.93 -17.39
CA MET F 112 -28.57 5.26 -17.58
C MET F 112 -28.70 6.07 -16.27
N PHE F 113 -29.92 6.16 -15.74
CA PHE F 113 -30.25 6.92 -14.50
C PHE F 113 -29.60 6.24 -13.28
N SER F 114 -29.74 4.91 -13.15
CA SER F 114 -29.18 4.12 -12.02
C SER F 114 -27.67 4.34 -11.94
N ASN F 115 -26.97 4.30 -13.07
CA ASN F 115 -25.51 4.55 -13.17
C ASN F 115 -25.20 5.91 -12.52
N CYS F 116 -25.97 6.94 -12.87
CA CYS F 116 -25.82 8.32 -12.35
C CYS F 116 -26.06 8.33 -10.83
N TYR F 117 -27.15 7.73 -10.37
CA TYR F 117 -27.55 7.67 -8.93
C TYR F 117 -26.52 6.86 -8.15
N LYS F 118 -25.90 5.85 -8.78
CA LYS F 118 -24.92 4.93 -8.12
C LYS F 118 -23.61 5.66 -7.88
N TYR F 119 -23.09 6.36 -8.89
CA TYR F 119 -21.71 6.93 -8.89
C TYR F 119 -21.66 8.21 -8.03
N ASN F 120 -22.74 8.99 -8.01
CA ASN F 120 -22.77 10.38 -7.51
C ASN F 120 -23.50 10.47 -6.17
N PRO F 121 -23.11 11.43 -5.29
CA PRO F 121 -23.88 11.70 -4.06
C PRO F 121 -25.19 12.38 -4.40
N PRO F 122 -26.22 12.28 -3.52
CA PRO F 122 -27.54 12.84 -3.81
C PRO F 122 -27.60 14.38 -3.93
N ASP F 123 -26.59 15.09 -3.45
CA ASP F 123 -26.53 16.58 -3.47
C ASP F 123 -25.97 17.07 -4.82
N HIS F 124 -25.31 16.20 -5.59
CA HIS F 124 -24.62 16.55 -6.86
C HIS F 124 -25.64 17.06 -7.88
N GLU F 125 -25.23 18.06 -8.68
CA GLU F 125 -26.11 18.78 -9.64
CA GLU F 125 -26.11 18.78 -9.64
C GLU F 125 -26.62 17.80 -10.70
N VAL F 126 -25.80 16.82 -11.10
CA VAL F 126 -26.14 15.83 -12.16
C VAL F 126 -27.31 14.95 -11.69
N VAL F 127 -27.37 14.65 -10.39
CA VAL F 127 -28.47 13.82 -9.79
C VAL F 127 -29.78 14.61 -9.90
N ALA F 128 -29.77 15.90 -9.61
CA ALA F 128 -30.95 16.79 -9.72
C ALA F 128 -31.42 16.81 -11.18
N MET F 129 -30.49 16.84 -12.13
CA MET F 129 -30.76 16.85 -13.59
C MET F 129 -31.32 15.49 -14.03
N ALA F 130 -30.69 14.40 -13.61
CA ALA F 130 -31.16 13.01 -13.83
C ALA F 130 -32.65 12.90 -13.48
N ARG F 131 -33.01 13.33 -12.25
CA ARG F 131 -34.38 13.22 -11.70
C ARG F 131 -35.37 13.99 -12.57
N LYS F 132 -35.02 15.21 -12.98
CA LYS F 132 -35.89 16.06 -13.84
C LYS F 132 -36.11 15.36 -15.19
N LEU F 133 -35.07 14.77 -15.78
CA LEU F 133 -35.17 14.05 -17.08
C LEU F 133 -35.93 12.73 -16.87
N GLN F 134 -35.64 11.99 -15.80
CA GLN F 134 -36.33 10.71 -15.49
C GLN F 134 -37.84 10.95 -15.35
N ASP F 135 -38.25 12.06 -14.72
CA ASP F 135 -39.68 12.42 -14.55
C ASP F 135 -40.32 12.56 -15.93
N VAL F 136 -39.62 13.16 -16.90
CA VAL F 136 -40.11 13.31 -18.31
C VAL F 136 -40.32 11.91 -18.91
N PHE F 137 -39.32 11.03 -18.75
CA PHE F 137 -39.35 9.63 -19.26
C PHE F 137 -40.51 8.85 -18.64
N GLU F 138 -40.57 8.81 -17.31
CA GLU F 138 -41.51 7.97 -16.53
C GLU F 138 -42.97 8.31 -16.91
N MET F 139 -43.29 9.60 -17.05
CA MET F 139 -44.67 10.06 -17.38
C MET F 139 -45.05 9.57 -18.79
N ARG F 140 -44.17 9.79 -19.78
CA ARG F 140 -44.42 9.38 -21.19
C ARG F 140 -44.48 7.85 -21.26
N PHE F 141 -43.55 7.15 -20.59
CA PHE F 141 -43.44 5.67 -20.59
C PHE F 141 -44.72 5.06 -20.00
N ALA F 142 -45.23 5.63 -18.91
CA ALA F 142 -46.43 5.17 -18.20
C ALA F 142 -47.69 5.37 -19.05
N LYS F 143 -47.75 6.47 -19.82
CA LYS F 143 -48.96 6.90 -20.59
C LYS F 143 -48.92 6.33 -22.01
N MET F 144 -47.96 5.46 -22.32
CA MET F 144 -47.85 4.69 -23.59
C MET F 144 -49.08 3.81 -23.76
N PRO F 145 -49.78 3.86 -24.91
CA PRO F 145 -50.86 2.92 -25.22
C PRO F 145 -50.45 1.43 -25.08
N ASP F 146 -51.41 0.58 -24.71
CA ASP F 146 -51.20 -0.73 -24.02
C ASP F 146 -49.73 -0.92 -23.65
N LYS G 36 -18.64 54.91 -35.03
CA LYS G 36 -18.82 53.52 -34.51
C LYS G 36 -17.75 53.21 -33.46
N VAL G 37 -16.49 53.58 -33.71
CA VAL G 37 -15.35 53.44 -32.75
C VAL G 37 -15.61 54.34 -31.53
N SER G 38 -16.20 55.52 -31.74
CA SER G 38 -16.43 56.55 -30.70
C SER G 38 -17.69 56.23 -29.88
N GLU G 39 -18.46 55.20 -30.30
CA GLU G 39 -19.64 54.68 -29.55
C GLU G 39 -19.15 53.69 -28.50
N GLN G 40 -18.19 52.84 -28.86
CA GLN G 40 -17.57 51.84 -27.96
C GLN G 40 -16.69 52.54 -26.90
N LEU G 41 -16.04 53.65 -27.26
CA LEU G 41 -15.22 54.44 -26.31
C LEU G 41 -16.14 55.16 -25.31
N LYS G 42 -17.37 55.49 -25.73
CA LYS G 42 -18.41 56.08 -24.83
C LYS G 42 -18.85 55.02 -23.82
N CYS G 43 -18.98 53.76 -24.24
CA CYS G 43 -19.33 52.59 -23.39
C CYS G 43 -18.22 52.34 -22.37
N CYS G 44 -16.96 52.43 -22.79
CA CYS G 44 -15.75 52.25 -21.94
C CYS G 44 -15.78 53.25 -20.78
N SER G 45 -16.21 54.49 -21.05
CA SER G 45 -16.42 55.56 -20.03
C SER G 45 -17.49 55.12 -19.03
N GLY G 46 -18.63 54.63 -19.53
CA GLY G 46 -19.75 54.10 -18.72
C GLY G 46 -19.32 52.94 -17.85
N ILE G 47 -18.50 52.05 -18.39
CA ILE G 47 -17.94 50.85 -17.68
C ILE G 47 -17.05 51.33 -16.53
N LEU G 48 -16.15 52.28 -16.80
CA LEU G 48 -15.20 52.82 -15.80
C LEU G 48 -15.98 53.59 -14.74
N LYS G 49 -17.03 54.32 -15.12
CA LYS G 49 -17.92 55.06 -14.19
C LYS G 49 -18.57 54.04 -13.24
N GLU G 50 -19.12 52.96 -13.80
CA GLU G 50 -19.75 51.85 -13.02
C GLU G 50 -18.74 51.31 -12.01
N MET G 51 -17.50 51.06 -12.44
CA MET G 51 -16.42 50.49 -11.58
C MET G 51 -16.10 51.46 -10.43
N PHE G 52 -16.36 52.77 -10.60
CA PHE G 52 -16.14 53.84 -9.59
C PHE G 52 -17.37 54.00 -8.67
N ALA G 53 -18.53 53.47 -9.07
CA ALA G 53 -19.84 53.70 -8.41
C ALA G 53 -19.84 53.12 -6.99
N LYS G 54 -20.79 53.59 -6.16
CA LYS G 54 -20.82 53.34 -4.69
C LYS G 54 -21.03 51.85 -4.39
N LYS G 55 -21.84 51.16 -5.20
CA LYS G 55 -22.25 49.75 -4.95
C LYS G 55 -21.03 48.81 -5.00
N HIS G 56 -19.91 49.23 -5.62
CA HIS G 56 -18.67 48.40 -5.76
C HIS G 56 -17.55 48.93 -4.84
N ALA G 57 -17.80 50.01 -4.10
CA ALA G 57 -16.77 50.80 -3.37
C ALA G 57 -16.00 49.93 -2.38
N ALA G 58 -16.66 48.93 -1.77
CA ALA G 58 -16.08 48.08 -0.71
C ALA G 58 -14.91 47.24 -1.24
N TYR G 59 -14.90 46.90 -2.53
CA TYR G 59 -13.84 46.07 -3.17
C TYR G 59 -13.12 46.80 -4.31
N ALA G 60 -13.65 47.94 -4.81
CA ALA G 60 -13.08 48.69 -5.94
C ALA G 60 -11.95 49.62 -5.48
N TRP G 61 -12.02 50.11 -4.24
CA TRP G 61 -11.17 51.22 -3.72
C TRP G 61 -9.67 50.94 -3.92
N PRO G 62 -9.16 49.69 -3.83
CA PRO G 62 -7.72 49.47 -3.96
C PRO G 62 -7.16 49.82 -5.35
N PHE G 63 -8.04 50.04 -6.34
CA PHE G 63 -7.70 50.24 -7.78
C PHE G 63 -8.06 51.66 -8.24
N TYR G 64 -8.64 52.48 -7.35
CA TYR G 64 -9.05 53.89 -7.63
C TYR G 64 -7.82 54.71 -8.04
N LYS G 65 -6.70 54.54 -7.33
CA LYS G 65 -5.46 55.35 -7.48
C LYS G 65 -4.25 54.42 -7.47
N PRO G 66 -3.08 54.88 -7.96
CA PRO G 66 -1.87 54.05 -7.92
C PRO G 66 -1.65 53.49 -6.51
N VAL G 67 -1.16 52.25 -6.43
CA VAL G 67 -0.70 51.64 -5.14
C VAL G 67 0.28 52.63 -4.51
N ASP G 68 0.01 53.08 -3.28
CA ASP G 68 0.89 54.00 -2.52
C ASP G 68 2.07 53.19 -1.95
N VAL G 69 3.02 52.83 -2.82
CA VAL G 69 4.18 51.94 -2.49
C VAL G 69 5.09 52.59 -1.46
N GLU G 70 5.12 53.93 -1.43
CA GLU G 70 5.90 54.72 -0.42
C GLU G 70 5.36 54.43 0.98
N ALA G 71 4.08 54.70 1.21
CA ALA G 71 3.40 54.59 2.52
C ALA G 71 3.38 53.13 3.00
N LEU G 72 3.17 52.18 2.07
CA LEU G 72 3.02 50.73 2.36
C LEU G 72 4.39 50.07 2.52
N GLY G 73 5.48 50.77 2.16
CA GLY G 73 6.86 50.26 2.26
C GLY G 73 7.12 49.10 1.31
N LEU G 74 6.44 49.08 0.16
CA LEU G 74 6.64 48.06 -0.89
C LEU G 74 7.81 48.48 -1.78
N HIS G 75 9.04 48.25 -1.30
CA HIS G 75 10.31 48.74 -1.90
C HIS G 75 10.58 48.01 -3.23
N ASP G 76 10.02 46.81 -3.41
CA ASP G 76 10.28 45.92 -4.57
C ASP G 76 9.15 46.02 -5.61
N TYR G 77 8.09 46.78 -5.35
CA TYR G 77 6.87 46.81 -6.21
C TYR G 77 7.22 47.27 -7.62
N CYS G 78 7.95 48.38 -7.74
CA CYS G 78 8.29 49.02 -9.05
C CYS G 78 9.30 48.15 -9.81
N ASP G 79 10.09 47.32 -9.12
CA ASP G 79 11.04 46.36 -9.74
C ASP G 79 10.27 45.22 -10.41
N ILE G 80 9.18 44.74 -9.78
CA ILE G 80 8.39 43.56 -10.23
C ILE G 80 7.29 44.01 -11.20
N ILE G 81 6.64 45.15 -10.92
CA ILE G 81 5.56 45.75 -11.76
C ILE G 81 6.17 46.87 -12.61
N LYS G 82 6.41 46.58 -13.89
CA LYS G 82 7.11 47.48 -14.84
C LYS G 82 6.17 48.61 -15.28
N HIS G 83 4.88 48.29 -15.47
CA HIS G 83 3.85 49.23 -15.96
C HIS G 83 2.69 49.29 -14.97
N PRO G 84 2.83 50.07 -13.86
CA PRO G 84 1.72 50.27 -12.93
C PRO G 84 0.51 50.84 -13.68
N MET G 85 -0.69 50.49 -13.23
CA MET G 85 -1.97 50.98 -13.82
C MET G 85 -3.04 50.98 -12.74
N ASP G 86 -4.03 51.84 -12.90
CA ASP G 86 -5.12 52.12 -11.91
C ASP G 86 -6.24 52.86 -12.64
N MET G 87 -7.41 52.96 -12.02
CA MET G 87 -8.65 53.46 -12.67
C MET G 87 -8.56 54.97 -12.91
N SER G 88 -7.77 55.70 -12.12
CA SER G 88 -7.58 57.18 -12.27
C SER G 88 -6.75 57.47 -13.52
N THR G 89 -5.62 56.76 -13.67
CA THR G 89 -4.75 56.81 -14.87
C THR G 89 -5.56 56.49 -16.12
N ILE G 90 -6.42 55.46 -16.06
CA ILE G 90 -7.28 55.01 -17.19
C ILE G 90 -8.28 56.13 -17.52
N LYS G 91 -8.84 56.79 -16.50
CA LYS G 91 -9.83 57.89 -16.65
C LYS G 91 -9.16 59.08 -17.36
N SER G 92 -7.95 59.45 -16.94
CA SER G 92 -7.13 60.52 -17.57
C SER G 92 -6.92 60.20 -19.06
N LYS G 93 -6.44 58.99 -19.36
CA LYS G 93 -6.13 58.52 -20.74
C LYS G 93 -7.41 58.53 -21.59
N LEU G 94 -8.56 58.23 -20.98
CA LEU G 94 -9.87 58.14 -21.68
C LEU G 94 -10.37 59.55 -22.01
N GLU G 95 -10.22 60.49 -21.07
CA GLU G 95 -10.65 61.92 -21.23
C GLU G 95 -9.72 62.63 -22.22
N ALA G 96 -8.45 62.25 -22.28
CA ALA G 96 -7.43 62.77 -23.23
C ALA G 96 -7.48 62.01 -24.57
N ARG G 97 -8.45 61.09 -24.71
CA ARG G 97 -8.72 60.31 -25.95
C ARG G 97 -7.43 59.64 -26.45
N GLU G 98 -6.69 59.02 -25.52
CA GLU G 98 -5.42 58.28 -25.81
C GLU G 98 -5.69 56.80 -26.08
N TYR G 99 -6.95 56.37 -26.05
CA TYR G 99 -7.38 55.00 -26.45
C TYR G 99 -8.00 55.07 -27.85
N ARG G 100 -7.42 54.35 -28.81
CA ARG G 100 -7.86 54.32 -30.24
C ARG G 100 -9.15 53.50 -30.36
N ASP G 101 -9.33 52.48 -29.52
CA ASP G 101 -10.51 51.57 -29.53
C ASP G 101 -10.70 50.96 -28.14
N ALA G 102 -11.82 50.26 -27.93
CA ALA G 102 -12.19 49.57 -26.69
C ALA G 102 -11.10 48.58 -26.26
N GLN G 103 -10.47 47.91 -27.22
CA GLN G 103 -9.46 46.84 -27.00
C GLN G 103 -8.26 47.43 -26.25
N GLU G 104 -7.87 48.68 -26.54
CA GLU G 104 -6.70 49.36 -25.91
C GLU G 104 -7.07 49.74 -24.46
N PHE G 105 -8.29 50.23 -24.25
CA PHE G 105 -8.89 50.48 -22.91
C PHE G 105 -8.89 49.17 -22.11
N GLY G 106 -9.43 48.11 -22.72
CA GLY G 106 -9.48 46.74 -22.15
C GLY G 106 -8.12 46.28 -21.67
N ALA G 107 -7.07 46.47 -22.48
CA ALA G 107 -5.69 46.01 -22.19
C ALA G 107 -5.17 46.67 -20.91
N ASP G 108 -5.53 47.94 -20.68
CA ASP G 108 -5.11 48.71 -19.47
C ASP G 108 -5.87 48.19 -18.25
N VAL G 109 -7.18 47.99 -18.35
CA VAL G 109 -8.02 47.41 -17.25
C VAL G 109 -7.41 46.05 -16.85
N ARG G 110 -7.05 45.21 -17.82
CA ARG G 110 -6.52 43.84 -17.59
C ARG G 110 -5.09 43.92 -17.05
N LEU G 111 -4.32 44.94 -17.48
CA LEU G 111 -2.96 45.20 -16.95
C LEU G 111 -3.05 45.50 -15.45
N MET G 112 -4.00 46.37 -15.07
CA MET G 112 -4.27 46.75 -13.65
C MET G 112 -4.46 45.49 -12.81
N PHE G 113 -5.32 44.57 -13.26
CA PHE G 113 -5.65 43.31 -12.56
C PHE G 113 -4.44 42.37 -12.58
N SER G 114 -3.78 42.19 -13.74
CA SER G 114 -2.59 41.31 -13.90
C SER G 114 -1.49 41.73 -12.93
N ASN G 115 -1.24 43.04 -12.81
CA ASN G 115 -0.25 43.61 -11.86
C ASN G 115 -0.57 43.12 -10.45
N CYS G 116 -1.84 43.18 -10.05
CA CYS G 116 -2.33 42.75 -8.72
C CYS G 116 -2.10 41.24 -8.54
N TYR G 117 -2.51 40.44 -9.53
CA TYR G 117 -2.39 38.95 -9.52
C TYR G 117 -0.91 38.56 -9.52
N LYS G 118 -0.05 39.35 -10.16
CA LYS G 118 1.40 39.05 -10.31
C LYS G 118 2.12 39.27 -8.98
N TYR G 119 1.86 40.39 -8.31
CA TYR G 119 2.63 40.84 -7.12
C TYR G 119 2.21 40.06 -5.87
N ASN G 120 0.94 39.68 -5.77
CA ASN G 120 0.30 39.21 -4.52
C ASN G 120 0.05 37.69 -4.57
N PRO G 121 0.06 37.00 -3.41
CA PRO G 121 -0.34 35.60 -3.35
C PRO G 121 -1.84 35.47 -3.52
N PRO G 122 -2.35 34.30 -3.98
CA PRO G 122 -3.78 34.13 -4.25
C PRO G 122 -4.71 34.23 -3.03
N ASP G 123 -4.17 34.10 -1.81
CA ASP G 123 -4.94 34.15 -0.54
C ASP G 123 -5.15 35.60 -0.09
N HIS G 124 -4.37 36.55 -0.61
CA HIS G 124 -4.37 37.98 -0.19
C HIS G 124 -5.74 38.60 -0.49
N GLU G 125 -6.19 39.50 0.41
CA GLU G 125 -7.54 40.10 0.40
C GLU G 125 -7.70 40.93 -0.89
N VAL G 126 -6.63 41.58 -1.36
CA VAL G 126 -6.65 42.48 -2.56
C VAL G 126 -6.96 41.64 -3.81
N VAL G 127 -6.48 40.39 -3.86
CA VAL G 127 -6.72 39.46 -5.00
C VAL G 127 -8.21 39.12 -5.05
N ALA G 128 -8.83 38.85 -3.90
CA ALA G 128 -10.29 38.57 -3.80
C ALA G 128 -11.08 39.77 -4.29
N MET G 129 -10.62 40.99 -3.96
CA MET G 129 -11.25 42.28 -4.34
C MET G 129 -11.07 42.50 -5.86
N ALA G 130 -9.86 42.31 -6.37
CA ALA G 130 -9.53 42.37 -7.82
C ALA G 130 -10.54 41.53 -8.61
N ARG G 131 -10.72 40.27 -8.22
CA ARG G 131 -11.59 39.28 -8.93
C ARG G 131 -13.03 39.78 -8.95
N LYS G 132 -13.54 40.28 -7.81
CA LYS G 132 -14.93 40.80 -7.71
C LYS G 132 -15.09 42.00 -8.66
N LEU G 133 -14.11 42.90 -8.72
CA LEU G 133 -14.17 44.09 -9.61
C LEU G 133 -13.98 43.64 -11.07
N GLN G 134 -13.06 42.72 -11.34
CA GLN G 134 -12.80 42.21 -12.72
C GLN G 134 -14.09 41.58 -13.26
N ASP G 135 -14.83 40.85 -12.44
CA ASP G 135 -16.12 40.21 -12.85
C ASP G 135 -17.08 41.31 -13.32
N VAL G 136 -17.14 42.45 -12.63
CA VAL G 136 -17.99 43.61 -13.02
C VAL G 136 -17.55 44.10 -14.40
N PHE G 137 -16.24 44.29 -14.60
CA PHE G 137 -15.64 44.77 -15.87
C PHE G 137 -15.94 43.79 -17.01
N GLU G 138 -15.60 42.51 -16.83
CA GLU G 138 -15.67 41.47 -17.88
C GLU G 138 -17.10 41.34 -18.42
N MET G 139 -18.11 41.35 -17.55
CA MET G 139 -19.54 41.21 -17.94
C MET G 139 -19.95 42.41 -18.79
N ARG G 140 -19.67 43.64 -18.34
CA ARG G 140 -20.02 44.88 -19.07
C ARG G 140 -19.25 44.93 -20.39
N PHE G 141 -17.95 44.61 -20.38
CA PHE G 141 -17.05 44.64 -21.56
C PHE G 141 -17.54 43.67 -22.62
N ALA G 142 -17.96 42.47 -22.20
CA ALA G 142 -18.45 41.38 -23.09
C ALA G 142 -19.79 41.76 -23.72
N LYS G 143 -20.66 42.47 -22.99
CA LYS G 143 -22.05 42.80 -23.40
C LYS G 143 -22.11 44.15 -24.13
N MET G 144 -20.94 44.76 -24.41
CA MET G 144 -20.80 46.02 -25.19
C MET G 144 -21.36 45.83 -26.60
N PRO G 145 -22.26 46.72 -27.07
CA PRO G 145 -22.69 46.73 -28.47
C PRO G 145 -21.53 46.79 -29.48
N ASP G 146 -21.73 46.20 -30.67
CA ASP G 146 -20.67 45.89 -31.67
C ASP G 146 -20.99 46.51 -33.02
N LYS H 36 -8.81 -12.37 -19.18
CA LYS H 36 -8.45 -12.97 -20.49
C LYS H 36 -9.52 -12.62 -21.54
N VAL H 37 -10.80 -12.62 -21.17
CA VAL H 37 -11.96 -12.20 -22.02
C VAL H 37 -11.80 -10.71 -22.37
N SER H 38 -11.31 -9.90 -21.41
CA SER H 38 -11.19 -8.42 -21.55
C SER H 38 -9.93 -8.04 -22.33
N GLU H 39 -9.08 -9.01 -22.65
CA GLU H 39 -7.86 -8.83 -23.50
C GLU H 39 -8.29 -8.94 -24.97
N GLN H 40 -9.18 -9.90 -25.27
CA GLN H 40 -9.73 -10.14 -26.63
C GLN H 40 -10.70 -9.00 -27.01
N LEU H 41 -11.43 -8.44 -26.04
CA LEU H 41 -12.34 -7.28 -26.28
C LEU H 41 -11.51 -6.02 -26.55
N LYS H 42 -10.29 -5.94 -26.00
CA LYS H 42 -9.34 -4.83 -26.25
C LYS H 42 -8.83 -4.95 -27.69
N CYS H 43 -8.59 -6.18 -28.18
CA CYS H 43 -8.17 -6.48 -29.58
C CYS H 43 -9.29 -6.10 -30.55
N CYS H 44 -10.54 -6.41 -30.20
CA CYS H 44 -11.75 -6.09 -31.01
C CYS H 44 -11.84 -4.58 -31.24
N SER H 45 -11.49 -3.77 -30.23
CA SER H 45 -11.40 -2.29 -30.33
C SER H 45 -10.33 -1.90 -31.34
N GLY H 46 -9.14 -2.50 -31.23
CA GLY H 46 -8.00 -2.30 -32.16
C GLY H 46 -8.36 -2.66 -33.59
N ILE H 47 -9.10 -3.76 -33.78
CA ILE H 47 -9.57 -4.25 -35.10
C ILE H 47 -10.54 -3.22 -35.71
N LEU H 48 -11.50 -2.73 -34.91
CA LEU H 48 -12.52 -1.75 -35.35
C LEU H 48 -11.83 -0.41 -35.66
N LYS H 49 -10.82 -0.04 -34.86
CA LYS H 49 -10.03 1.20 -35.08
C LYS H 49 -9.32 1.08 -36.43
N GLU H 50 -8.67 -0.06 -36.69
CA GLU H 50 -7.97 -0.36 -37.97
C GLU H 50 -8.98 -0.20 -39.12
N MET H 51 -10.18 -0.77 -38.99
CA MET H 51 -11.23 -0.72 -40.04
C MET H 51 -11.66 0.73 -40.31
N PHE H 52 -11.49 1.63 -39.34
CA PHE H 52 -11.82 3.08 -39.44
C PHE H 52 -10.63 3.88 -40.00
N ALA H 53 -9.42 3.32 -40.00
CA ALA H 53 -8.15 4.01 -40.32
C ALA H 53 -8.14 4.48 -41.78
N LYS H 54 -7.26 5.44 -42.09
CA LYS H 54 -7.24 6.20 -43.36
C LYS H 54 -6.92 5.27 -44.54
N LYS H 55 -6.05 4.29 -44.34
CA LYS H 55 -5.54 3.40 -45.43
C LYS H 55 -6.67 2.57 -46.04
N HIS H 56 -7.81 2.40 -45.33
CA HIS H 56 -8.97 1.59 -45.79
C HIS H 56 -10.16 2.49 -46.17
N ALA H 57 -10.01 3.82 -46.04
CA ALA H 57 -11.12 4.80 -46.12
C ALA H 57 -11.84 4.73 -47.47
N ALA H 58 -11.13 4.40 -48.55
CA ALA H 58 -11.66 4.39 -49.94
C ALA H 58 -12.77 3.33 -50.09
N TYR H 59 -12.71 2.23 -49.33
CA TYR H 59 -13.69 1.11 -49.41
C TYR H 59 -14.43 0.88 -48.08
N ALA H 60 -13.98 1.46 -46.96
CA ALA H 60 -14.58 1.26 -45.62
C ALA H 60 -15.78 2.19 -45.41
N TRP H 61 -15.79 3.36 -46.04
CA TRP H 61 -16.73 4.49 -45.75
C TRP H 61 -18.19 4.03 -45.82
N PRO H 62 -18.61 3.10 -46.70
CA PRO H 62 -20.02 2.74 -46.79
C PRO H 62 -20.57 2.07 -45.51
N PHE H 63 -19.68 1.66 -44.60
CA PHE H 63 -20.00 0.87 -43.38
C PHE H 63 -19.73 1.68 -42.11
N TYR H 64 -19.25 2.93 -42.24
CA TYR H 64 -18.94 3.84 -41.10
C TYR H 64 -20.22 4.11 -40.29
N LYS H 65 -21.34 4.35 -40.98
CA LYS H 65 -22.62 4.77 -40.37
C LYS H 65 -23.77 3.99 -41.01
N PRO H 66 -24.96 3.93 -40.36
CA PRO H 66 -26.11 3.25 -40.95
C PRO H 66 -26.32 3.70 -42.40
N VAL H 67 -26.74 2.77 -43.27
CA VAL H 67 -27.19 3.10 -44.65
C VAL H 67 -28.27 4.19 -44.52
N ASP H 68 -28.07 5.34 -45.15
CA ASP H 68 -29.04 6.48 -45.15
C ASP H 68 -30.16 6.14 -46.12
N VAL H 69 -31.07 5.24 -45.72
CA VAL H 69 -32.16 4.68 -46.58
C VAL H 69 -33.14 5.78 -46.97
N GLU H 70 -33.28 6.82 -46.12
CA GLU H 70 -34.14 8.01 -46.39
C GLU H 70 -33.63 8.73 -47.64
N ALA H 71 -32.37 9.19 -47.60
CA ALA H 71 -31.73 10.01 -48.66
C ALA H 71 -31.61 9.21 -49.97
N LEU H 72 -31.30 7.90 -49.87
CA LEU H 72 -31.06 7.00 -51.03
C LEU H 72 -32.38 6.51 -51.61
N GLY H 73 -33.50 6.72 -50.91
CA GLY H 73 -34.84 6.30 -51.36
C GLY H 73 -34.99 4.79 -51.39
N LEU H 74 -34.28 4.07 -50.51
CA LEU H 74 -34.37 2.60 -50.38
C LEU H 74 -35.55 2.25 -49.46
N HIS H 75 -36.76 2.29 -50.01
CA HIS H 75 -38.05 2.15 -49.28
C HIS H 75 -38.21 0.71 -48.75
N ASP H 76 -37.54 -0.26 -49.39
CA ASP H 76 -37.69 -1.71 -49.08
C ASP H 76 -36.54 -2.22 -48.20
N TYR H 77 -35.55 -1.38 -47.87
CA TYR H 77 -34.31 -1.82 -47.17
C TYR H 77 -34.66 -2.42 -45.79
N CYS H 78 -35.48 -1.71 -45.01
CA CYS H 78 -35.82 -2.10 -43.62
C CYS H 78 -36.74 -3.33 -43.62
N ASP H 79 -37.48 -3.57 -44.71
CA ASP H 79 -38.33 -4.78 -44.89
C ASP H 79 -37.45 -6.02 -45.09
N ILE H 80 -36.36 -5.89 -45.85
CA ILE H 80 -35.47 -7.02 -46.25
C ILE H 80 -34.37 -7.22 -45.19
N ILE H 81 -33.82 -6.12 -44.65
CA ILE H 81 -32.77 -6.13 -43.60
C ILE H 81 -33.44 -5.87 -42.24
N LYS H 82 -33.63 -6.93 -41.45
CA LYS H 82 -34.37 -6.91 -40.16
C LYS H 82 -33.49 -6.28 -39.08
N HIS H 83 -32.19 -6.54 -39.09
CA HIS H 83 -31.20 -6.07 -38.08
C HIS H 83 -30.09 -5.28 -38.77
N PRO H 84 -30.31 -4.00 -39.12
CA PRO H 84 -29.26 -3.16 -39.67
C PRO H 84 -28.06 -3.11 -38.70
N MET H 85 -26.85 -3.00 -39.24
CA MET H 85 -25.60 -2.91 -38.44
C MET H 85 -24.56 -2.12 -39.24
N ASP H 86 -23.64 -1.49 -38.53
CA ASP H 86 -22.61 -0.56 -39.08
C ASP H 86 -21.52 -0.39 -38.01
N MET H 87 -20.38 0.19 -38.39
CA MET H 87 -19.18 0.24 -37.53
C MET H 87 -19.37 1.23 -36.37
N SER H 88 -20.23 2.24 -36.53
CA SER H 88 -20.54 3.25 -35.48
C SER H 88 -21.36 2.60 -34.36
N THR H 89 -22.42 1.88 -34.72
CA THR H 89 -23.26 1.08 -33.80
C THR H 89 -22.39 0.08 -33.03
N ILE H 90 -21.47 -0.59 -33.72
CA ILE H 90 -20.53 -1.59 -33.12
C ILE H 90 -19.61 -0.88 -32.12
N LYS H 91 -19.14 0.32 -32.45
CA LYS H 91 -18.24 1.14 -31.60
C LYS H 91 -18.98 1.53 -30.31
N SER H 92 -20.23 2.00 -30.42
CA SER H 92 -21.12 2.34 -29.28
C SER H 92 -21.26 1.12 -28.35
N LYS H 93 -21.62 -0.03 -28.92
CA LYS H 93 -21.86 -1.29 -28.18
C LYS H 93 -20.56 -1.74 -27.48
N LEU H 94 -19.42 -1.48 -28.10
CA LEU H 94 -18.08 -1.91 -27.58
C LEU H 94 -17.68 -0.99 -26.41
N GLU H 95 -17.94 0.31 -26.52
CA GLU H 95 -17.63 1.33 -25.47
C GLU H 95 -18.59 1.16 -24.28
N ALA H 96 -19.81 0.72 -24.53
CA ALA H 96 -20.85 0.43 -23.49
C ALA H 96 -20.69 -1.01 -22.97
N ARG H 97 -19.65 -1.73 -23.41
CA ARG H 97 -19.28 -3.10 -22.96
C ARG H 97 -20.51 -4.03 -23.06
N GLU H 98 -21.23 -3.97 -24.19
CA GLU H 98 -22.41 -4.81 -24.48
C GLU H 98 -22.03 -6.09 -25.23
N TYR H 99 -20.74 -6.30 -25.49
CA TYR H 99 -20.18 -7.56 -26.04
C TYR H 99 -19.54 -8.35 -24.91
N ARG H 100 -20.02 -9.57 -24.65
CA ARG H 100 -19.55 -10.47 -23.57
C ARG H 100 -18.19 -11.08 -23.96
N ASP H 101 -17.97 -11.30 -25.26
CA ASP H 101 -16.73 -11.91 -25.79
C ASP H 101 -16.52 -11.46 -27.25
N ALA H 102 -15.34 -11.78 -27.81
CA ALA H 102 -14.96 -11.46 -29.21
C ALA H 102 -15.97 -12.03 -30.20
N GLN H 103 -16.52 -13.22 -29.91
CA GLN H 103 -17.45 -13.96 -30.80
C GLN H 103 -18.72 -13.12 -31.04
N GLU H 104 -19.19 -12.40 -30.02
CA GLU H 104 -20.43 -11.55 -30.11
C GLU H 104 -20.13 -10.31 -30.96
N PHE H 105 -18.96 -9.70 -30.76
CA PHE H 105 -18.41 -8.60 -31.62
C PHE H 105 -18.33 -9.09 -33.07
N GLY H 106 -17.70 -10.24 -33.27
CA GLY H 106 -17.56 -10.91 -34.58
C GLY H 106 -18.89 -11.06 -35.29
N ALA H 107 -19.92 -11.53 -34.58
CA ALA H 107 -21.27 -11.80 -35.13
C ALA H 107 -21.88 -10.51 -35.71
N ASP H 108 -21.63 -9.37 -35.06
CA ASP H 108 -22.14 -8.04 -35.49
C ASP H 108 -21.38 -7.57 -36.75
N VAL H 109 -20.05 -7.70 -36.76
CA VAL H 109 -19.21 -7.37 -37.95
C VAL H 109 -19.72 -8.18 -39.15
N ARG H 110 -19.97 -9.48 -38.96
CA ARG H 110 -20.41 -10.41 -40.03
C ARG H 110 -21.86 -10.13 -40.42
N LEU H 111 -22.70 -9.68 -39.47
CA LEU H 111 -24.09 -9.24 -39.74
C LEU H 111 -24.06 -8.04 -40.70
N MET H 112 -23.19 -7.06 -40.40
CA MET H 112 -22.99 -5.84 -41.23
C MET H 112 -22.73 -6.24 -42.68
N PHE H 113 -21.79 -7.17 -42.90
CA PHE H 113 -21.38 -7.65 -44.23
C PHE H 113 -22.52 -8.47 -44.86
N SER H 114 -23.13 -9.40 -44.10
CA SER H 114 -24.24 -10.27 -44.58
C SER H 114 -25.40 -9.40 -45.09
N ASN H 115 -25.75 -8.34 -44.34
CA ASN H 115 -26.81 -7.37 -44.72
C ASN H 115 -26.49 -6.82 -46.13
N CYS H 116 -25.25 -6.41 -46.34
CA CYS H 116 -24.75 -5.85 -47.62
C CYS H 116 -24.88 -6.89 -48.74
N TYR H 117 -24.38 -8.11 -48.49
CA TYR H 117 -24.39 -9.24 -49.46
C TYR H 117 -25.84 -9.66 -49.76
N LYS H 118 -26.73 -9.54 -48.78
CA LYS H 118 -28.15 -9.96 -48.90
C LYS H 118 -28.92 -8.99 -49.81
N TYR H 119 -28.76 -7.68 -49.58
CA TYR H 119 -29.61 -6.63 -50.21
C TYR H 119 -29.16 -6.38 -51.66
N ASN H 120 -27.87 -6.51 -51.94
CA ASN H 120 -27.22 -6.02 -53.19
C ASN H 120 -26.87 -7.17 -54.12
N PRO H 121 -26.87 -6.96 -55.45
CA PRO H 121 -26.37 -7.95 -56.40
C PRO H 121 -24.85 -8.05 -56.29
N PRO H 122 -24.24 -9.20 -56.70
CA PRO H 122 -22.79 -9.39 -56.56
C PRO H 122 -21.92 -8.46 -57.41
N ASP H 123 -22.48 -7.81 -58.44
CA ASP H 123 -21.74 -6.90 -59.35
C ASP H 123 -21.65 -5.48 -58.75
N HIS H 124 -22.49 -5.17 -57.75
CA HIS H 124 -22.60 -3.81 -57.15
C HIS H 124 -21.28 -3.43 -56.50
N GLU H 125 -20.91 -2.14 -56.58
CA GLU H 125 -19.61 -1.59 -56.14
CA GLU H 125 -19.61 -1.58 -56.14
C GLU H 125 -19.47 -1.78 -54.62
N VAL H 126 -20.58 -1.66 -53.88
CA VAL H 126 -20.59 -1.76 -52.38
C VAL H 126 -20.19 -3.18 -51.97
N VAL H 127 -20.57 -4.19 -52.74
CA VAL H 127 -20.24 -5.63 -52.46
C VAL H 127 -18.71 -5.80 -52.60
N ALA H 128 -18.11 -5.22 -53.63
CA ALA H 128 -16.64 -5.26 -53.85
C ALA H 128 -15.93 -4.61 -52.68
N MET H 129 -16.49 -3.50 -52.17
CA MET H 129 -15.94 -2.73 -51.02
C MET H 129 -16.10 -3.53 -49.72
N ALA H 130 -17.29 -4.11 -49.49
CA ALA H 130 -17.58 -5.01 -48.35
C ALA H 130 -16.48 -6.09 -48.25
N ARG H 131 -16.23 -6.79 -49.37
CA ARG H 131 -15.26 -7.93 -49.43
C ARG H 131 -13.86 -7.45 -49.06
N LYS H 132 -13.42 -6.30 -49.59
CA LYS H 132 -12.07 -5.73 -49.29
C LYS H 132 -11.98 -5.42 -47.79
N LEU H 133 -13.03 -4.85 -47.19
CA LEU H 133 -13.03 -4.52 -45.74
C LEU H 133 -13.15 -5.81 -44.91
N GLN H 134 -13.99 -6.76 -45.32
CA GLN H 134 -14.17 -8.04 -44.61
C GLN H 134 -12.82 -8.79 -44.56
N ASP H 135 -12.04 -8.75 -45.65
CA ASP H 135 -10.70 -9.40 -45.71
C ASP H 135 -9.81 -8.80 -44.62
N VAL H 136 -9.87 -7.48 -44.40
CA VAL H 136 -9.09 -6.78 -43.34
C VAL H 136 -9.53 -7.32 -41.98
N PHE H 137 -10.84 -7.41 -41.74
CA PHE H 137 -11.44 -7.91 -40.48
C PHE H 137 -11.03 -9.36 -40.22
N GLU H 138 -11.27 -10.24 -41.19
CA GLU H 138 -11.10 -11.71 -41.05
C GLU H 138 -9.65 -12.04 -40.68
N MET H 139 -8.66 -11.38 -41.31
CA MET H 139 -7.22 -11.63 -41.06
C MET H 139 -6.88 -11.24 -39.61
N ARG H 140 -7.27 -10.04 -39.19
CA ARG H 140 -7.00 -9.53 -37.82
C ARG H 140 -7.74 -10.39 -36.79
N PHE H 141 -9.00 -10.72 -37.06
CA PHE H 141 -9.87 -11.53 -36.16
C PHE H 141 -9.28 -12.93 -35.96
N ALA H 142 -8.76 -13.54 -37.04
CA ALA H 142 -8.18 -14.89 -37.05
C ALA H 142 -6.85 -14.91 -36.27
N LYS H 143 -6.07 -13.83 -36.34
CA LYS H 143 -4.69 -13.73 -35.77
C LYS H 143 -4.73 -13.17 -34.33
N MET H 144 -5.93 -12.98 -33.77
CA MET H 144 -6.16 -12.55 -32.38
C MET H 144 -5.59 -13.59 -31.42
N PRO H 145 -4.75 -13.19 -30.43
CA PRO H 145 -4.34 -14.11 -29.35
C PRO H 145 -5.52 -14.76 -28.59
N ASP H 146 -5.32 -15.96 -28.07
CA ASP H 146 -6.30 -16.68 -27.18
C ASP H 146 -5.61 -17.86 -26.50
N VAL I 37 -22.71 4.37 49.28
CA VAL I 37 -21.30 4.20 49.57
C VAL I 37 -20.67 3.15 48.65
N SER I 38 -21.43 2.14 48.22
CA SER I 38 -20.96 1.05 47.31
C SER I 38 -20.98 1.51 45.85
N GLU I 39 -21.54 2.70 45.58
CA GLU I 39 -21.54 3.34 44.23
C GLU I 39 -20.22 4.09 44.06
N GLN I 40 -19.77 4.78 45.10
CA GLN I 40 -18.48 5.53 45.13
C GLN I 40 -17.29 4.56 45.13
N LEU I 41 -17.42 3.39 45.76
CA LEU I 41 -16.37 2.34 45.76
C LEU I 41 -16.28 1.70 44.37
N LYS I 42 -17.38 1.68 43.61
CA LYS I 42 -17.41 1.20 42.21
C LYS I 42 -16.65 2.21 41.33
N CYS I 43 -16.80 3.51 41.60
CA CYS I 43 -16.08 4.62 40.91
C CYS I 43 -14.57 4.52 41.18
N CYS I 44 -14.20 4.22 42.43
CA CYS I 44 -12.78 4.07 42.87
C CYS I 44 -12.11 2.95 42.06
N SER I 45 -12.83 1.87 41.77
CA SER I 45 -12.38 0.75 40.90
C SER I 45 -12.12 1.28 39.47
N GLY I 46 -13.08 2.04 38.93
CA GLY I 46 -12.98 2.68 37.59
C GLY I 46 -11.79 3.63 37.50
N ILE I 47 -11.55 4.40 38.58
CA ILE I 47 -10.41 5.36 38.68
C ILE I 47 -9.09 4.59 38.65
N LEU I 48 -9.00 3.51 39.44
CA LEU I 48 -7.76 2.68 39.53
C LEU I 48 -7.55 1.95 38.19
N LYS I 49 -8.62 1.51 37.54
CA LYS I 49 -8.56 0.86 36.20
C LYS I 49 -7.99 1.86 35.19
N GLU I 50 -8.50 3.09 35.19
CA GLU I 50 -8.02 4.20 34.33
C GLU I 50 -6.52 4.39 34.57
N MET I 51 -6.09 4.45 35.83
CA MET I 51 -4.67 4.68 36.20
C MET I 51 -3.78 3.53 35.67
N PHE I 52 -4.35 2.34 35.44
CA PHE I 52 -3.66 1.14 34.91
C PHE I 52 -3.69 1.12 33.37
N ALA I 53 -4.56 1.91 32.74
CA ALA I 53 -4.86 1.87 31.29
C ALA I 53 -3.62 2.27 30.48
N LYS I 54 -3.61 1.93 29.19
CA LYS I 54 -2.44 1.98 28.28
C LYS I 54 -1.99 3.45 28.08
N LYS I 55 -2.95 4.38 27.99
CA LYS I 55 -2.69 5.81 27.66
C LYS I 55 -1.81 6.47 28.73
N HIS I 56 -1.74 5.92 29.94
CA HIS I 56 -0.95 6.48 31.08
C HIS I 56 0.30 5.63 31.36
N ALA I 57 0.51 4.54 30.61
CA ALA I 57 1.50 3.48 30.91
C ALA I 57 2.93 4.04 30.99
N ALA I 58 3.23 5.08 30.20
CA ALA I 58 4.59 5.66 30.08
C ALA I 58 5.03 6.28 31.41
N TYR I 59 4.09 6.78 32.23
CA TYR I 59 4.40 7.45 33.52
C TYR I 59 3.76 6.73 34.72
N ALA I 60 2.82 5.80 34.50
CA ALA I 60 2.09 5.09 35.58
C ALA I 60 2.91 3.89 36.11
N TRP I 61 3.74 3.28 35.26
CA TRP I 61 4.40 1.97 35.51
C TRP I 61 5.17 1.96 36.83
N PRO I 62 5.80 3.06 37.31
CA PRO I 62 6.59 3.00 38.54
C PRO I 62 5.74 2.71 39.79
N PHE I 63 4.41 2.80 39.68
CA PHE I 63 3.44 2.70 40.79
C PHE I 63 2.55 1.45 40.66
N TYR I 64 2.74 0.65 39.60
CA TYR I 64 1.98 -0.59 39.33
C TYR I 64 2.19 -1.59 40.47
N LYS I 65 3.43 -1.74 40.94
CA LYS I 65 3.85 -2.76 41.93
C LYS I 65 4.77 -2.11 42.97
N PRO I 66 4.96 -2.73 44.15
CA PRO I 66 5.86 -2.19 45.16
C PRO I 66 7.22 -1.85 44.54
N VAL I 67 7.85 -0.77 44.99
CA VAL I 67 9.25 -0.42 44.63
C VAL I 67 10.10 -1.67 44.93
N ASP I 68 10.80 -2.20 43.93
CA ASP I 68 11.71 -3.37 44.09
C ASP I 68 13.01 -2.89 44.75
N VAL I 69 12.97 -2.63 46.06
CA VAL I 69 14.08 -2.02 46.86
C VAL I 69 15.27 -2.98 46.88
N GLU I 70 15.03 -4.29 46.78
CA GLU I 70 16.08 -5.34 46.72
C GLU I 70 16.94 -5.13 45.48
N ALA I 71 16.33 -5.16 44.30
CA ALA I 71 17.00 -5.08 42.97
C ALA I 71 17.67 -3.72 42.79
N LEU I 72 17.03 -2.64 43.27
CA LEU I 72 17.50 -1.24 43.10
C LEU I 72 18.57 -0.90 44.14
N GLY I 73 18.76 -1.76 45.16
CA GLY I 73 19.74 -1.55 46.23
C GLY I 73 19.40 -0.35 47.12
N LEU I 74 18.11 -0.05 47.28
CA LEU I 74 17.61 1.04 48.17
C LEU I 74 17.50 0.50 49.59
N HIS I 75 18.64 0.40 50.29
CA HIS I 75 18.77 -0.25 51.62
C HIS I 75 18.06 0.57 52.70
N ASP I 76 17.87 1.87 52.47
CA ASP I 76 17.30 2.82 53.46
C ASP I 76 15.80 3.09 53.19
N TYR I 77 15.22 2.54 52.12
CA TYR I 77 13.85 2.87 51.67
C TYR I 77 12.83 2.52 52.77
N CYS I 78 12.91 1.31 53.32
CA CYS I 78 11.95 0.78 54.32
C CYS I 78 12.12 1.51 55.66
N ASP I 79 13.31 2.07 55.94
CA ASP I 79 13.58 2.88 57.15
C ASP I 79 12.86 4.24 57.05
N ILE I 80 12.83 4.84 55.85
CA ILE I 80 12.29 6.21 55.60
C ILE I 80 10.79 6.12 55.28
N ILE I 81 10.39 5.11 54.50
CA ILE I 81 8.97 4.86 54.10
C ILE I 81 8.41 3.75 54.99
N LYS I 82 7.60 4.12 55.99
CA LYS I 82 7.06 3.22 57.04
C LYS I 82 5.92 2.37 56.46
N HIS I 83 5.10 2.97 55.58
CA HIS I 83 3.91 2.32 54.97
C HIS I 83 4.02 2.38 53.46
N PRO I 84 4.80 1.47 52.82
CA PRO I 84 4.84 1.38 51.36
C PRO I 84 3.44 1.16 50.80
N MET I 85 3.17 1.70 49.61
CA MET I 85 1.86 1.55 48.92
C MET I 85 2.09 1.63 47.41
N ASP I 86 1.19 1.01 46.65
CA ASP I 86 1.28 0.84 45.18
C ASP I 86 -0.11 0.44 44.67
N MET I 87 -0.32 0.50 43.36
CA MET I 87 -1.66 0.35 42.74
C MET I 87 -2.13 -1.11 42.81
N SER I 88 -1.21 -2.08 42.88
CA SER I 88 -1.53 -3.54 42.99
C SER I 88 -2.10 -3.84 44.38
N THR I 89 -1.41 -3.36 45.43
CA THR I 89 -1.85 -3.45 46.85
C THR I 89 -3.24 -2.81 46.99
N ILE I 90 -3.46 -1.65 46.38
CA ILE I 90 -4.75 -0.89 46.42
C ILE I 90 -5.84 -1.74 45.72
N LYS I 91 -5.50 -2.39 44.61
CA LYS I 91 -6.43 -3.24 43.82
C LYS I 91 -6.86 -4.45 44.67
N SER I 92 -5.91 -5.11 45.34
CA SER I 92 -6.16 -6.24 46.28
C SER I 92 -7.14 -5.79 47.38
N LYS I 93 -6.84 -4.67 48.04
CA LYS I 93 -7.63 -4.11 49.16
C LYS I 93 -9.05 -3.77 48.68
N LEU I 94 -9.17 -3.32 47.43
CA LEU I 94 -10.47 -2.88 46.83
C LEU I 94 -11.32 -4.11 46.51
N GLU I 95 -10.71 -5.17 45.98
CA GLU I 95 -11.38 -6.45 45.61
C GLU I 95 -11.78 -7.21 46.89
N ALA I 96 -11.00 -7.09 47.97
CA ALA I 96 -11.27 -7.69 49.29
C ALA I 96 -12.16 -6.77 50.14
N ARG I 97 -12.64 -5.67 49.55
CA ARG I 97 -13.60 -4.70 50.15
C ARG I 97 -13.09 -4.25 51.53
N GLU I 98 -11.80 -3.91 51.61
CA GLU I 98 -11.12 -3.43 52.85
C GLU I 98 -11.16 -1.89 52.93
N TYR I 99 -11.79 -1.22 51.95
CA TYR I 99 -12.06 0.25 51.99
C TYR I 99 -13.53 0.47 52.35
N ARG I 100 -13.79 1.18 53.46
CA ARG I 100 -15.15 1.46 53.98
C ARG I 100 -15.82 2.53 53.10
N ASP I 101 -15.04 3.46 52.55
CA ASP I 101 -15.55 4.58 51.71
C ASP I 101 -14.44 5.05 50.75
N ALA I 102 -14.77 5.92 49.81
CA ALA I 102 -13.86 6.51 48.81
C ALA I 102 -12.69 7.21 49.50
N GLN I 103 -12.93 7.86 50.64
CA GLN I 103 -11.93 8.66 51.40
C GLN I 103 -10.76 7.76 51.84
N GLU I 104 -11.04 6.51 52.21
CA GLU I 104 -10.01 5.53 52.69
C GLU I 104 -9.18 5.06 51.48
N PHE I 105 -9.83 4.80 50.34
CA PHE I 105 -9.18 4.52 49.03
C PHE I 105 -8.26 5.70 48.67
N GLY I 106 -8.83 6.91 48.70
CA GLY I 106 -8.11 8.18 48.45
C GLY I 106 -6.85 8.30 49.27
N ALA I 107 -6.91 8.00 50.57
CA ALA I 107 -5.78 8.13 51.53
C ALA I 107 -4.62 7.24 51.09
N ASP I 108 -4.92 6.05 50.56
CA ASP I 108 -3.91 5.07 50.09
C ASP I 108 -3.26 5.59 48.79
N VAL I 109 -4.07 6.06 47.83
CA VAL I 109 -3.55 6.66 46.57
C VAL I 109 -2.60 7.80 46.92
N ARG I 110 -2.98 8.67 47.86
CA ARG I 110 -2.19 9.86 48.27
C ARG I 110 -0.96 9.43 49.06
N LEU I 111 -1.05 8.34 49.84
CA LEU I 111 0.09 7.75 50.57
C LEU I 111 1.15 7.28 49.55
N MET I 112 0.71 6.59 48.50
CA MET I 112 1.57 6.10 47.39
C MET I 112 2.41 7.27 46.85
N PHE I 113 1.74 8.38 46.52
CA PHE I 113 2.38 9.60 45.95
C PHE I 113 3.27 10.27 47.01
N SER I 114 2.78 10.45 48.23
CA SER I 114 3.54 11.08 49.35
C SER I 114 4.84 10.33 49.59
N ASN I 115 4.80 8.99 49.60
CA ASN I 115 5.99 8.12 49.76
C ASN I 115 7.02 8.50 48.70
N CYS I 116 6.58 8.65 47.44
CA CYS I 116 7.45 9.00 46.28
C CYS I 116 8.05 10.40 46.50
N TYR I 117 7.21 11.38 46.83
CA TYR I 117 7.61 12.80 47.06
C TYR I 117 8.55 12.89 48.26
N LYS I 118 8.37 12.01 49.27
CA LYS I 118 9.16 12.04 50.53
C LYS I 118 10.58 11.52 50.26
N TYR I 119 10.71 10.39 49.55
CA TYR I 119 11.99 9.64 49.41
C TYR I 119 12.90 10.34 48.38
N ASN I 120 12.32 10.95 47.35
CA ASN I 120 13.04 11.41 46.12
C ASN I 120 13.18 12.92 46.09
N PRO I 121 14.25 13.45 45.46
CA PRO I 121 14.38 14.90 45.23
C PRO I 121 13.39 15.35 44.16
N PRO I 122 12.99 16.65 44.16
CA PRO I 122 11.99 17.14 43.21
C PRO I 122 12.38 17.08 41.71
N ASP I 123 13.68 16.95 41.41
CA ASP I 123 14.21 16.91 40.02
C ASP I 123 14.13 15.48 39.45
N HIS I 124 13.97 14.46 40.32
CA HIS I 124 13.99 13.02 39.92
C HIS I 124 12.84 12.72 38.96
N GLU I 125 13.08 11.84 38.00
CA GLU I 125 12.16 11.52 36.87
C GLU I 125 10.87 10.90 37.45
N VAL I 126 10.98 10.12 38.53
CA VAL I 126 9.83 9.41 39.16
C VAL I 126 8.85 10.43 39.75
N VAL I 127 9.36 11.55 40.27
CA VAL I 127 8.53 12.64 40.85
C VAL I 127 7.70 13.28 39.73
N ALA I 128 8.30 13.52 38.57
CA ALA I 128 7.60 14.08 37.38
C ALA I 128 6.49 13.13 36.94
N MET I 129 6.76 11.82 37.01
CA MET I 129 5.80 10.75 36.63
C MET I 129 4.67 10.68 37.66
N ALA I 130 5.00 10.67 38.95
CA ALA I 130 4.05 10.73 40.09
C ALA I 130 3.03 11.84 39.84
N ARG I 131 3.51 13.06 39.58
CA ARG I 131 2.67 14.28 39.41
C ARG I 131 1.70 14.10 38.24
N LYS I 132 2.19 13.57 37.10
CA LYS I 132 1.34 13.33 35.90
C LYS I 132 0.24 12.32 36.24
N LEU I 133 0.57 11.25 36.98
CA LEU I 133 -0.43 10.21 37.37
C LEU I 133 -1.36 10.78 38.44
N GLN I 134 -0.83 11.52 39.42
CA GLN I 134 -1.66 12.14 40.50
C GLN I 134 -2.69 13.08 39.87
N ASP I 135 -2.32 13.84 38.84
CA ASP I 135 -3.25 14.76 38.14
C ASP I 135 -4.42 13.95 37.57
N VAL I 136 -4.16 12.76 37.01
CA VAL I 136 -5.21 11.86 36.46
C VAL I 136 -6.14 11.46 37.61
N PHE I 137 -5.58 11.03 38.74
CA PHE I 137 -6.34 10.60 39.95
C PHE I 137 -7.20 11.75 40.48
N GLU I 138 -6.58 12.90 40.76
CA GLU I 138 -7.22 14.06 41.44
C GLU I 138 -8.44 14.53 40.64
N MET I 139 -8.34 14.61 39.31
CA MET I 139 -9.45 15.08 38.44
C MET I 139 -10.62 14.10 38.53
N ARG I 140 -10.37 12.79 38.37
CA ARG I 140 -11.41 11.75 38.42
C ARG I 140 -12.02 11.69 39.83
N PHE I 141 -11.17 11.75 40.87
CA PHE I 141 -11.58 11.67 42.30
C PHE I 141 -12.49 12.86 42.64
N ALA I 142 -12.16 14.05 42.16
CA ALA I 142 -12.90 15.32 42.41
C ALA I 142 -14.26 15.28 41.71
N LYS I 143 -14.34 14.67 40.51
CA LYS I 143 -15.55 14.69 39.64
C LYS I 143 -16.44 13.47 39.92
N MET I 144 -16.12 12.68 40.95
CA MET I 144 -16.92 11.53 41.43
C MET I 144 -18.29 12.01 41.90
N PRO I 145 -19.40 11.32 41.54
CA PRO I 145 -20.70 11.56 42.16
C PRO I 145 -20.67 11.16 43.65
N VAL J 37 27.94 -44.04 21.83
CA VAL J 37 28.87 -45.02 22.34
C VAL J 37 28.28 -46.43 22.20
N SER J 38 29.13 -47.42 21.90
CA SER J 38 28.79 -48.88 21.88
C SER J 38 28.82 -49.46 23.30
N GLU J 39 29.26 -48.67 24.30
CA GLU J 39 29.23 -49.04 25.74
C GLU J 39 27.84 -48.71 26.29
N GLN J 40 27.29 -47.56 25.91
CA GLN J 40 25.94 -47.09 26.33
C GLN J 40 24.86 -47.94 25.65
N LEU J 41 25.09 -48.41 24.41
CA LEU J 41 24.13 -49.30 23.69
C LEU J 41 24.15 -50.68 24.34
N LYS J 42 25.27 -51.09 24.95
CA LYS J 42 25.39 -52.36 25.70
C LYS J 42 24.55 -52.24 27.00
N CYS J 43 24.57 -51.06 27.64
CA CYS J 43 23.77 -50.75 28.86
C CYS J 43 22.27 -50.78 28.52
N CYS J 44 21.89 -50.22 27.37
CA CYS J 44 20.49 -50.20 26.87
C CYS J 44 19.94 -51.62 26.74
N SER J 45 20.78 -52.56 26.30
CA SER J 45 20.45 -54.02 26.22
C SER J 45 20.19 -54.55 27.62
N GLY J 46 21.09 -54.25 28.57
CA GLY J 46 20.98 -54.63 30.00
C GLY J 46 19.70 -54.09 30.63
N ILE J 47 19.35 -52.85 30.32
CA ILE J 47 18.12 -52.14 30.81
C ILE J 47 16.88 -52.88 30.28
N LEU J 48 16.86 -53.19 28.98
CA LEU J 48 15.72 -53.87 28.32
C LEU J 48 15.61 -55.30 28.86
N LYS J 49 16.75 -55.97 29.12
CA LYS J 49 16.79 -57.32 29.70
C LYS J 49 16.15 -57.27 31.09
N GLU J 50 16.55 -56.29 31.91
CA GLU J 50 16.00 -56.06 33.27
C GLU J 50 14.48 -55.90 33.16
N MET J 51 13.99 -55.08 32.22
CA MET J 51 12.55 -54.80 32.03
C MET J 51 11.80 -56.09 31.67
N PHE J 52 12.48 -57.07 31.08
CA PHE J 52 11.92 -58.40 30.68
C PHE J 52 11.99 -59.41 31.84
N ALA J 53 12.81 -59.14 32.86
CA ALA J 53 13.15 -60.08 33.96
C ALA J 53 11.91 -60.41 34.79
N LYS J 54 11.98 -61.53 35.53
CA LYS J 54 10.83 -62.17 36.23
C LYS J 54 10.26 -61.24 37.31
N LYS J 55 11.14 -60.49 38.02
CA LYS J 55 10.75 -59.67 39.19
C LYS J 55 9.78 -58.55 38.78
N HIS J 56 9.71 -58.18 37.49
CA HIS J 56 8.84 -57.10 36.96
C HIS J 56 7.67 -57.67 36.14
N ALA J 57 7.58 -59.00 36.01
CA ALA J 57 6.69 -59.70 35.05
C ALA J 57 5.22 -59.35 35.30
N ALA J 58 4.84 -59.11 36.56
CA ALA J 58 3.43 -58.88 36.98
C ALA J 58 2.89 -57.58 36.37
N TYR J 59 3.76 -56.59 36.10
CA TYR J 59 3.35 -55.27 35.53
C TYR J 59 4.02 -54.98 34.18
N ALA J 60 5.05 -55.74 33.78
CA ALA J 60 5.81 -55.51 32.52
C ALA J 60 5.09 -56.14 31.31
N TRP J 61 4.34 -57.23 31.53
CA TRP J 61 3.80 -58.12 30.47
C TRP J 61 2.99 -57.34 29.42
N PRO J 62 2.25 -56.25 29.76
CA PRO J 62 1.44 -55.57 28.75
C PRO J 62 2.27 -54.89 27.65
N PHE J 63 3.59 -54.78 27.84
CA PHE J 63 4.53 -54.04 26.97
C PHE J 63 5.53 -55.00 26.28
N TYR J 64 5.45 -56.29 26.57
CA TYR J 64 6.33 -57.35 26.00
C TYR J 64 6.18 -57.38 24.48
N LYS J 65 4.95 -57.30 23.98
CA LYS J 65 4.59 -57.47 22.54
C LYS J 65 3.60 -56.39 22.14
N PRO J 66 3.43 -56.12 20.82
CA PRO J 66 2.44 -55.13 20.37
C PRO J 66 1.07 -55.42 21.01
N VAL J 67 0.33 -54.37 21.34
CA VAL J 67 -1.08 -54.48 21.80
C VAL J 67 -1.82 -55.29 20.73
N ASP J 68 -2.44 -56.41 21.11
CA ASP J 68 -3.25 -57.27 20.20
C ASP J 68 -4.60 -56.60 19.98
N VAL J 69 -4.63 -55.54 19.15
CA VAL J 69 -5.81 -54.67 18.91
C VAL J 69 -6.92 -55.48 18.22
N GLU J 70 -6.56 -56.51 17.46
CA GLU J 70 -7.52 -57.43 16.79
C GLU J 70 -8.35 -58.17 17.85
N ALA J 71 -7.69 -58.90 18.74
CA ALA J 71 -8.32 -59.76 19.78
C ALA J 71 -9.11 -58.90 20.78
N LEU J 72 -8.58 -57.72 21.14
CA LEU J 72 -9.17 -56.82 22.17
C LEU J 72 -10.29 -55.97 21.56
N GLY J 73 -10.44 -55.97 20.22
CA GLY J 73 -11.47 -55.21 19.51
C GLY J 73 -11.27 -53.70 19.63
N LEU J 74 -10.01 -53.25 19.73
CA LEU J 74 -9.65 -51.81 19.79
C LEU J 74 -9.54 -51.28 18.35
N HIS J 75 -10.68 -51.00 17.73
CA HIS J 75 -10.81 -50.66 16.28
C HIS J 75 -10.19 -49.29 16.00
N ASP J 76 -10.11 -48.42 17.02
CA ASP J 76 -9.66 -47.01 16.90
C ASP J 76 -8.19 -46.85 17.34
N TYR J 77 -7.54 -47.92 17.81
CA TYR J 77 -6.18 -47.83 18.42
C TYR J 77 -5.17 -47.28 17.40
N CYS J 78 -5.15 -47.83 16.19
CA CYS J 78 -4.17 -47.49 15.13
C CYS J 78 -4.46 -46.09 14.57
N ASP J 79 -5.70 -45.59 14.68
CA ASP J 79 -6.09 -44.21 14.29
C ASP J 79 -5.49 -43.20 15.28
N ILE J 80 -5.49 -43.52 16.57
CA ILE J 80 -5.07 -42.59 17.68
C ILE J 80 -3.56 -42.74 17.92
N ILE J 81 -3.04 -43.97 17.88
CA ILE J 81 -1.59 -44.28 18.06
C ILE J 81 -0.95 -44.48 16.68
N LYS J 82 -0.22 -43.48 16.20
CA LYS J 82 0.37 -43.43 14.84
C LYS J 82 1.59 -44.34 14.76
N HIS J 83 2.40 -44.38 15.84
CA HIS J 83 3.66 -45.16 15.92
C HIS J 83 3.60 -46.12 17.12
N PRO J 84 2.92 -47.28 16.96
CA PRO J 84 2.93 -48.31 18.01
C PRO J 84 4.38 -48.70 18.35
N MET J 85 4.63 -49.05 19.61
CA MET J 85 5.96 -49.49 20.09
C MET J 85 5.78 -50.43 21.28
N ASP J 86 6.75 -51.31 21.50
CA ASP J 86 6.72 -52.40 22.50
C ASP J 86 8.15 -52.91 22.68
N MET J 87 8.40 -53.70 23.72
CA MET J 87 9.76 -54.09 24.14
C MET J 87 10.36 -55.10 23.16
N SER J 88 9.54 -55.88 22.44
CA SER J 88 9.99 -56.87 21.43
C SER J 88 10.53 -56.15 20.20
N THR J 89 9.78 -55.18 19.69
CA THR J 89 10.18 -54.28 18.57
C THR J 89 11.50 -53.57 18.93
N ILE J 90 11.62 -53.08 20.16
CA ILE J 90 12.84 -52.37 20.67
C ILE J 90 14.02 -53.36 20.68
N LYS J 91 13.78 -54.60 21.09
CA LYS J 91 14.80 -55.68 21.17
C LYS J 91 15.32 -55.99 19.76
N SER J 92 14.42 -56.15 18.79
CA SER J 92 14.74 -56.37 17.35
C SER J 92 15.64 -55.22 16.84
N LYS J 93 15.21 -53.98 17.06
CA LYS J 93 15.92 -52.76 16.59
C LYS J 93 17.31 -52.69 17.24
N LEU J 94 17.43 -53.15 18.49
CA LEU J 94 18.69 -53.09 19.27
C LEU J 94 19.67 -54.17 18.76
N GLU J 95 19.17 -55.36 18.45
CA GLU J 95 19.98 -56.50 17.92
C GLU J 95 20.40 -56.22 16.48
N ALA J 96 19.58 -55.48 15.71
CA ALA J 96 19.86 -55.06 14.32
C ALA J 96 20.65 -53.74 14.31
N ARG J 97 21.05 -53.24 15.48
CA ARG J 97 21.90 -52.04 15.69
C ARG J 97 21.30 -50.84 14.92
N GLU J 98 19.98 -50.64 15.03
CA GLU J 98 19.22 -49.55 14.38
C GLU J 98 19.12 -48.32 15.31
N TYR J 99 19.71 -48.39 16.51
CA TYR J 99 19.84 -47.24 17.44
C TYR J 99 21.28 -46.71 17.36
N ARG J 100 21.43 -45.43 16.99
CA ARG J 100 22.74 -44.75 16.83
C ARG J 100 23.34 -44.44 18.20
N ASP J 101 22.49 -44.18 19.20
CA ASP J 101 22.92 -43.83 20.59
C ASP J 101 21.80 -44.19 21.57
N ALA J 102 22.08 -44.10 22.87
CA ALA J 102 21.15 -44.39 23.98
C ALA J 102 19.89 -43.52 23.86
N GLN J 103 20.04 -42.26 23.42
CA GLN J 103 18.94 -41.26 23.33
C GLN J 103 17.86 -41.77 22.36
N GLU J 104 18.24 -42.45 21.28
CA GLU J 104 17.30 -42.97 20.26
C GLU J 104 16.55 -44.19 20.83
N PHE J 105 17.25 -45.06 21.56
CA PHE J 105 16.66 -46.17 22.35
C PHE J 105 15.66 -45.60 23.35
N GLY J 106 16.11 -44.61 24.14
CA GLY J 106 15.28 -43.89 25.13
C GLY J 106 13.99 -43.37 24.53
N ALA J 107 14.04 -42.75 23.35
CA ALA J 107 12.88 -42.13 22.67
C ALA J 107 11.82 -43.20 22.38
N ASP J 108 12.24 -44.41 22.02
CA ASP J 108 11.33 -45.56 21.70
C ASP J 108 10.69 -46.07 23.00
N VAL J 109 11.47 -46.25 24.06
CA VAL J 109 10.96 -46.67 25.40
C VAL J 109 9.88 -45.67 25.84
N ARG J 110 10.15 -44.37 25.70
CA ARG J 110 9.23 -43.27 26.14
C ARG J 110 8.03 -43.19 25.20
N LEU J 111 8.20 -43.51 23.92
CA LEU J 111 7.09 -43.59 22.94
C LEU J 111 6.12 -44.69 23.37
N MET J 112 6.65 -45.86 23.74
CA MET J 112 5.87 -47.02 24.23
C MET J 112 4.95 -46.57 25.37
N PHE J 113 5.51 -45.88 26.37
CA PHE J 113 4.78 -45.39 27.56
C PHE J 113 3.80 -44.29 27.16
N SER J 114 4.24 -43.31 26.36
CA SER J 114 3.39 -42.17 25.89
C SER J 114 2.14 -42.70 25.18
N ASN J 115 2.31 -43.70 24.31
CA ASN J 115 1.21 -44.37 23.57
C ASN J 115 0.17 -44.87 24.59
N CYS J 116 0.64 -45.53 25.66
CA CYS J 116 -0.21 -46.09 26.74
C CYS J 116 -0.94 -44.95 27.46
N TYR J 117 -0.22 -43.92 27.87
CA TYR J 117 -0.75 -42.74 28.60
C TYR J 117 -1.75 -41.98 27.71
N LYS J 118 -1.51 -41.97 26.39
CA LYS J 118 -2.34 -41.21 25.41
C LYS J 118 -3.69 -41.91 25.23
N TYR J 119 -3.70 -43.23 25.03
CA TYR J 119 -4.89 -44.01 24.61
C TYR J 119 -5.83 -44.23 25.80
N ASN J 120 -5.29 -44.38 27.00
CA ASN J 120 -6.00 -44.90 28.20
C ASN J 120 -6.29 -43.79 29.20
N PRO J 121 -7.39 -43.90 29.99
CA PRO J 121 -7.65 -42.97 31.09
C PRO J 121 -6.68 -43.23 32.23
N PRO J 122 -6.41 -42.23 33.10
CA PRO J 122 -5.42 -42.37 34.18
C PRO J 122 -5.77 -43.42 35.25
N ASP J 123 -7.03 -43.84 35.35
CA ASP J 123 -7.51 -44.82 36.36
C ASP J 123 -7.26 -46.26 35.87
N HIS J 124 -7.03 -46.45 34.56
CA HIS J 124 -6.90 -47.80 33.92
C HIS J 124 -5.70 -48.54 34.51
N GLU J 125 -5.83 -49.85 34.66
CA GLU J 125 -4.84 -50.74 35.34
CA GLU J 125 -4.84 -50.74 35.34
C GLU J 125 -3.52 -50.70 34.55
N VAL J 126 -3.59 -50.62 33.22
CA VAL J 126 -2.40 -50.63 32.32
C VAL J 126 -1.54 -49.39 32.57
N VAL J 127 -2.17 -48.25 32.88
CA VAL J 127 -1.47 -46.97 33.18
C VAL J 127 -0.67 -47.13 34.48
N ALA J 128 -1.25 -47.77 35.50
CA ALA J 128 -0.57 -48.04 36.78
C ALA J 128 0.64 -48.94 36.55
N MET J 129 0.50 -49.92 35.65
CA MET J 129 1.57 -50.89 35.26
C MET J 129 2.66 -50.17 34.47
N ALA J 130 2.28 -49.37 33.48
CA ALA J 130 3.19 -48.50 32.68
C ALA J 130 4.11 -47.72 33.63
N ARG J 131 3.53 -47.02 34.60
CA ARG J 131 4.25 -46.13 35.55
C ARG J 131 5.27 -46.94 36.36
N LYS J 132 4.88 -48.12 36.87
CA LYS J 132 5.77 -49.00 37.66
C LYS J 132 6.95 -49.45 36.78
N LEU J 133 6.71 -49.81 35.52
CA LEU J 133 7.78 -50.24 34.59
C LEU J 133 8.63 -49.03 34.17
N GLN J 134 8.00 -47.89 33.89
CA GLN J 134 8.74 -46.65 33.50
C GLN J 134 9.69 -46.24 34.62
N ASP J 135 9.29 -46.37 35.89
CA ASP J 135 10.13 -46.04 37.06
C ASP J 135 11.40 -46.91 37.02
N VAL J 136 11.27 -48.20 36.66
CA VAL J 136 12.41 -49.14 36.53
C VAL J 136 13.35 -48.63 35.43
N PHE J 137 12.79 -48.25 34.28
CA PHE J 137 13.54 -47.74 33.10
C PHE J 137 14.28 -46.44 33.47
N GLU J 138 13.55 -45.45 33.98
CA GLU J 138 14.06 -44.08 34.23
C GLU J 138 15.26 -44.12 35.20
N MET J 139 15.18 -44.93 36.26
CA MET J 139 16.28 -45.04 37.26
C MET J 139 17.53 -45.62 36.60
N ARG J 140 17.40 -46.73 35.87
CA ARG J 140 18.54 -47.40 35.18
C ARG J 140 19.11 -46.46 34.11
N PHE J 141 18.23 -45.83 33.32
CA PHE J 141 18.60 -44.92 32.20
C PHE J 141 19.38 -43.72 32.75
N ALA J 142 18.95 -43.17 33.87
CA ALA J 142 19.56 -41.98 34.52
C ALA J 142 20.95 -42.33 35.09
N LYS J 143 21.11 -43.56 35.61
CA LYS J 143 22.34 -44.01 36.33
C LYS J 143 23.34 -44.66 35.36
N MET J 144 23.06 -44.62 34.05
CA MET J 144 23.94 -45.11 32.96
C MET J 144 25.27 -44.36 32.98
N PRO J 145 26.43 -45.06 32.99
CA PRO J 145 27.73 -44.40 32.81
C PRO J 145 27.84 -43.57 31.53
N ASP J 146 28.80 -42.64 31.50
CA ASP J 146 29.02 -41.67 30.38
C ASP J 146 30.47 -41.18 30.42
N LYS K 36 -39.16 -25.21 -40.75
CA LYS K 36 -38.34 -24.08 -41.20
C LYS K 36 -36.86 -24.47 -41.14
N VAL K 37 -36.41 -25.07 -40.01
CA VAL K 37 -34.98 -25.31 -39.69
C VAL K 37 -34.39 -26.30 -40.70
N SER K 38 -35.17 -27.29 -41.16
CA SER K 38 -34.70 -28.38 -42.06
C SER K 38 -34.71 -27.91 -43.52
N GLU K 39 -35.25 -26.71 -43.78
CA GLU K 39 -35.24 -26.07 -45.12
C GLU K 39 -33.90 -25.33 -45.30
N GLN K 40 -33.44 -24.66 -44.23
CA GLN K 40 -32.15 -23.92 -44.21
C GLN K 40 -30.98 -24.90 -44.20
N LEU K 41 -31.12 -26.07 -43.58
CA LEU K 41 -30.08 -27.13 -43.58
C LEU K 41 -29.99 -27.76 -44.97
N LYS K 42 -31.09 -27.77 -45.72
CA LYS K 42 -31.11 -28.25 -47.14
C LYS K 42 -30.35 -27.25 -48.01
N CYS K 43 -30.48 -25.95 -47.74
CA CYS K 43 -29.76 -24.84 -48.43
C CYS K 43 -28.26 -24.95 -48.15
N CYS K 44 -27.88 -25.25 -46.90
CA CYS K 44 -26.47 -25.42 -46.45
C CYS K 44 -25.80 -26.53 -47.27
N SER K 45 -26.53 -27.61 -47.57
CA SER K 45 -26.08 -28.73 -48.44
C SER K 45 -25.82 -28.19 -49.85
N GLY K 46 -26.77 -27.43 -50.41
CA GLY K 46 -26.67 -26.78 -51.73
C GLY K 46 -25.47 -25.84 -51.82
N ILE K 47 -25.23 -25.08 -50.75
CA ILE K 47 -24.09 -24.12 -50.64
C ILE K 47 -22.77 -24.89 -50.67
N LEU K 48 -22.67 -25.98 -49.89
CA LEU K 48 -21.45 -26.81 -49.79
C LEU K 48 -21.23 -27.53 -51.13
N LYS K 49 -22.31 -27.97 -51.79
CA LYS K 49 -22.24 -28.62 -53.12
C LYS K 49 -21.66 -27.61 -54.12
N GLU K 50 -22.18 -26.38 -54.12
CA GLU K 50 -21.70 -25.27 -54.98
C GLU K 50 -20.19 -25.08 -54.74
N MET K 51 -19.76 -25.03 -53.47
CA MET K 51 -18.33 -24.81 -53.10
C MET K 51 -17.46 -25.95 -53.63
N PHE K 52 -18.03 -27.15 -53.86
CA PHE K 52 -17.34 -28.35 -54.40
C PHE K 52 -17.35 -28.36 -55.94
N ALA K 53 -18.23 -27.56 -56.57
CA ALA K 53 -18.52 -27.60 -58.02
C ALA K 53 -17.28 -27.20 -58.83
N LYS K 54 -17.28 -27.55 -60.12
CA LYS K 54 -16.09 -27.49 -61.02
C LYS K 54 -15.66 -26.03 -61.22
N LYS K 55 -16.60 -25.09 -61.31
CA LYS K 55 -16.34 -23.66 -61.64
C LYS K 55 -15.47 -23.00 -60.57
N HIS K 56 -15.40 -23.55 -59.35
CA HIS K 56 -14.61 -23.01 -58.21
C HIS K 56 -13.37 -23.86 -57.93
N ALA K 57 -13.15 -24.94 -58.69
CA ALA K 57 -12.16 -26.01 -58.38
C ALA K 57 -10.74 -25.44 -58.30
N ALA K 58 -10.42 -24.42 -59.09
CA ALA K 58 -9.07 -23.83 -59.21
C ALA K 58 -8.63 -23.20 -57.88
N TYR K 59 -9.56 -22.71 -57.06
CA TYR K 59 -9.25 -22.05 -55.76
C TYR K 59 -9.91 -22.77 -54.56
N ALA K 60 -10.85 -23.70 -54.78
CA ALA K 60 -11.58 -24.41 -53.70
C ALA K 60 -10.77 -25.61 -53.18
N TRP K 61 -9.93 -26.22 -54.04
CA TRP K 61 -9.27 -27.53 -53.78
C TRP K 61 -8.51 -27.55 -52.45
N PRO K 62 -7.87 -26.45 -51.99
CA PRO K 62 -7.10 -26.51 -50.75
C PRO K 62 -7.94 -26.80 -49.50
N PHE K 63 -9.28 -26.70 -49.62
CA PHE K 63 -10.25 -26.80 -48.50
C PHE K 63 -11.13 -28.06 -48.64
N TYR K 64 -10.94 -28.84 -49.70
CA TYR K 64 -11.71 -30.09 -49.98
C TYR K 64 -11.50 -31.09 -48.83
N LYS K 65 -10.26 -31.24 -48.37
CA LYS K 65 -9.85 -32.26 -47.37
C LYS K 65 -8.94 -31.63 -46.33
N PRO K 66 -8.75 -32.26 -45.15
CA PRO K 66 -7.85 -31.72 -44.14
C PRO K 66 -6.47 -31.39 -44.76
N VAL K 67 -5.85 -30.31 -44.31
CA VAL K 67 -4.44 -29.97 -44.67
C VAL K 67 -3.59 -31.22 -44.36
N ASP K 68 -2.89 -31.76 -45.36
CA ASP K 68 -1.98 -32.92 -45.21
C ASP K 68 -0.68 -32.43 -44.56
N VAL K 69 -0.73 -32.18 -43.25
CA VAL K 69 0.37 -31.58 -42.45
C VAL K 69 1.58 -32.54 -42.42
N GLU K 70 1.33 -33.85 -42.53
CA GLU K 70 2.39 -34.90 -42.57
C GLU K 70 3.26 -34.68 -43.83
N ALA K 71 2.64 -34.71 -45.01
CA ALA K 71 3.30 -34.62 -46.33
C ALA K 71 3.97 -33.25 -46.51
N LEU K 72 3.34 -32.18 -46.03
CA LEU K 72 3.81 -30.78 -46.19
C LEU K 72 4.87 -30.44 -45.14
N GLY K 73 5.06 -31.30 -44.14
CA GLY K 73 6.04 -31.09 -43.05
C GLY K 73 5.70 -29.90 -42.17
N LEU K 74 4.40 -29.60 -42.01
CA LEU K 74 3.91 -28.51 -41.12
C LEU K 74 3.80 -29.06 -39.69
N HIS K 75 4.93 -29.15 -38.99
CA HIS K 75 5.06 -29.82 -37.67
C HIS K 75 4.34 -29.01 -36.59
N ASP K 76 4.15 -27.71 -36.81
CA ASP K 76 3.58 -26.76 -35.82
C ASP K 76 2.09 -26.49 -36.09
N TYR K 77 1.51 -27.04 -37.17
CA TYR K 77 0.13 -26.70 -37.62
C TYR K 77 -0.88 -27.04 -36.52
N CYS K 78 -0.81 -28.24 -35.97
CA CYS K 78 -1.78 -28.77 -34.97
C CYS K 78 -1.60 -28.05 -33.63
N ASP K 79 -0.42 -27.50 -33.35
CA ASP K 79 -0.14 -26.67 -32.14
C ASP K 79 -0.86 -25.32 -32.24
N ILE K 80 -0.88 -24.71 -33.43
CA ILE K 80 -1.42 -23.34 -33.68
C ILE K 80 -2.92 -23.43 -34.01
N ILE K 81 -3.31 -24.43 -34.80
CA ILE K 81 -4.74 -24.68 -35.19
C ILE K 81 -5.31 -25.78 -34.30
N LYS K 82 -6.11 -25.40 -33.30
CA LYS K 82 -6.65 -26.31 -32.25
C LYS K 82 -7.80 -27.15 -32.83
N HIS K 83 -8.62 -26.56 -33.71
CA HIS K 83 -9.81 -27.21 -34.32
C HIS K 83 -9.70 -27.15 -35.84
N PRO K 84 -8.92 -28.06 -36.47
CA PRO K 84 -8.87 -28.15 -37.92
C PRO K 84 -10.28 -28.36 -38.49
N MET K 85 -10.53 -27.83 -39.68
CA MET K 85 -11.85 -27.97 -40.37
C MET K 85 -11.61 -27.88 -41.89
N ASP K 86 -12.51 -28.50 -42.64
CA ASP K 86 -12.41 -28.67 -44.12
C ASP K 86 -13.80 -29.06 -44.63
N MET K 87 -14.02 -29.00 -45.94
CA MET K 87 -15.35 -29.15 -46.57
C MET K 87 -15.83 -30.61 -46.50
N SER K 88 -14.91 -31.57 -46.42
CA SER K 88 -15.23 -33.03 -46.32
C SER K 88 -15.79 -33.34 -44.93
N THR K 89 -15.11 -32.87 -43.88
CA THR K 89 -15.55 -32.96 -42.47
C THR K 89 -16.94 -32.31 -42.33
N ILE K 90 -17.16 -31.14 -42.94
CA ILE K 90 -18.45 -30.39 -42.91
C ILE K 90 -19.54 -31.23 -43.60
N LYS K 91 -19.19 -31.89 -44.71
CA LYS K 91 -20.13 -32.74 -45.51
C LYS K 91 -20.57 -33.94 -44.66
N SER K 92 -19.62 -34.61 -43.99
CA SER K 92 -19.87 -35.74 -43.06
C SER K 92 -20.85 -35.29 -41.95
N LYS K 93 -20.54 -34.17 -41.29
CA LYS K 93 -21.34 -33.62 -40.17
C LYS K 93 -22.75 -33.27 -40.66
N LEU K 94 -22.89 -32.82 -41.91
CA LEU K 94 -24.16 -32.37 -42.51
C LEU K 94 -25.02 -33.61 -42.84
N GLU K 95 -24.40 -34.67 -43.38
CA GLU K 95 -25.08 -35.95 -43.74
C GLU K 95 -25.49 -36.72 -42.47
N ALA K 96 -24.71 -36.59 -41.39
CA ALA K 96 -24.98 -37.20 -40.07
C ALA K 96 -25.88 -36.28 -39.22
N ARG K 97 -26.37 -35.17 -39.81
CA ARG K 97 -27.32 -34.20 -39.20
C ARG K 97 -26.81 -33.76 -37.82
N GLU K 98 -25.52 -33.41 -37.74
CA GLU K 98 -24.84 -32.94 -36.50
C GLU K 98 -24.89 -31.40 -36.42
N TYR K 99 -25.51 -30.72 -37.40
CA TYR K 99 -25.77 -29.26 -37.36
C TYR K 99 -27.24 -29.04 -36.99
N ARG K 100 -27.50 -28.34 -35.89
CA ARG K 100 -28.86 -28.05 -35.36
C ARG K 100 -29.52 -26.96 -36.23
N ASP K 101 -28.74 -26.04 -36.78
CA ASP K 101 -29.25 -24.91 -37.62
C ASP K 101 -28.14 -24.45 -38.57
N ALA K 102 -28.48 -23.56 -39.51
CA ALA K 102 -27.56 -22.98 -40.51
C ALA K 102 -26.38 -22.29 -39.82
N GLN K 103 -26.63 -21.63 -38.68
CA GLN K 103 -25.63 -20.83 -37.92
C GLN K 103 -24.46 -21.74 -37.47
N GLU K 104 -24.75 -22.99 -37.10
CA GLU K 104 -23.72 -23.97 -36.63
C GLU K 104 -22.89 -24.44 -37.83
N PHE K 105 -23.53 -24.69 -38.98
CA PHE K 105 -22.88 -24.97 -40.28
C PHE K 105 -21.97 -23.80 -40.65
N GLY K 106 -22.52 -22.58 -40.61
CA GLY K 106 -21.81 -21.32 -40.86
C GLY K 106 -20.54 -21.20 -40.03
N ALA K 107 -20.61 -21.50 -38.74
CA ALA K 107 -19.49 -21.37 -37.78
C ALA K 107 -18.32 -22.27 -38.21
N ASP K 108 -18.62 -23.45 -38.75
CA ASP K 108 -17.61 -24.44 -39.22
C ASP K 108 -16.97 -23.93 -40.51
N VAL K 109 -17.77 -23.45 -41.47
CA VAL K 109 -17.25 -22.84 -42.73
C VAL K 109 -16.29 -21.71 -42.38
N ARG K 110 -16.66 -20.84 -41.44
CA ARG K 110 -15.87 -19.65 -41.03
C ARG K 110 -14.64 -20.08 -40.22
N LEU K 111 -14.75 -21.17 -39.46
CA LEU K 111 -13.61 -21.77 -38.72
C LEU K 111 -12.55 -22.22 -39.74
N MET K 112 -12.99 -22.92 -40.80
CA MET K 112 -12.13 -23.41 -41.90
C MET K 112 -11.29 -22.25 -42.45
N PHE K 113 -11.94 -21.13 -42.77
CA PHE K 113 -11.31 -19.91 -43.34
C PHE K 113 -10.41 -19.25 -42.29
N SER K 114 -10.90 -19.07 -41.05
CA SER K 114 -10.15 -18.44 -39.93
C SER K 114 -8.84 -19.19 -39.69
N ASN K 115 -8.89 -20.53 -39.69
CA ASN K 115 -7.69 -21.41 -39.53
C ASN K 115 -6.66 -21.03 -40.59
N CYS K 116 -7.11 -20.89 -41.84
CA CYS K 116 -6.24 -20.52 -43.00
C CYS K 116 -5.63 -19.13 -42.78
N TYR K 117 -6.47 -18.14 -42.44
CA TYR K 117 -6.06 -16.73 -42.22
C TYR K 117 -5.12 -16.65 -41.01
N LYS K 118 -5.31 -17.52 -40.01
CA LYS K 118 -4.51 -17.51 -38.75
C LYS K 118 -3.10 -18.03 -39.01
N TYR K 119 -2.97 -19.15 -39.72
CA TYR K 119 -1.70 -19.91 -39.87
C TYR K 119 -0.78 -19.22 -40.89
N ASN K 120 -1.36 -18.59 -41.92
CA ASN K 120 -0.64 -18.15 -43.15
C ASN K 120 -0.48 -16.63 -43.17
N PRO K 121 0.59 -16.10 -43.80
CA PRO K 121 0.73 -14.66 -44.02
C PRO K 121 -0.26 -14.20 -45.08
N PRO K 122 -0.65 -12.89 -45.10
CA PRO K 122 -1.66 -12.40 -46.04
C PRO K 122 -1.26 -12.45 -47.53
N ASP K 123 0.04 -12.59 -47.84
CA ASP K 123 0.57 -12.62 -49.23
C ASP K 123 0.48 -14.05 -49.80
N HIS K 124 0.31 -15.07 -48.95
CA HIS K 124 0.32 -16.51 -49.33
C HIS K 124 -0.82 -16.80 -50.31
N GLU K 125 -0.58 -17.68 -51.27
CA GLU K 125 -1.51 -18.00 -52.40
CA GLU K 125 -1.51 -18.00 -52.39
C GLU K 125 -2.80 -18.61 -51.82
N VAL K 126 -2.68 -19.40 -50.76
CA VAL K 126 -3.84 -20.12 -50.12
C VAL K 126 -4.82 -19.09 -49.53
N VAL K 127 -4.31 -17.97 -49.00
CA VAL K 127 -5.13 -16.87 -48.42
C VAL K 127 -5.97 -16.24 -49.53
N ALA K 128 -5.36 -15.99 -50.70
CA ALA K 128 -6.05 -15.42 -51.89
C ALA K 128 -7.17 -16.38 -52.32
N MET K 129 -6.91 -17.69 -52.27
CA MET K 129 -7.86 -18.75 -52.65
C MET K 129 -8.99 -18.84 -51.62
N ALA K 130 -8.66 -18.83 -50.32
CA ALA K 130 -9.61 -18.78 -49.19
C ALA K 130 -10.64 -17.67 -49.43
N ARG K 131 -10.15 -16.45 -49.70
CA ARG K 131 -10.99 -15.22 -49.86
C ARG K 131 -11.95 -15.40 -51.04
N LYS K 132 -11.47 -15.93 -52.18
CA LYS K 132 -12.31 -16.16 -53.38
C LYS K 132 -13.41 -17.17 -53.05
N LEU K 133 -13.09 -18.24 -52.30
CA LEU K 133 -14.09 -19.28 -51.92
C LEU K 133 -15.03 -18.71 -50.85
N GLN K 134 -14.50 -17.97 -49.86
CA GLN K 134 -15.32 -17.36 -48.79
C GLN K 134 -16.36 -16.42 -49.41
N ASP K 135 -15.97 -15.65 -50.44
CA ASP K 135 -16.90 -14.71 -51.15
C ASP K 135 -18.07 -15.52 -51.72
N VAL K 136 -17.82 -16.71 -52.28
CA VAL K 136 -18.87 -17.61 -52.83
C VAL K 136 -19.81 -18.02 -51.69
N PHE K 137 -19.24 -18.44 -50.55
CA PHE K 137 -20.00 -18.88 -49.36
C PHE K 137 -20.86 -17.73 -48.81
N GLU K 138 -20.24 -16.58 -48.54
CA GLU K 138 -20.88 -15.42 -47.85
C GLU K 138 -22.11 -14.95 -48.65
N MET K 139 -22.00 -14.86 -49.99
CA MET K 139 -23.11 -14.39 -50.85
C MET K 139 -24.29 -15.37 -50.78
N ARG K 140 -24.03 -16.67 -50.94
CA ARG K 140 -25.08 -17.72 -50.89
C ARG K 140 -25.68 -17.77 -49.49
N PHE K 141 -24.84 -17.73 -48.44
CA PHE K 141 -25.26 -17.81 -47.01
C PHE K 141 -26.16 -16.62 -46.67
N ALA K 142 -25.82 -15.42 -47.14
CA ALA K 142 -26.57 -14.17 -46.89
C ALA K 142 -27.93 -14.19 -47.60
N LYS K 143 -28.01 -14.79 -48.79
CA LYS K 143 -29.21 -14.78 -49.68
C LYS K 143 -30.11 -16.00 -49.40
N MET K 144 -29.78 -16.79 -48.37
CA MET K 144 -30.58 -17.96 -47.89
C MET K 144 -31.97 -17.49 -47.47
N PRO K 145 -33.06 -18.14 -47.95
CA PRO K 145 -34.41 -17.87 -47.45
C PRO K 145 -34.63 -18.52 -46.08
N LYS L 36 13.04 34.29 -23.82
CA LYS L 36 12.75 34.02 -25.25
C LYS L 36 11.23 34.02 -25.45
N VAL L 37 10.78 34.25 -26.70
CA VAL L 37 9.34 34.19 -27.10
C VAL L 37 8.85 32.74 -26.97
N SER L 38 9.72 31.76 -27.26
CA SER L 38 9.39 30.31 -27.28
C SER L 38 9.44 29.72 -25.87
N GLU L 39 9.88 30.50 -24.88
CA GLU L 39 9.88 30.13 -23.44
C GLU L 39 8.49 30.45 -22.87
N GLN L 40 7.94 31.61 -23.24
CA GLN L 40 6.59 32.08 -22.82
C GLN L 40 5.50 31.22 -23.47
N LEU L 41 5.72 30.76 -24.71
CA LEU L 41 4.77 29.86 -25.42
C LEU L 41 4.79 28.47 -24.78
N LYS L 42 5.92 28.07 -24.18
CA LYS L 42 6.04 26.80 -23.41
C LYS L 42 5.22 26.92 -22.12
N CYS L 43 5.24 28.09 -21.48
CA CYS L 43 4.44 28.41 -20.26
C CYS L 43 2.94 28.38 -20.59
N CYS L 44 2.56 28.93 -21.74
CA CYS L 44 1.15 28.96 -22.23
C CYS L 44 0.61 27.53 -22.35
N SER L 45 1.44 26.58 -22.81
CA SER L 45 1.12 25.14 -22.89
C SER L 45 0.86 24.60 -21.47
N GLY L 46 1.76 24.90 -20.53
CA GLY L 46 1.66 24.52 -19.11
C GLY L 46 0.38 25.06 -18.47
N ILE L 47 0.03 26.31 -18.79
CA ILE L 47 -1.19 27.00 -18.28
C ILE L 47 -2.44 26.27 -18.81
N LEU L 48 -2.46 25.96 -20.10
CA LEU L 48 -3.61 25.28 -20.76
C LEU L 48 -3.71 23.84 -20.22
N LYS L 49 -2.57 23.19 -19.97
CA LYS L 49 -2.53 21.82 -19.39
C LYS L 49 -3.16 21.87 -17.99
N GLU L 50 -2.76 22.85 -17.17
CA GLU L 50 -3.31 23.08 -15.81
C GLU L 50 -4.83 23.25 -15.91
N MET L 51 -5.31 24.06 -16.86
CA MET L 51 -6.76 24.34 -17.04
C MET L 51 -7.52 23.06 -17.40
N PHE L 52 -6.83 22.06 -17.99
CA PHE L 52 -7.40 20.74 -18.38
C PHE L 52 -7.31 19.73 -17.23
N ALA L 53 -6.49 20.00 -16.21
CA ALA L 53 -6.15 19.05 -15.13
C ALA L 53 -7.39 18.72 -14.28
N LYS L 54 -7.32 17.62 -13.53
CA LYS L 54 -8.46 16.97 -12.84
C LYS L 54 -9.01 17.90 -11.75
N LYS L 55 -8.16 18.64 -11.05
CA LYS L 55 -8.53 19.47 -9.87
C LYS L 55 -9.51 20.59 -10.28
N HIS L 56 -9.56 20.95 -11.57
CA HIS L 56 -10.44 22.04 -12.10
C HIS L 56 -11.62 21.47 -12.91
N ALA L 57 -11.71 20.14 -13.05
CA ALA L 57 -12.61 19.44 -14.00
C ALA L 57 -14.07 19.79 -13.74
N ALA L 58 -14.45 20.03 -12.48
CA ALA L 58 -15.85 20.27 -12.05
C ALA L 58 -16.40 21.56 -12.66
N TYR L 59 -15.54 22.55 -12.94
CA TYR L 59 -15.94 23.87 -13.50
C TYR L 59 -15.28 24.16 -14.85
N ALA L 60 -14.25 23.40 -15.26
CA ALA L 60 -13.50 23.63 -16.52
C ALA L 60 -14.22 23.00 -17.72
N TRP L 61 -14.97 21.91 -17.50
CA TRP L 61 -15.52 21.03 -18.57
C TRP L 61 -16.32 21.81 -19.60
N PRO L 62 -17.06 22.88 -19.26
CA PRO L 62 -17.89 23.57 -20.27
C PRO L 62 -17.06 24.24 -21.38
N PHE L 63 -15.74 24.36 -21.19
CA PHE L 63 -14.80 25.09 -22.07
C PHE L 63 -13.80 24.15 -22.75
N TYR L 64 -13.89 22.84 -22.47
CA TYR L 64 -13.00 21.79 -23.05
C TYR L 64 -13.16 21.76 -24.57
N LYS L 65 -14.40 21.85 -25.06
CA LYS L 65 -14.76 21.68 -26.50
C LYS L 65 -15.76 22.75 -26.90
N PRO L 66 -15.94 23.03 -28.21
CA PRO L 66 -16.92 24.02 -28.66
C PRO L 66 -18.28 23.74 -28.01
N VAL L 67 -19.02 24.80 -27.66
CA VAL L 67 -20.44 24.70 -27.21
C VAL L 67 -21.19 23.89 -28.28
N ASP L 68 -21.81 22.77 -27.89
CA ASP L 68 -22.61 21.90 -28.79
C ASP L 68 -23.97 22.58 -29.01
N VAL L 69 -23.99 23.63 -29.84
CA VAL L 69 -25.18 24.50 -30.09
C VAL L 69 -26.28 23.69 -30.78
N GLU L 70 -25.92 22.65 -31.54
CA GLU L 70 -26.88 21.73 -32.21
C GLU L 70 -27.71 21.01 -31.15
N ALA L 71 -27.05 20.27 -30.25
CA ALA L 71 -27.68 19.40 -29.22
C ALA L 71 -28.47 20.26 -28.22
N LEU L 72 -27.94 21.45 -27.86
CA LEU L 72 -28.53 22.36 -26.84
C LEU L 72 -29.66 23.19 -27.45
N GLY L 73 -29.81 23.19 -28.78
CA GLY L 73 -30.85 23.96 -29.50
C GLY L 73 -30.64 25.46 -29.38
N LEU L 74 -29.39 25.91 -29.27
CA LEU L 74 -29.02 27.36 -29.22
C LEU L 74 -28.91 27.88 -30.65
N HIS L 75 -30.06 28.16 -31.28
CA HIS L 75 -30.18 28.51 -32.73
C HIS L 75 -29.58 29.90 -32.99
N ASP L 76 -29.49 30.75 -31.97
CA ASP L 76 -29.04 32.16 -32.08
C ASP L 76 -27.57 32.32 -31.65
N TYR L 77 -26.91 31.26 -31.19
CA TYR L 77 -25.55 31.35 -30.57
C TYR L 77 -24.55 31.89 -31.60
N CYS L 78 -24.54 31.32 -32.82
CA CYS L 78 -23.56 31.66 -33.88
C CYS L 78 -23.84 33.07 -34.44
N ASP L 79 -25.09 33.56 -34.32
CA ASP L 79 -25.48 34.95 -34.72
C ASP L 79 -24.88 35.97 -33.74
N ILE L 80 -24.87 35.65 -32.44
CA ILE L 80 -24.44 36.57 -31.34
C ILE L 80 -22.93 36.42 -31.11
N ILE L 81 -22.41 35.19 -31.15
CA ILE L 81 -20.96 34.87 -30.97
C ILE L 81 -20.33 34.67 -32.35
N LYS L 82 -19.60 35.67 -32.83
CA LYS L 82 -19.01 35.71 -34.20
C LYS L 82 -17.78 34.80 -34.27
N HIS L 83 -16.99 34.75 -33.20
CA HIS L 83 -15.72 33.98 -33.12
C HIS L 83 -15.79 33.03 -31.92
N PRO L 84 -16.46 31.86 -32.06
CA PRO L 84 -16.45 30.84 -31.02
C PRO L 84 -15.00 30.44 -30.68
N MET L 85 -14.74 30.09 -29.42
CA MET L 85 -13.40 29.66 -28.95
C MET L 85 -13.59 28.71 -27.76
N ASP L 86 -12.61 27.83 -27.55
CA ASP L 86 -12.64 26.75 -26.55
C ASP L 86 -11.20 26.23 -26.37
N MET L 87 -10.95 25.45 -25.33
CA MET L 87 -9.59 25.05 -24.91
C MET L 87 -8.99 24.04 -25.90
N SER L 88 -9.82 23.27 -26.62
CA SER L 88 -9.38 22.28 -27.62
C SER L 88 -8.83 23.00 -28.86
N THR L 89 -9.59 23.97 -29.38
CA THR L 89 -9.20 24.86 -30.49
C THR L 89 -7.87 25.56 -30.14
N ILE L 90 -7.74 26.06 -28.91
CA ILE L 90 -6.53 26.77 -28.41
C ILE L 90 -5.35 25.79 -28.39
N LYS L 91 -5.58 24.54 -27.98
CA LYS L 91 -4.55 23.46 -27.90
C LYS L 91 -4.05 23.15 -29.32
N SER L 92 -4.95 22.99 -30.29
CA SER L 92 -4.63 22.77 -31.73
C SER L 92 -3.73 23.91 -32.23
N LYS L 93 -4.16 25.16 -32.03
CA LYS L 93 -3.45 26.38 -32.50
C LYS L 93 -2.06 26.46 -31.85
N LEU L 94 -1.93 26.01 -30.60
CA LEU L 94 -0.67 26.06 -29.82
C LEU L 94 0.30 24.99 -30.34
N GLU L 95 -0.20 23.79 -30.65
CA GLU L 95 0.60 22.65 -31.18
C GLU L 95 1.02 22.94 -32.62
N ALA L 96 0.20 23.66 -33.39
CA ALA L 96 0.49 24.08 -34.78
C ALA L 96 1.27 25.41 -34.79
N ARG L 97 1.67 25.91 -33.62
CA ARG L 97 2.52 27.12 -33.42
C ARG L 97 1.91 28.31 -34.19
N GLU L 98 0.60 28.51 -34.08
CA GLU L 98 -0.17 29.60 -34.73
C GLU L 98 -0.27 30.82 -33.79
N TYR L 99 0.32 30.76 -32.60
CA TYR L 99 0.46 31.91 -31.67
C TYR L 99 1.90 32.44 -31.76
N ARG L 100 2.04 33.72 -32.13
CA ARG L 100 3.35 34.40 -32.29
C ARG L 100 3.96 34.70 -30.91
N ASP L 101 3.11 34.97 -29.91
CA ASP L 101 3.54 35.32 -28.52
C ASP L 101 2.43 34.95 -27.54
N ALA L 102 2.72 35.04 -26.23
CA ALA L 102 1.79 34.75 -25.12
C ALA L 102 0.53 35.62 -25.23
N GLN L 103 0.68 36.87 -25.67
CA GLN L 103 -0.41 37.89 -25.76
C GLN L 103 -1.50 37.38 -26.72
N GLU L 104 -1.13 36.70 -27.80
CA GLU L 104 -2.08 36.18 -28.83
C GLU L 104 -2.82 34.97 -28.25
N PHE L 105 -2.12 34.09 -27.53
CA PHE L 105 -2.69 32.97 -26.74
C PHE L 105 -3.70 33.54 -25.73
N GLY L 106 -3.25 34.53 -24.95
CA GLY L 106 -4.07 35.26 -23.96
C GLY L 106 -5.37 35.77 -24.54
N ALA L 107 -5.32 36.39 -25.73
CA ALA L 107 -6.48 37.00 -26.40
C ALA L 107 -7.55 35.94 -26.70
N ASP L 108 -7.12 34.73 -27.05
CA ASP L 108 -8.03 33.59 -27.36
C ASP L 108 -8.66 33.07 -26.06
N VAL L 109 -7.88 32.89 -25.00
CA VAL L 109 -8.40 32.48 -23.66
C VAL L 109 -9.47 33.48 -23.23
N ARG L 110 -9.21 34.78 -23.36
CA ARG L 110 -10.11 35.87 -22.92
C ARG L 110 -11.32 35.95 -23.85
N LEU L 111 -11.15 35.63 -25.14
CA LEU L 111 -12.27 35.55 -26.12
C LEU L 111 -13.24 34.45 -25.68
N MET L 112 -12.70 33.29 -25.31
CA MET L 112 -13.49 32.12 -24.82
C MET L 112 -14.40 32.57 -23.68
N PHE L 113 -13.83 33.26 -22.68
CA PHE L 113 -14.55 33.75 -21.48
C PHE L 113 -15.53 34.86 -21.88
N SER L 114 -15.11 35.84 -22.68
CA SER L 114 -15.95 36.97 -23.14
C SER L 114 -17.20 36.45 -23.86
N ASN L 115 -17.03 35.44 -24.72
CA ASN L 115 -18.15 34.78 -25.45
C ASN L 115 -19.18 34.28 -24.43
N CYS L 116 -18.71 33.62 -23.37
CA CYS L 116 -19.55 33.06 -22.29
C CYS L 116 -20.28 34.20 -21.56
N TYR L 117 -19.55 35.24 -21.15
CA TYR L 117 -20.09 36.41 -20.42
C TYR L 117 -21.08 37.18 -21.31
N LYS L 118 -20.85 37.19 -22.62
CA LYS L 118 -21.68 37.95 -23.61
C LYS L 118 -23.04 37.26 -23.78
N TYR L 119 -23.04 35.93 -23.98
CA TYR L 119 -24.24 35.16 -24.39
C TYR L 119 -25.18 34.93 -23.20
N ASN L 120 -24.62 34.78 -21.99
CA ASN L 120 -25.33 34.26 -20.79
C ASN L 120 -25.61 35.37 -19.79
N PRO L 121 -26.70 35.27 -18.99
CA PRO L 121 -26.94 36.20 -17.89
C PRO L 121 -25.96 35.94 -16.75
N PRO L 122 -25.68 36.94 -15.89
CA PRO L 122 -24.69 36.78 -14.81
C PRO L 122 -25.03 35.74 -13.73
N ASP L 123 -26.29 35.32 -13.64
CA ASP L 123 -26.81 34.36 -12.62
C ASP L 123 -26.57 32.91 -13.12
N HIS L 124 -26.32 32.71 -14.43
CA HIS L 124 -26.21 31.37 -15.06
C HIS L 124 -25.00 30.63 -14.48
N GLU L 125 -25.13 29.31 -14.33
CA GLU L 125 -24.15 28.41 -13.67
C GLU L 125 -22.83 28.45 -14.45
N VAL L 126 -22.91 28.54 -15.78
CA VAL L 126 -21.72 28.52 -16.70
C VAL L 126 -20.85 29.76 -16.44
N VAL L 127 -21.48 30.90 -16.13
CA VAL L 127 -20.77 32.18 -15.83
C VAL L 127 -19.96 32.01 -14.54
N ALA L 128 -20.55 31.38 -13.51
CA ALA L 128 -19.87 31.10 -12.23
C ALA L 128 -18.66 30.19 -12.49
N MET L 129 -18.81 29.22 -13.38
CA MET L 129 -17.74 28.26 -13.76
C MET L 129 -16.65 28.97 -14.56
N ALA L 130 -17.03 29.78 -15.55
CA ALA L 130 -16.12 30.65 -16.35
C ALA L 130 -15.19 31.41 -15.41
N ARG L 131 -15.78 32.12 -14.43
CA ARG L 131 -15.04 33.01 -13.48
C ARG L 131 -14.02 32.19 -12.68
N LYS L 132 -14.42 31.03 -12.18
CA LYS L 132 -13.52 30.14 -11.38
C LYS L 132 -12.34 29.69 -12.27
N LEU L 133 -12.60 29.34 -13.53
CA LEU L 133 -11.52 28.90 -14.47
C LEU L 133 -10.68 30.11 -14.89
N GLN L 134 -11.30 31.26 -15.16
CA GLN L 134 -10.58 32.50 -15.56
C GLN L 134 -9.61 32.89 -14.44
N ASP L 135 -10.01 32.76 -13.17
CA ASP L 135 -9.16 33.09 -12.00
C ASP L 135 -7.89 32.22 -12.06
N VAL L 136 -8.03 30.93 -12.42
CA VAL L 136 -6.88 29.99 -12.55
C VAL L 136 -5.94 30.51 -13.65
N PHE L 137 -6.51 30.88 -14.80
CA PHE L 137 -5.76 31.40 -15.98
C PHE L 137 -5.03 32.70 -15.61
N GLU L 138 -5.76 33.69 -15.09
CA GLU L 138 -5.24 35.06 -14.84
C GLU L 138 -4.05 35.02 -13.88
N MET L 139 -4.11 34.21 -12.83
CA MET L 139 -3.01 34.09 -11.82
C MET L 139 -1.75 33.52 -12.49
N ARG L 140 -1.89 32.41 -13.22
CA ARG L 140 -0.76 31.74 -13.91
C ARG L 140 -0.20 32.68 -14.99
N PHE L 141 -1.09 33.31 -15.78
CA PHE L 141 -0.72 34.21 -16.90
C PHE L 141 0.08 35.41 -16.37
N ALA L 142 -0.36 35.98 -15.23
CA ALA L 142 0.26 37.16 -14.58
C ALA L 142 1.65 36.81 -14.02
N LYS L 143 1.82 35.60 -13.50
CA LYS L 143 3.05 35.14 -12.78
C LYS L 143 4.04 34.48 -13.75
N MET L 144 3.75 34.52 -15.06
CA MET L 144 4.64 34.05 -16.15
C MET L 144 5.95 34.84 -16.13
N PRO L 145 7.13 34.17 -16.16
CA PRO L 145 8.40 34.86 -16.38
C PRO L 145 8.56 35.27 -17.85
N VAL M 37 26.11 28.32 -26.20
CA VAL M 37 27.30 27.80 -25.57
C VAL M 37 26.97 26.67 -24.61
N SER M 38 25.79 26.70 -23.97
CA SER M 38 25.32 25.66 -23.00
C SER M 38 24.73 24.45 -23.74
N GLU M 39 24.58 24.56 -25.07
CA GLU M 39 24.11 23.46 -25.96
C GLU M 39 25.33 22.60 -26.33
N GLN M 40 26.47 23.25 -26.62
CA GLN M 40 27.75 22.58 -26.96
C GLN M 40 28.34 21.91 -25.71
N LEU M 41 28.15 22.48 -24.52
CA LEU M 41 28.62 21.87 -23.25
C LEU M 41 27.76 20.65 -22.92
N LYS M 42 26.50 20.62 -23.36
CA LYS M 42 25.61 19.45 -23.21
C LYS M 42 26.10 18.31 -24.11
N CYS M 43 26.57 18.66 -25.33
CA CYS M 43 27.17 17.70 -26.30
C CYS M 43 28.47 17.11 -25.74
N CYS M 44 29.29 17.94 -25.10
CA CYS M 44 30.58 17.54 -24.47
C CYS M 44 30.33 16.46 -23.41
N SER M 45 29.23 16.59 -22.65
CA SER M 45 28.77 15.58 -21.66
C SER M 45 28.43 14.27 -22.38
N GLY M 46 27.66 14.35 -23.47
CA GLY M 46 27.27 13.20 -24.32
C GLY M 46 28.49 12.49 -24.89
N ILE M 47 29.49 13.26 -25.33
CA ILE M 47 30.77 12.76 -25.90
C ILE M 47 31.53 11.99 -24.82
N LEU M 48 31.65 12.57 -23.63
CA LEU M 48 32.38 11.96 -22.48
C LEU M 48 31.63 10.71 -22.02
N LYS M 49 30.30 10.74 -22.04
CA LYS M 49 29.46 9.57 -21.67
C LYS M 49 29.73 8.44 -22.66
N GLU M 50 29.74 8.75 -23.96
CA GLU M 50 30.06 7.79 -25.05
C GLU M 50 31.43 7.17 -24.77
N MET M 51 32.43 7.99 -24.44
CA MET M 51 33.83 7.53 -24.20
C MET M 51 33.87 6.57 -22.99
N PHE M 52 32.89 6.67 -22.07
CA PHE M 52 32.77 5.82 -20.86
C PHE M 52 31.96 4.54 -21.16
N ALA M 53 31.22 4.51 -22.27
CA ALA M 53 30.23 3.45 -22.61
C ALA M 53 30.94 2.11 -22.82
N LYS M 54 30.16 1.02 -22.75
CA LYS M 54 30.66 -0.38 -22.68
C LYS M 54 31.40 -0.75 -23.97
N LYS M 55 30.92 -0.29 -25.13
CA LYS M 55 31.43 -0.68 -26.47
C LYS M 55 32.90 -0.25 -26.63
N HIS M 56 33.39 0.73 -25.84
CA HIS M 56 34.77 1.25 -25.92
C HIS M 56 35.62 0.79 -24.73
N ALA M 57 35.04 0.02 -23.80
CA ALA M 57 35.62 -0.29 -22.47
C ALA M 57 36.98 -0.99 -22.60
N ALA M 58 37.17 -1.80 -23.65
CA ALA M 58 38.38 -2.64 -23.85
C ALA M 58 39.62 -1.75 -24.06
N TYR M 59 39.46 -0.54 -24.61
CA TYR M 59 40.60 0.40 -24.89
C TYR M 59 40.44 1.73 -24.14
N ALA M 60 39.28 2.05 -23.57
CA ALA M 60 39.01 3.34 -22.88
C ALA M 60 39.51 3.29 -21.42
N TRP M 61 39.53 2.11 -20.80
CA TRP M 61 39.74 1.93 -19.34
C TRP M 61 41.03 2.62 -18.84
N PRO M 62 42.14 2.69 -19.62
CA PRO M 62 43.36 3.30 -19.10
C PRO M 62 43.23 4.80 -18.80
N PHE M 63 42.15 5.43 -19.28
CA PHE M 63 41.91 6.90 -19.22
C PHE M 63 40.73 7.24 -18.31
N TYR M 64 40.07 6.23 -17.72
CA TYR M 64 38.91 6.39 -16.81
C TYR M 64 39.31 7.20 -15.58
N LYS M 65 40.49 6.90 -15.01
CA LYS M 65 40.98 7.48 -13.74
C LYS M 65 42.45 7.87 -13.89
N PRO M 66 42.99 8.74 -13.00
CA PRO M 66 44.41 9.10 -13.08
C PRO M 66 45.28 7.84 -13.16
N VAL M 67 46.37 7.91 -13.92
CA VAL M 67 47.42 6.85 -13.93
C VAL M 67 47.83 6.62 -12.47
N ASP M 68 47.71 5.39 -11.98
CA ASP M 68 48.11 4.99 -10.60
C ASP M 68 49.63 4.84 -10.56
N VAL M 69 50.34 5.97 -10.54
CA VAL M 69 51.83 6.06 -10.65
C VAL M 69 52.48 5.40 -9.41
N GLU M 70 51.78 5.41 -8.27
CA GLU M 70 52.23 4.76 -7.00
C GLU M 70 52.36 3.25 -7.22
N ALA M 71 51.25 2.61 -7.60
CA ALA M 71 51.14 1.13 -7.77
C ALA M 71 52.05 0.65 -8.91
N LEU M 72 52.14 1.42 -10.00
CA LEU M 72 52.90 1.05 -11.22
C LEU M 72 54.40 1.35 -11.04
N GLY M 73 54.77 2.08 -9.99
CA GLY M 73 56.17 2.45 -9.68
C GLY M 73 56.75 3.40 -10.73
N LEU M 74 55.92 4.26 -11.32
CA LEU M 74 56.34 5.29 -12.31
C LEU M 74 56.80 6.53 -11.53
N HIS M 75 58.02 6.49 -11.00
CA HIS M 75 58.59 7.50 -10.07
C HIS M 75 58.85 8.83 -10.82
N ASP M 76 59.01 8.77 -12.15
CA ASP M 76 59.38 9.93 -13.00
C ASP M 76 58.15 10.52 -13.71
N TYR M 77 56.96 9.94 -13.56
CA TYR M 77 55.75 10.32 -14.33
C TYR M 77 55.40 11.79 -14.06
N CYS M 78 55.34 12.18 -12.78
CA CYS M 78 54.90 13.53 -12.35
C CYS M 78 55.97 14.58 -12.72
N ASP M 79 57.23 14.18 -12.87
CA ASP M 79 58.35 15.06 -13.32
C ASP M 79 58.17 15.40 -14.82
N ILE M 80 57.74 14.41 -15.63
CA ILE M 80 57.65 14.54 -17.12
C ILE M 80 56.26 15.08 -17.50
N ILE M 81 55.21 14.62 -16.82
CA ILE M 81 53.80 15.06 -17.04
C ILE M 81 53.44 16.09 -15.97
N LYS M 82 53.42 17.38 -16.34
CA LYS M 82 53.23 18.52 -15.42
C LYS M 82 51.74 18.64 -15.04
N HIS M 83 50.84 18.38 -16.00
CA HIS M 83 49.37 18.51 -15.84
C HIS M 83 48.70 17.18 -16.17
N PRO M 84 48.69 16.20 -15.23
CA PRO M 84 47.96 14.95 -15.42
C PRO M 84 46.48 15.25 -15.73
N MET M 85 45.84 14.41 -16.54
CA MET M 85 44.41 14.54 -16.90
C MET M 85 43.85 13.15 -17.21
N ASP M 86 42.54 12.99 -17.03
CA ASP M 86 41.81 11.71 -17.15
C ASP M 86 40.31 12.03 -17.25
N MET M 87 39.50 11.04 -17.64
CA MET M 87 38.07 11.25 -17.98
C MET M 87 37.24 11.53 -16.72
N SER M 88 37.68 11.07 -15.55
CA SER M 88 36.98 11.30 -14.25
C SER M 88 37.14 12.75 -13.83
N THR M 89 38.38 13.27 -13.88
CA THR M 89 38.71 14.69 -13.63
C THR M 89 37.90 15.58 -14.57
N ILE M 90 37.82 15.22 -15.85
CA ILE M 90 37.06 15.98 -16.90
C ILE M 90 35.57 15.97 -16.55
N LYS M 91 35.05 14.84 -16.07
CA LYS M 91 33.62 14.66 -15.67
C LYS M 91 33.30 15.58 -14.49
N SER M 92 34.16 15.60 -13.46
CA SER M 92 34.06 16.50 -12.28
C SER M 92 33.99 17.96 -12.74
N LYS M 93 34.95 18.38 -13.57
CA LYS M 93 35.08 19.77 -14.08
C LYS M 93 33.83 20.14 -14.89
N LEU M 94 33.25 19.18 -15.61
CA LEU M 94 32.06 19.39 -16.49
C LEU M 94 30.81 19.56 -15.63
N GLU M 95 30.67 18.75 -14.57
CA GLU M 95 29.52 18.77 -13.64
C GLU M 95 29.58 20.04 -12.77
N ALA M 96 30.79 20.52 -12.45
CA ALA M 96 31.04 21.76 -11.68
C ALA M 96 31.07 22.98 -12.61
N ARG M 97 30.77 22.78 -13.90
CA ARG M 97 30.64 23.85 -14.95
C ARG M 97 31.90 24.72 -14.95
N GLU M 98 33.08 24.10 -14.91
CA GLU M 98 34.41 24.77 -14.92
C GLU M 98 34.93 24.90 -16.35
N TYR M 99 34.18 24.44 -17.36
CA TYR M 99 34.47 24.66 -18.79
C TYR M 99 33.56 25.77 -19.33
N ARG M 100 34.16 26.85 -19.84
CA ARG M 100 33.45 28.05 -20.37
C ARG M 100 32.83 27.71 -21.74
N ASP M 101 33.48 26.84 -22.51
CA ASP M 101 33.04 26.45 -23.88
C ASP M 101 33.60 25.05 -24.21
N ALA M 102 33.15 24.48 -25.33
CA ALA M 102 33.58 23.16 -25.84
C ALA M 102 35.09 23.10 -26.04
N GLN M 103 35.69 24.21 -26.47
CA GLN M 103 37.14 24.32 -26.79
C GLN M 103 37.98 24.03 -25.54
N GLU M 104 37.53 24.47 -24.36
CA GLU M 104 38.25 24.27 -23.07
C GLU M 104 38.14 22.80 -22.65
N PHE M 105 36.96 22.19 -22.81
CA PHE M 105 36.71 20.74 -22.65
C PHE M 105 37.65 19.96 -23.58
N GLY M 106 37.64 20.33 -24.87
CA GLY M 106 38.50 19.75 -25.92
C GLY M 106 39.96 19.75 -25.52
N ALA M 107 40.48 20.87 -24.99
CA ALA M 107 41.89 21.05 -24.62
C ALA M 107 42.30 20.04 -23.55
N ASP M 108 41.38 19.72 -22.62
CA ASP M 108 41.61 18.75 -21.52
C ASP M 108 41.64 17.32 -22.10
N VAL M 109 40.68 16.98 -22.96
CA VAL M 109 40.64 15.65 -23.65
C VAL M 109 41.98 15.44 -24.39
N ARG M 110 42.44 16.46 -25.12
CA ARG M 110 43.68 16.40 -25.94
C ARG M 110 44.91 16.39 -25.04
N LEU M 111 44.85 17.06 -23.88
CA LEU M 111 45.93 17.02 -22.86
C LEU M 111 46.10 15.59 -22.36
N MET M 112 44.99 14.93 -22.04
CA MET M 112 44.94 13.52 -21.57
C MET M 112 45.71 12.63 -22.56
N PHE M 113 45.40 12.75 -23.85
CA PHE M 113 46.03 11.96 -24.93
C PHE M 113 47.50 12.36 -25.11
N SER M 114 47.79 13.67 -25.16
CA SER M 114 49.17 14.21 -25.32
C SER M 114 50.08 13.67 -24.21
N ASN M 115 49.59 13.67 -22.97
CA ASN M 115 50.33 13.13 -21.78
C ASN M 115 50.73 11.68 -22.08
N CYS M 116 49.80 10.88 -22.58
CA CYS M 116 50.01 9.45 -22.93
C CYS M 116 51.07 9.33 -24.04
N TYR M 117 50.91 10.09 -25.12
CA TYR M 117 51.82 10.10 -26.30
C TYR M 117 53.20 10.59 -25.88
N LYS M 118 53.28 11.50 -24.91
CA LYS M 118 54.55 12.13 -24.45
C LYS M 118 55.36 11.12 -23.63
N TYR M 119 54.72 10.42 -22.69
CA TYR M 119 55.41 9.58 -21.67
C TYR M 119 55.85 8.25 -22.27
N ASN M 120 55.07 7.72 -23.23
CA ASN M 120 55.16 6.30 -23.70
C ASN M 120 55.78 6.24 -25.10
N PRO M 121 56.49 5.14 -25.43
CA PRO M 121 56.97 4.91 -26.79
C PRO M 121 55.80 4.57 -27.71
N PRO M 122 55.92 4.80 -29.05
CA PRO M 122 54.80 4.57 -29.97
C PRO M 122 54.35 3.11 -30.12
N ASP M 123 55.17 2.14 -29.70
CA ASP M 123 54.87 0.68 -29.81
C ASP M 123 54.03 0.23 -28.61
N HIS M 124 53.99 1.01 -27.52
CA HIS M 124 53.32 0.63 -26.24
C HIS M 124 51.82 0.45 -26.48
N GLU M 125 51.21 -0.52 -25.77
CA GLU M 125 49.80 -0.95 -25.97
C GLU M 125 48.87 0.23 -25.62
N VAL M 126 49.24 1.05 -24.63
CA VAL M 126 48.42 2.18 -24.13
C VAL M 126 48.29 3.24 -25.24
N VAL M 127 49.33 3.42 -26.04
CA VAL M 127 49.34 4.40 -27.18
C VAL M 127 48.32 3.93 -28.23
N ALA M 128 48.29 2.63 -28.53
CA ALA M 128 47.33 2.04 -29.50
C ALA M 128 45.90 2.25 -28.98
N MET M 129 45.70 2.13 -27.67
CA MET M 129 44.39 2.31 -27.00
C MET M 129 43.99 3.79 -27.02
N ALA M 130 44.92 4.68 -26.66
CA ALA M 130 44.76 6.15 -26.74
C ALA M 130 44.20 6.54 -28.12
N ARG M 131 44.85 6.08 -29.19
CA ARG M 131 44.51 6.44 -30.59
C ARG M 131 43.09 5.97 -30.92
N LYS M 132 42.72 4.75 -30.54
CA LYS M 132 41.36 4.19 -30.78
C LYS M 132 40.32 5.06 -30.05
N LEU M 133 40.60 5.47 -28.81
CA LEU M 133 39.65 6.32 -28.02
C LEU M 133 39.65 7.74 -28.59
N GLN M 134 40.81 8.29 -28.95
CA GLN M 134 40.92 9.65 -29.52
C GLN M 134 40.09 9.73 -30.82
N ASP M 135 40.13 8.68 -31.64
CA ASP M 135 39.36 8.61 -32.91
C ASP M 135 37.86 8.76 -32.59
N VAL M 136 37.38 8.13 -31.52
CA VAL M 136 35.96 8.21 -31.06
C VAL M 136 35.66 9.68 -30.70
N PHE M 137 36.54 10.31 -29.92
CA PHE M 137 36.41 11.71 -29.46
C PHE M 137 36.39 12.67 -30.67
N GLU M 138 37.42 12.59 -31.53
CA GLU M 138 37.65 13.54 -32.64
C GLU M 138 36.45 13.55 -33.59
N MET M 139 35.87 12.39 -33.91
CA MET M 139 34.70 12.28 -34.84
C MET M 139 33.48 12.98 -34.21
N ARG M 140 33.17 12.67 -32.96
CA ARG M 140 32.00 13.26 -32.24
C ARG M 140 32.24 14.77 -32.06
N PHE M 141 33.45 15.17 -31.67
CA PHE M 141 33.82 16.60 -31.42
C PHE M 141 33.68 17.41 -32.71
N ALA M 142 34.12 16.85 -33.84
CA ALA M 142 34.08 17.50 -35.17
C ALA M 142 32.64 17.66 -35.66
N LYS M 143 31.76 16.69 -35.36
CA LYS M 143 30.37 16.62 -35.88
C LYS M 143 29.38 17.32 -34.92
N MET M 144 29.90 17.98 -33.89
CA MET M 144 29.12 18.79 -32.91
C MET M 144 28.39 19.92 -33.63
N PRO M 145 27.06 20.08 -33.42
CA PRO M 145 26.34 21.26 -33.91
C PRO M 145 26.95 22.60 -33.44
N ASP M 146 26.63 23.69 -34.17
CA ASP M 146 27.26 25.03 -34.04
C ASP M 146 28.78 24.90 -34.18
N VAL N 37 11.77 -39.74 -11.80
CA VAL N 37 13.21 -39.90 -12.07
C VAL N 37 13.44 -40.00 -13.60
N SER N 38 14.57 -39.43 -14.06
CA SER N 38 15.08 -39.56 -15.46
C SER N 38 15.81 -40.90 -15.64
N GLU N 39 16.02 -41.66 -14.57
CA GLU N 39 16.60 -43.03 -14.59
C GLU N 39 15.48 -44.03 -14.91
N GLN N 40 14.30 -43.84 -14.29
CA GLN N 40 13.10 -44.68 -14.49
C GLN N 40 12.52 -44.43 -15.90
N LEU N 41 12.61 -43.21 -16.42
CA LEU N 41 12.15 -42.87 -17.80
C LEU N 41 13.10 -43.51 -18.83
N LYS N 42 14.37 -43.70 -18.47
CA LYS N 42 15.36 -44.40 -19.33
C LYS N 42 15.00 -45.90 -19.38
N CYS N 43 14.55 -46.46 -18.26
CA CYS N 43 14.07 -47.87 -18.15
C CYS N 43 12.82 -48.07 -19.01
N CYS N 44 11.89 -47.10 -18.98
CA CYS N 44 10.63 -47.12 -19.76
C CYS N 44 10.95 -47.22 -21.26
N SER N 45 11.99 -46.52 -21.71
CA SER N 45 12.52 -46.60 -23.11
C SER N 45 12.99 -48.02 -23.41
N GLY N 46 13.79 -48.60 -22.50
CA GLY N 46 14.30 -49.99 -22.59
C GLY N 46 13.18 -51.00 -22.65
N ILE N 47 12.12 -50.80 -21.85
CA ILE N 47 10.91 -51.67 -21.78
C ILE N 47 10.18 -51.61 -23.13
N LEU N 48 9.98 -50.41 -23.68
CA LEU N 48 9.27 -50.19 -24.96
C LEU N 48 10.12 -50.76 -26.10
N LYS N 49 11.44 -50.62 -26.03
CA LYS N 49 12.38 -51.19 -27.04
C LYS N 49 12.24 -52.72 -27.03
N GLU N 50 12.24 -53.33 -25.84
CA GLU N 50 12.05 -54.79 -25.65
C GLU N 50 10.74 -55.20 -26.31
N MET N 51 9.65 -54.47 -26.05
CA MET N 51 8.30 -54.78 -26.60
C MET N 51 8.30 -54.72 -28.13
N PHE N 52 9.22 -53.96 -28.72
CA PHE N 52 9.39 -53.80 -30.20
C PHE N 52 10.32 -54.88 -30.77
N ALA N 53 11.10 -55.56 -29.93
CA ALA N 53 12.19 -56.49 -30.32
C ALA N 53 11.62 -57.70 -31.07
N LYS N 54 12.48 -58.41 -31.80
CA LYS N 54 12.11 -59.47 -32.79
C LYS N 54 11.46 -60.65 -32.07
N LYS N 55 11.93 -61.01 -30.87
CA LYS N 55 11.50 -62.22 -30.13
C LYS N 55 10.00 -62.14 -29.77
N HIS N 56 9.41 -60.94 -29.76
CA HIS N 56 7.98 -60.71 -29.40
C HIS N 56 7.14 -60.36 -30.63
N ALA N 57 7.75 -60.29 -31.82
CA ALA N 57 7.16 -59.71 -33.05
C ALA N 57 5.88 -60.44 -33.46
N ALA N 58 5.79 -61.75 -33.19
CA ALA N 58 4.68 -62.62 -33.63
C ALA N 58 3.37 -62.20 -32.94
N TYR N 59 3.44 -61.64 -31.72
CA TYR N 59 2.24 -61.22 -30.94
C TYR N 59 2.24 -59.71 -30.62
N ALA N 60 3.34 -59.00 -30.82
CA ALA N 60 3.47 -57.55 -30.50
C ALA N 60 2.92 -56.69 -31.64
N TRP N 61 2.99 -57.16 -32.89
CA TRP N 61 2.75 -56.36 -34.12
C TRP N 61 1.40 -55.65 -34.09
N PRO N 62 0.31 -56.20 -33.50
CA PRO N 62 -0.99 -55.52 -33.53
C PRO N 62 -1.01 -54.19 -32.77
N PHE N 63 0.03 -53.91 -31.97
CA PHE N 63 0.14 -52.75 -31.05
C PHE N 63 1.26 -51.79 -31.48
N TYR N 64 1.98 -52.10 -32.55
CA TYR N 64 3.09 -51.29 -33.10
C TYR N 64 2.57 -49.91 -33.52
N LYS N 65 1.41 -49.87 -34.17
CA LYS N 65 0.82 -48.65 -34.79
C LYS N 65 -0.67 -48.59 -34.48
N PRO N 66 -1.32 -47.41 -34.59
CA PRO N 66 -2.75 -47.30 -34.36
C PRO N 66 -3.51 -48.39 -35.14
N VAL N 67 -4.57 -48.94 -34.56
CA VAL N 67 -5.52 -49.83 -35.27
C VAL N 67 -5.96 -49.11 -36.55
N ASP N 68 -5.73 -49.71 -37.72
CA ASP N 68 -6.14 -49.14 -39.04
C ASP N 68 -7.65 -49.37 -39.22
N VAL N 69 -8.46 -48.57 -38.51
CA VAL N 69 -9.95 -48.71 -38.43
C VAL N 69 -10.56 -48.46 -39.82
N GLU N 70 -9.91 -47.64 -40.65
CA GLU N 70 -10.35 -47.36 -42.05
C GLU N 70 -10.33 -48.66 -42.87
N ALA N 71 -9.15 -49.30 -42.96
CA ALA N 71 -8.90 -50.49 -43.79
C ALA N 71 -9.73 -51.69 -43.28
N LEU N 72 -9.86 -51.83 -41.94
CA LEU N 72 -10.53 -52.96 -41.27
C LEU N 72 -12.05 -52.76 -41.26
N GLY N 73 -12.53 -51.55 -41.61
CA GLY N 73 -13.96 -51.21 -41.64
C GLY N 73 -14.60 -51.22 -40.26
N LEU N 74 -13.82 -50.88 -39.22
CA LEU N 74 -14.31 -50.78 -37.82
C LEU N 74 -14.90 -49.38 -37.61
N HIS N 75 -16.13 -49.18 -38.09
CA HIS N 75 -16.82 -47.86 -38.15
C HIS N 75 -17.17 -47.38 -36.74
N ASP N 76 -17.29 -48.30 -35.77
CA ASP N 76 -17.73 -48.00 -34.38
C ASP N 76 -16.55 -47.90 -33.42
N TYR N 77 -15.31 -48.14 -33.88
CA TYR N 77 -14.12 -48.24 -32.99
C TYR N 77 -13.90 -46.93 -32.23
N CYS N 78 -13.91 -45.80 -32.94
CA CYS N 78 -13.61 -44.46 -32.38
C CYS N 78 -14.76 -44.01 -31.45
N ASP N 79 -15.98 -44.52 -31.65
CA ASP N 79 -17.15 -44.26 -30.76
C ASP N 79 -16.96 -44.96 -29.41
N ILE N 80 -16.43 -46.18 -29.41
CA ILE N 80 -16.28 -47.05 -28.20
C ILE N 80 -14.94 -46.76 -27.51
N ILE N 81 -13.88 -46.57 -28.29
CA ILE N 81 -12.51 -46.26 -27.78
C ILE N 81 -12.27 -44.74 -27.91
N LYS N 82 -12.37 -44.02 -26.80
CA LYS N 82 -12.31 -42.54 -26.74
C LYS N 82 -10.86 -42.07 -26.89
N HIS N 83 -9.90 -42.81 -26.31
CA HIS N 83 -8.46 -42.47 -26.30
C HIS N 83 -7.66 -43.63 -26.89
N PRO N 84 -7.59 -43.76 -28.24
CA PRO N 84 -6.74 -44.76 -28.88
C PRO N 84 -5.29 -44.59 -28.41
N MET N 85 -4.55 -45.70 -28.32
CA MET N 85 -3.12 -45.69 -27.92
C MET N 85 -2.43 -46.90 -28.56
N ASP N 86 -1.12 -46.78 -28.76
CA ASP N 86 -0.27 -47.77 -29.48
C ASP N 86 1.19 -47.46 -29.15
N MET N 87 2.11 -48.37 -29.46
CA MET N 87 3.52 -48.32 -29.02
C MET N 87 4.28 -47.21 -29.76
N SER N 88 3.84 -46.83 -30.97
CA SER N 88 4.47 -45.75 -31.79
C SER N 88 4.17 -44.39 -31.16
N THR N 89 2.89 -44.14 -30.83
CA THR N 89 2.43 -42.94 -30.11
C THR N 89 3.19 -42.81 -28.78
N ILE N 90 3.34 -43.90 -28.04
CA ILE N 90 4.06 -43.94 -26.74
C ILE N 90 5.54 -43.58 -26.96
N LYS N 91 6.14 -44.09 -28.04
CA LYS N 91 7.57 -43.84 -28.40
C LYS N 91 7.76 -42.34 -28.69
N SER N 92 6.87 -41.74 -29.48
CA SER N 92 6.84 -40.28 -29.80
C SER N 92 6.79 -39.48 -28.50
N LYS N 93 5.83 -39.79 -27.62
CA LYS N 93 5.60 -39.07 -26.33
C LYS N 93 6.84 -39.21 -25.44
N LEU N 94 7.52 -40.36 -25.50
CA LEU N 94 8.71 -40.66 -24.66
C LEU N 94 9.92 -39.87 -25.17
N GLU N 95 10.09 -39.78 -26.48
CA GLU N 95 11.22 -39.03 -27.14
C GLU N 95 11.01 -37.52 -26.98
N ALA N 96 9.75 -37.07 -26.95
CA ALA N 96 9.35 -35.65 -26.73
C ALA N 96 9.25 -35.34 -25.23
N ARG N 97 9.62 -36.30 -24.37
CA ARG N 97 9.68 -36.17 -22.88
C ARG N 97 8.36 -35.62 -22.35
N GLU N 98 7.23 -36.17 -22.84
CA GLU N 98 5.84 -35.79 -22.42
C GLU N 98 5.36 -36.68 -21.27
N TYR N 99 6.19 -37.61 -20.78
CA TYR N 99 5.92 -38.41 -19.56
C TYR N 99 6.74 -37.83 -18.40
N ARG N 100 6.07 -37.39 -17.33
CA ARG N 100 6.69 -36.78 -16.13
C ARG N 100 7.37 -37.87 -15.29
N ASP N 101 6.83 -39.08 -15.29
CA ASP N 101 7.34 -40.24 -14.49
C ASP N 101 6.94 -41.55 -15.16
N ALA N 102 7.46 -42.67 -14.68
CA ALA N 102 7.19 -44.04 -15.16
C ALA N 102 5.69 -44.35 -15.10
N GLN N 103 5.00 -43.85 -14.06
CA GLN N 103 3.56 -44.11 -13.80
C GLN N 103 2.71 -43.59 -14.97
N GLU N 104 3.09 -42.46 -15.56
CA GLU N 104 2.34 -41.83 -16.69
C GLU N 104 2.57 -42.66 -17.97
N PHE N 105 3.80 -43.12 -18.19
CA PHE N 105 4.17 -44.08 -19.26
C PHE N 105 3.34 -45.35 -19.09
N GLY N 106 3.36 -45.92 -17.88
CA GLY N 106 2.59 -47.12 -17.48
C GLY N 106 1.12 -46.99 -17.84
N ALA N 107 0.51 -45.84 -17.52
CA ALA N 107 -0.94 -45.59 -17.73
C ALA N 107 -1.29 -45.70 -19.23
N ASP N 108 -0.38 -45.24 -20.10
CA ASP N 108 -0.57 -45.28 -21.58
C ASP N 108 -0.44 -46.74 -22.07
N VAL N 109 0.58 -47.48 -21.61
CA VAL N 109 0.76 -48.92 -21.95
C VAL N 109 -0.52 -49.67 -21.57
N ARG N 110 -1.05 -49.42 -20.37
CA ARG N 110 -2.25 -50.12 -19.82
C ARG N 110 -3.51 -49.66 -20.56
N LEU N 111 -3.55 -48.39 -20.99
CA LEU N 111 -4.66 -47.85 -21.82
C LEU N 111 -4.71 -48.62 -23.15
N MET N 112 -3.55 -48.80 -23.79
CA MET N 112 -3.39 -49.56 -25.06
C MET N 112 -4.05 -50.94 -24.90
N PHE N 113 -3.71 -51.67 -23.84
CA PHE N 113 -4.23 -53.03 -23.55
C PHE N 113 -5.71 -52.97 -23.21
N SER N 114 -6.13 -52.04 -22.33
CA SER N 114 -7.55 -51.87 -21.90
C SER N 114 -8.44 -51.63 -23.12
N ASN N 115 -7.99 -50.78 -24.06
CA ASN N 115 -8.71 -50.49 -25.32
C ASN N 115 -8.98 -51.80 -26.05
N CYS N 116 -7.96 -52.66 -26.16
CA CYS N 116 -8.03 -53.97 -26.83
C CYS N 116 -9.03 -54.88 -26.11
N TYR N 117 -8.91 -54.99 -24.78
CA TYR N 117 -9.77 -55.85 -23.93
C TYR N 117 -11.21 -55.32 -23.96
N LYS N 118 -11.40 -54.01 -24.11
CA LYS N 118 -12.74 -53.36 -24.09
C LYS N 118 -13.49 -53.66 -25.40
N TYR N 119 -12.82 -53.51 -26.55
CA TYR N 119 -13.46 -53.55 -27.89
C TYR N 119 -13.75 -54.98 -28.31
N ASN N 120 -12.90 -55.94 -27.90
CA ASN N 120 -12.85 -57.32 -28.46
C ASN N 120 -13.41 -58.33 -27.47
N PRO N 121 -14.01 -59.44 -27.95
CA PRO N 121 -14.41 -60.54 -27.09
C PRO N 121 -13.18 -61.29 -26.57
N PRO N 122 -13.27 -62.00 -25.42
CA PRO N 122 -12.12 -62.67 -24.82
C PRO N 122 -11.52 -63.83 -25.66
N ASP N 123 -12.27 -64.36 -26.63
CA ASP N 123 -11.84 -65.50 -27.49
C ASP N 123 -11.00 -64.98 -28.67
N HIS N 124 -11.08 -63.68 -28.99
CA HIS N 124 -10.41 -63.07 -30.17
C HIS N 124 -8.89 -63.22 -30.07
N GLU N 125 -8.24 -63.44 -31.21
CA GLU N 125 -6.78 -63.76 -31.31
C GLU N 125 -5.97 -62.57 -30.78
N VAL N 126 -6.44 -61.33 -31.02
CA VAL N 126 -5.73 -60.08 -30.61
C VAL N 126 -5.67 -59.99 -29.07
N VAL N 127 -6.70 -60.47 -28.39
CA VAL N 127 -6.75 -60.48 -26.89
C VAL N 127 -5.67 -61.44 -26.36
N ALA N 128 -5.51 -62.60 -26.97
CA ALA N 128 -4.47 -63.59 -26.61
C ALA N 128 -3.09 -62.96 -26.80
N MET N 129 -2.92 -62.20 -27.88
CA MET N 129 -1.64 -61.49 -28.22
C MET N 129 -1.39 -60.35 -27.23
N ALA N 130 -2.40 -59.54 -26.94
CA ALA N 130 -2.37 -58.46 -25.92
C ALA N 130 -1.80 -59.02 -24.61
N ARG N 131 -2.38 -60.11 -24.12
CA ARG N 131 -2.03 -60.74 -22.81
C ARG N 131 -0.56 -61.17 -22.82
N LYS N 132 -0.09 -61.80 -23.89
CA LYS N 132 1.32 -62.26 -24.02
C LYS N 132 2.25 -61.04 -23.98
N LEU N 133 1.90 -59.94 -24.66
CA LEU N 133 2.73 -58.71 -24.68
C LEU N 133 2.63 -58.00 -23.32
N GLN N 134 1.44 -57.93 -22.73
CA GLN N 134 1.22 -57.29 -21.41
C GLN N 134 2.08 -58.00 -20.35
N ASP N 135 2.17 -59.33 -20.41
CA ASP N 135 3.00 -60.13 -19.47
C ASP N 135 4.46 -59.67 -19.56
N VAL N 136 4.95 -59.42 -20.78
CA VAL N 136 6.34 -58.92 -21.01
C VAL N 136 6.49 -57.55 -20.32
N PHE N 137 5.54 -56.65 -20.53
CA PHE N 137 5.52 -55.28 -19.96
C PHE N 137 5.49 -55.35 -18.43
N GLU N 138 4.51 -56.06 -17.86
CA GLU N 138 4.24 -56.09 -16.40
C GLU N 138 5.47 -56.59 -15.63
N MET N 139 6.15 -57.62 -16.13
CA MET N 139 7.35 -58.20 -15.46
C MET N 139 8.48 -57.16 -15.44
N ARG N 140 8.78 -56.54 -16.59
CA ARG N 140 9.86 -55.53 -16.70
C ARG N 140 9.49 -54.30 -15.86
N PHE N 141 8.24 -53.85 -15.93
CA PHE N 141 7.72 -52.64 -15.22
C PHE N 141 7.83 -52.86 -13.71
N ALA N 142 7.49 -54.06 -13.22
CA ALA N 142 7.51 -54.43 -11.79
C ALA N 142 8.95 -54.50 -11.26
N LYS N 143 9.90 -54.95 -12.09
CA LYS N 143 11.32 -55.22 -11.70
C LYS N 143 12.19 -53.98 -11.94
N MET N 144 11.58 -52.85 -12.31
CA MET N 144 12.26 -51.54 -12.50
C MET N 144 12.91 -51.08 -11.20
N PRO N 145 14.22 -50.72 -11.20
CA PRO N 145 14.85 -50.10 -10.04
C PRO N 145 14.14 -48.82 -9.55
N ASP N 146 14.39 -48.45 -8.28
CA ASP N 146 14.19 -47.09 -7.73
C ASP N 146 15.55 -46.40 -7.56
N VAL O 37 24.64 -9.14 80.13
CA VAL O 37 26.06 -9.02 79.94
C VAL O 37 26.38 -8.77 78.45
N SER O 38 25.59 -9.33 77.52
CA SER O 38 25.88 -9.33 76.06
C SER O 38 26.85 -10.46 75.70
N GLU O 39 27.26 -11.29 76.69
CA GLU O 39 27.98 -12.56 76.56
C GLU O 39 26.98 -13.65 76.15
N GLN O 40 25.78 -13.67 76.75
CA GLN O 40 24.74 -14.67 76.46
C GLN O 40 24.16 -14.44 75.04
N LEU O 41 24.05 -13.16 74.62
CA LEU O 41 23.56 -12.83 73.25
C LEU O 41 24.62 -13.22 72.21
N LYS O 42 25.90 -13.22 72.60
CA LYS O 42 27.01 -13.68 71.73
C LYS O 42 26.90 -15.21 71.54
N CYS O 43 26.53 -15.93 72.61
CA CYS O 43 26.30 -17.40 72.59
C CYS O 43 25.10 -17.74 71.70
N CYS O 44 24.03 -16.95 71.78
CA CYS O 44 22.79 -17.12 70.96
C CYS O 44 23.15 -17.05 69.47
N SER O 45 24.07 -16.16 69.09
CA SER O 45 24.61 -16.03 67.71
C SER O 45 25.32 -17.33 67.32
N GLY O 46 26.20 -17.84 68.20
CA GLY O 46 26.95 -19.10 68.02
C GLY O 46 26.01 -20.28 67.86
N ILE O 47 24.93 -20.32 68.65
CA ILE O 47 23.88 -21.39 68.62
C ILE O 47 23.17 -21.35 67.27
N LEU O 48 22.77 -20.16 66.81
CA LEU O 48 22.05 -19.98 65.53
C LEU O 48 22.99 -20.32 64.37
N LYS O 49 24.28 -19.97 64.48
CA LYS O 49 25.30 -20.29 63.46
C LYS O 49 25.43 -21.82 63.36
N GLU O 50 25.52 -22.51 64.51
CA GLU O 50 25.59 -23.99 64.59
C GLU O 50 24.36 -24.57 63.87
N MET O 51 23.16 -24.04 64.15
CA MET O 51 21.89 -24.54 63.56
C MET O 51 21.90 -24.37 62.03
N PHE O 52 22.69 -23.42 61.51
CA PHE O 52 22.85 -23.13 60.06
C PHE O 52 23.95 -24.00 59.43
N ALA O 53 24.83 -24.58 60.25
CA ALA O 53 26.06 -25.29 59.82
C ALA O 53 25.72 -26.52 58.98
N LYS O 54 26.70 -27.02 58.21
CA LYS O 54 26.53 -28.04 57.15
C LYS O 54 26.08 -29.37 57.76
N LYS O 55 26.60 -29.73 58.94
CA LYS O 55 26.38 -31.06 59.58
C LYS O 55 24.89 -31.26 59.91
N HIS O 56 24.09 -30.18 60.00
CA HIS O 56 22.63 -30.23 60.33
C HIS O 56 21.77 -29.94 59.11
N ALA O 57 22.38 -29.67 57.95
CA ALA O 57 21.71 -29.11 56.75
C ALA O 57 20.58 -30.02 56.26
N ALA O 58 20.72 -31.33 56.42
CA ALA O 58 19.77 -32.36 55.91
C ALA O 58 18.40 -32.21 56.59
N TYR O 59 18.34 -31.73 57.84
CA TYR O 59 17.09 -31.58 58.62
C TYR O 59 16.83 -30.12 59.03
N ALA O 60 17.80 -29.22 58.92
CA ALA O 60 17.68 -27.80 59.34
C ALA O 60 17.00 -26.95 58.25
N TRP O 61 17.17 -27.33 56.98
CA TRP O 61 16.81 -26.49 55.79
C TRP O 61 15.35 -26.01 55.84
N PRO O 62 14.37 -26.78 56.37
CA PRO O 62 12.98 -26.34 56.34
C PRO O 62 12.72 -25.07 57.19
N PHE O 63 13.69 -24.70 58.04
CA PHE O 63 13.57 -23.60 59.04
C PHE O 63 14.51 -22.44 58.71
N TYR O 64 15.29 -22.55 57.63
CA TYR O 64 16.26 -21.51 57.17
C TYR O 64 15.51 -20.21 56.85
N LYS O 65 14.37 -20.32 56.16
CA LYS O 65 13.58 -19.17 55.64
C LYS O 65 12.11 -19.38 55.92
N PRO O 66 11.27 -18.33 55.87
CA PRO O 66 9.83 -18.48 56.07
C PRO O 66 9.28 -19.61 55.21
N VAL O 67 8.31 -20.35 55.73
CA VAL O 67 7.51 -21.32 54.92
C VAL O 67 6.97 -20.56 53.72
N ASP O 68 7.28 -21.01 52.50
CA ASP O 68 6.80 -20.39 51.23
C ASP O 68 5.36 -20.84 51.01
N VAL O 69 4.43 -20.25 51.76
CA VAL O 69 2.98 -20.63 51.79
C VAL O 69 2.34 -20.36 50.42
N GLU O 70 2.85 -19.38 49.67
CA GLU O 70 2.39 -19.04 48.30
C GLU O 70 2.63 -20.23 47.37
N ALA O 71 3.89 -20.66 47.24
CA ALA O 71 4.34 -21.73 46.32
C ALA O 71 3.72 -23.08 46.71
N LEU O 72 3.60 -23.35 48.01
CA LEU O 72 3.12 -24.65 48.56
C LEU O 72 1.58 -24.69 48.57
N GLY O 73 0.93 -23.55 48.32
CA GLY O 73 -0.55 -23.45 48.28
C GLY O 73 -1.18 -23.68 49.64
N LEU O 74 -0.48 -23.33 50.73
CA LEU O 74 -0.99 -23.44 52.12
C LEU O 74 -1.80 -22.18 52.44
N HIS O 75 -3.05 -22.14 51.96
CA HIS O 75 -3.95 -20.96 52.02
C HIS O 75 -4.39 -20.69 53.46
N ASP O 76 -4.34 -21.72 54.33
CA ASP O 76 -4.85 -21.63 55.73
C ASP O 76 -3.70 -21.43 56.73
N TYR O 77 -2.44 -21.41 56.27
CA TYR O 77 -1.25 -21.38 57.17
C TYR O 77 -1.27 -20.12 58.04
N CYS O 78 -1.48 -18.95 57.43
CA CYS O 78 -1.42 -17.63 58.11
C CYS O 78 -2.64 -17.47 59.04
N ASP O 79 -3.74 -18.17 58.79
CA ASP O 79 -4.95 -18.19 59.66
C ASP O 79 -4.65 -18.96 60.96
N ILE O 80 -3.91 -20.07 60.86
CA ILE O 80 -3.63 -21.00 62.00
C ILE O 80 -2.36 -20.54 62.74
N ILE O 81 -1.34 -20.11 62.00
CA ILE O 81 -0.04 -19.61 62.56
C ILE O 81 -0.07 -18.07 62.55
N LYS O 82 -0.29 -17.48 63.73
CA LYS O 82 -0.48 -16.01 63.91
C LYS O 82 0.87 -15.30 63.81
N HIS O 83 1.93 -15.89 64.33
CA HIS O 83 3.30 -15.32 64.39
C HIS O 83 4.29 -16.28 63.72
N PRO O 84 4.37 -16.29 62.36
CA PRO O 84 5.38 -17.08 61.66
C PRO O 84 6.79 -16.71 62.16
N MET O 85 7.69 -17.67 62.19
CA MET O 85 9.10 -17.47 62.62
C MET O 85 10.01 -18.48 61.90
N ASP O 86 11.28 -18.13 61.74
CA ASP O 86 12.29 -18.89 60.97
C ASP O 86 13.68 -18.37 61.36
N MET O 87 14.74 -19.09 61.00
CA MET O 87 16.11 -18.82 61.48
C MET O 87 16.68 -17.54 60.84
N SER O 88 16.19 -17.16 59.65
CA SER O 88 16.64 -15.93 58.93
C SER O 88 16.09 -14.69 59.66
N THR O 89 14.80 -14.69 59.97
CA THR O 89 14.11 -13.64 60.76
C THR O 89 14.82 -13.48 62.12
N ILE O 90 15.17 -14.59 62.77
CA ILE O 90 15.85 -14.60 64.10
C ILE O 90 17.25 -13.98 63.93
N LYS O 91 17.95 -14.28 62.83
CA LYS O 91 19.31 -13.75 62.52
C LYS O 91 19.24 -12.23 62.35
N SER O 92 18.26 -11.73 61.58
CA SER O 92 17.99 -10.28 61.38
C SER O 92 17.78 -9.60 62.73
N LYS O 93 16.88 -10.14 63.56
CA LYS O 93 16.51 -9.58 64.89
C LYS O 93 17.75 -9.57 65.80
N LEU O 94 18.62 -10.57 65.68
CA LEU O 94 19.83 -10.73 66.53
C LEU O 94 20.89 -9.70 66.11
N GLU O 95 21.07 -9.48 64.79
CA GLU O 95 22.04 -8.50 64.23
C GLU O 95 21.56 -7.07 64.49
N ALA O 96 20.26 -6.85 64.58
CA ALA O 96 19.74 -5.54 64.83
C ALA O 96 19.51 -5.43 66.30
N ARG O 97 20.03 -6.39 67.04
CA ARG O 97 19.87 -6.39 68.49
C ARG O 97 18.48 -6.01 68.97
N GLU O 98 17.47 -6.75 68.56
CA GLU O 98 16.12 -6.50 69.00
C GLU O 98 15.77 -7.51 70.04
N TYR O 99 16.77 -8.20 70.55
CA TYR O 99 16.54 -9.20 71.57
C TYR O 99 17.07 -8.66 72.87
N ARG O 100 16.18 -8.46 73.83
CA ARG O 100 16.60 -7.89 75.11
C ARG O 100 17.46 -8.87 75.86
N ASP O 101 16.90 -10.03 76.15
CA ASP O 101 17.65 -11.05 76.84
C ASP O 101 17.74 -12.26 75.94
N ALA O 102 18.37 -13.32 76.42
CA ALA O 102 18.47 -14.54 75.65
C ALA O 102 17.18 -15.30 75.74
N GLN O 103 16.39 -15.03 76.76
CA GLN O 103 15.11 -15.69 76.86
C GLN O 103 14.22 -15.30 75.69
N GLU O 104 14.36 -14.07 75.19
CA GLU O 104 13.59 -13.63 74.06
C GLU O 104 14.05 -14.38 72.83
N PHE O 105 15.36 -14.48 72.67
CA PHE O 105 15.91 -15.27 71.54
C PHE O 105 15.31 -16.70 71.60
N GLY O 106 15.42 -17.33 72.77
CA GLY O 106 14.87 -18.67 73.06
C GLY O 106 13.40 -18.78 72.68
N ALA O 107 12.58 -17.78 73.06
CA ALA O 107 11.12 -17.78 72.84
C ALA O 107 10.82 -17.82 71.33
N ASP O 108 11.64 -17.16 70.52
CA ASP O 108 11.48 -17.11 69.03
C ASP O 108 11.86 -18.48 68.44
N VAL O 109 12.98 -19.06 68.87
CA VAL O 109 13.42 -20.42 68.42
C VAL O 109 12.29 -21.41 68.72
N ARG O 110 11.71 -21.35 69.92
CA ARG O 110 10.65 -22.28 70.38
C ARG O 110 9.33 -21.99 69.66
N LEU O 111 9.08 -20.72 69.32
CA LEU O 111 7.90 -20.32 68.50
C LEU O 111 7.99 -20.98 67.12
N MET O 112 9.17 -20.91 66.50
CA MET O 112 9.47 -21.53 65.17
C MET O 112 9.06 -23.00 65.21
N PHE O 113 9.50 -23.74 66.23
CA PHE O 113 9.24 -25.19 66.39
C PHE O 113 7.75 -25.41 66.71
N SER O 114 7.17 -24.65 67.65
CA SER O 114 5.75 -24.75 68.05
C SER O 114 4.84 -24.57 66.84
N ASN O 115 5.14 -23.59 65.98
CA ASN O 115 4.40 -23.32 64.72
C ASN O 115 4.37 -24.60 63.88
N CYS O 116 5.52 -25.26 63.74
CA CYS O 116 5.69 -26.51 62.97
C CYS O 116 4.85 -27.63 63.59
N TYR O 117 4.98 -27.82 64.90
CA TYR O 117 4.26 -28.88 65.67
C TYR O 117 2.75 -28.61 65.64
N LYS O 118 2.34 -27.34 65.59
CA LYS O 118 0.92 -26.93 65.62
C LYS O 118 0.24 -27.26 64.28
N TYR O 119 0.89 -26.90 63.17
CA TYR O 119 0.28 -26.93 61.81
C TYR O 119 0.25 -28.36 61.26
N ASN O 120 1.24 -29.18 61.61
CA ASN O 120 1.54 -30.47 60.93
C ASN O 120 1.15 -31.65 61.82
N PRO O 121 0.76 -32.81 61.23
CA PRO O 121 0.53 -34.03 61.99
C PRO O 121 1.85 -34.61 62.49
N PRO O 122 1.85 -35.40 63.57
CA PRO O 122 3.09 -35.93 64.15
C PRO O 122 3.90 -36.89 63.26
N ASP O 123 3.27 -37.45 62.22
CA ASP O 123 3.92 -38.43 61.29
C ASP O 123 4.68 -37.68 60.18
N HIS O 124 4.39 -36.39 59.97
CA HIS O 124 4.95 -35.59 58.86
C HIS O 124 6.47 -35.48 59.00
N GLU O 125 7.19 -35.49 57.87
CA GLU O 125 8.67 -35.56 57.80
C GLU O 125 9.25 -34.29 58.44
N VAL O 126 8.58 -33.14 58.29
CA VAL O 126 9.05 -31.82 58.81
C VAL O 126 9.08 -31.84 60.34
N VAL O 127 8.12 -32.55 60.97
CA VAL O 127 8.05 -32.69 62.45
C VAL O 127 9.27 -33.47 62.95
N ALA O 128 9.64 -34.55 62.26
CA ALA O 128 10.83 -35.37 62.58
C ALA O 128 12.09 -34.50 62.47
N MET O 129 12.14 -33.63 61.46
CA MET O 129 13.27 -32.70 61.21
C MET O 129 13.33 -31.62 62.28
N ALA O 130 12.18 -31.01 62.60
CA ALA O 130 12.01 -30.03 63.69
C ALA O 130 12.65 -30.58 64.98
N ARG O 131 12.26 -31.79 65.38
CA ARG O 131 12.70 -32.44 66.64
C ARG O 131 14.22 -32.61 66.65
N LYS O 132 14.81 -33.07 65.53
CA LYS O 132 16.27 -33.27 65.42
C LYS O 132 16.99 -31.93 65.57
N LEU O 133 16.46 -30.85 64.96
CA LEU O 133 17.07 -29.50 65.05
C LEU O 133 16.83 -28.92 66.45
N GLN O 134 15.64 -29.10 67.02
CA GLN O 134 15.30 -28.60 68.38
C GLN O 134 16.26 -29.23 69.41
N ASP O 135 16.58 -30.53 69.25
CA ASP O 135 17.51 -31.24 70.16
C ASP O 135 18.87 -30.53 70.13
N VAL O 136 19.33 -30.10 68.95
CA VAL O 136 20.62 -29.37 68.79
C VAL O 136 20.52 -28.05 69.57
N PHE O 137 19.43 -27.31 69.40
CA PHE O 137 19.17 -26.01 70.07
C PHE O 137 19.15 -26.19 71.59
N GLU O 138 18.29 -27.10 72.09
CA GLU O 138 18.00 -27.28 73.54
C GLU O 138 19.29 -27.61 74.29
N MET O 139 20.16 -28.47 73.74
CA MET O 139 21.44 -28.88 74.39
C MET O 139 22.36 -27.66 74.51
N ARG O 140 22.56 -26.92 73.42
CA ARG O 140 23.46 -25.73 73.40
C ARG O 140 22.87 -24.65 74.31
N PHE O 141 21.55 -24.42 74.25
CA PHE O 141 20.83 -23.38 75.02
C PHE O 141 20.96 -23.67 76.53
N ALA O 142 20.83 -24.94 76.91
CA ALA O 142 20.89 -25.41 78.33
C ALA O 142 22.33 -25.27 78.87
N LYS O 143 23.35 -25.49 78.04
CA LYS O 143 24.78 -25.54 78.45
C LYS O 143 25.44 -24.15 78.31
N MET O 144 24.64 -23.12 78.00
CA MET O 144 25.07 -21.69 77.94
C MET O 144 25.60 -21.24 79.30
N PRO O 145 26.81 -20.65 79.38
CA PRO O 145 27.28 -20.02 80.61
C PRO O 145 26.33 -18.94 81.17
N ASP O 146 26.45 -18.65 82.47
CA ASP O 146 25.90 -17.44 83.14
C ASP O 146 27.07 -16.49 83.48
N VAL P 37 -36.36 39.25 -60.57
CA VAL P 37 -35.13 38.60 -59.98
C VAL P 37 -35.59 37.51 -58.98
N SER P 38 -36.68 37.76 -58.24
CA SER P 38 -37.18 36.86 -57.16
C SER P 38 -38.02 35.72 -57.76
N GLU P 39 -38.29 35.77 -59.06
CA GLU P 39 -38.99 34.69 -59.81
C GLU P 39 -37.95 33.63 -60.22
N GLN P 40 -36.78 34.08 -60.67
CA GLN P 40 -35.64 33.22 -61.09
C GLN P 40 -35.02 32.55 -59.85
N LEU P 41 -35.01 33.22 -58.70
CA LEU P 41 -34.49 32.65 -57.42
C LEU P 41 -35.47 31.58 -56.92
N LYS P 42 -36.76 31.70 -57.24
CA LYS P 42 -37.79 30.69 -56.91
C LYS P 42 -37.55 29.45 -57.78
N CYS P 43 -37.17 29.63 -59.04
CA CYS P 43 -36.82 28.54 -60.00
C CYS P 43 -35.56 27.80 -59.51
N CYS P 44 -34.56 28.54 -59.01
CA CYS P 44 -33.29 27.99 -58.47
C CYS P 44 -33.59 27.04 -57.31
N SER P 45 -34.57 27.38 -56.46
CA SER P 45 -35.07 26.52 -55.36
C SER P 45 -35.66 25.23 -55.94
N GLY P 46 -36.52 25.35 -56.96
CA GLY P 46 -37.14 24.21 -57.67
C GLY P 46 -36.09 23.30 -58.29
N ILE P 47 -35.04 23.88 -58.88
CA ILE P 47 -33.91 23.15 -59.52
C ILE P 47 -33.15 22.36 -58.45
N LEU P 48 -32.85 22.99 -57.31
CA LEU P 48 -32.10 22.36 -56.21
C LEU P 48 -32.97 21.26 -55.58
N LYS P 49 -34.28 21.49 -55.48
CA LYS P 49 -35.24 20.48 -54.94
C LYS P 49 -35.21 19.25 -55.87
N GLU P 50 -35.29 19.48 -57.18
CA GLU P 50 -35.22 18.41 -58.21
C GLU P 50 -33.92 17.62 -58.02
N MET P 51 -32.79 18.31 -57.84
CA MET P 51 -31.46 17.66 -57.67
C MET P 51 -31.44 16.79 -56.40
N PHE P 52 -32.28 17.09 -55.42
CA PHE P 52 -32.42 16.35 -54.13
C PHE P 52 -33.42 15.19 -54.26
N ALA P 53 -34.27 15.19 -55.29
CA ALA P 53 -35.42 14.27 -55.46
C ALA P 53 -34.93 12.82 -55.62
N LYS P 54 -35.84 11.87 -55.40
CA LYS P 54 -35.54 10.42 -55.25
C LYS P 54 -35.00 9.85 -56.56
N LYS P 55 -35.51 10.31 -57.70
CA LYS P 55 -35.20 9.75 -59.06
C LYS P 55 -33.70 9.95 -59.38
N HIS P 56 -33.01 10.89 -58.72
CA HIS P 56 -31.58 11.20 -58.96
C HIS P 56 -30.69 10.71 -57.81
N ALA P 57 -31.28 10.09 -56.78
CA ALA P 57 -30.63 9.79 -55.48
C ALA P 57 -29.40 8.89 -55.67
N ALA P 58 -29.42 8.00 -56.66
CA ALA P 58 -28.38 6.98 -56.90
C ALA P 58 -27.05 7.66 -57.27
N TYR P 59 -27.09 8.84 -57.91
CA TYR P 59 -25.88 9.57 -58.36
C TYR P 59 -25.76 10.96 -57.71
N ALA P 60 -26.80 11.49 -57.06
CA ALA P 60 -26.83 12.84 -56.45
C ALA P 60 -26.19 12.82 -55.05
N TRP P 61 -26.28 11.70 -54.34
CA TRP P 61 -25.96 11.60 -52.89
C TRP P 61 -24.56 12.12 -52.57
N PRO P 62 -23.52 11.97 -53.43
CA PRO P 62 -22.18 12.42 -53.07
C PRO P 62 -22.07 13.95 -52.89
N PHE P 63 -23.10 14.69 -53.32
CA PHE P 63 -23.11 16.18 -53.36
C PHE P 63 -24.14 16.76 -52.38
N TYR P 64 -24.88 15.90 -51.67
CA TYR P 64 -25.91 16.29 -50.67
C TYR P 64 -25.27 17.12 -49.55
N LYS P 65 -24.10 16.70 -49.07
CA LYS P 65 -23.41 17.29 -47.89
C LYS P 65 -21.93 17.45 -48.20
N PRO P 66 -21.19 18.29 -47.44
CA PRO P 66 -19.75 18.44 -47.64
C PRO P 66 -19.07 17.08 -47.70
N VAL P 67 -18.05 16.95 -48.55
CA VAL P 67 -17.14 15.76 -48.55
C VAL P 67 -16.63 15.60 -47.11
N ASP P 68 -16.86 14.44 -46.49
CA ASP P 68 -16.40 14.13 -45.11
C ASP P 68 -14.91 13.79 -45.17
N VAL P 69 -14.06 14.80 -45.32
CA VAL P 69 -12.59 14.67 -45.55
C VAL P 69 -11.93 14.04 -44.31
N GLU P 70 -12.50 14.25 -43.12
CA GLU P 70 -12.03 13.65 -41.84
C GLU P 70 -12.13 12.12 -41.93
N ALA P 71 -13.34 11.60 -42.15
CA ALA P 71 -13.66 10.15 -42.16
C ALA P 71 -12.92 9.45 -43.31
N LEU P 72 -12.84 10.10 -44.48
CA LEU P 72 -12.24 9.53 -45.72
C LEU P 72 -10.71 9.64 -45.69
N GLY P 73 -10.15 10.40 -44.75
CA GLY P 73 -8.69 10.59 -44.60
C GLY P 73 -8.09 11.36 -45.76
N LEU P 74 -8.86 12.26 -46.38
CA LEU P 74 -8.39 13.13 -47.48
C LEU P 74 -7.71 14.37 -46.89
N HIS P 75 -6.47 14.20 -46.45
CA HIS P 75 -5.67 15.21 -45.70
C HIS P 75 -5.30 16.38 -46.61
N ASP P 76 -5.29 16.17 -47.95
CA ASP P 76 -4.85 17.19 -48.93
C ASP P 76 -6.05 17.89 -49.59
N TYR P 77 -7.28 17.49 -49.28
CA TYR P 77 -8.50 17.99 -49.99
C TYR P 77 -8.62 19.50 -49.82
N CYS P 78 -8.51 20.00 -48.58
CA CYS P 78 -8.70 21.44 -48.25
C CYS P 78 -7.54 22.28 -48.80
N ASP P 79 -6.36 21.69 -49.03
CA ASP P 79 -5.20 22.36 -49.66
C ASP P 79 -5.47 22.59 -51.16
N ILE P 80 -6.10 21.63 -51.84
CA ILE P 80 -6.33 21.64 -53.31
C ILE P 80 -7.66 22.35 -53.62
N ILE P 81 -8.69 22.10 -52.81
CA ILE P 81 -10.05 22.71 -52.94
C ILE P 81 -10.16 23.88 -51.95
N LYS P 82 -10.04 25.11 -52.44
CA LYS P 82 -9.98 26.35 -51.61
C LYS P 82 -11.39 26.70 -51.10
N HIS P 83 -12.42 26.49 -51.94
CA HIS P 83 -13.83 26.83 -51.65
C HIS P 83 -14.70 25.59 -51.81
N PRO P 84 -14.74 24.69 -50.79
CA PRO P 84 -15.64 23.54 -50.81
C PRO P 84 -17.09 24.02 -51.00
N MET P 85 -17.92 23.22 -51.67
CA MET P 85 -19.34 23.53 -51.92
C MET P 85 -20.12 22.22 -52.07
N ASP P 86 -21.42 22.26 -51.76
CA ASP P 86 -22.33 21.09 -51.71
C ASP P 86 -23.77 21.62 -51.71
N MET P 87 -24.75 20.74 -51.93
CA MET P 87 -26.15 21.13 -52.17
C MET P 87 -26.82 21.62 -50.87
N SER P 88 -26.33 21.18 -49.70
CA SER P 88 -26.85 21.60 -48.37
C SER P 88 -26.46 23.05 -48.09
N THR P 89 -25.17 23.38 -48.29
CA THR P 89 -24.61 24.74 -48.19
C THR P 89 -25.38 25.68 -49.13
N ILE P 90 -25.64 25.24 -50.37
CA ILE P 90 -26.38 26.03 -51.40
C ILE P 90 -27.82 26.27 -50.92
N LYS P 91 -28.45 25.26 -50.30
CA LYS P 91 -29.83 25.33 -49.78
C LYS P 91 -29.90 26.37 -48.64
N SER P 92 -28.94 26.34 -47.70
CA SER P 92 -28.81 27.31 -46.60
C SER P 92 -28.70 28.74 -47.18
N LYS P 93 -27.78 28.95 -48.11
CA LYS P 93 -27.51 30.26 -48.74
C LYS P 93 -28.78 30.76 -49.47
N LEU P 94 -29.55 29.85 -50.06
CA LEU P 94 -30.77 30.17 -50.84
C LEU P 94 -31.90 30.58 -49.89
N GLU P 95 -32.05 29.88 -48.76
CA GLU P 95 -33.09 30.14 -47.72
C GLU P 95 -32.76 31.44 -46.98
N ALA P 96 -31.47 31.76 -46.81
CA ALA P 96 -30.96 33.00 -46.18
C ALA P 96 -30.86 34.13 -47.21
N ARG P 97 -31.32 33.89 -48.44
CA ARG P 97 -31.40 34.88 -49.56
C ARG P 97 -30.03 35.56 -49.74
N GLU P 98 -28.95 34.77 -49.75
CA GLU P 98 -27.55 35.24 -49.94
C GLU P 98 -27.16 35.19 -51.42
N TYR P 99 -28.07 34.79 -52.32
CA TYR P 99 -27.89 34.85 -53.79
C TYR P 99 -28.67 36.04 -54.33
N ARG P 100 -27.98 36.98 -54.98
CA ARG P 100 -28.55 38.23 -55.53
C ARG P 100 -29.34 37.91 -56.82
N ASP P 101 -28.90 36.90 -57.57
CA ASP P 101 -29.53 36.48 -58.85
C ASP P 101 -29.22 35.00 -59.11
N ALA P 102 -29.86 34.41 -60.13
CA ALA P 102 -29.69 33.00 -60.55
C ALA P 102 -28.21 32.72 -60.89
N GLN P 103 -27.51 33.70 -61.47
CA GLN P 103 -26.10 33.56 -61.94
C GLN P 103 -25.19 33.24 -60.73
N GLU P 104 -25.46 33.81 -59.56
CA GLU P 104 -24.65 33.60 -58.33
C GLU P 104 -24.92 32.20 -57.77
N PHE P 105 -26.19 31.75 -57.79
CA PHE P 105 -26.62 30.37 -57.47
C PHE P 105 -25.89 29.41 -58.43
N GLY P 106 -25.99 29.67 -59.73
CA GLY P 106 -25.32 28.91 -60.80
C GLY P 106 -23.85 28.72 -60.54
N ALA P 107 -23.14 29.79 -60.15
CA ALA P 107 -21.67 29.78 -59.92
C ALA P 107 -21.31 28.79 -58.80
N ASP P 108 -22.16 28.68 -57.78
CA ASP P 108 -21.95 27.76 -56.62
C ASP P 108 -22.19 26.32 -57.08
N VAL P 109 -23.27 26.06 -57.82
CA VAL P 109 -23.56 24.70 -58.38
C VAL P 109 -22.36 24.25 -59.22
N ARG P 110 -21.83 25.14 -60.07
CA ARG P 110 -20.70 24.82 -60.99
C ARG P 110 -19.40 24.69 -60.21
N LEU P 111 -19.24 25.45 -59.12
CA LEU P 111 -18.08 25.33 -58.20
C LEU P 111 -18.07 23.93 -57.59
N MET P 112 -19.24 23.47 -57.11
CA MET P 112 -19.42 22.11 -56.52
C MET P 112 -18.88 21.06 -57.49
N PHE P 113 -19.30 21.12 -58.76
CA PHE P 113 -18.90 20.17 -59.83
C PHE P 113 -17.41 20.35 -60.16
N SER P 114 -16.94 21.58 -60.34
CA SER P 114 -15.52 21.91 -60.66
C SER P 114 -14.60 21.32 -59.60
N ASN P 115 -14.95 21.48 -58.32
CA ASN P 115 -14.20 20.92 -57.17
C ASN P 115 -14.02 19.42 -57.36
N CYS P 116 -15.11 18.72 -57.72
CA CYS P 116 -15.14 17.26 -57.96
C CYS P 116 -14.22 16.91 -59.13
N TYR P 117 -14.37 17.61 -60.26
CA TYR P 117 -13.58 17.39 -61.51
C TYR P 117 -12.11 17.70 -61.25
N LYS P 118 -11.81 18.66 -60.37
CA LYS P 118 -10.43 19.11 -60.08
C LYS P 118 -9.69 18.07 -59.25
N TYR P 119 -10.32 17.54 -58.19
CA TYR P 119 -9.67 16.70 -57.17
C TYR P 119 -9.49 15.26 -57.68
N ASN P 120 -10.41 14.79 -58.52
CA ASN P 120 -10.57 13.35 -58.86
C ASN P 120 -10.11 13.07 -60.29
N PRO P 121 -9.59 11.85 -60.58
CA PRO P 121 -9.28 11.45 -61.95
C PRO P 121 -10.56 11.22 -62.75
N PRO P 122 -10.52 11.33 -64.09
CA PRO P 122 -11.74 11.21 -64.92
C PRO P 122 -12.41 9.83 -64.89
N ASP P 123 -11.70 8.78 -64.46
CA ASP P 123 -12.22 7.38 -64.41
C ASP P 123 -13.01 7.14 -63.11
N HIS P 124 -12.83 8.00 -62.09
CA HIS P 124 -13.43 7.83 -60.74
C HIS P 124 -14.95 7.86 -60.84
N GLU P 125 -15.62 7.05 -60.01
CA GLU P 125 -17.09 6.82 -60.05
C GLU P 125 -17.81 8.14 -59.73
N VAL P 126 -17.24 8.97 -58.83
CA VAL P 126 -17.85 10.25 -58.38
C VAL P 126 -17.92 11.23 -59.57
N VAL P 127 -16.95 11.20 -60.47
CA VAL P 127 -16.90 12.07 -61.68
C VAL P 127 -18.07 11.69 -62.60
N ALA P 128 -18.31 10.39 -62.79
CA ALA P 128 -19.43 9.88 -63.62
C ALA P 128 -20.76 10.34 -63.01
N MET P 129 -20.85 10.33 -61.68
CA MET P 129 -22.06 10.76 -60.92
C MET P 129 -22.24 12.29 -61.03
N ALA P 130 -21.17 13.05 -60.84
CA ALA P 130 -21.13 14.52 -61.02
C ALA P 130 -21.77 14.88 -62.36
N ARG P 131 -21.27 14.27 -63.45
CA ARG P 131 -21.70 14.56 -64.84
C ARG P 131 -23.20 14.29 -65.01
N LYS P 132 -23.70 13.16 -64.49
CA LYS P 132 -25.14 12.80 -64.58
C LYS P 132 -25.97 13.86 -63.84
N LEU P 133 -25.53 14.31 -62.67
CA LEU P 133 -26.26 15.33 -61.87
C LEU P 133 -26.13 16.71 -62.55
N GLN P 134 -24.93 17.05 -63.06
CA GLN P 134 -24.69 18.34 -63.75
C GLN P 134 -25.62 18.45 -64.97
N ASP P 135 -25.82 17.34 -65.70
CA ASP P 135 -26.72 17.31 -66.89
C ASP P 135 -28.14 17.70 -66.45
N VAL P 136 -28.59 17.21 -65.29
CA VAL P 136 -29.93 17.55 -64.74
C VAL P 136 -29.99 19.06 -64.46
N PHE P 137 -28.95 19.61 -63.81
CA PHE P 137 -28.84 21.04 -63.46
C PHE P 137 -28.85 21.91 -64.74
N GLU P 138 -27.93 21.61 -65.67
CA GLU P 138 -27.68 22.44 -66.88
C GLU P 138 -28.96 22.58 -67.71
N MET P 139 -29.73 21.49 -67.89
CA MET P 139 -30.98 21.49 -68.68
C MET P 139 -32.02 22.40 -68.02
N ARG P 140 -32.25 22.23 -66.71
CA ARG P 140 -33.24 23.03 -65.94
C ARG P 140 -32.80 24.49 -65.92
N PHE P 141 -31.50 24.74 -65.67
CA PHE P 141 -30.91 26.10 -65.57
C PHE P 141 -31.06 26.85 -66.90
N ALA P 142 -30.84 26.15 -68.02
CA ALA P 142 -30.91 26.71 -69.39
C ALA P 142 -32.36 27.04 -69.76
N LYS P 143 -33.33 26.23 -69.31
CA LYS P 143 -34.76 26.33 -69.68
C LYS P 143 -35.54 27.23 -68.70
N MET P 144 -34.83 27.88 -67.76
CA MET P 144 -35.38 28.88 -66.81
C MET P 144 -35.93 30.08 -67.60
N PRO P 145 -37.18 30.51 -67.37
CA PRO P 145 -37.69 31.77 -67.92
C PRO P 145 -36.80 33.00 -67.64
N ASP P 146 -36.95 34.04 -68.48
CA ASP P 146 -36.06 35.24 -68.53
C ASP P 146 -34.60 34.80 -68.66
N VAL Q 37 -32.28 36.15 -2.29
CA VAL Q 37 -32.93 36.59 -3.51
C VAL Q 37 -33.45 35.39 -4.30
N SER Q 38 -32.77 34.24 -4.24
CA SER Q 38 -33.12 33.00 -4.98
C SER Q 38 -34.21 32.22 -4.23
N GLU Q 39 -34.57 32.65 -3.03
CA GLU Q 39 -35.68 32.08 -2.21
C GLU Q 39 -36.99 32.74 -2.67
N GLN Q 40 -36.94 34.03 -2.94
CA GLN Q 40 -38.12 34.74 -3.38
C GLN Q 40 -38.44 34.40 -4.83
N LEU Q 41 -37.42 34.20 -5.64
CA LEU Q 41 -37.62 33.79 -7.06
C LEU Q 41 -38.23 32.38 -7.10
N LYS Q 42 -37.97 31.55 -6.09
CA LYS Q 42 -38.58 30.21 -5.95
C LYS Q 42 -40.07 30.38 -5.62
N CYS Q 43 -40.42 31.37 -4.78
CA CYS Q 43 -41.82 31.72 -4.41
C CYS Q 43 -42.57 32.23 -5.65
N CYS Q 44 -41.92 33.05 -6.48
CA CYS Q 44 -42.49 33.61 -7.74
C CYS Q 44 -42.91 32.47 -8.67
N SER Q 45 -42.11 31.39 -8.73
CA SER Q 45 -42.42 30.16 -9.49
C SER Q 45 -43.69 29.51 -8.93
N GLY Q 46 -43.76 29.35 -7.61
CA GLY Q 46 -44.92 28.80 -6.89
C GLY Q 46 -46.18 29.62 -7.14
N ILE Q 47 -46.05 30.95 -7.15
CA ILE Q 47 -47.17 31.91 -7.40
C ILE Q 47 -47.68 31.72 -8.83
N LEU Q 48 -46.77 31.65 -9.80
CA LEU Q 48 -47.12 31.48 -11.25
C LEU Q 48 -47.74 30.10 -11.45
N LYS Q 49 -47.24 29.07 -10.75
CA LYS Q 49 -47.79 27.69 -10.82
C LYS Q 49 -49.23 27.72 -10.31
N GLU Q 50 -49.46 28.38 -9.16
CA GLU Q 50 -50.81 28.55 -8.56
C GLU Q 50 -51.73 29.21 -9.59
N MET Q 51 -51.27 30.28 -10.24
CA MET Q 51 -52.07 31.04 -11.24
C MET Q 51 -52.45 30.14 -12.43
N PHE Q 52 -51.65 29.09 -12.70
CA PHE Q 52 -51.88 28.11 -13.80
C PHE Q 52 -52.79 26.95 -13.33
N ALA Q 53 -52.96 26.78 -12.02
CA ALA Q 53 -53.63 25.60 -11.40
C ALA Q 53 -55.11 25.56 -11.81
N LYS Q 54 -55.73 24.39 -11.64
CA LYS Q 54 -57.08 24.04 -12.18
C LYS Q 54 -58.16 24.90 -11.53
N LYS Q 55 -58.02 25.20 -10.23
CA LYS Q 55 -59.05 25.90 -9.43
C LYS Q 55 -59.29 27.32 -9.95
N HIS Q 56 -58.34 27.90 -10.71
CA HIS Q 56 -58.42 29.28 -11.27
C HIS Q 56 -58.66 29.26 -12.78
N ALA Q 57 -58.76 28.08 -13.39
CA ALA Q 57 -58.73 27.88 -14.86
C ALA Q 57 -59.87 28.63 -15.56
N ALA Q 58 -61.02 28.77 -14.90
CA ALA Q 58 -62.25 29.37 -15.47
C ALA Q 58 -62.03 30.86 -15.79
N TYR Q 59 -61.15 31.55 -15.05
CA TYR Q 59 -60.87 33.00 -15.23
C TYR Q 59 -59.39 33.28 -15.57
N ALA Q 60 -58.49 32.30 -15.42
CA ALA Q 60 -57.03 32.48 -15.66
C ALA Q 60 -56.70 32.31 -17.15
N TRP Q 61 -57.47 31.51 -17.89
CA TRP Q 61 -57.15 31.03 -19.26
C TRP Q 61 -56.84 32.19 -20.21
N PRO Q 62 -57.48 33.38 -20.11
CA PRO Q 62 -57.22 34.46 -21.08
C PRO Q 62 -55.77 35.00 -21.02
N PHE Q 63 -55.03 34.64 -19.97
CA PHE Q 63 -53.67 35.17 -19.66
C PHE Q 63 -52.60 34.08 -19.78
N TYR Q 64 -53.00 32.84 -20.10
CA TYR Q 64 -52.09 31.67 -20.26
C TYR Q 64 -51.08 31.94 -21.37
N LYS Q 65 -51.55 32.50 -22.49
CA LYS Q 65 -50.74 32.70 -23.74
C LYS Q 65 -51.01 34.10 -24.28
N PRO Q 66 -50.12 34.63 -25.16
CA PRO Q 66 -50.36 35.94 -25.78
C PRO Q 66 -51.78 36.02 -26.35
N VAL Q 67 -52.40 37.19 -26.25
CA VAL Q 67 -53.69 37.49 -26.94
C VAL Q 67 -53.48 37.16 -28.42
N ASP Q 68 -54.30 36.26 -28.99
CA ASP Q 68 -54.24 35.86 -30.42
C ASP Q 68 -54.90 36.97 -31.25
N VAL Q 69 -54.19 38.08 -31.43
CA VAL Q 69 -54.70 39.33 -32.09
C VAL Q 69 -55.00 39.05 -33.57
N GLU Q 70 -54.30 38.08 -34.18
CA GLU Q 70 -54.53 37.65 -35.58
C GLU Q 70 -55.95 37.08 -35.71
N ALA Q 71 -56.25 36.02 -34.95
CA ALA Q 71 -57.53 35.27 -34.99
C ALA Q 71 -58.71 36.16 -34.57
N LEU Q 72 -58.50 37.03 -33.58
CA LEU Q 72 -59.56 37.91 -32.99
C LEU Q 72 -59.76 39.15 -33.85
N GLY Q 73 -58.87 39.41 -34.81
CA GLY Q 73 -58.95 40.59 -35.71
C GLY Q 73 -58.74 41.89 -34.97
N LEU Q 74 -57.94 41.89 -33.89
CA LEU Q 74 -57.60 43.10 -33.11
C LEU Q 74 -56.40 43.79 -33.77
N HIS Q 75 -56.66 44.52 -34.86
CA HIS Q 75 -55.64 45.13 -35.75
C HIS Q 75 -54.92 46.28 -35.03
N ASP Q 76 -55.54 46.87 -34.01
CA ASP Q 76 -55.03 48.06 -33.29
C ASP Q 76 -54.36 47.67 -31.96
N TYR Q 77 -54.36 46.37 -31.58
CA TYR Q 77 -53.90 45.92 -30.25
C TYR Q 77 -52.42 46.27 -30.05
N CYS Q 78 -51.57 45.96 -31.04
CA CYS Q 78 -50.09 46.14 -30.95
C CYS Q 78 -49.73 47.63 -31.01
N ASP Q 79 -50.60 48.48 -31.59
CA ASP Q 79 -50.44 49.96 -31.62
C ASP Q 79 -50.66 50.55 -30.22
N ILE Q 80 -51.65 50.02 -29.47
CA ILE Q 80 -52.09 50.55 -28.14
C ILE Q 80 -51.26 49.88 -27.04
N ILE Q 81 -51.01 48.57 -27.15
CA ILE Q 81 -50.21 47.77 -26.17
C ILE Q 81 -48.78 47.61 -26.73
N LYS Q 82 -47.84 48.39 -26.19
CA LYS Q 82 -46.44 48.47 -26.68
C LYS Q 82 -45.66 47.23 -26.24
N HIS Q 83 -45.92 46.73 -25.02
CA HIS Q 83 -45.22 45.59 -24.39
C HIS Q 83 -46.23 44.51 -24.00
N PRO Q 84 -46.70 43.68 -24.96
CA PRO Q 84 -47.57 42.54 -24.62
C PRO Q 84 -46.90 41.64 -23.58
N MET Q 85 -47.69 41.03 -22.71
CA MET Q 85 -47.19 40.09 -21.66
C MET Q 85 -48.29 39.08 -21.33
N ASP Q 86 -47.87 37.91 -20.85
CA ASP Q 86 -48.74 36.73 -20.59
C ASP Q 86 -47.98 35.77 -19.69
N MET Q 87 -48.66 34.78 -19.11
CA MET Q 87 -48.09 33.90 -18.06
C MET Q 87 -47.08 32.93 -18.66
N SER Q 88 -47.18 32.60 -19.95
CA SER Q 88 -46.24 31.68 -20.67
C SER Q 88 -44.89 32.38 -20.86
N THR Q 89 -44.92 33.62 -21.35
CA THR Q 89 -43.74 34.50 -21.52
C THR Q 89 -43.04 34.66 -20.16
N ILE Q 90 -43.81 34.89 -19.09
CA ILE Q 90 -43.29 35.07 -17.69
C ILE Q 90 -42.61 33.76 -17.24
N LYS Q 91 -43.22 32.62 -17.57
CA LYS Q 91 -42.70 31.26 -17.21
C LYS Q 91 -41.35 31.03 -17.90
N SER Q 92 -41.26 31.33 -19.19
CA SER Q 92 -40.01 31.27 -20.00
C SER Q 92 -38.91 32.11 -19.34
N LYS Q 93 -39.22 33.38 -19.05
CA LYS Q 93 -38.27 34.35 -18.46
C LYS Q 93 -37.81 33.87 -17.07
N LEU Q 94 -38.70 33.20 -16.33
CA LEU Q 94 -38.43 32.72 -14.95
C LEU Q 94 -37.50 31.48 -15.01
N GLU Q 95 -37.74 30.58 -15.97
CA GLU Q 95 -36.95 29.34 -16.17
C GLU Q 95 -35.57 29.69 -16.73
N ALA Q 96 -35.46 30.76 -17.53
CA ALA Q 96 -34.21 31.29 -18.11
C ALA Q 96 -33.52 32.26 -17.13
N ARG Q 97 -34.08 32.40 -15.92
CA ARG Q 97 -33.53 33.21 -14.79
C ARG Q 97 -33.24 34.65 -15.28
N GLU Q 98 -34.17 35.25 -16.03
CA GLU Q 98 -34.06 36.63 -16.57
C GLU Q 98 -34.70 37.64 -15.62
N TYR Q 99 -35.20 37.20 -14.46
CA TYR Q 99 -35.69 38.08 -13.36
C TYR Q 99 -34.61 38.14 -12.28
N ARG Q 100 -34.10 39.33 -11.97
CA ARG Q 100 -33.00 39.53 -10.98
C ARG Q 100 -33.60 39.44 -9.56
N ASP Q 101 -34.87 39.82 -9.39
CA ASP Q 101 -35.57 39.80 -8.07
C ASP Q 101 -37.08 39.64 -8.29
N ALA Q 102 -37.83 39.43 -7.20
CA ALA Q 102 -39.30 39.27 -7.20
C ALA Q 102 -39.97 40.49 -7.82
N GLN Q 103 -39.42 41.69 -7.58
CA GLN Q 103 -39.99 43.00 -8.02
C GLN Q 103 -40.05 43.03 -9.55
N GLU Q 104 -39.07 42.45 -10.25
CA GLU Q 104 -39.01 42.44 -11.73
C GLU Q 104 -40.06 41.46 -12.28
N PHE Q 105 -40.22 40.30 -11.63
CA PHE Q 105 -41.30 39.31 -11.89
C PHE Q 105 -42.66 40.01 -11.69
N GLY Q 106 -42.82 40.67 -10.54
CA GLY Q 106 -44.03 41.44 -10.18
C GLY Q 106 -44.41 42.44 -11.25
N ALA Q 107 -43.44 43.20 -11.78
CA ALA Q 107 -43.66 44.26 -12.79
C ALA Q 107 -44.27 43.66 -14.06
N ASP Q 108 -43.84 42.45 -14.44
CA ASP Q 108 -44.35 41.73 -15.65
C ASP Q 108 -45.78 41.26 -15.40
N VAL Q 109 -46.05 40.65 -14.24
CA VAL Q 109 -47.44 40.21 -13.85
C VAL Q 109 -48.38 41.42 -13.94
N ARG Q 110 -47.96 42.57 -13.38
CA ARG Q 110 -48.77 43.81 -13.32
C ARG Q 110 -48.90 44.43 -14.71
N LEU Q 111 -47.86 44.30 -15.56
CA LEU Q 111 -47.90 44.76 -16.96
C LEU Q 111 -48.99 43.97 -17.71
N MET Q 112 -49.02 42.65 -17.53
CA MET Q 112 -50.02 41.74 -18.13
C MET Q 112 -51.43 42.26 -17.84
N PHE Q 113 -51.72 42.56 -16.56
CA PHE Q 113 -53.03 43.05 -16.09
C PHE Q 113 -53.28 44.47 -16.61
N SER Q 114 -52.30 45.37 -16.51
CA SER Q 114 -52.41 46.78 -16.98
C SER Q 114 -52.78 46.81 -18.47
N ASN Q 115 -52.13 45.97 -19.28
CA ASN Q 115 -52.41 45.83 -20.73
C ASN Q 115 -53.90 45.54 -20.93
N CYS Q 116 -54.42 44.58 -20.15
CA CYS Q 116 -55.85 44.17 -20.20
C CYS Q 116 -56.76 45.33 -19.82
N TYR Q 117 -56.47 46.00 -18.70
CA TYR Q 117 -57.25 47.15 -18.16
C TYR Q 117 -57.19 48.32 -19.14
N LYS Q 118 -56.06 48.48 -19.85
CA LYS Q 118 -55.82 49.62 -20.78
C LYS Q 118 -56.66 49.44 -22.05
N TYR Q 119 -56.65 48.25 -22.64
CA TYR Q 119 -57.23 47.98 -23.98
C TYR Q 119 -58.76 47.88 -23.92
N ASN Q 120 -59.29 47.35 -22.81
CA ASN Q 120 -60.70 46.88 -22.68
C ASN Q 120 -61.52 47.83 -21.82
N PRO Q 121 -62.84 47.96 -22.08
CA PRO Q 121 -63.74 48.72 -21.22
C PRO Q 121 -63.95 47.99 -19.89
N PRO Q 122 -64.30 48.69 -18.80
CA PRO Q 122 -64.44 48.06 -17.48
C PRO Q 122 -65.57 47.02 -17.36
N ASP Q 123 -66.54 47.03 -18.28
CA ASP Q 123 -67.70 46.09 -18.28
C ASP Q 123 -67.33 44.77 -18.94
N HIS Q 124 -66.25 44.73 -19.72
CA HIS Q 124 -65.83 43.54 -20.53
C HIS Q 124 -65.50 42.37 -19.58
N GLU Q 125 -65.85 41.14 -20.02
CA GLU Q 125 -65.76 39.91 -19.21
C GLU Q 125 -64.29 39.64 -18.85
N VAL Q 126 -63.36 39.96 -19.74
CA VAL Q 126 -61.90 39.70 -19.55
C VAL Q 126 -61.38 40.56 -18.39
N VAL Q 127 -61.91 41.77 -18.21
CA VAL Q 127 -61.52 42.68 -17.10
C VAL Q 127 -61.94 42.06 -15.77
N ALA Q 128 -63.15 41.50 -15.69
CA ALA Q 128 -63.67 40.81 -14.49
C ALA Q 128 -62.77 39.61 -14.16
N MET Q 129 -62.31 38.90 -15.19
CA MET Q 129 -61.42 37.71 -15.06
C MET Q 129 -60.02 38.15 -14.61
N ALA Q 130 -59.46 39.19 -15.24
CA ALA Q 130 -58.18 39.83 -14.85
C ALA Q 130 -58.17 40.09 -13.34
N ARG Q 131 -59.18 40.78 -12.84
CA ARG Q 131 -59.21 41.13 -11.44
C ARG Q 131 -59.24 39.93 -10.54
N LYS Q 132 -60.07 38.96 -10.83
CA LYS Q 132 -60.14 37.70 -10.02
C LYS Q 132 -58.76 37.04 -9.97
N LEU Q 133 -58.03 37.00 -11.09
CA LEU Q 133 -56.67 36.40 -11.15
C LEU Q 133 -55.68 37.32 -10.44
N GLN Q 134 -55.76 38.64 -10.64
CA GLN Q 134 -54.86 39.62 -9.99
C GLN Q 134 -54.99 39.50 -8.46
N ASP Q 135 -56.20 39.31 -7.94
CA ASP Q 135 -56.46 39.15 -6.48
C ASP Q 135 -55.68 37.94 -5.98
N VAL Q 136 -55.63 36.84 -6.75
CA VAL Q 136 -54.86 35.61 -6.39
C VAL Q 136 -53.37 35.97 -6.31
N PHE Q 137 -52.86 36.69 -7.31
CA PHE Q 137 -51.44 37.12 -7.41
C PHE Q 137 -51.09 38.03 -6.23
N GLU Q 138 -51.86 39.10 -6.04
CA GLU Q 138 -51.56 40.19 -5.06
C GLU Q 138 -51.46 39.62 -3.64
N MET Q 139 -52.37 38.70 -3.26
CA MET Q 139 -52.39 38.09 -1.90
C MET Q 139 -51.11 37.26 -1.69
N ARG Q 140 -50.78 36.39 -2.64
CA ARG Q 140 -49.58 35.50 -2.57
C ARG Q 140 -48.32 36.38 -2.59
N PHE Q 141 -48.27 37.37 -3.48
CA PHE Q 141 -47.10 38.28 -3.66
C PHE Q 141 -46.84 39.07 -2.37
N ALA Q 142 -47.91 39.55 -1.72
CA ALA Q 142 -47.84 40.35 -0.48
C ALA Q 142 -47.37 39.49 0.70
N LYS Q 143 -47.75 38.21 0.74
CA LYS Q 143 -47.50 37.28 1.88
C LYS Q 143 -46.19 36.50 1.66
N MET Q 144 -45.42 36.84 0.63
CA MET Q 144 -44.07 36.29 0.34
C MET Q 144 -43.12 36.67 1.49
N PRO Q 145 -42.27 35.74 1.97
CA PRO Q 145 -41.18 36.07 2.90
C PRO Q 145 -40.51 37.45 2.75
N VAL R 37 -70.80 18.78 -58.33
CA VAL R 37 -70.32 19.99 -59.09
C VAL R 37 -69.02 20.49 -58.44
N SER R 38 -68.91 20.42 -57.10
CA SER R 38 -67.81 21.03 -56.31
C SER R 38 -68.06 22.55 -56.10
N GLU R 39 -69.25 22.99 -56.45
CA GLU R 39 -69.80 24.38 -56.30
C GLU R 39 -70.32 24.53 -54.88
N GLN R 40 -71.00 23.52 -54.33
CA GLN R 40 -71.52 23.52 -52.94
C GLN R 40 -70.37 23.42 -51.93
N LEU R 41 -69.29 22.70 -52.27
CA LEU R 41 -68.09 22.59 -51.40
C LEU R 41 -67.33 23.92 -51.40
N LYS R 42 -67.42 24.69 -52.49
CA LYS R 42 -66.84 26.05 -52.59
C LYS R 42 -67.62 26.99 -51.66
N CYS R 43 -68.95 26.84 -51.58
CA CYS R 43 -69.85 27.61 -50.68
C CYS R 43 -69.52 27.29 -49.22
N CYS R 44 -69.28 26.01 -48.91
CA CYS R 44 -68.92 25.52 -47.55
C CYS R 44 -67.64 26.21 -47.07
N SER R 45 -66.68 26.43 -47.96
CA SER R 45 -65.43 27.20 -47.70
C SER R 45 -65.78 28.65 -47.34
N GLY R 46 -66.64 29.28 -48.15
CA GLY R 46 -67.14 30.66 -47.94
C GLY R 46 -67.85 30.80 -46.60
N ILE R 47 -68.66 29.80 -46.24
CA ILE R 47 -69.43 29.75 -44.95
C ILE R 47 -68.44 29.67 -43.78
N LEU R 48 -67.44 28.80 -43.87
CA LEU R 48 -66.42 28.62 -42.81
C LEU R 48 -65.56 29.87 -42.71
N LYS R 49 -65.25 30.52 -43.83
CA LYS R 49 -64.48 31.79 -43.86
C LYS R 49 -65.28 32.86 -43.12
N GLU R 50 -66.58 32.97 -43.43
CA GLU R 50 -67.52 33.92 -42.76
C GLU R 50 -67.48 33.67 -41.25
N MET R 51 -67.56 32.40 -40.83
CA MET R 51 -67.59 32.02 -39.38
C MET R 51 -66.27 32.44 -38.71
N PHE R 52 -65.18 32.57 -39.46
CA PHE R 52 -63.83 32.99 -38.98
C PHE R 52 -63.68 34.52 -38.99
N ALA R 53 -64.56 35.24 -39.72
CA ALA R 53 -64.44 36.68 -40.01
C ALA R 53 -64.55 37.50 -38.71
N LYS R 54 -64.11 38.75 -38.75
CA LYS R 54 -63.88 39.64 -37.58
C LYS R 54 -65.22 39.95 -36.89
N LYS R 55 -66.29 40.13 -37.67
CA LYS R 55 -67.62 40.59 -37.18
C LYS R 55 -68.22 39.56 -36.21
N HIS R 56 -67.77 38.30 -36.24
CA HIS R 56 -68.29 37.20 -35.39
C HIS R 56 -67.27 36.81 -34.30
N ALA R 57 -66.11 37.46 -34.27
CA ALA R 57 -64.93 37.05 -33.47
C ALA R 57 -65.25 36.99 -31.96
N ALA R 58 -66.14 37.86 -31.48
CA ALA R 58 -66.48 38.00 -30.05
C ALA R 58 -67.14 36.73 -29.52
N TYR R 59 -67.85 35.98 -30.36
CA TYR R 59 -68.58 34.73 -29.96
C TYR R 59 -68.08 33.49 -30.72
N ALA R 60 -67.30 33.65 -31.81
CA ALA R 60 -66.81 32.53 -32.65
C ALA R 60 -65.55 31.89 -32.06
N TRP R 61 -64.74 32.66 -31.33
CA TRP R 61 -63.37 32.29 -30.90
C TRP R 61 -63.33 30.95 -30.15
N PRO R 62 -64.36 30.56 -29.35
CA PRO R 62 -64.29 29.31 -28.59
C PRO R 62 -64.25 28.06 -29.49
N PHE R 63 -64.55 28.21 -30.78
CA PHE R 63 -64.71 27.10 -31.77
C PHE R 63 -63.62 27.15 -32.84
N TYR R 64 -62.71 28.14 -32.78
CA TYR R 64 -61.59 28.32 -33.74
C TYR R 64 -60.67 27.09 -33.71
N LYS R 65 -60.37 26.59 -32.51
CA LYS R 65 -59.38 25.50 -32.28
C LYS R 65 -59.95 24.50 -31.28
N PRO R 66 -59.40 23.27 -31.21
CA PRO R 66 -59.88 22.29 -30.23
C PRO R 66 -59.92 22.90 -28.83
N VAL R 67 -60.92 22.52 -28.04
CA VAL R 67 -60.98 22.87 -26.58
C VAL R 67 -59.65 22.41 -25.98
N ASP R 68 -58.90 23.33 -25.36
CA ASP R 68 -57.61 23.05 -24.68
C ASP R 68 -57.92 22.40 -23.33
N VAL R 69 -58.30 21.12 -23.35
CA VAL R 69 -58.78 20.35 -22.16
C VAL R 69 -57.63 20.19 -21.14
N GLU R 70 -56.37 20.19 -21.61
CA GLU R 70 -55.16 20.12 -20.75
C GLU R 70 -55.11 21.36 -19.85
N ALA R 71 -55.07 22.55 -20.45
CA ALA R 71 -54.91 23.85 -19.77
C ALA R 71 -56.11 24.14 -18.87
N LEU R 72 -57.32 23.78 -19.31
CA LEU R 72 -58.60 24.07 -18.61
C LEU R 72 -58.86 23.03 -17.51
N GLY R 73 -58.08 21.93 -17.48
CA GLY R 73 -58.22 20.85 -16.49
C GLY R 73 -59.54 20.11 -16.62
N LEU R 74 -60.07 20.00 -17.86
CA LEU R 74 -61.31 19.24 -18.17
C LEU R 74 -60.93 17.77 -18.37
N HIS R 75 -60.72 17.04 -17.28
CA HIS R 75 -60.18 15.66 -17.26
C HIS R 75 -61.22 14.67 -17.83
N ASP R 76 -62.51 15.03 -17.80
CA ASP R 76 -63.63 14.15 -18.21
C ASP R 76 -64.11 14.48 -19.63
N TYR R 77 -63.57 15.50 -20.29
CA TYR R 77 -64.08 16.02 -21.58
C TYR R 77 -64.02 14.92 -22.66
N CYS R 78 -62.86 14.25 -22.78
CA CYS R 78 -62.61 13.24 -23.84
C CYS R 78 -63.42 11.96 -23.55
N ASP R 79 -63.79 11.70 -22.29
CA ASP R 79 -64.67 10.57 -21.89
C ASP R 79 -66.10 10.81 -22.37
N ILE R 80 -66.59 12.06 -22.28
CA ILE R 80 -68.00 12.44 -22.59
C ILE R 80 -68.13 12.79 -24.07
N ILE R 81 -67.14 13.50 -24.63
CA ILE R 81 -67.09 13.90 -26.07
C ILE R 81 -66.18 12.92 -26.83
N LYS R 82 -66.78 11.99 -27.57
CA LYS R 82 -66.08 10.87 -28.26
C LYS R 82 -65.38 11.40 -29.52
N HIS R 83 -66.01 12.34 -30.23
CA HIS R 83 -65.51 12.93 -31.51
C HIS R 83 -65.41 14.44 -31.37
N PRO R 84 -64.33 14.97 -30.74
CA PRO R 84 -64.10 16.41 -30.70
C PRO R 84 -64.08 16.99 -32.12
N MET R 85 -64.54 18.23 -32.28
CA MET R 85 -64.55 18.94 -33.59
C MET R 85 -64.45 20.45 -33.32
N ASP R 86 -63.94 21.17 -34.31
CA ASP R 86 -63.62 22.62 -34.23
C ASP R 86 -63.42 23.13 -35.67
N MET R 87 -63.39 24.45 -35.85
CA MET R 87 -63.41 25.08 -37.19
C MET R 87 -62.06 24.90 -37.90
N SER R 88 -60.96 24.72 -37.16
CA SER R 88 -59.60 24.50 -37.72
C SER R 88 -59.52 23.10 -38.33
N THR R 89 -59.96 22.08 -37.59
CA THR R 89 -60.08 20.67 -38.05
C THR R 89 -60.94 20.61 -39.31
N ILE R 90 -62.06 21.33 -39.33
CA ILE R 90 -63.02 21.39 -40.49
C ILE R 90 -62.31 22.03 -41.68
N LYS R 91 -61.52 23.07 -41.45
CA LYS R 91 -60.76 23.81 -42.50
C LYS R 91 -59.73 22.87 -43.14
N SER R 92 -58.98 22.13 -42.32
CA SER R 92 -58.00 21.11 -42.76
C SER R 92 -58.69 20.08 -43.66
N LYS R 93 -59.79 19.50 -43.17
CA LYS R 93 -60.58 18.44 -43.88
C LYS R 93 -61.10 18.99 -45.21
N LEU R 94 -61.46 20.28 -45.25
CA LEU R 94 -62.05 20.95 -46.44
C LEU R 94 -60.95 21.19 -47.49
N GLU R 95 -59.75 21.61 -47.06
CA GLU R 95 -58.58 21.88 -47.93
C GLU R 95 -58.01 20.56 -48.46
N ALA R 96 -58.10 19.48 -47.69
CA ALA R 96 -57.67 18.11 -48.05
C ALA R 96 -58.79 17.38 -48.80
N ARG R 97 -59.91 18.06 -49.10
CA ARG R 97 -61.07 17.56 -49.88
C ARG R 97 -61.54 16.22 -49.32
N GLU R 98 -61.67 16.13 -47.98
CA GLU R 98 -62.14 14.93 -47.25
C GLU R 98 -63.67 14.97 -47.04
N TYR R 99 -64.35 16.02 -47.54
CA TYR R 99 -65.83 16.12 -47.55
C TYR R 99 -66.33 15.79 -48.96
N ARG R 100 -67.16 14.77 -49.10
CA ARG R 100 -67.71 14.30 -50.40
C ARG R 100 -68.80 15.27 -50.88
N ASP R 101 -69.53 15.89 -49.95
CA ASP R 101 -70.65 16.83 -50.25
C ASP R 101 -70.84 17.79 -49.08
N ALA R 102 -71.68 18.81 -49.26
CA ALA R 102 -72.03 19.84 -48.25
C ALA R 102 -72.57 19.18 -46.98
N GLN R 103 -73.34 18.10 -47.13
CA GLN R 103 -74.04 17.39 -46.01
C GLN R 103 -72.99 16.85 -45.02
N GLU R 104 -71.84 16.38 -45.51
CA GLU R 104 -70.75 15.81 -44.66
C GLU R 104 -70.04 16.94 -43.90
N PHE R 105 -69.81 18.08 -44.58
CA PHE R 105 -69.30 19.34 -43.96
C PHE R 105 -70.29 19.78 -42.87
N GLY R 106 -71.57 19.87 -43.22
CA GLY R 106 -72.67 20.20 -42.30
C GLY R 106 -72.66 19.37 -41.04
N ALA R 107 -72.49 18.05 -41.17
CA ALA R 107 -72.52 17.09 -40.04
C ALA R 107 -71.40 17.42 -39.04
N ASP R 108 -70.23 17.85 -39.53
CA ASP R 108 -69.06 18.21 -38.69
C ASP R 108 -69.34 19.54 -37.97
N VAL R 109 -69.87 20.55 -38.66
CA VAL R 109 -70.26 21.85 -38.05
C VAL R 109 -71.25 21.57 -36.91
N ARG R 110 -72.25 20.72 -37.16
CA ARG R 110 -73.33 20.41 -36.18
C ARG R 110 -72.77 19.54 -35.04
N LEU R 111 -71.79 18.68 -35.33
CA LEU R 111 -71.08 17.88 -34.30
C LEU R 111 -70.36 18.83 -33.33
N MET R 112 -69.65 19.82 -33.87
CA MET R 112 -68.94 20.86 -33.09
C MET R 112 -69.89 21.49 -32.07
N PHE R 113 -71.07 21.92 -32.53
CA PHE R 113 -72.11 22.58 -31.69
C PHE R 113 -72.71 21.57 -30.71
N SER R 114 -73.07 20.37 -31.18
CA SER R 114 -73.67 19.29 -30.34
C SER R 114 -72.73 18.96 -29.17
N ASN R 115 -71.43 18.84 -29.45
CA ASN R 115 -70.39 18.58 -28.42
C ASN R 115 -70.49 19.65 -27.32
N CYS R 116 -70.60 20.91 -27.72
CA CYS R 116 -70.70 22.08 -26.81
C CYS R 116 -71.99 21.98 -25.99
N TYR R 117 -73.12 21.75 -26.64
CA TYR R 117 -74.47 21.63 -26.01
C TYR R 117 -74.50 20.42 -25.07
N LYS R 118 -73.77 19.35 -25.40
CA LYS R 118 -73.77 18.09 -24.63
C LYS R 118 -72.99 18.27 -23.32
N TYR R 119 -71.80 18.88 -23.38
CA TYR R 119 -70.84 18.93 -22.25
C TYR R 119 -71.26 19.98 -21.22
N ASN R 120 -71.89 21.08 -21.68
CA ASN R 120 -72.08 22.33 -20.89
C ASN R 120 -73.55 22.48 -20.48
N PRO R 121 -73.83 23.13 -19.32
CA PRO R 121 -75.20 23.47 -18.93
C PRO R 121 -75.73 24.59 -19.83
N PRO R 122 -77.07 24.72 -19.98
CA PRO R 122 -77.64 25.73 -20.88
C PRO R 122 -77.40 27.19 -20.49
N ASP R 123 -77.01 27.46 -19.24
CA ASP R 123 -76.76 28.84 -18.72
C ASP R 123 -75.33 29.28 -19.05
N HIS R 124 -74.43 28.35 -19.40
CA HIS R 124 -72.99 28.62 -19.62
C HIS R 124 -72.81 29.58 -20.80
N GLU R 125 -71.82 30.47 -20.71
CA GLU R 125 -71.57 31.58 -21.67
C GLU R 125 -71.24 30.98 -23.04
N VAL R 126 -70.54 29.83 -23.08
CA VAL R 126 -70.08 29.17 -24.34
C VAL R 126 -71.31 28.68 -25.13
N VAL R 127 -72.37 28.25 -24.44
CA VAL R 127 -73.63 27.77 -25.08
C VAL R 127 -74.30 28.96 -25.79
N ALA R 128 -74.34 30.13 -25.15
CA ALA R 128 -74.91 31.37 -25.73
C ALA R 128 -74.11 31.75 -26.97
N MET R 129 -72.79 31.58 -26.94
CA MET R 129 -71.87 31.88 -28.07
C MET R 129 -72.06 30.87 -29.19
N ALA R 130 -72.12 29.57 -28.87
CA ALA R 130 -72.43 28.48 -29.81
C ALA R 130 -73.67 28.84 -30.64
N ARG R 131 -74.77 29.19 -29.95
CA ARG R 131 -76.08 29.48 -30.58
C ARG R 131 -75.97 30.66 -31.55
N LYS R 132 -75.27 31.73 -31.15
CA LYS R 132 -75.07 32.94 -32.01
C LYS R 132 -74.29 32.53 -33.27
N LEU R 133 -73.25 31.69 -33.13
CA LEU R 133 -72.43 31.25 -34.29
C LEU R 133 -73.23 30.24 -35.13
N GLN R 134 -73.97 29.32 -34.49
CA GLN R 134 -74.80 28.31 -35.21
C GLN R 134 -75.84 29.04 -36.08
N ASP R 135 -76.43 30.12 -35.57
CA ASP R 135 -77.44 30.92 -36.31
C ASP R 135 -76.79 31.45 -37.60
N VAL R 136 -75.53 31.91 -37.54
CA VAL R 136 -74.77 32.40 -38.73
C VAL R 136 -74.63 31.25 -39.73
N PHE R 137 -74.22 30.07 -39.25
CA PHE R 137 -74.02 28.84 -40.07
C PHE R 137 -75.34 28.42 -40.74
N GLU R 138 -76.39 28.23 -39.94
CA GLU R 138 -77.69 27.65 -40.38
C GLU R 138 -78.29 28.51 -41.50
N MET R 139 -78.24 29.84 -41.38
CA MET R 139 -78.82 30.78 -42.40
C MET R 139 -78.04 30.63 -43.71
N ARG R 140 -76.71 30.68 -43.68
CA ARG R 140 -75.86 30.56 -44.89
C ARG R 140 -76.03 29.17 -45.50
N PHE R 141 -76.03 28.12 -44.66
CA PHE R 141 -76.14 26.70 -45.09
C PHE R 141 -77.48 26.47 -45.80
N ALA R 142 -78.56 27.05 -45.25
CA ALA R 142 -79.95 26.90 -45.78
C ALA R 142 -80.09 27.64 -47.12
N LYS R 143 -79.41 28.77 -47.30
CA LYS R 143 -79.55 29.68 -48.47
C LYS R 143 -78.53 29.32 -49.56
N MET R 144 -77.78 28.22 -49.38
CA MET R 144 -76.82 27.66 -50.37
C MET R 144 -77.57 27.28 -51.65
N PRO R 145 -77.03 27.61 -52.85
CA PRO R 145 -77.54 27.03 -54.10
C PRO R 145 -77.26 25.53 -54.14
N LYS S 36 19.79 26.90 30.24
CA LYS S 36 18.94 26.10 31.18
C LYS S 36 19.78 25.75 32.40
N VAL S 37 19.11 25.45 33.55
CA VAL S 37 19.76 25.02 34.82
C VAL S 37 20.45 23.66 34.59
N SER S 38 19.88 22.79 33.76
CA SER S 38 20.37 21.39 33.53
C SER S 38 21.51 21.41 32.50
N GLU S 39 21.79 22.56 31.88
CA GLU S 39 22.92 22.76 30.94
C GLU S 39 24.18 23.09 31.77
N GLN S 40 24.02 23.93 32.79
CA GLN S 40 25.11 24.34 33.72
C GLN S 40 25.51 23.15 34.61
N LEU S 41 24.56 22.29 34.99
CA LEU S 41 24.86 21.07 35.80
C LEU S 41 25.60 20.04 34.94
N LYS S 42 25.38 20.06 33.62
CA LYS S 42 26.11 19.20 32.65
C LYS S 42 27.57 19.68 32.57
N CYS S 43 27.78 21.00 32.59
CA CYS S 43 29.13 21.64 32.60
C CYS S 43 29.87 21.28 33.89
N CYS S 44 29.18 21.31 35.03
CA CYS S 44 29.73 20.96 36.36
C CYS S 44 30.29 19.53 36.35
N SER S 45 29.60 18.60 35.67
CA SER S 45 30.05 17.20 35.45
C SER S 45 31.36 17.20 34.65
N GLY S 46 31.39 17.96 33.54
CA GLY S 46 32.58 18.12 32.68
C GLY S 46 33.76 18.68 33.44
N ILE S 47 33.52 19.67 34.31
CA ILE S 47 34.54 20.34 35.17
C ILE S 47 35.12 19.30 36.15
N LEU S 48 34.25 18.53 36.81
CA LEU S 48 34.66 17.50 37.81
C LEU S 48 35.42 16.38 37.09
N LYS S 49 34.99 16.01 35.86
CA LYS S 49 35.66 14.99 35.04
C LYS S 49 37.09 15.48 34.73
N GLU S 50 37.22 16.73 34.29
CA GLU S 50 38.52 17.38 34.00
C GLU S 50 39.41 17.30 35.24
N MET S 51 38.88 17.62 36.42
CA MET S 51 39.63 17.63 37.69
C MET S 51 40.12 16.20 38.03
N PHE S 52 39.45 15.17 37.52
CA PHE S 52 39.80 13.73 37.71
C PHE S 52 40.79 13.25 36.65
N ALA S 53 40.94 13.99 35.54
CA ALA S 53 41.70 13.57 34.33
C ALA S 53 43.19 13.40 34.67
N LYS S 54 43.91 12.68 33.80
CA LYS S 54 45.30 12.18 34.05
C LYS S 54 46.26 13.37 34.15
N LYS S 55 46.06 14.41 33.35
CA LYS S 55 47.00 15.57 33.22
C LYS S 55 47.11 16.32 34.57
N HIS S 56 46.15 16.17 35.48
CA HIS S 56 46.12 16.85 36.80
C HIS S 56 46.42 15.88 37.95
N ALA S 57 46.64 14.60 37.65
CA ALA S 57 46.67 13.48 38.63
C ALA S 57 47.76 13.71 39.68
N ALA S 58 48.87 14.35 39.32
CA ALA S 58 50.05 14.54 40.19
C ALA S 58 49.70 15.44 41.38
N TYR S 59 48.74 16.36 41.24
CA TYR S 59 48.34 17.31 42.32
C TYR S 59 46.86 17.16 42.70
N ALA S 60 46.04 16.45 41.93
CA ALA S 60 44.58 16.28 42.17
C ALA S 60 44.31 15.17 43.18
N TRP S 61 45.17 14.14 43.24
CA TRP S 61 44.94 12.86 43.96
C TRP S 61 44.56 13.09 45.43
N PRO S 62 45.08 14.12 46.15
CA PRO S 62 44.75 14.27 47.57
C PRO S 62 43.27 14.58 47.82
N PHE S 63 42.51 14.93 46.77
CA PHE S 63 41.11 15.40 46.83
C PHE S 63 40.15 14.41 46.17
N TYR S 64 40.67 13.30 45.62
CA TYR S 64 39.88 12.23 44.95
C TYR S 64 38.89 11.61 45.93
N LYS S 65 39.34 11.35 47.17
CA LYS S 65 38.56 10.63 48.21
C LYS S 65 38.70 11.34 49.55
N PRO S 66 37.82 11.09 50.53
CA PRO S 66 37.94 11.71 51.85
C PRO S 66 39.36 11.53 52.39
N VAL S 67 39.88 12.53 53.10
CA VAL S 67 41.15 12.42 53.87
C VAL S 67 41.02 11.18 54.77
N ASP S 68 41.94 10.21 54.63
CA ASP S 68 41.97 8.98 55.47
C ASP S 68 42.55 9.34 56.84
N VAL S 69 41.74 9.99 57.68
CA VAL S 69 42.15 10.56 59.01
C VAL S 69 42.52 9.41 59.96
N GLU S 70 41.94 8.22 59.77
CA GLU S 70 42.25 7.00 60.57
C GLU S 70 43.73 6.61 60.34
N ALA S 71 44.09 6.35 59.09
CA ALA S 71 45.44 5.86 58.68
C ALA S 71 46.51 6.91 58.99
N LEU S 72 46.20 8.20 58.79
CA LEU S 72 47.15 9.34 58.94
C LEU S 72 47.26 9.75 60.42
N GLY S 73 46.38 9.23 61.28
CA GLY S 73 46.37 9.54 62.73
C GLY S 73 46.02 11.00 63.01
N LEU S 74 45.19 11.61 62.16
CA LEU S 74 44.71 13.00 62.33
C LEU S 74 43.48 12.97 63.25
N HIS S 75 43.71 12.85 64.56
CA HIS S 75 42.66 12.64 65.60
C HIS S 75 41.81 13.90 65.77
N ASP S 76 42.34 15.06 65.40
CA ASP S 76 41.68 16.38 65.61
C ASP S 76 41.01 16.89 64.32
N TYR S 77 41.13 16.17 63.20
CA TYR S 77 40.67 16.65 61.87
C TYR S 77 39.15 16.90 61.89
N CYS S 78 38.37 15.95 62.40
CA CYS S 78 36.88 16.00 62.40
C CYS S 78 36.39 17.05 63.41
N ASP S 79 37.19 17.39 64.42
CA ASP S 79 36.89 18.47 65.40
C ASP S 79 37.01 19.85 64.73
N ILE S 80 38.02 20.02 63.86
CA ILE S 80 38.36 21.33 63.22
C ILE S 80 37.57 21.47 61.91
N ILE S 81 37.44 20.39 61.14
CA ILE S 81 36.69 20.34 59.84
C ILE S 81 35.31 19.74 60.10
N LYS S 82 34.28 20.58 60.17
CA LYS S 82 32.89 20.20 60.54
C LYS S 82 32.21 19.48 59.36
N HIS S 83 32.48 19.93 58.13
CA HIS S 83 31.86 19.39 56.88
C HIS S 83 32.97 18.94 55.92
N PRO S 84 33.53 17.73 56.12
CA PRO S 84 34.50 17.18 55.16
C PRO S 84 33.88 17.11 53.77
N MET S 85 34.70 17.29 52.73
CA MET S 85 34.26 17.22 51.31
C MET S 85 35.44 16.78 50.44
N ASP S 86 35.13 16.16 49.30
CA ASP S 86 36.10 15.53 48.36
C ASP S 86 35.39 15.31 47.03
N MET S 87 36.14 15.01 45.97
CA MET S 87 35.63 14.97 44.59
C MET S 87 34.73 13.75 44.37
N SER S 88 34.91 12.67 45.14
CA SER S 88 34.09 11.43 45.05
C SER S 88 32.68 11.72 45.61
N THR S 89 32.61 12.32 46.79
CA THR S 89 31.35 12.77 47.44
C THR S 89 30.60 13.72 46.49
N ILE S 90 31.32 14.65 45.85
CA ILE S 90 30.73 15.65 44.89
C ILE S 90 30.17 14.91 43.68
N LYS S 91 30.89 13.87 43.20
CA LYS S 91 30.48 13.05 42.03
C LYS S 91 29.18 12.30 42.35
N SER S 92 29.11 11.68 43.52
CA SER S 92 27.89 10.98 44.04
C SER S 92 26.70 11.95 44.05
N LYS S 93 26.88 13.12 44.68
CA LYS S 93 25.82 14.16 44.83
C LYS S 93 25.37 14.65 43.45
N LEU S 94 26.29 14.71 42.48
CA LEU S 94 26.02 15.22 41.11
C LEU S 94 25.22 14.16 40.33
N GLU S 95 25.57 12.88 40.46
CA GLU S 95 24.90 11.74 39.78
C GLU S 95 23.51 11.52 40.39
N ALA S 96 23.34 11.79 41.70
CA ALA S 96 22.06 11.70 42.43
C ALA S 96 21.26 13.01 42.31
N ARG S 97 21.76 13.95 41.50
CA ARG S 97 21.10 15.25 41.16
C ARG S 97 20.69 15.98 42.45
N GLU S 98 21.59 16.03 43.44
CA GLU S 98 21.39 16.70 44.75
C GLU S 98 21.89 18.16 44.70
N TYR S 99 22.38 18.63 43.55
CA TYR S 99 22.74 20.04 43.31
C TYR S 99 21.63 20.70 42.48
N ARG S 100 21.00 21.74 43.03
CA ARG S 100 19.88 22.48 42.38
C ARG S 100 20.41 23.36 41.25
N ASP S 101 21.64 23.87 41.38
CA ASP S 101 22.29 24.76 40.38
C ASP S 101 23.82 24.65 40.50
N ALA S 102 24.55 25.25 39.56
CA ALA S 102 26.03 25.28 39.51
C ALA S 102 26.61 25.87 40.80
N GLN S 103 25.93 26.88 41.36
CA GLN S 103 26.39 27.63 42.57
C GLN S 103 26.51 26.66 43.77
N GLU S 104 25.61 25.70 43.89
CA GLU S 104 25.60 24.71 45.00
C GLU S 104 26.76 23.71 44.82
N PHE S 105 26.99 23.27 43.58
CA PHE S 105 28.17 22.45 43.18
C PHE S 105 29.44 23.23 43.52
N GLY S 106 29.52 24.49 43.07
CA GLY S 106 30.63 25.42 43.35
C GLY S 106 30.96 25.50 44.83
N ALA S 107 29.94 25.64 45.68
CA ALA S 107 30.09 25.82 47.15
C ALA S 107 30.79 24.59 47.75
N ASP S 108 30.50 23.39 47.23
CA ASP S 108 31.10 22.11 47.71
C ASP S 108 32.56 22.04 47.26
N VAL S 109 32.85 22.37 46.00
CA VAL S 109 34.25 22.41 45.47
C VAL S 109 35.07 23.36 46.36
N ARG S 110 34.54 24.54 46.67
CA ARG S 110 35.23 25.59 47.45
C ARG S 110 35.33 25.17 48.92
N LEU S 111 34.35 24.43 49.43
CA LEU S 111 34.38 23.86 50.80
C LEU S 111 35.57 22.88 50.90
N MET S 112 35.72 22.01 49.91
CA MET S 112 36.82 21.01 49.80
C MET S 112 38.16 21.74 49.98
N PHE S 113 38.38 22.81 49.21
CA PHE S 113 39.63 23.62 49.22
C PHE S 113 39.76 24.36 50.55
N SER S 114 38.70 25.03 51.03
CA SER S 114 38.68 25.78 52.30
C SER S 114 39.09 24.88 53.47
N ASN S 115 38.55 23.65 53.51
CA ASN S 115 38.89 22.63 54.53
C ASN S 115 40.40 22.41 54.55
N CYS S 116 41.00 22.25 53.36
CA CYS S 116 42.45 22.03 53.17
C CYS S 116 43.23 23.24 53.68
N TYR S 117 42.85 24.45 53.25
CA TYR S 117 43.50 25.73 53.62
C TYR S 117 43.35 25.98 55.13
N LYS S 118 42.31 25.47 55.77
CA LYS S 118 42.13 25.76 57.19
C LYS S 118 42.99 24.91 58.09
N TYR S 119 42.96 23.60 57.88
CA TYR S 119 43.70 22.68 58.73
C TYR S 119 45.19 22.66 58.52
N ASN S 120 45.65 23.05 57.35
CA ASN S 120 47.09 22.92 57.00
C ASN S 120 47.80 24.26 57.01
N PRO S 121 49.11 24.31 57.34
CA PRO S 121 49.90 25.53 57.21
C PRO S 121 50.14 25.85 55.75
N PRO S 122 50.40 27.13 55.38
CA PRO S 122 50.57 27.51 53.97
C PRO S 122 51.79 26.91 53.25
N ASP S 123 52.78 26.39 54.00
CA ASP S 123 54.02 25.79 53.46
C ASP S 123 53.78 24.32 53.06
N HIS S 124 52.72 23.69 53.57
CA HIS S 124 52.43 22.24 53.39
C HIS S 124 52.21 21.94 51.90
N GLU S 125 52.68 20.81 51.41
CA GLU S 125 52.58 20.49 49.99
C GLU S 125 51.16 20.33 49.52
N VAL S 126 50.30 19.83 50.38
CA VAL S 126 48.87 19.63 50.02
C VAL S 126 48.23 20.99 49.66
N VAL S 127 48.65 22.06 50.34
CA VAL S 127 48.14 23.45 50.07
C VAL S 127 48.59 23.87 48.66
N ALA S 128 49.84 23.60 48.29
CA ALA S 128 50.38 23.91 46.95
C ALA S 128 49.58 23.15 45.89
N MET S 129 49.22 21.90 46.19
CA MET S 129 48.45 21.01 45.29
C MET S 129 47.00 21.51 45.17
N ALA S 130 46.36 21.83 46.31
CA ALA S 130 45.03 22.45 46.39
C ALA S 130 44.94 23.64 45.42
N ARG S 131 45.88 24.57 45.52
CA ARG S 131 45.92 25.83 44.73
C ARG S 131 46.00 25.52 43.23
N LYS S 132 46.86 24.57 42.84
CA LYS S 132 47.02 24.17 41.41
C LYS S 132 45.70 23.59 40.90
N LEU S 133 45.02 22.76 41.70
CA LEU S 133 43.73 22.15 41.29
C LEU S 133 42.62 23.21 41.32
N GLN S 134 42.60 24.09 42.32
CA GLN S 134 41.58 25.17 42.43
C GLN S 134 41.68 26.08 41.20
N ASP S 135 42.89 26.38 40.73
CA ASP S 135 43.12 27.23 39.53
C ASP S 135 42.42 26.56 38.32
N VAL S 136 42.52 25.23 38.20
CA VAL S 136 41.85 24.47 37.09
C VAL S 136 40.33 24.65 37.22
N PHE S 137 39.78 24.50 38.43
CA PHE S 137 38.34 24.63 38.73
C PHE S 137 37.86 26.06 38.41
N GLU S 138 38.51 27.06 38.99
CA GLU S 138 38.09 28.48 38.93
C GLU S 138 37.99 28.95 37.47
N MET S 139 38.97 28.60 36.62
CA MET S 139 39.00 29.01 35.19
C MET S 139 37.82 28.38 34.45
N ARG S 140 37.59 27.08 34.60
CA ARG S 140 36.48 26.35 33.93
C ARG S 140 35.14 26.89 34.46
N PHE S 141 35.02 27.06 35.78
CA PHE S 141 33.78 27.53 36.46
C PHE S 141 33.41 28.93 35.98
N ALA S 142 34.41 29.81 35.82
CA ALA S 142 34.23 31.22 35.40
C ALA S 142 33.79 31.28 33.92
N LYS S 143 34.30 30.37 33.08
CA LYS S 143 34.10 30.37 31.60
C LYS S 143 32.87 29.53 31.22
N MET S 144 32.11 29.11 32.24
CA MET S 144 30.86 28.41 32.03
C MET S 144 29.72 29.37 32.50
N PRO S 145 28.72 29.70 31.63
CA PRO S 145 27.61 30.54 32.08
C PRO S 145 26.56 29.76 32.89
N VAL T 37 62.38 -18.06 66.05
CA VAL T 37 61.23 -19.05 65.88
C VAL T 37 60.00 -18.26 65.40
N SER T 38 58.82 -18.49 65.99
CA SER T 38 57.58 -17.69 65.90
C SER T 38 57.66 -16.45 66.80
N GLU T 39 58.76 -16.25 67.51
CA GLU T 39 59.19 -15.03 68.26
C GLU T 39 59.68 -13.98 67.27
N GLN T 40 60.45 -14.35 66.25
CA GLN T 40 60.94 -13.43 65.19
C GLN T 40 59.80 -12.93 64.30
N LEU T 41 58.82 -13.77 64.04
CA LEU T 41 57.60 -13.40 63.24
C LEU T 41 56.72 -12.45 64.08
N LYS T 42 56.76 -12.56 65.41
CA LYS T 42 56.05 -11.63 66.33
C LYS T 42 56.73 -10.26 66.27
N CYS T 43 58.06 -10.22 66.17
CA CYS T 43 58.88 -8.98 66.02
C CYS T 43 58.56 -8.30 64.68
N CYS T 44 58.43 -9.09 63.60
CA CYS T 44 58.08 -8.60 62.25
C CYS T 44 56.74 -7.86 62.27
N SER T 45 55.78 -8.36 63.06
CA SER T 45 54.46 -7.71 63.30
C SER T 45 54.67 -6.36 63.99
N GLY T 46 55.49 -6.34 65.05
CA GLY T 46 55.86 -5.11 65.80
C GLY T 46 56.52 -4.08 64.92
N ILE T 47 57.41 -4.53 64.01
CA ILE T 47 58.14 -3.67 63.03
C ILE T 47 57.13 -3.04 62.06
N LEU T 48 56.22 -3.86 61.53
CA LEU T 48 55.18 -3.39 60.56
C LEU T 48 54.21 -2.45 61.27
N LYS T 49 53.88 -2.73 62.53
CA LYS T 49 53.00 -1.85 63.36
C LYS T 49 53.68 -0.50 63.52
N GLU T 50 54.96 -0.50 63.87
CA GLU T 50 55.80 0.73 64.01
C GLU T 50 55.73 1.53 62.70
N MET T 51 55.92 0.85 61.55
CA MET T 51 55.92 1.50 60.21
C MET T 51 54.55 2.14 59.92
N PHE T 52 53.48 1.65 60.55
CA PHE T 52 52.08 2.15 60.41
C PHE T 52 51.81 3.29 61.40
N ALA T 53 52.62 3.43 62.45
CA ALA T 53 52.39 4.34 63.60
C ALA T 53 52.39 5.81 63.15
N LYS T 54 51.82 6.68 63.98
CA LYS T 54 51.49 8.10 63.65
C LYS T 54 52.77 8.89 63.38
N LYS T 55 53.85 8.65 64.12
CA LYS T 55 55.08 9.43 63.99
C LYS T 55 55.70 9.36 62.61
N HIS T 56 55.44 8.29 61.90
CA HIS T 56 56.03 8.06 60.54
C HIS T 56 55.00 8.39 59.44
N ALA T 57 53.79 8.80 59.80
CA ALA T 57 52.62 8.90 58.88
C ALA T 57 52.91 9.85 57.72
N ALA T 58 53.70 10.90 57.95
CA ALA T 58 53.97 11.98 56.95
C ALA T 58 54.72 11.42 55.75
N TYR T 59 55.53 10.36 55.92
CA TYR T 59 56.35 9.75 54.83
C TYR T 59 55.99 8.27 54.59
N ALA T 60 55.24 7.62 55.49
CA ALA T 60 54.88 6.17 55.39
C ALA T 60 53.67 5.97 54.48
N TRP T 61 52.76 6.95 54.40
CA TRP T 61 51.41 6.82 53.79
C TRP T 61 51.48 6.29 52.35
N PRO T 62 52.51 6.62 51.53
CA PRO T 62 52.51 6.15 50.14
C PRO T 62 52.62 4.62 50.00
N PHE T 63 52.95 3.93 51.10
CA PHE T 63 53.24 2.47 51.13
C PHE T 63 52.19 1.71 51.94
N TYR T 64 51.20 2.41 52.51
CA TYR T 64 50.10 1.82 53.32
C TYR T 64 49.29 0.83 52.47
N LYS T 65 49.00 1.20 51.22
CA LYS T 65 48.10 0.43 50.31
C LYS T 65 48.73 0.37 48.92
N PRO T 66 48.29 -0.55 48.04
CA PRO T 66 48.82 -0.62 46.68
C PRO T 66 48.76 0.76 46.01
N VAL T 67 49.77 1.08 45.20
CA VAL T 67 49.74 2.28 44.32
C VAL T 67 48.43 2.22 43.52
N ASP T 68 47.59 3.24 43.63
CA ASP T 68 46.30 3.35 42.88
C ASP T 68 46.62 3.77 41.45
N VAL T 69 47.12 2.82 40.64
CA VAL T 69 47.62 3.05 39.25
C VAL T 69 46.47 3.50 38.35
N GLU T 70 45.23 3.07 38.66
CA GLU T 70 44.01 3.47 37.92
C GLU T 70 43.80 4.98 38.03
N ALA T 71 43.67 5.48 39.26
CA ALA T 71 43.37 6.90 39.58
C ALA T 71 44.51 7.81 39.12
N LEU T 72 45.77 7.37 39.27
CA LEU T 72 46.99 8.17 38.96
C LEU T 72 47.30 8.11 37.47
N GLY T 73 46.64 7.23 36.72
CA GLY T 73 46.84 7.07 35.26
C GLY T 73 48.23 6.53 34.92
N LEU T 74 48.80 5.72 35.80
CA LEU T 74 50.12 5.04 35.58
C LEU T 74 49.88 3.77 34.78
N HIS T 75 49.71 3.92 33.47
CA HIS T 75 49.29 2.83 32.54
C HIS T 75 50.43 1.81 32.36
N ASP T 76 51.68 2.22 32.62
CA ASP T 76 52.89 1.39 32.39
C ASP T 76 53.39 0.75 33.70
N TYR T 77 52.77 1.05 34.85
CA TYR T 77 53.28 0.64 36.18
C TYR T 77 53.36 -0.89 36.28
N CYS T 78 52.28 -1.58 35.89
CA CYS T 78 52.15 -3.06 36.03
C CYS T 78 53.06 -3.76 35.01
N ASP T 79 53.41 -3.09 33.91
CA ASP T 79 54.38 -3.61 32.88
C ASP T 79 55.81 -3.60 33.46
N ILE T 80 56.17 -2.56 34.23
CA ILE T 80 57.55 -2.35 34.75
C ILE T 80 57.69 -3.04 36.12
N ILE T 81 56.66 -2.96 36.96
CA ILE T 81 56.62 -3.60 38.31
C ILE T 81 55.83 -4.90 38.22
N LYS T 82 56.54 -6.03 38.19
CA LYS T 82 55.97 -7.39 37.98
C LYS T 82 55.26 -7.87 39.25
N HIS T 83 55.83 -7.57 40.42
CA HIS T 83 55.33 -8.00 41.75
C HIS T 83 55.09 -6.78 42.64
N PRO T 84 53.95 -6.07 42.46
CA PRO T 84 53.58 -4.98 43.36
C PRO T 84 53.56 -5.47 44.81
N MET T 85 53.90 -4.59 45.75
CA MET T 85 53.89 -4.91 47.21
C MET T 85 53.65 -3.61 47.99
N ASP T 86 53.09 -3.74 49.19
CA ASP T 86 52.65 -2.63 50.07
C ASP T 86 52.45 -3.19 51.47
N MET T 87 52.32 -2.32 52.47
CA MET T 87 52.32 -2.70 53.91
C MET T 87 51.02 -3.43 54.28
N SER T 88 49.92 -3.18 53.56
CA SER T 88 48.60 -3.83 53.80
C SER T 88 48.67 -5.30 53.36
N THR T 89 49.18 -5.54 52.15
CA THR T 89 49.42 -6.89 51.60
C THR T 89 50.33 -7.68 52.54
N ILE T 90 51.39 -7.04 53.06
CA ILE T 90 52.38 -7.67 54.00
C ILE T 90 51.66 -8.02 55.30
N LYS T 91 50.77 -7.16 55.78
CA LYS T 91 49.98 -7.35 57.03
C LYS T 91 49.06 -8.58 56.86
N SER T 92 48.35 -8.67 55.73
CA SER T 92 47.48 -9.82 55.37
C SER T 92 48.30 -11.12 55.41
N LYS T 93 49.43 -11.14 54.70
CA LYS T 93 50.33 -12.33 54.58
C LYS T 93 50.85 -12.72 55.97
N LEU T 94 51.09 -11.75 56.84
CA LEU T 94 51.66 -11.97 58.20
C LEU T 94 50.58 -12.56 59.11
N GLU T 95 49.34 -12.07 59.02
CA GLU T 95 48.18 -12.55 59.83
C GLU T 95 47.74 -13.94 59.36
N ALA T 96 47.91 -14.24 58.05
CA ALA T 96 47.61 -15.56 57.43
C ALA T 96 48.82 -16.50 57.55
N ARG T 97 49.88 -16.07 58.27
CA ARG T 97 51.11 -16.85 58.58
C ARG T 97 51.68 -17.45 57.28
N GLU T 98 51.78 -16.63 56.23
CA GLU T 98 52.33 -17.02 54.90
C GLU T 98 53.83 -16.71 54.83
N TYR T 99 54.43 -16.18 55.89
CA TYR T 99 55.90 -15.98 56.03
C TYR T 99 56.46 -17.09 56.92
N ARG T 100 57.39 -17.89 56.39
CA ARG T 100 58.03 -19.05 57.08
C ARG T 100 59.03 -18.52 58.11
N ASP T 101 59.68 -17.39 57.84
CA ASP T 101 60.70 -16.77 58.72
C ASP T 101 60.77 -15.26 58.46
N ALA T 102 61.52 -14.53 59.29
CA ALA T 102 61.72 -13.06 59.20
C ALA T 102 62.29 -12.69 57.81
N GLN T 103 63.17 -13.53 57.26
CA GLN T 103 63.89 -13.28 55.97
C GLN T 103 62.86 -13.14 54.83
N GLU T 104 61.77 -13.91 54.86
CA GLU T 104 60.72 -13.89 53.80
C GLU T 104 59.90 -12.61 53.94
N PHE T 105 59.57 -12.21 55.18
CA PHE T 105 58.93 -10.91 55.53
C PHE T 105 59.83 -9.78 55.02
N GLY T 106 61.11 -9.82 55.38
CA GLY T 106 62.15 -8.87 54.94
C GLY T 106 62.16 -8.69 53.44
N ALA T 107 62.12 -9.77 52.67
CA ALA T 107 62.21 -9.77 51.19
C ALA T 107 61.03 -8.98 50.60
N ASP T 108 59.85 -9.06 51.22
CA ASP T 108 58.62 -8.35 50.78
C ASP T 108 58.76 -6.85 51.09
N VAL T 109 59.21 -6.51 52.30
CA VAL T 109 59.46 -5.08 52.69
C VAL T 109 60.44 -4.46 51.68
N ARG T 110 61.51 -5.18 51.34
CA ARG T 110 62.58 -4.68 50.44
C ARG T 110 62.07 -4.65 48.99
N LEU T 111 61.18 -5.57 48.62
CA LEU T 111 60.51 -5.58 47.29
C LEU T 111 59.68 -4.29 47.14
N MET T 112 58.90 -3.96 48.18
CA MET T 112 58.06 -2.73 48.23
C MET T 112 58.93 -1.51 47.90
N PHE T 113 60.08 -1.37 48.57
CA PHE T 113 61.03 -0.24 48.40
C PHE T 113 61.69 -0.31 47.01
N SER T 114 62.17 -1.48 46.60
CA SER T 114 62.82 -1.70 45.28
C SER T 114 61.89 -1.27 44.14
N ASN T 115 60.61 -1.66 44.23
CA ASN T 115 59.56 -1.28 43.24
C ASN T 115 59.54 0.24 43.11
N CYS T 116 59.53 0.95 44.24
CA CYS T 116 59.50 2.43 44.31
C CYS T 116 60.76 3.00 43.66
N TYR T 117 61.94 2.50 44.05
CA TYR T 117 63.26 2.96 43.53
C TYR T 117 63.37 2.65 42.03
N LYS T 118 62.75 1.56 41.57
CA LYS T 118 62.83 1.10 40.16
C LYS T 118 62.00 2.02 39.26
N TYR T 119 60.76 2.34 39.65
CA TYR T 119 59.76 3.02 38.80
C TYR T 119 60.06 4.53 38.71
N ASN T 120 60.58 5.12 39.80
CA ASN T 120 60.65 6.58 40.01
C ASN T 120 62.08 7.10 39.84
N PRO T 121 62.25 8.36 39.40
CA PRO T 121 63.58 9.01 39.37
C PRO T 121 64.03 9.32 40.79
N PRO T 122 65.35 9.44 41.04
CA PRO T 122 65.88 9.67 42.39
C PRO T 122 65.48 11.01 43.05
N ASP T 123 65.03 11.99 42.24
CA ASP T 123 64.63 13.34 42.74
C ASP T 123 63.18 13.33 43.23
N HIS T 124 62.38 12.33 42.86
CA HIS T 124 60.93 12.25 43.15
C HIS T 124 60.71 12.18 44.67
N GLU T 125 59.65 12.83 45.15
CA GLU T 125 59.34 13.01 46.59
C GLU T 125 59.11 11.63 47.24
N VAL T 126 58.51 10.69 46.50
CA VAL T 126 58.16 9.33 47.01
C VAL T 126 59.45 8.56 47.33
N VAL T 127 60.52 8.78 46.56
CA VAL T 127 61.84 8.13 46.78
C VAL T 127 62.42 8.62 48.11
N ALA T 128 62.34 9.93 48.38
CA ALA T 128 62.81 10.53 49.64
C ALA T 128 62.03 9.93 50.82
N MET T 129 60.73 9.71 50.63
CA MET T 129 59.81 9.13 51.66
C MET T 129 60.14 7.65 51.87
N ALA T 130 60.30 6.88 50.78
CA ALA T 130 60.75 5.47 50.79
C ALA T 130 61.97 5.32 51.69
N ARG T 131 63.01 6.13 51.45
CA ARG T 131 64.32 6.06 52.15
C ARG T 131 64.12 6.31 53.64
N LYS T 132 63.33 7.31 54.02
CA LYS T 132 63.05 7.65 55.44
C LYS T 132 62.35 6.46 56.11
N LEU T 133 61.39 5.82 55.44
CA LEU T 133 60.65 4.65 55.99
C LEU T 133 61.56 3.42 56.01
N GLN T 134 62.36 3.20 54.95
CA GLN T 134 63.30 2.05 54.87
C GLN T 134 64.29 2.14 56.03
N ASP T 135 64.78 3.34 56.37
CA ASP T 135 65.73 3.55 57.49
C ASP T 135 65.09 3.06 58.79
N VAL T 136 63.79 3.32 58.99
CA VAL T 136 63.02 2.86 60.19
C VAL T 136 63.02 1.32 60.20
N PHE T 137 62.70 0.71 59.06
CA PHE T 137 62.63 -0.77 58.89
C PHE T 137 64.01 -1.40 59.17
N GLU T 138 65.05 -0.93 58.46
CA GLU T 138 66.41 -1.54 58.47
C GLU T 138 66.96 -1.56 59.91
N MET T 139 66.79 -0.48 60.67
CA MET T 139 67.30 -0.38 62.06
C MET T 139 66.60 -1.42 62.95
N ARG T 140 65.27 -1.47 62.91
CA ARG T 140 64.47 -2.42 63.73
C ARG T 140 64.78 -3.85 63.30
N PHE T 141 64.85 -4.11 61.98
CA PHE T 141 65.09 -5.45 61.39
C PHE T 141 66.47 -5.96 61.83
N ALA T 142 67.48 -5.09 61.82
CA ALA T 142 68.89 -5.41 62.17
C ALA T 142 69.01 -5.72 63.68
N LYS T 143 68.23 -5.02 64.52
CA LYS T 143 68.32 -5.09 66.01
C LYS T 143 67.37 -6.16 66.57
N MET T 144 66.73 -6.94 65.70
CA MET T 144 65.83 -8.08 66.06
C MET T 144 66.62 -9.13 66.82
N PRO T 145 66.09 -9.70 67.94
CA PRO T 145 66.66 -10.90 68.54
C PRO T 145 66.50 -12.10 67.60
CBN A1L12 U . 47.71 5.11 25.78
CBO A1L12 U . 48.19 4.55 27.18
CBV A1L12 U . 49.53 3.76 26.95
CBP A1L12 U . 47.05 3.63 27.75
CBQ A1L12 U . 47.20 2.82 26.57
CBU A1L12 U . 46.29 2.95 25.47
CBR A1L12 U . 48.02 1.64 26.69
CBS A1L12 U . 49.19 2.48 26.08
CBT A1L12 U . 48.72 3.03 24.70
CBM A1L12 U . 47.40 3.90 24.83
CBH A1L12 U . 47.11 4.33 23.40
NBG A1L12 U . 46.06 3.94 22.67
NBI A1L12 U . 47.92 5.09 22.68
CBJ A1L12 U . 47.33 5.22 21.49
CBK A1L12 U . 47.93 6.04 20.36
CBL A1L12 U . 48.91 7.09 20.90
CBF A1L12 U . 46.20 4.50 21.47
CAH A1L12 U . 45.33 4.34 20.46
CAI A1L12 U . 44.38 3.39 20.37
OAG A1L12 U . 45.29 5.09 19.36
CAA A1L12 U . 44.24 4.57 18.56
CAB A1L12 U . 43.71 3.53 19.23
CAC A1L12 U . 42.68 2.82 18.72
OAK A1L12 U . 42.20 1.86 19.31
NAD A1L12 U . 42.18 3.15 17.53
CAJ A1L12 U . 41.05 2.37 16.98
CAE A1L12 U . 42.70 4.24 16.82
CAF A1L12 U . 43.76 4.96 17.36
CAL A1L12 U . 44.33 6.05 16.64
CAM A1L12 U . 44.81 5.83 15.33
CAN A1L12 U . 45.37 6.86 14.54
CAR A1L12 U . 45.87 6.62 13.21
CAS A1L12 U . 47.30 7.17 13.05
CAT A1L12 U . 44.98 7.25 12.13
OAU A1L12 U . 45.94 5.20 12.93
CAO A1L12 U . 45.46 8.13 15.12
CAP A1L12 U . 44.99 8.37 16.42
CAQ A1L12 U . 44.42 7.35 17.18
OAV A1L12 U . 43.95 7.49 18.45
CAW A1L12 U . 43.57 8.69 18.95
CAX A1L12 U . 42.25 9.10 18.79
CBD A1L12 U . 41.33 8.32 18.12
CAY A1L12 U . 41.87 10.33 19.31
CAZ A1L12 U . 42.83 11.11 19.99
FBC A1L12 U . 42.48 12.23 20.48
CBA A1L12 U . 44.13 10.68 20.16
CBB A1L12 U . 44.52 9.46 19.64
CBE A1L12 U . 45.84 9.03 19.80
S DMS V . 53.18 4.51 8.10
O DMS V . 52.01 3.69 7.64
C1 DMS V . 54.17 3.46 9.13
C2 DMS V . 54.28 4.61 6.70
S DMS W . 21.88 7.07 16.73
O DMS W . 20.78 7.98 17.21
C1 DMS W . 21.78 7.05 14.97
C2 DMS W . 23.39 7.98 16.89
CBN A1L12 X . 6.66 4.20 22.65
CBO A1L12 X . 6.38 4.76 21.18
CBV A1L12 X . 5.14 4.12 20.52
CBP A1L12 X . 7.58 4.36 20.28
CBQ A1L12 X . 7.34 2.96 20.60
CBU A1L12 X . 8.14 2.33 21.57
CBR A1L12 X . 6.54 2.17 19.67
CBS A1L12 X . 5.30 2.51 20.57
CBT A1L12 X . 5.61 2.01 22.06
CBM A1L12 X . 6.98 2.65 22.59
CBH A1L12 X . 7.31 2.06 23.98
NBG A1L12 X . 8.42 1.40 24.31
NBI A1L12 X . 6.49 2.13 25.04
CBJ A1L12 X . 7.12 1.52 26.02
CBK A1L12 X . 6.53 1.38 27.41
CBL A1L12 X . 5.47 2.46 27.64
CBF A1L12 X . 8.31 1.05 25.59
CAH A1L12 X . 9.23 0.35 26.29
CAI A1L12 X . 10.26 -0.33 25.78
OAG A1L12 X . 9.22 0.19 27.63
CAA A1L12 X . 10.35 -0.62 27.93
CAB A1L12 X . 10.97 -0.90 26.76
CAC A1L12 X . 12.07 -1.66 26.73
OAK A1L12 X . 12.64 -1.95 25.67
NAD A1L12 X . 12.59 -2.14 27.88
CAJ A1L12 X . 13.82 -2.96 27.86
CAE A1L12 X . 11.97 -1.84 29.10
CAF A1L12 X . 10.82 -1.05 29.11
CAL A1L12 X . 10.18 -0.77 30.34
CAM A1L12 X . 9.83 -1.83 31.21
CAN A1L12 X . 9.18 -1.61 32.45
CAR A1L12 X . 8.83 -2.70 33.32
CAS A1L12 X . 7.37 -2.58 33.75
CAT A1L12 X . 9.68 -2.72 34.59
OAU A1L12 X . 8.97 -3.97 32.64
CAO A1L12 X . 8.86 -0.30 32.80
CAP A1L12 X . 9.19 0.77 31.95
CAQ A1L12 X . 9.84 0.54 30.74
OAV A1L12 X . 10.18 1.54 29.87
CAW A1L12 X . 10.50 2.79 30.31
CAX A1L12 X . 11.80 3.02 30.77
CBD A1L12 X . 12.75 1.99 30.80
CAY A1L12 X . 12.12 4.30 31.21
CAZ A1L12 X . 11.15 5.30 31.16
FBC A1L12 X . 11.42 6.48 31.56
CBA A1L12 X . 9.86 5.06 30.69
CBB A1L12 X . 9.53 3.78 30.26
CBE A1L12 X . 8.23 3.54 29.80
S DMS Y . 1.40 -8.52 34.49
O DMS Y . 2.08 -8.58 35.83
C1 DMS Y . 0.50 -10.05 34.32
C2 DMS Y . 0.00 -7.45 34.71
CBN A1L12 Z . 35.69 -10.00 -23.19
CBO A1L12 Z . 35.01 -11.05 -24.14
CBV A1L12 Z . 33.46 -10.99 -23.98
CBP A1L12 Z . 35.48 -12.47 -23.70
CBQ A1L12 Z . 34.92 -12.21 -22.38
CBU A1L12 Z . 35.79 -11.81 -21.30
CBR A1L12 Z . 33.60 -12.75 -22.07
CBS A1L12 Z . 33.07 -11.34 -22.45
CBT A1L12 Z . 33.78 -10.26 -21.50
CBM A1L12 Z . 35.37 -10.33 -21.68
CBH A1L12 Z . 36.09 -9.33 -20.81
NBG A1L12 Z . 36.93 -9.64 -19.82
NBI A1L12 Z . 36.00 -8.01 -20.94
CBJ A1L12 Z . 36.79 -7.51 -19.99
CBK A1L12 Z . 36.96 -6.00 -19.78
CBL A1L12 Z . 36.34 -5.24 -20.97
CBF A1L12 Z . 37.36 -8.50 -19.29
CAH A1L12 Z . 38.22 -8.45 -18.24
CAI A1L12 Z . 38.52 -9.47 -17.43
OAG A1L12 Z . 38.89 -7.39 -17.85
CAA A1L12 Z . 39.65 -7.77 -16.74
CAB A1L12 Z . 39.40 -9.07 -16.51
CAC A1L12 Z . 40.00 -9.73 -15.48
OAK A1L12 Z . 39.79 -10.92 -15.25
NAD A1L12 Z . 40.87 -9.10 -14.68
CAJ A1L12 Z . 41.52 -9.82 -13.57
CAE A1L12 Z . 41.13 -7.74 -14.92
CAF A1L12 Z . 40.50 -7.07 -15.98
CAL A1L12 Z . 40.75 -5.69 -16.18
CAM A1L12 Z . 40.54 -4.80 -15.12
CAN A1L12 Z . 40.76 -3.41 -15.24
CAR A1L12 Z . 40.56 -2.47 -14.16
CAS A1L12 Z . 39.57 -1.37 -14.57
CAT A1L12 Z . 41.89 -1.80 -13.76
OAU A1L12 Z . 40.00 -3.06 -12.96
CAO A1L12 Z . 41.19 -2.94 -16.49
CAP A1L12 Z . 41.40 -3.81 -17.57
CAQ A1L12 Z . 41.18 -5.19 -17.42
OAV A1L12 Z . 41.35 -6.12 -18.40
CAW A1L12 Z . 42.21 -5.87 -19.42
CAX A1L12 Z . 43.57 -6.16 -19.26
CBD A1L12 Z . 44.05 -6.67 -18.05
CAY A1L12 Z . 44.44 -5.91 -20.32
CAZ A1L12 Z . 43.94 -5.41 -21.52
FBC A1L12 Z . 44.75 -5.19 -22.52
CBA A1L12 Z . 42.59 -5.14 -21.68
CBB A1L12 Z . 41.71 -5.38 -20.63
CBE A1L12 Z . 40.35 -5.10 -20.78
CBN A1L12 AA . 21.98 -37.78 50.69
CBO A1L12 AA . 22.93 -39.06 50.80
CBV A1L12 AA . 24.42 -38.67 50.53
CBP A1L12 AA . 22.47 -40.07 49.72
CBQ A1L12 AA . 22.75 -39.04 48.74
CBU A1L12 AA . 21.65 -38.29 48.18
CBR A1L12 AA . 24.05 -39.07 48.01
CBS A1L12 AA . 24.55 -38.05 49.04
CBT A1L12 AA . 23.60 -36.79 48.95
CBM A1L12 AA . 22.06 -37.19 49.23
CBH A1L12 AA . 21.18 -35.97 49.12
NBG A1L12 AA . 20.38 -35.65 48.09
NBI A1L12 AA . 21.10 -35.04 50.07
CBJ A1L12 AA . 20.23 -34.13 49.61
CBK A1L12 AA . 19.87 -32.86 50.41
CBL A1L12 AA . 19.99 -33.11 51.91
CBF A1L12 AA . 19.80 -34.49 48.39
CAH A1L12 AA . 18.92 -33.86 47.59
CAI A1L12 AA . 18.69 -34.12 46.31
OAG A1L12 AA . 18.09 -32.87 47.98
CAA A1L12 AA . 17.35 -32.52 46.89
CAB A1L12 AA . 17.72 -33.31 45.86
CAC A1L12 AA . 17.16 -33.19 44.65
OAK A1L12 AA . 17.50 -33.91 43.71
NAD A1L12 AA . 16.19 -32.29 44.44
CAJ A1L12 AA . 15.57 -32.16 43.09
CAE A1L12 AA . 15.78 -31.46 45.49
CAF A1L12 AA . 16.40 -31.59 46.74
CAL A1L12 AA . 15.99 -30.74 47.80
CAM A1L12 AA . 16.08 -29.35 47.64
CAN A1L12 AA . 15.68 -28.45 48.66
CAR A1L12 AA . 15.77 -27.03 48.52
CAS A1L12 AA . 16.59 -26.43 49.68
CAT A1L12 AA . 14.38 -26.39 48.56
OAU A1L12 AA . 16.41 -26.63 47.30
CAO A1L12 AA . 15.18 -29.01 49.85
CAP A1L12 AA . 15.10 -30.39 50.01
CAQ A1L12 AA . 15.50 -31.26 48.99
OAV A1L12 AA . 15.43 -32.62 49.07
CAW A1L12 AA . 14.67 -33.20 50.03
CAX A1L12 AA . 13.31 -33.39 49.79
CBD A1L12 AA . 12.71 -33.01 48.60
CAY A1L12 AA . 12.56 -34.01 50.78
CAZ A1L12 AA . 13.16 -34.41 51.97
FBC A1L12 AA . 12.45 -34.97 52.90
CBA A1L12 AA . 14.53 -34.20 52.20
CBB A1L12 AA . 15.30 -33.60 51.22
CBE A1L12 AA . 16.65 -33.38 51.44
CBN A1L12 BA . -58.57 13.11 -10.63
CBO A1L12 BA . -58.86 13.67 -12.09
CBV A1L12 BA . -60.11 13.00 -12.75
CBP A1L12 BA . -57.63 13.32 -12.99
CBQ A1L12 BA . -57.86 11.91 -12.68
CBU A1L12 BA . -57.05 11.30 -11.71
CBR A1L12 BA . -58.65 11.10 -13.61
CBS A1L12 BA . -59.90 11.41 -12.70
CBT A1L12 BA . -59.57 10.91 -11.24
CBM A1L12 BA . -58.23 11.58 -10.69
CBH A1L12 BA . -57.92 11.01 -9.31
NBG A1L12 BA . -56.80 10.36 -8.96
NBI A1L12 BA . -58.73 11.07 -8.28
CBJ A1L12 BA . -58.09 10.46 -7.27
CBK A1L12 BA . -58.71 10.32 -5.89
CBL A1L12 BA . -59.84 11.34 -5.68
CBF A1L12 BA . -56.92 10.01 -7.69
CAH A1L12 BA . -55.97 9.30 -7.00
CAI A1L12 BA . -54.95 8.62 -7.53
OAG A1L12 BA . -55.93 9.14 -5.67
CAA A1L12 BA . -54.82 8.33 -5.38
CAB A1L12 BA . -54.24 8.04 -6.56
CAC A1L12 BA . -53.14 7.27 -6.62
OAK A1L12 BA . -52.62 6.99 -7.70
NAD A1L12 BA . -52.60 6.78 -5.49
CAJ A1L12 BA . -51.40 5.95 -5.55
CAE A1L12 BA . -53.19 7.08 -4.25
CAF A1L12 BA . -54.33 7.89 -4.20
CAL A1L12 BA . -54.94 8.17 -2.95
CAM A1L12 BA . -55.35 7.11 -2.11
CAN A1L12 BA . -55.99 7.30 -0.87
CAR A1L12 BA . -56.42 6.21 -0.01
CAS A1L12 BA . -57.86 6.42 0.43
CAT A1L12 BA . -55.55 6.06 1.25
OAU A1L12 BA . -56.37 4.95 -0.71
CAO A1L12 BA . -56.21 8.63 -0.47
CAP A1L12 BA . -55.83 9.71 -1.28
CAQ A1L12 BA . -55.18 9.49 -2.51
OAV A1L12 BA . -54.78 10.50 -3.35
CAW A1L12 BA . -54.56 11.78 -2.95
CAX A1L12 BA . -53.29 12.11 -2.48
CBD A1L12 BA . -52.27 11.17 -2.38
CAY A1L12 BA . -53.05 13.43 -2.08
CAZ A1L12 BA . -54.09 14.37 -2.18
FBC A1L12 BA . -53.87 15.57 -1.82
CBA A1L12 BA . -55.33 14.03 -2.67
CBB A1L12 BA . -55.59 12.72 -3.07
CBE A1L12 BA . -56.86 12.39 -3.55
CBN A1L12 CA . -17.43 14.16 -7.48
CBO A1L12 CA . -16.92 13.67 -6.07
CBV A1L12 CA . -15.59 12.88 -6.28
CBP A1L12 CA . -18.06 12.74 -5.46
CBQ A1L12 CA . -17.91 11.86 -6.62
CBU A1L12 CA . -18.82 11.96 -7.73
CBR A1L12 CA . -17.09 10.71 -6.46
CBS A1L12 CA . -15.93 11.55 -7.12
CBT A1L12 CA . -16.40 12.05 -8.53
CBM A1L12 CA . -17.73 12.91 -8.41
CBH A1L12 CA . -18.06 13.34 -9.85
NBG A1L12 CA . -19.11 12.93 -10.57
NBI A1L12 CA . -17.27 14.15 -10.56
CBJ A1L12 CA . -17.88 14.26 -11.73
CBK A1L12 CA . -17.32 15.13 -12.84
CBL A1L12 CA . -16.24 16.07 -12.25
CBF A1L12 CA . -18.99 13.51 -11.76
CAH A1L12 CA . -19.86 13.35 -12.78
CAI A1L12 CA . -20.82 12.42 -12.85
OAG A1L12 CA . -19.89 14.11 -13.88
CAA A1L12 CA . -20.96 13.60 -14.67
CAB A1L12 CA . -21.50 12.57 -13.99
CAC A1L12 CA . -22.55 11.87 -14.49
OAK A1L12 CA . -23.05 10.92 -13.87
NAD A1L12 CA . -23.07 12.21 -15.69
CAJ A1L12 CA . -24.22 11.47 -16.24
CAE A1L12 CA . -22.51 13.29 -16.41
CAF A1L12 CA . -21.43 13.98 -15.87
CAL A1L12 CA . -20.87 15.06 -16.60
CAM A1L12 CA . -20.44 14.84 -17.93
CAN A1L12 CA . -19.87 15.86 -18.72
CAR A1L12 CA . -19.42 15.63 -20.06
CAS A1L12 CA . -17.99 16.15 -20.23
CAT A1L12 CA . -20.32 16.33 -21.12
OAU A1L12 CA . -19.41 14.22 -20.37
CAO A1L12 CA . -19.74 17.13 -18.14
CAP A1L12 CA . -20.16 17.37 -16.83
CAQ A1L12 CA . -20.73 16.35 -16.05
OAV A1L12 CA . -21.15 16.52 -14.75
CAW A1L12 CA . -21.60 17.74 -14.31
CAX A1L12 CA . -22.92 18.08 -14.54
CBD A1L12 CA . -23.79 17.23 -15.24
CAY A1L12 CA . -23.38 19.31 -14.07
CAZ A1L12 CA . -22.49 20.15 -13.38
FBC A1L12 CA . -22.88 21.29 -12.94
CBA A1L12 CA . -21.18 19.78 -13.14
CBB A1L12 CA . -20.72 18.56 -13.61
CBE A1L12 CA . -19.39 18.19 -13.38
CBN A1L12 DA . 2.60 41.18 1.52
CBO A1L12 DA . 3.50 39.86 1.57
CBV A1L12 DA . 4.99 40.21 1.25
CBP A1L12 DA . 2.99 38.91 0.47
CBQ A1L12 DA . 3.26 39.96 -0.50
CBU A1L12 DA . 2.16 40.77 -0.99
CBR A1L12 DA . 4.53 39.91 -1.27
CBS A1L12 DA . 5.09 40.88 -0.22
CBT A1L12 DA . 4.18 42.18 -0.24
CBM A1L12 DA . 2.65 41.81 0.07
CBH A1L12 DA . 1.80 43.09 0.03
NBG A1L12 DA . 0.95 43.42 -0.97
NBI A1L12 DA . 1.79 44.03 0.96
CBJ A1L12 DA . 0.91 44.95 0.53
CBK A1L12 DA . 0.61 46.23 1.32
CBL A1L12 DA . 1.17 46.11 2.76
CBF A1L12 DA . 0.41 44.59 -0.66
CAH A1L12 DA . -0.49 45.23 -1.45
CAI A1L12 DA . -0.72 44.98 -2.75
OAG A1L12 DA . -1.26 46.23 -1.08
CAA A1L12 DA . -2.01 46.60 -2.17
CAB A1L12 DA . -1.66 45.81 -3.19
CAC A1L12 DA . -2.24 45.94 -4.41
OAK A1L12 DA . -1.94 45.22 -5.36
NAD A1L12 DA . -3.18 46.86 -4.62
CAJ A1L12 DA . -3.81 46.99 -5.96
CAE A1L12 DA . -3.55 47.71 -3.56
CAF A1L12 DA . -2.94 47.56 -2.31
CAL A1L12 DA . -3.30 48.43 -1.26
CAM A1L12 DA . -3.23 49.83 -1.48
CAN A1L12 DA . -3.56 50.78 -0.49
CAR A1L12 DA . -3.49 52.22 -0.71
CAS A1L12 DA . -2.71 52.89 0.42
CAT A1L12 DA . -4.89 52.87 -0.77
OAU A1L12 DA . -2.79 52.57 -1.92
CAO A1L12 DA . -3.97 50.27 0.75
CAP A1L12 DA . -4.05 48.89 0.99
CAQ A1L12 DA . -3.71 47.97 0.00
OAV A1L12 DA . -3.75 46.60 0.16
CAW A1L12 DA . -4.61 46.04 1.06
CAX A1L12 DA . -5.94 45.85 0.70
CBD A1L12 DA . -6.43 46.21 -0.55
CAY A1L12 DA . -6.80 45.27 1.63
CAZ A1L12 DA . -6.32 44.88 2.88
FBC A1L12 DA . -7.16 44.33 3.77
CBA A1L12 DA . -4.99 45.08 3.23
CBB A1L12 DA . -4.12 45.67 2.32
CBE A1L12 DA . -2.78 45.86 2.67
CBN A1L12 EA . -29.47 -1.04 -56.45
CBO A1L12 EA . -30.25 -2.01 -57.42
CBV A1L12 EA . -31.77 -1.62 -57.45
CBP A1L12 EA . -30.13 -3.45 -56.87
CBQ A1L12 EA . -30.75 -3.00 -55.65
CBU A1L12 EA . -29.95 -2.69 -54.50
CBR A1L12 EA . -32.18 -3.26 -55.47
CBS A1L12 EA . -32.38 -1.81 -55.96
CBT A1L12 EA . -31.55 -0.82 -55.01
CBM A1L12 EA . -30.01 -1.21 -54.98
CBH A1L12 EA . -29.22 -0.27 -54.08
NBG A1L12 EA . -28.43 -0.64 -53.08
NBI A1L12 EA . -29.25 1.05 -54.20
CBJ A1L12 EA . -28.46 1.52 -53.24
CBK A1L12 EA . -28.21 3.02 -53.00
CBL A1L12 EA . -28.41 3.82 -54.29
CBF A1L12 EA . -27.96 0.48 -52.53
CAH A1L12 EA . -27.09 0.51 -51.49
CAI A1L12 EA . -26.79 -0.51 -50.67
OAG A1L12 EA . -26.37 1.59 -51.11
CAA A1L12 EA . -25.61 1.19 -50.03
CAB A1L12 EA . -25.89 -0.10 -49.77
CAC A1L12 EA . -25.28 -0.75 -48.75
OAK A1L12 EA . -25.51 -1.93 -48.50
NAD A1L12 EA . -24.38 -0.11 -47.99
CAJ A1L12 EA . -23.72 -0.82 -46.86
CAE A1L12 EA . -24.09 1.24 -48.24
CAF A1L12 EA . -24.73 1.88 -49.29
CAL A1L12 EA . -24.48 3.24 -49.55
CAM A1L12 EA . -24.68 4.18 -48.54
CAN A1L12 EA . -24.43 5.55 -48.74
CAR A1L12 EA . -24.64 6.52 -47.70
CAS A1L12 EA . -25.50 7.69 -48.20
CAT A1L12 EA . -23.29 7.07 -47.23
OAU A1L12 EA . -25.31 5.95 -46.55
CAO A1L12 EA . -23.98 5.97 -49.99
CAP A1L12 EA . -23.77 5.04 -51.01
CAQ A1L12 EA . -24.02 3.68 -50.79
OAV A1L12 EA . -23.85 2.72 -51.73
CAW A1L12 EA . -23.02 2.96 -52.78
CAX A1L12 EA . -21.65 2.77 -52.62
CBD A1L12 EA . -21.11 2.35 -51.40
CAY A1L12 EA . -20.82 3.01 -53.70
CAZ A1L12 EA . -21.37 3.44 -54.92
FBC A1L12 EA . -20.58 3.66 -55.93
CBA A1L12 EA . -22.74 3.62 -55.06
CBB A1L12 EA . -23.59 3.38 -53.98
CBE A1L12 EA . -24.97 3.56 -54.12
CBN A1L12 FA . 18.48 8.29 44.27
CBO A1L12 FA . 19.34 9.36 45.06
CBV A1L12 FA . 20.01 8.65 46.24
CBP A1L12 FA . 18.38 10.49 45.57
CBQ A1L12 FA . 17.62 9.48 46.25
CBU A1L12 FA . 16.41 8.96 45.61
CBR A1L12 FA . 17.87 9.30 47.67
CBS A1L12 FA . 18.84 8.16 47.27
CBT A1L12 FA . 17.99 7.09 46.47
CBM A1L12 FA . 17.32 7.75 45.18
CBH A1L12 FA . 16.55 6.72 44.37
NBG A1L12 FA . 15.22 6.66 44.25
NBI A1L12 FA . 17.09 5.74 43.67
CBJ A1L12 FA . 16.09 5.06 43.12
CBK A1L12 FA . 16.32 3.83 42.23
CBL A1L12 FA . 17.71 3.90 41.58
CBF A1L12 FA . 14.92 5.63 43.48
CAH A1L12 FA . 13.67 5.27 43.17
CAI A1L12 FA . 12.57 5.76 43.78
OAG A1L12 FA . 13.31 4.40 42.26
CAA A1L12 FA . 11.91 4.34 42.29
CAB A1L12 FA . 11.50 5.20 43.23
CAC A1L12 FA . 10.19 5.37 43.50
OAK A1L12 FA . 9.83 6.16 44.37
NAD A1L12 FA . 9.26 4.68 42.82
CAJ A1L12 FA . 7.82 4.86 43.11
CAE A1L12 FA . 9.67 3.78 41.82
CAF A1L12 FA . 11.04 3.63 41.56
CAL A1L12 FA . 11.47 2.73 40.56
CAM A1L12 FA . 11.01 1.39 40.58
CAN A1L12 FA . 11.41 0.44 39.63
CAR A1L12 FA . 10.95 -0.90 39.66
CAS A1L12 FA . 12.11 -1.87 39.47
CAT A1L12 FA . 9.87 -1.12 38.59
OAU A1L12 FA . 10.35 -1.22 40.93
CAO A1L12 FA . 12.28 0.87 38.61
CAP A1L12 FA . 12.75 2.20 38.57
CAQ A1L12 FA . 12.34 3.12 39.54
OAV A1L12 FA . 12.75 4.43 39.57
CAW A1L12 FA . 13.03 5.06 38.39
CAX A1L12 FA . 11.99 5.54 37.61
CBD A1L12 FA . 10.65 5.35 37.97
CAY A1L12 FA . 12.31 6.19 36.42
CAZ A1L12 FA . 13.64 6.38 36.07
FBC A1L12 FA . 13.91 7.02 34.90
CBA A1L12 FA . 14.68 5.92 36.87
CBB A1L12 FA . 14.37 5.25 38.06
CBE A1L12 FA . 15.37 4.75 38.90
CBN A1L12 GA . -10.82 -48.90 27.76
CBO A1L12 GA . -11.86 -47.73 27.91
CBV A1L12 GA . -12.81 -47.77 26.67
CBP A1L12 GA . -11.02 -46.42 28.00
CBQ A1L12 GA . -10.49 -46.70 26.69
CBU A1L12 GA . -9.17 -47.30 26.54
CBR A1L12 GA . -11.20 -46.11 25.56
CBS A1L12 GA . -11.95 -47.43 25.37
CBT A1L12 GA . -10.88 -48.61 25.21
CBM A1L12 GA . -9.92 -48.68 26.49
CBH A1L12 GA . -8.99 -49.91 26.43
NBG A1L12 GA . -7.66 -49.90 26.52
NBI A1L12 GA . -9.42 -51.17 26.30
CBJ A1L12 GA . -8.34 -51.93 26.30
CBK A1L12 GA . -8.41 -53.45 26.15
CBL A1L12 GA . -9.82 -53.96 26.48
CBF A1L12 GA . -7.25 -51.17 26.43
CAH A1L12 GA . -5.95 -51.52 26.47
CAI A1L12 GA . -4.92 -50.69 26.34
OAG A1L12 GA . -5.48 -52.77 26.62
CAA A1L12 GA . -4.10 -52.68 26.60
CAB A1L12 GA . -3.80 -51.38 26.43
CAC A1L12 GA . -2.53 -50.96 26.37
OAK A1L12 GA . -2.29 -49.77 26.22
NAD A1L12 GA . -1.52 -51.86 26.47
CAJ A1L12 GA . -0.10 -51.42 26.41
CAE A1L12 GA . -1.81 -53.22 26.65
CAF A1L12 GA . -3.14 -53.62 26.71
CAL A1L12 GA . -3.46 -54.99 26.87
CAM A1L12 GA . -2.90 -55.94 25.99
CAN A1L12 GA . -3.15 -57.31 26.07
CAR A1L12 GA . -2.56 -58.25 25.15
CAS A1L12 GA . -3.63 -59.19 24.56
CAT A1L12 GA . -1.49 -59.13 25.81
OAU A1L12 GA . -1.93 -57.58 24.03
CAO A1L12 GA . -4.01 -57.74 27.08
CAP A1L12 GA . -4.60 -56.81 27.97
CAQ A1L12 GA . -4.31 -55.44 27.86
OAV A1L12 GA . -4.83 -54.48 28.67
CAW A1L12 GA . -5.17 -54.76 29.97
CAX A1L12 GA . -4.16 -54.77 30.93
CBD A1L12 GA . -2.83 -54.52 30.58
CAY A1L12 GA . -4.52 -55.04 32.24
CAZ A1L12 GA . -5.86 -55.29 32.58
FBC A1L12 GA . -6.19 -55.56 33.89
CBA A1L12 GA . -6.85 -55.26 31.61
CBB A1L12 GA . -6.51 -55.00 30.29
CBE A1L12 GA . -7.50 -54.98 29.31
CBN A1L12 HA . 4.90 -21.25 -45.10
CBO A1L12 HA . 5.81 -20.24 -44.30
CBV A1L12 HA . 6.40 -20.98 -43.07
CBP A1L12 HA . 4.93 -19.04 -43.84
CBQ A1L12 HA . 4.08 -19.99 -43.15
CBU A1L12 HA . 2.85 -20.43 -43.83
CBR A1L12 HA . 4.27 -20.15 -41.71
CBS A1L12 HA . 5.20 -21.35 -42.06
CBT A1L12 HA . 4.29 -22.38 -42.87
CBM A1L12 HA . 3.69 -21.71 -44.21
CBH A1L12 HA . 2.87 -22.77 -44.98
NBG A1L12 HA . 1.53 -22.81 -45.08
NBI A1L12 HA . 3.41 -23.79 -45.65
CBJ A1L12 HA . 2.39 -24.47 -46.16
CBK A1L12 HA . 2.61 -25.73 -47.01
CBL A1L12 HA . 4.03 -25.72 -47.59
CBF A1L12 HA . 1.24 -23.88 -45.82
CAH A1L12 HA . -0.03 -24.24 -46.11
CAI A1L12 HA . -1.11 -23.80 -45.48
OAG A1L12 HA . -0.41 -25.12 -47.05
CAA A1L12 HA . -1.78 -25.21 -47.00
CAB A1L12 HA . -2.18 -24.38 -46.02
CAC A1L12 HA . -3.47 -24.21 -45.73
OAK A1L12 HA . -3.82 -23.42 -44.85
NAD A1L12 HA . -4.41 -24.91 -46.41
CAJ A1L12 HA . -5.85 -24.75 -46.10
CAE A1L12 HA . -4.01 -25.78 -47.44
CAF A1L12 HA . -2.66 -25.93 -47.73
CAL A1L12 HA . -2.24 -26.82 -48.74
CAM A1L12 HA . -2.67 -28.16 -48.69
CAN A1L12 HA . -2.31 -29.12 -49.66
CAR A1L12 HA . -2.75 -30.48 -49.60
CAS A1L12 HA . -1.57 -31.45 -49.73
CAT A1L12 HA . -3.76 -30.82 -50.71
OAU A1L12 HA . -3.39 -30.78 -48.33
CAO A1L12 HA . -1.46 -28.69 -50.69
CAP A1L12 HA . -1.01 -27.36 -50.75
CAQ A1L12 HA . -1.41 -26.43 -49.79
OAV A1L12 HA . -1.01 -25.13 -49.76
CAW A1L12 HA . -0.68 -24.50 -50.91
CAX A1L12 HA . -1.71 -23.98 -51.69
CBD A1L12 HA . -3.06 -24.13 -51.33
CAY A1L12 HA . -1.36 -23.33 -52.87
CAZ A1L12 HA . -0.01 -23.18 -53.22
FBC A1L12 HA . 0.30 -22.53 -54.38
CBA A1L12 HA . 1.00 -23.68 -52.42
CBB A1L12 HA . 0.67 -24.36 -51.24
CBE A1L12 HA . 1.69 -24.86 -50.43
CBN A1L12 IA . -30.18 30.35 -21.31
CBO A1L12 IA . -31.13 31.61 -21.20
CBV A1L12 IA . -32.10 31.58 -22.43
CBP A1L12 IA . -30.21 32.86 -21.20
CBQ A1L12 IA . -29.71 32.46 -22.50
CBU A1L12 IA . -28.45 31.82 -22.62
CBR A1L12 IA . -30.39 33.03 -23.66
CBS A1L12 IA . -31.22 31.74 -23.75
CBT A1L12 IA . -30.22 30.49 -23.84
CBM A1L12 IA . -29.27 30.47 -22.58
CBH A1L12 IA . -28.37 29.25 -22.62
NBG A1L12 IA . -27.05 29.26 -22.51
NBI A1L12 IA . -28.82 28.01 -22.73
CBJ A1L12 IA . -27.74 27.24 -22.71
CBK A1L12 IA . -27.80 25.71 -22.83
CBL A1L12 IA . -29.23 25.23 -22.48
CBF A1L12 IA . -26.64 28.01 -22.57
CAH A1L12 IA . -25.34 27.66 -22.53
CAI A1L12 IA . -24.31 28.51 -22.64
OAG A1L12 IA . -24.85 26.43 -22.39
CAA A1L12 IA . -23.46 26.54 -22.40
CAB A1L12 IA . -23.16 27.84 -22.55
CAC A1L12 IA . -21.89 28.27 -22.60
OAK A1L12 IA . -21.64 29.47 -22.74
NAD A1L12 IA . -20.87 27.41 -22.51
CAJ A1L12 IA . -19.45 27.86 -22.55
CAE A1L12 IA . -21.15 26.04 -22.33
CAF A1L12 IA . -22.49 25.62 -22.30
CAL A1L12 IA . -22.79 24.25 -22.13
CAM A1L12 IA . -22.22 23.31 -23.00
CAN A1L12 IA . -22.47 21.94 -22.88
CAR A1L12 IA . -21.88 20.99 -23.77
CAS A1L12 IA . -22.95 20.03 -24.30
CAT A1L12 IA . -20.77 20.19 -23.07
OAU A1L12 IA . -21.29 21.63 -24.91
CAO A1L12 IA . -23.30 21.51 -21.84
CAP A1L12 IA . -23.88 22.43 -20.96
CAQ A1L12 IA . -23.62 23.80 -21.10
OAV A1L12 IA . -24.13 24.77 -20.29
CAW A1L12 IA . -24.41 24.44 -19.00
CAX A1L12 IA . -23.37 24.36 -18.08
CBD A1L12 IA . -22.04 24.58 -18.44
CAY A1L12 IA . -23.69 24.03 -16.78
CAZ A1L12 IA . -25.02 23.81 -16.41
FBC A1L12 IA . -25.29 23.49 -15.13
CBA A1L12 IA . -26.05 23.91 -17.35
CBB A1L12 IA . -25.73 24.24 -18.67
CBE A1L12 IA . -26.72 24.34 -19.64
C1 GOL JA . -24.81 17.28 -32.93
O1 GOL JA . -25.85 17.57 -32.00
C2 GOL JA . -23.50 16.97 -32.21
O2 GOL JA . -23.23 15.58 -32.26
C3 GOL JA . -22.32 17.74 -32.77
O3 GOL JA . -21.20 17.69 -31.90
CBN A1L12 KA . 57.56 1.62 -20.12
CBO A1L12 KA . 59.07 1.93 -20.58
CBV A1L12 KA . 59.95 2.29 -19.33
CBP A1L12 KA . 59.07 3.16 -21.54
CBQ A1L12 KA . 58.43 3.93 -20.47
CBU A1L12 KA . 57.00 4.13 -20.49
CBR A1L12 KA . 59.28 4.76 -19.65
CBS A1L12 KA . 59.34 3.60 -18.66
CBT A1L12 KA . 57.86 3.28 -18.22
CBM A1L12 KA . 56.94 2.93 -19.46
CBH A1L12 KA . 55.53 2.71 -18.86
NBG A1L12 KA . 54.43 3.36 -19.17
NBI A1L12 KA . 55.28 1.84 -17.88
CBJ A1L12 KA . 53.97 1.96 -17.60
CBK A1L12 KA . 53.26 1.12 -16.53
CBL A1L12 KA . 53.92 -0.27 -16.42
CBF A1L12 KA . 53.43 2.90 -18.39
CAH A1L12 KA . 52.15 3.34 -18.45
CAI A1L12 KA . 51.76 4.45 -19.06
OAG A1L12 KA . 51.09 2.75 -17.92
CAA A1L12 KA . 50.00 3.53 -18.21
CAB A1L12 KA . 50.44 4.58 -18.92
CAC A1L12 KA . 49.62 5.53 -19.38
OAK A1L12 KA . 50.06 6.48 -20.02
NAD A1L12 KA . 48.29 5.46 -19.12
CAJ A1L12 KA . 47.34 6.49 -19.59
CAE A1L12 KA . 47.81 4.38 -18.37
CAF A1L12 KA . 48.69 3.40 -17.91
CAL A1L12 KA . 48.17 2.32 -17.16
CAM A1L12 KA . 47.42 2.60 -16.00
CAN A1L12 KA . 46.88 1.58 -15.21
CAR A1L12 KA . 46.12 1.83 -14.02
CAS A1L12 KA . 46.71 1.09 -12.82
CAT A1L12 KA . 44.68 1.39 -14.18
OAU A1L12 KA . 46.09 3.23 -13.71
CAO A1L12 KA . 47.11 0.25 -15.61
CAP A1L12 KA . 47.86 -0.04 -16.76
CAQ A1L12 KA . 48.38 1.00 -17.53
OAV A1L12 KA . 49.12 0.83 -18.67
CAW A1L12 KA . 49.06 -0.37 -19.34
CAX A1L12 KA . 48.01 -0.55 -20.25
CBD A1L12 KA . 47.07 0.45 -20.46
CAY A1L12 KA . 47.94 -1.76 -20.93
CAZ A1L12 KA . 48.90 -2.74 -20.72
FBC A1L12 KA . 48.81 -3.85 -21.38
CBA A1L12 KA . 49.94 -2.53 -19.83
CBB A1L12 KA . 50.03 -1.34 -19.12
CBE A1L12 KA . 51.08 -1.14 -18.21
S DMS LA . 46.92 3.54 -4.29
O DMS LA . 45.92 2.41 -4.37
C1 DMS LA . 48.36 3.00 -5.16
C2 DMS LA . 46.35 4.77 -5.44
CBN A1L12 MA . -14.91 -58.65 -34.47
CBO A1L12 MA . -16.38 -59.00 -33.92
CBV A1L12 MA . -17.45 -58.01 -34.49
CBP A1L12 MA . -16.35 -58.83 -32.39
CBQ A1L12 MA . -15.95 -57.44 -32.59
CBU A1L12 MA . -14.56 -57.08 -32.44
CBR A1L12 MA . -16.98 -56.43 -32.54
CBS A1L12 MA . -17.02 -56.52 -34.08
CBT A1L12 MA . -15.55 -56.20 -34.63
CBM A1L12 MA . -14.49 -57.20 -34.01
CBH A1L12 MA . -13.07 -56.85 -34.55
NBG A1L12 MA . -12.02 -56.46 -33.82
NBI A1L12 MA . -12.75 -56.87 -35.82
CBJ A1L12 MA . -11.47 -56.50 -35.89
CBK A1L12 MA . -10.68 -56.41 -37.21
CBL A1L12 MA . -11.33 -57.31 -38.27
CBF A1L12 MA . -11.01 -56.24 -34.65
CAH A1L12 MA . -9.78 -55.83 -34.27
CAI A1L12 MA . -9.45 -55.36 -33.08
OAG A1L12 MA . -8.68 -55.85 -35.02
CAA A1L12 MA . -7.64 -55.36 -34.26
CAB A1L12 MA . -8.15 -55.06 -33.06
CAC A1L12 MA . -7.39 -54.56 -32.07
OAK A1L12 MA . -7.89 -54.31 -30.96
NAD A1L12 MA . -6.08 -54.34 -32.28
CAJ A1L12 MA . -5.18 -53.79 -31.23
CAE A1L12 MA . -5.54 -54.64 -33.54
CAF A1L12 MA . -6.34 -55.16 -34.54
CAL A1L12 MA . -5.74 -55.43 -35.79
CAM A1L12 MA . -5.05 -54.40 -36.46
CAN A1L12 MA . -4.43 -54.60 -37.71
CAR A1L12 MA . -3.73 -53.54 -38.38
CAS A1L12 MA . -4.29 -53.34 -39.79
CAT A1L12 MA . -2.23 -53.84 -38.52
OAU A1L12 MA . -3.85 -52.32 -37.68
CAO A1L12 MA . -4.52 -55.87 -38.29
CAP A1L12 MA . -5.21 -56.90 -37.64
CAQ A1L12 MA . -5.81 -56.69 -36.39
OAV A1L12 MA . -6.51 -57.64 -35.69
CAW A1L12 MA . -6.27 -58.98 -35.91
CAX A1L12 MA . -5.18 -59.57 -35.30
CBD A1L12 MA . -4.33 -58.83 -34.48
CAY A1L12 MA . -4.94 -60.93 -35.52
CAZ A1L12 MA . -5.82 -61.66 -36.32
FBC A1L12 MA . -5.60 -62.93 -36.53
CBA A1L12 MA . -6.92 -61.06 -36.93
CBB A1L12 MA . -7.16 -59.70 -36.73
CBE A1L12 MA . -8.26 -59.10 -37.33
S DMS NA . -5.06 -46.51 -45.08
O DMS NA . -4.28 -46.89 -43.85
C1 DMS NA . -4.71 -47.75 -46.31
C2 DMS NA . -6.75 -46.96 -44.75
CBN A1L12 OA . -0.03 -31.57 54.95
CBO A1L12 OA . -1.45 -32.17 55.42
CBV A1L12 OA . -2.65 -31.41 54.73
CBP A1L12 OA . -1.58 -31.97 56.93
CBQ A1L12 OA . -1.40 -30.53 56.69
CBU A1L12 OA . -0.13 -29.94 56.92
CBR A1L12 OA . -2.59 -29.68 56.62
CBS A1L12 OA . -2.52 -29.84 55.10
CBT A1L12 OA . -1.11 -29.31 54.61
CBM A1L12 OA . 0.07 -30.05 55.37
CBH A1L12 OA . 1.40 -29.39 54.95
NBG A1L12 OA . 2.35 -28.91 55.75
NBI A1L12 OA . 1.72 -29.17 53.68
CBJ A1L12 OA . 2.91 -28.56 53.70
CBK A1L12 OA . 3.64 -28.14 52.42
CBL A1L12 OA . 3.19 -29.04 51.26
CBF A1L12 OA . 3.30 -28.40 54.97
CAH A1L12 OA . 4.44 -27.85 55.42
CAI A1L12 OA . 4.68 -27.45 56.68
OAG A1L12 OA . 5.54 -27.62 54.69
CAA A1L12 OA . 6.48 -27.04 55.52
CAB A1L12 OA . 5.93 -26.96 56.74
CAC A1L12 OA . 6.62 -26.44 57.79
OAK A1L12 OA . 6.12 -26.35 58.91
NAD A1L12 OA . 7.88 -26.00 57.61
CAJ A1L12 OA . 8.61 -25.44 58.76
CAE A1L12 OA . 8.48 -26.09 56.34
CAF A1L12 OA . 7.74 -26.62 55.28
CAL A1L12 OA . 8.33 -26.72 54.01
CAM A1L12 OA . 8.84 -25.59 53.37
CAN A1L12 OA . 9.45 -25.67 52.10
CAR A1L12 OA . 9.97 -24.50 51.43
CAS A1L12 OA . 9.36 -24.36 50.03
CAT A1L12 OA . 11.49 -24.59 51.28
OAU A1L12 OA . 9.64 -23.31 52.15
CAO A1L12 OA . 9.56 -26.92 51.50
CAP A1L12 OA . 9.07 -28.06 52.13
CAQ A1L12 OA . 8.46 -27.96 53.39
OAV A1L12 OA . 7.94 -29.03 54.08
CAW A1L12 OA . 8.26 -30.31 53.76
CAX A1L12 OA . 9.42 -30.86 54.27
CBD A1L12 OA . 10.28 -30.12 55.10
CAY A1L12 OA . 9.73 -32.17 53.95
CAZ A1L12 OA . 8.86 -32.91 53.13
FBC A1L12 OA . 9.16 -34.13 52.84
CBA A1L12 OA . 7.69 -32.35 52.63
CBB A1L12 OA . 7.38 -31.03 52.94
CBE A1L12 OA . 6.23 -30.44 52.45
CBN A1L12 PA . -8.80 9.05 -55.42
CBO A1L12 PA . -7.25 8.96 -55.88
CBV A1L12 PA . -6.36 8.57 -54.66
CBP A1L12 PA . -6.78 10.35 -56.39
CBQ A1L12 PA . -7.17 10.88 -55.10
CBU A1L12 PA . -8.44 11.52 -54.95
CBR A1L12 PA . -6.17 11.09 -54.07
CBS A1L12 PA . -6.52 9.71 -53.52
CBT A1L12 PA . -8.02 9.78 -53.10
CBM A1L12 PA . -8.95 10.18 -54.32
CBH A1L12 PA . -10.36 10.31 -53.66
NBG A1L12 PA . -11.38 11.12 -54.01
NBI A1L12 PA . -10.68 9.64 -52.56
CBJ A1L12 PA . -11.91 9.99 -52.23
CBK A1L12 PA . -12.64 9.40 -51.01
CBL A1L12 PA . -12.17 7.97 -50.74
CBF A1L12 PA . -12.35 10.89 -53.12
CAH A1L12 PA . -13.55 11.50 -53.12
CAI A1L12 PA . -13.87 12.60 -53.79
OAG A1L12 PA . -14.62 11.09 -52.45
CAA A1L12 PA . -15.64 11.97 -52.70
CAB A1L12 PA . -15.15 12.90 -53.54
CAC A1L12 PA . -15.93 13.91 -53.98
OAK A1L12 PA . -15.49 14.78 -54.76
NAD A1L12 PA . -17.20 14.00 -53.60
CAJ A1L12 PA . -18.04 15.12 -54.08
CAE A1L12 PA . -17.73 13.04 -52.72
CAF A1L12 PA . -16.90 12.00 -52.28
CAL A1L12 PA . -17.44 11.04 -51.41
CAM A1L12 PA . -18.03 11.44 -50.20
CAN A1L12 PA . -18.58 10.50 -49.31
CAR A1L12 PA . -19.18 10.91 -48.07
CAS A1L12 PA . -18.51 10.23 -46.87
CAT A1L12 PA . -20.67 10.55 -48.04
OAU A1L12 PA . -19.06 12.33 -47.88
CAO A1L12 PA . -18.54 9.16 -49.67
CAP A1L12 PA . -17.97 8.74 -50.87
CAQ A1L12 PA . -17.42 9.68 -51.74
OAV A1L12 PA . -16.83 9.39 -52.94
CAW A1L12 PA . -17.02 8.18 -53.53
CAX A1L12 PA . -18.16 7.99 -54.30
CBD A1L12 PA . -19.10 8.99 -54.48
CAY A1L12 PA . -18.32 6.74 -54.91
CAZ A1L12 PA . -17.37 5.74 -54.74
FBC A1L12 PA . -17.54 4.57 -55.33
CBA A1L12 PA . -16.23 5.95 -53.96
CBB A1L12 PA . -16.05 7.19 -53.34
CBE A1L12 PA . -14.92 7.43 -52.56
CBN A1L12 QA . -64.10 44.94 -27.76
CBO A1L12 QA . -64.68 46.41 -27.87
CBV A1L12 QA . -64.35 47.01 -29.26
CBP A1L12 QA . -64.01 47.27 -26.78
CBQ A1L12 QA . -62.72 46.95 -27.38
CBU A1L12 QA . -61.89 45.93 -26.81
CBR A1L12 QA . -62.12 47.92 -28.29
CBS A1L12 QA . -62.73 47.09 -29.44
CBT A1L12 QA . -62.17 45.59 -29.33
CBM A1L12 QA . -62.53 44.99 -27.89
CBH A1L12 QA . -62.00 43.56 -27.74
NBG A1L12 QA . -61.17 43.13 -26.81
NBI A1L12 QA . -62.34 42.57 -28.56
CBJ A1L12 QA . -61.68 41.50 -28.10
CBK A1L12 QA . -61.79 40.14 -28.78
CBL A1L12 QA . -63.25 39.92 -29.20
CBF A1L12 QA . -60.96 41.83 -27.02
CAH A1L12 QA . -60.14 41.08 -26.24
CAI A1L12 QA . -59.27 41.55 -25.34
OAG A1L12 QA . -60.07 39.72 -26.24
CAA A1L12 QA . -59.09 39.37 -25.27
CAB A1L12 QA . -58.63 40.53 -24.75
CAC A1L12 QA . -57.69 40.54 -23.79
OAK A1L12 QA . -57.27 41.59 -23.32
NAD A1L12 QA . -57.17 39.38 -23.33
CAJ A1L12 QA . -56.12 39.40 -22.27
CAE A1L12 QA . -57.63 38.17 -23.87
CAF A1L12 QA . -58.61 38.20 -24.86
CAL A1L12 QA . -59.07 36.98 -25.38
CAM A1L12 QA . -58.15 36.08 -25.94
CAN A1L12 QA . -58.56 34.84 -26.47
CAR A1L12 QA . -57.61 33.96 -27.05
CAS A1L12 QA . -58.11 33.36 -28.37
CAT A1L12 QA . -57.31 32.82 -26.05
OAU A1L12 QA . -56.39 34.64 -27.34
CAO A1L12 QA . -59.93 34.52 -26.42
CAP A1L12 QA . -60.85 35.40 -25.86
CAQ A1L12 QA . -60.41 36.63 -25.34
OAV A1L12 QA . -61.23 37.57 -24.76
CAW A1L12 QA . -62.49 37.22 -24.37
CAX A1L12 QA . -62.67 36.63 -23.12
CBD A1L12 QA . -61.59 36.38 -22.26
CAY A1L12 QA . -63.97 36.30 -22.72
CAZ A1L12 QA . -65.04 36.55 -23.57
FBC A1L12 QA . -66.27 36.23 -23.18
CBA A1L12 QA . -64.83 37.15 -24.81
CBB A1L12 QA . -63.55 37.49 -25.22
CBE A1L12 QA . -63.32 38.09 -26.46
CBN A1L12 RA . -68.06 23.98 -15.85
CBO A1L12 RA . -68.90 23.14 -14.77
CBV A1L12 RA . -68.05 21.94 -14.23
CBP A1L12 RA . -70.14 22.57 -15.47
CBQ A1L12 RA . -69.24 21.90 -16.43
CBU A1L12 RA . -69.03 22.51 -17.72
CBR A1L12 RA . -68.95 20.51 -16.20
CBS A1L12 RA . -67.68 21.00 -15.49
CBT A1L12 RA . -66.86 21.85 -16.55
CBM A1L12 RA . -67.72 23.07 -17.10
CBH A1L12 RA . -66.79 23.75 -18.13
NBG A1L12 RA . -66.97 23.82 -19.45
NBI A1L12 RA . -65.62 24.30 -17.80
CBJ A1L12 RA . -65.08 24.74 -18.93
CBK A1L12 RA . -63.73 25.46 -18.98
CBL A1L12 RA . -63.47 26.11 -17.61
CBF A1L12 RA . -65.90 24.46 -19.95
CAH A1L12 RA . -65.72 24.74 -21.26
CAI A1L12 RA . -66.42 24.21 -22.26
OAG A1L12 RA . -64.80 25.58 -21.78
CAA A1L12 RA . -64.97 25.55 -23.17
CAB A1L12 RA . -65.98 24.71 -23.42
CAC A1L12 RA . -66.39 24.47 -24.68
OAK A1L12 RA . -67.33 23.68 -24.92
NAD A1L12 RA . -65.79 25.07 -25.72
CAJ A1L12 RA . -66.24 24.82 -27.11
CAE A1L12 RA . -64.73 25.97 -25.48
CAF A1L12 RA . -64.33 26.20 -24.16
CAL A1L12 RA . -63.27 27.10 -23.93
CAM A1L12 RA . -62.06 26.93 -24.63
CAN A1L12 RA . -60.97 27.79 -24.45
CAR A1L12 RA . -59.74 27.58 -25.17
CAS A1L12 RA . -58.54 27.67 -24.22
CAT A1L12 RA . -59.56 28.61 -26.29
OAU A1L12 RA . -59.73 26.27 -25.76
CAO A1L12 RA . -61.11 28.86 -23.56
CAP A1L12 RA . -62.30 29.06 -22.87
CAQ A1L12 RA . -63.38 28.18 -23.05
OAV A1L12 RA . -64.59 28.31 -22.40
CAW A1L12 RA . -64.99 29.53 -21.94
CAX A1L12 RA . -65.63 30.41 -22.82
CBD A1L12 RA . -65.84 30.08 -24.16
CAY A1L12 RA . -66.05 31.65 -22.32
CAZ A1L12 RA . -65.85 31.98 -20.98
FBC A1L12 RA . -66.27 33.18 -20.49
CBA A1L12 RA . -65.23 31.08 -20.12
CBB A1L12 RA . -64.80 29.85 -20.59
CBE A1L12 RA . -64.17 28.95 -19.73
CBN A1L12 SA . 50.90 18.23 59.96
CBO A1L12 SA . 51.26 19.34 61.04
CBV A1L12 SA . 50.54 19.02 62.40
CBP A1L12 SA . 50.75 20.71 60.53
CBQ A1L12 SA . 49.43 20.12 60.47
CBU A1L12 SA . 48.90 19.69 59.21
CBR A1L12 SA . 48.47 20.34 61.59
CBS A1L12 SA . 48.95 18.99 62.14
CBT A1L12 SA . 48.62 17.89 61.05
CBM A1L12 SA . 49.34 18.24 59.67
CBH A1L12 SA . 48.95 17.18 58.66
NBG A1L12 SA . 48.12 17.40 57.64
NBI A1L12 SA . 49.37 15.92 58.67
CBJ A1L12 SA . 48.78 15.35 57.61
CBK A1L12 SA . 48.98 13.88 57.26
CBL A1L12 SA . 50.41 13.47 57.63
CBF A1L12 SA . 48.00 16.24 56.99
CAH A1L12 SA . 47.23 16.11 55.88
CAI A1L12 SA . 46.29 16.99 55.48
OAG A1L12 SA . 47.28 15.10 54.98
CAA A1L12 SA . 46.31 15.40 54.01
CAB A1L12 SA . 45.74 16.56 54.35
CAC A1L12 SA . 44.77 17.11 53.59
OAK A1L12 SA . 44.24 18.18 53.91
NAD A1L12 SA . 44.35 16.51 52.48
CAJ A1L12 SA . 43.27 17.13 51.65
CAE A1L12 SA . 44.95 15.28 52.10
CAF A1L12 SA . 45.95 14.74 52.89
CAL A1L12 SA . 46.55 13.52 52.54
CAM A1L12 SA . 45.76 12.38 52.38
CAN A1L12 SA . 46.33 11.15 52.01
CAR A1L12 SA . 45.51 10.01 51.86
CAS A1L12 SA . 46.16 8.75 52.44
CAT A1L12 SA . 45.19 9.79 50.38
OAU A1L12 SA . 44.27 10.19 52.57
CAO A1L12 SA . 47.71 11.07 51.80
CAP A1L12 SA . 48.51 12.21 51.96
CAQ A1L12 SA . 47.92 13.42 52.33
OAV A1L12 SA . 48.61 14.57 52.50
CAW A1L12 SA . 49.89 14.69 52.03
CAX A1L12 SA . 50.09 15.09 50.71
CBD A1L12 SA . 49.01 15.35 49.85
CAY A1L12 SA . 51.40 15.22 50.26
CAZ A1L12 SA . 52.48 14.96 51.11
FBC A1L12 SA . 53.71 15.08 50.67
CBA A1L12 SA . 52.25 14.57 52.43
CBB A1L12 SA . 50.93 14.44 52.90
CBE A1L12 SA . 50.69 14.05 54.22
CBN A1L12 TA . 56.14 10.66 36.97
CBO A1L12 TA . 57.12 10.85 35.73
CBV A1L12 TA . 56.61 10.02 34.51
CBP A1L12 TA . 58.51 10.31 36.12
CBQ A1L12 TA . 57.86 9.03 36.40
CBU A1L12 TA . 57.57 8.66 37.76
CBR A1L12 TA . 57.92 7.99 35.38
CBS A1L12 TA . 56.54 8.46 34.95
CBT A1L12 TA . 55.57 8.32 36.20
CBM A1L12 TA . 56.12 9.14 37.43
CBH A1L12 TA . 55.16 8.94 38.62
NBG A1L12 TA . 55.36 8.16 39.69
NBI A1L12 TA . 53.96 9.50 38.69
CBJ A1L12 TA . 53.42 9.09 39.83
CBK A1L12 TA . 52.03 9.54 40.26
CBL A1L12 TA . 51.73 10.91 39.65
CBF A1L12 TA . 54.28 8.26 40.46
CAH A1L12 TA . 54.12 7.60 41.63
CAI A1L12 TA . 54.90 6.61 42.08
OAG A1L12 TA . 53.15 7.82 42.54
CAA A1L12 TA . 53.37 6.92 43.60
CAB A1L12 TA . 54.45 6.19 43.27
CAC A1L12 TA . 54.93 5.23 44.09
OAK A1L12 TA . 55.93 4.57 43.79
NAD A1L12 TA . 54.32 4.98 45.25
CAJ A1L12 TA . 54.83 3.92 46.16
CAE A1L12 TA . 53.19 5.71 45.62
CAF A1L12 TA . 52.72 6.70 44.75
CAL A1L12 TA . 51.58 7.43 45.14
CAM A1L12 TA . 50.41 6.75 45.49
CAN A1L12 TA . 49.25 7.41 45.89
CAR A1L12 TA . 48.07 6.70 46.25
CAS A1L12 TA . 46.87 7.21 45.45
CAT A1L12 TA . 47.77 6.83 47.74
OAU A1L12 TA . 48.23 5.29 45.96
CAO A1L12 TA . 49.27 8.82 45.95
CAP A1L12 TA . 50.42 9.52 45.59
CAQ A1L12 TA . 51.57 8.83 45.20
OAV A1L12 TA . 52.74 9.44 44.84
CAW A1L12 TA . 53.04 10.70 45.29
CAX A1L12 TA . 53.61 10.87 46.55
CBD A1L12 TA . 53.87 9.77 47.37
CAY A1L12 TA . 53.92 12.17 46.97
CAZ A1L12 TA . 53.66 13.25 46.14
FBC A1L12 TA . 53.97 14.54 46.54
CBA A1L12 TA . 53.11 13.06 44.87
CBB A1L12 TA . 52.78 11.78 44.44
CBE A1L12 TA . 52.22 11.60 43.17
#